data_8PKZ
#
_entry.id   8PKZ
#
loop_
_entity.id
_entity.type
_entity.pdbx_description
1 polymer 'ATP-binding motif-containing protein pilF'
2 non-polymer "GUANOSINE-5'-MONOPHOSPHATE"
#
_entity_poly.entity_id   1
_entity_poly.type   'polypeptide(L)'
_entity_poly.pdbx_seq_one_letter_code
;GSSGEGQKDLKLGELLLQKGWISREALEEALVEQEKTGDLLGRILVRKGLPEEALYRALAEQKGLEFLESTEGIVPDPSA
ALLLLRSDALRYGAVPIGFQNGEVEVVLSDPRHKEAVAQLLNRPARFYLALPQAWEELFRRAYPQK
;
_entity_poly.pdbx_strand_id   A
#
loop_
_chem_comp.id
_chem_comp.type
_chem_comp.name
_chem_comp.formula
5GP non-polymer GUANOSINE-5'-MONOPHOSPHATE 'C10 H14 N5 O8 P'
#
# COMPACT_ATOMS: atom_id res chain seq x y z
N GLY A 1 -6.31 16.34 -0.73
CA GLY A 1 -6.85 16.96 -1.93
C GLY A 1 -5.93 16.79 -3.13
N SER A 2 -5.09 17.78 -3.37
CA SER A 2 -4.16 17.73 -4.49
C SER A 2 -2.78 18.25 -4.08
N SER A 3 -1.74 17.69 -4.69
CA SER A 3 -0.37 18.09 -4.39
C SER A 3 0.47 18.13 -5.65
N GLY A 4 1.46 19.02 -5.66
CA GLY A 4 2.32 19.16 -6.82
C GLY A 4 3.45 20.14 -6.60
N GLU A 5 4.67 19.65 -6.54
CA GLU A 5 5.84 20.49 -6.33
C GLU A 5 7.00 20.06 -7.21
N GLY A 6 6.76 20.01 -8.51
CA GLY A 6 7.79 19.61 -9.45
C GLY A 6 8.27 18.19 -9.22
N GLN A 7 7.35 17.33 -8.79
CA GLN A 7 7.68 15.93 -8.53
C GLN A 7 7.96 15.19 -9.83
N LYS A 8 8.54 13.99 -9.70
CA LYS A 8 8.86 13.18 -10.87
C LYS A 8 8.59 11.71 -10.60
N ASP A 9 7.71 11.12 -11.41
CA ASP A 9 7.37 9.71 -11.25
C ASP A 9 8.22 8.84 -12.17
N LEU A 10 9.37 9.36 -12.58
CA LEU A 10 10.27 8.64 -13.47
C LEU A 10 10.65 7.29 -12.84
N LYS A 11 10.95 7.30 -11.55
CA LYS A 11 11.33 6.08 -10.85
C LYS A 11 10.92 6.15 -9.38
N LEU A 12 10.75 4.99 -8.76
CA LEU A 12 10.36 4.92 -7.35
C LEU A 12 11.31 5.75 -6.49
N GLY A 13 12.60 5.43 -6.56
CA GLY A 13 13.59 6.15 -5.78
C GLY A 13 13.53 7.65 -6.00
N GLU A 14 13.44 8.06 -7.26
CA GLU A 14 13.36 9.47 -7.61
C GLU A 14 12.15 10.13 -6.97
N LEU A 15 11.02 9.44 -7.01
CA LEU A 15 9.78 9.96 -6.43
C LEU A 15 10.00 10.42 -5.00
N LEU A 16 10.79 9.65 -4.24
CA LEU A 16 11.09 9.97 -2.85
C LEU A 16 12.10 11.11 -2.77
N LEU A 17 13.05 11.13 -3.70
CA LEU A 17 14.08 12.17 -3.73
C LEU A 17 13.45 13.54 -3.92
N GLN A 18 12.50 13.63 -4.83
CA GLN A 18 11.81 14.90 -5.11
C GLN A 18 11.23 15.48 -3.83
N LYS A 19 10.69 14.62 -2.97
CA LYS A 19 10.10 15.06 -1.72
C LYS A 19 11.18 15.38 -0.69
N GLY A 20 12.33 14.75 -0.84
CA GLY A 20 13.43 14.99 0.08
C GLY A 20 13.37 14.08 1.29
N TRP A 21 12.79 12.90 1.13
CA TRP A 21 12.67 11.94 2.22
C TRP A 21 14.00 11.22 2.46
N ILE A 22 14.70 10.90 1.38
CA ILE A 22 15.98 10.22 1.49
C ILE A 22 17.08 11.01 0.80
N SER A 23 18.30 10.90 1.33
CA SER A 23 19.45 11.61 0.77
C SER A 23 19.80 11.07 -0.62
N ARG A 24 20.40 11.92 -1.44
CA ARG A 24 20.79 11.53 -2.79
C ARG A 24 21.60 10.24 -2.77
N GLU A 25 22.44 10.09 -1.76
CA GLU A 25 23.28 8.91 -1.62
C GLU A 25 22.45 7.70 -1.17
N ALA A 26 21.43 7.97 -0.37
CA ALA A 26 20.56 6.92 0.14
C ALA A 26 19.95 6.11 -1.00
N LEU A 27 19.56 6.80 -2.07
CA LEU A 27 18.97 6.15 -3.22
C LEU A 27 19.96 5.19 -3.88
N GLU A 28 21.15 5.69 -4.17
CA GLU A 28 22.20 4.89 -4.80
C GLU A 28 22.55 3.69 -3.91
N GLU A 29 22.64 3.93 -2.61
CA GLU A 29 22.98 2.88 -1.66
C GLU A 29 21.96 1.75 -1.71
N ALA A 30 20.68 2.11 -1.62
CA ALA A 30 19.61 1.13 -1.67
C ALA A 30 19.59 0.38 -3.00
N LEU A 31 19.85 1.12 -4.08
CA LEU A 31 19.87 0.52 -5.41
C LEU A 31 20.99 -0.52 -5.54
N VAL A 32 22.21 -0.11 -5.20
CA VAL A 32 23.35 -0.99 -5.28
C VAL A 32 23.15 -2.23 -4.41
N GLU A 33 22.47 -2.05 -3.28
CA GLU A 33 22.20 -3.15 -2.37
C GLU A 33 21.21 -4.14 -2.98
N GLN A 34 20.34 -3.64 -3.84
CA GLN A 34 19.34 -4.47 -4.50
C GLN A 34 19.98 -5.38 -5.54
N GLU A 35 21.13 -4.96 -6.05
CA GLU A 35 21.85 -5.74 -7.06
C GLU A 35 22.61 -6.89 -6.40
N LYS A 36 22.93 -6.73 -5.13
CA LYS A 36 23.66 -7.75 -4.39
C LYS A 36 22.71 -8.59 -3.54
N THR A 37 21.63 -7.97 -3.09
CA THR A 37 20.64 -8.66 -2.27
C THR A 37 19.49 -9.18 -3.10
N GLY A 38 19.11 -8.41 -4.13
CA GLY A 38 18.02 -8.81 -4.99
C GLY A 38 16.67 -8.58 -4.37
N ASP A 39 16.59 -7.62 -3.45
CA ASP A 39 15.35 -7.30 -2.77
C ASP A 39 14.69 -6.07 -3.39
N LEU A 40 13.59 -5.64 -2.80
CA LEU A 40 12.85 -4.47 -3.30
C LEU A 40 13.56 -3.18 -2.89
N LEU A 41 13.71 -2.27 -3.85
CA LEU A 41 14.36 -0.99 -3.60
C LEU A 41 13.71 -0.27 -2.41
N GLY A 42 12.41 -0.47 -2.25
CA GLY A 42 11.70 0.15 -1.15
C GLY A 42 12.05 -0.44 0.19
N ARG A 43 11.90 -1.76 0.31
CA ARG A 43 12.21 -2.46 1.56
C ARG A 43 13.69 -2.36 1.88
N ILE A 44 14.52 -2.34 0.84
CA ILE A 44 15.97 -2.25 1.02
C ILE A 44 16.39 -0.83 1.40
N LEU A 45 15.63 0.15 0.92
CA LEU A 45 15.92 1.55 1.22
C LEU A 45 15.58 1.88 2.67
N VAL A 46 14.58 1.20 3.21
CA VAL A 46 14.17 1.42 4.59
C VAL A 46 15.34 1.27 5.55
N ARG A 47 16.29 0.42 5.18
CA ARG A 47 17.46 0.18 6.00
C ARG A 47 18.21 1.48 6.29
N LYS A 48 18.12 2.43 5.35
CA LYS A 48 18.77 3.71 5.51
C LYS A 48 18.17 4.50 6.67
N GLY A 49 16.96 4.12 7.06
CA GLY A 49 16.29 4.80 8.16
C GLY A 49 15.01 5.49 7.72
N LEU A 50 14.46 5.04 6.59
CA LEU A 50 13.23 5.63 6.07
C LEU A 50 12.01 5.00 6.72
N PRO A 51 11.04 5.84 7.09
CA PRO A 51 9.80 5.40 7.73
C PRO A 51 8.89 4.63 6.77
N GLU A 52 8.19 3.63 7.31
CA GLU A 52 7.28 2.83 6.49
C GLU A 52 6.23 3.70 5.81
N GLU A 53 5.72 4.68 6.53
CA GLU A 53 4.71 5.58 6.00
C GLU A 53 5.20 6.24 4.71
N ALA A 54 6.49 6.53 4.66
CA ALA A 54 7.09 7.16 3.48
C ALA A 54 7.22 6.16 2.34
N LEU A 55 7.75 4.98 2.65
CA LEU A 55 7.94 3.94 1.65
C LEU A 55 6.62 3.56 1.00
N TYR A 56 5.58 3.45 1.82
CA TYR A 56 4.25 3.09 1.32
C TYR A 56 3.60 4.27 0.60
N ARG A 57 3.79 5.46 1.15
CA ARG A 57 3.22 6.67 0.56
C ARG A 57 3.65 6.82 -0.89
N ALA A 58 4.93 6.56 -1.15
CA ALA A 58 5.48 6.67 -2.50
C ALA A 58 4.86 5.62 -3.43
N LEU A 59 4.68 4.41 -2.90
CA LEU A 59 4.10 3.32 -3.68
C LEU A 59 2.72 3.70 -4.20
N ALA A 60 1.98 4.47 -3.41
CA ALA A 60 0.64 4.90 -3.79
C ALA A 60 0.70 5.94 -4.91
N GLU A 61 1.77 6.72 -4.91
CA GLU A 61 1.95 7.76 -5.93
C GLU A 61 2.39 7.15 -7.26
N GLN A 62 3.29 6.18 -7.18
CA GLN A 62 3.81 5.52 -8.37
C GLN A 62 2.79 4.50 -8.91
N LYS A 63 2.17 3.76 -8.00
CA LYS A 63 1.18 2.76 -8.37
C LYS A 63 -0.21 3.39 -8.53
N GLY A 64 -0.33 4.64 -8.09
CA GLY A 64 -1.61 5.34 -8.19
C GLY A 64 -2.66 4.74 -7.26
N LEU A 65 -2.22 4.24 -6.11
CA LEU A 65 -3.13 3.64 -5.15
C LEU A 65 -3.64 4.69 -4.17
N GLU A 66 -4.68 4.33 -3.41
CA GLU A 66 -5.27 5.24 -2.43
C GLU A 66 -4.79 4.90 -1.02
N PHE A 67 -3.95 5.76 -0.46
CA PHE A 67 -3.43 5.55 0.89
C PHE A 67 -4.48 5.92 1.94
N LEU A 68 -4.46 5.20 3.06
CA LEU A 68 -5.39 5.46 4.14
C LEU A 68 -4.73 6.23 5.28
N GLU A 69 -5.33 7.36 5.65
CA GLU A 69 -4.80 8.20 6.71
C GLU A 69 -4.69 7.41 8.02
N SER A 70 -5.52 6.38 8.15
CA SER A 70 -5.53 5.54 9.35
C SER A 70 -6.43 4.33 9.16
N THR A 71 -6.56 3.54 10.22
CA THR A 71 -7.40 2.34 10.17
C THR A 71 -8.51 2.41 11.21
N GLU A 72 -8.21 2.99 12.36
CA GLU A 72 -9.19 3.12 13.43
C GLU A 72 -10.47 3.77 12.93
N GLY A 73 -10.33 4.72 12.00
CA GLY A 73 -11.48 5.40 11.45
C GLY A 73 -12.31 4.50 10.54
N ILE A 74 -11.64 3.62 9.82
CA ILE A 74 -12.32 2.70 8.91
C ILE A 74 -13.44 1.96 9.62
N VAL A 75 -14.55 1.77 8.92
CA VAL A 75 -15.70 1.06 9.48
C VAL A 75 -15.89 -0.29 8.81
N PRO A 76 -15.41 -1.36 9.46
CA PRO A 76 -15.53 -2.73 8.95
C PRO A 76 -16.96 -3.24 8.97
N ASP A 77 -17.24 -4.27 8.19
CA ASP A 77 -18.57 -4.86 8.14
C ASP A 77 -18.49 -6.36 7.88
N PRO A 78 -19.58 -7.08 8.22
CA PRO A 78 -19.66 -8.53 8.04
C PRO A 78 -19.73 -8.92 6.56
N SER A 79 -20.58 -8.24 5.81
CA SER A 79 -20.75 -8.53 4.39
C SER A 79 -19.40 -8.50 3.68
N ALA A 80 -18.58 -7.51 4.00
CA ALA A 80 -17.26 -7.37 3.39
C ALA A 80 -16.34 -8.50 3.82
N ALA A 81 -16.43 -8.89 5.08
CA ALA A 81 -15.60 -9.97 5.61
C ALA A 81 -15.84 -11.26 4.85
N LEU A 82 -16.96 -11.35 4.16
CA LEU A 82 -17.29 -12.53 3.38
C LEU A 82 -16.42 -12.64 2.12
N LEU A 83 -15.95 -11.49 1.66
CA LEU A 83 -15.09 -11.45 0.47
C LEU A 83 -13.84 -12.29 0.67
N LEU A 84 -13.09 -11.99 1.72
CA LEU A 84 -11.87 -12.72 2.03
C LEU A 84 -11.86 -13.19 3.48
N LEU A 85 -11.12 -14.26 3.75
CA LEU A 85 -11.03 -14.81 5.10
C LEU A 85 -9.78 -14.30 5.81
N ARG A 86 -9.63 -14.67 7.08
CA ARG A 86 -8.49 -14.25 7.88
C ARG A 86 -7.18 -14.74 7.25
N SER A 87 -7.12 -16.05 7.02
CA SER A 87 -5.93 -16.66 6.43
C SER A 87 -5.82 -16.32 4.94
N ASP A 88 -6.95 -16.33 4.25
CA ASP A 88 -6.98 -16.02 2.82
C ASP A 88 -6.52 -14.59 2.57
N ALA A 89 -6.82 -13.70 3.51
CA ALA A 89 -6.44 -12.30 3.39
C ALA A 89 -4.92 -12.14 3.32
N LEU A 90 -4.22 -13.04 4.01
CA LEU A 90 -2.76 -13.00 4.03
C LEU A 90 -2.18 -13.59 2.76
N ARG A 91 -2.94 -14.48 2.12
CA ARG A 91 -2.50 -15.11 0.88
C ARG A 91 -2.16 -14.06 -0.18
N TYR A 92 -2.98 -13.03 -0.26
CA TYR A 92 -2.76 -11.96 -1.23
C TYR A 92 -2.40 -10.65 -0.53
N GLY A 93 -2.61 -10.61 0.78
CA GLY A 93 -2.30 -9.42 1.55
C GLY A 93 -3.36 -8.35 1.41
N ALA A 94 -4.63 -8.77 1.37
CA ALA A 94 -5.74 -7.84 1.24
C ALA A 94 -6.83 -8.15 2.26
N VAL A 95 -7.55 -7.12 2.68
CA VAL A 95 -8.63 -7.28 3.65
C VAL A 95 -9.79 -6.35 3.34
N PRO A 96 -11.00 -6.93 3.21
CA PRO A 96 -12.21 -6.18 2.91
C PRO A 96 -12.65 -5.31 4.09
N ILE A 97 -13.70 -4.52 3.87
CA ILE A 97 -14.22 -3.64 4.90
C ILE A 97 -15.66 -3.22 4.60
N GLY A 98 -15.91 -2.83 3.36
CA GLY A 98 -17.23 -2.41 2.97
C GLY A 98 -17.36 -2.21 1.47
N PHE A 99 -18.50 -1.68 1.04
CA PHE A 99 -18.75 -1.43 -0.38
C PHE A 99 -19.20 0.00 -0.61
N GLN A 100 -18.70 0.61 -1.68
CA GLN A 100 -19.05 1.98 -2.01
C GLN A 100 -19.15 2.17 -3.52
N ASN A 101 -20.24 2.78 -3.98
CA ASN A 101 -20.45 3.03 -5.39
C ASN A 101 -20.58 1.71 -6.16
N GLY A 102 -21.19 0.72 -5.51
CA GLY A 102 -21.37 -0.58 -6.13
C GLY A 102 -20.07 -1.33 -6.29
N GLU A 103 -19.04 -0.90 -5.57
CA GLU A 103 -17.73 -1.54 -5.64
C GLU A 103 -17.34 -2.14 -4.29
N VAL A 104 -16.34 -3.00 -4.30
CA VAL A 104 -15.87 -3.64 -3.06
C VAL A 104 -14.59 -2.99 -2.57
N GLU A 105 -14.64 -2.47 -1.34
CA GLU A 105 -13.48 -1.82 -0.74
C GLU A 105 -12.59 -2.84 -0.03
N VAL A 106 -11.35 -2.96 -0.52
CA VAL A 106 -10.40 -3.90 0.06
C VAL A 106 -9.05 -3.24 0.29
N VAL A 107 -8.58 -3.26 1.53
CA VAL A 107 -7.29 -2.65 1.88
C VAL A 107 -6.18 -3.69 1.88
N LEU A 108 -5.17 -3.47 1.06
CA LEU A 108 -4.04 -4.39 0.97
C LEU A 108 -2.72 -3.67 1.21
N SER A 109 -1.75 -4.38 1.78
CA SER A 109 -0.45 -3.80 2.07
C SER A 109 0.55 -4.13 0.96
N ASP A 110 0.06 -4.17 -0.27
CA ASP A 110 0.90 -4.46 -1.43
C ASP A 110 0.28 -3.90 -2.70
N PRO A 111 0.60 -2.64 -3.02
CA PRO A 111 0.09 -1.97 -4.22
C PRO A 111 0.67 -2.54 -5.50
N ARG A 112 1.84 -3.16 -5.39
CA ARG A 112 2.52 -3.75 -6.54
C ARG A 112 1.69 -4.90 -7.13
N HIS A 113 1.03 -5.65 -6.24
CA HIS A 113 0.21 -6.78 -6.67
C HIS A 113 -1.26 -6.37 -6.78
N LYS A 114 -1.52 -5.09 -6.52
CA LYS A 114 -2.89 -4.57 -6.59
C LYS A 114 -3.58 -4.99 -7.88
N GLU A 115 -2.84 -4.95 -8.98
CA GLU A 115 -3.37 -5.33 -10.28
C GLU A 115 -3.55 -6.84 -10.38
N ALA A 116 -2.66 -7.57 -9.71
CA ALA A 116 -2.72 -9.03 -9.72
C ALA A 116 -4.09 -9.53 -9.27
N VAL A 117 -4.55 -9.03 -8.13
CA VAL A 117 -5.84 -9.42 -7.58
C VAL A 117 -6.98 -8.70 -8.30
N ALA A 118 -6.81 -7.41 -8.54
CA ALA A 118 -7.81 -6.61 -9.22
C ALA A 118 -8.26 -7.28 -10.52
N GLN A 119 -7.29 -7.85 -11.25
CA GLN A 119 -7.59 -8.52 -12.51
C GLN A 119 -8.21 -9.88 -12.27
N LEU A 120 -7.85 -10.51 -11.15
CA LEU A 120 -8.36 -11.83 -10.80
C LEU A 120 -9.82 -11.73 -10.35
N LEU A 121 -10.15 -10.66 -9.64
CA LEU A 121 -11.51 -10.45 -9.14
C LEU A 121 -12.47 -10.23 -10.31
N ASN A 122 -12.03 -9.47 -11.31
CA ASN A 122 -12.86 -9.20 -12.47
C ASN A 122 -14.10 -8.39 -12.07
N ARG A 123 -13.96 -7.54 -11.07
CA ARG A 123 -15.07 -6.72 -10.59
C ARG A 123 -14.57 -5.40 -10.03
N PRO A 124 -15.47 -4.41 -9.96
CA PRO A 124 -15.14 -3.08 -9.46
C PRO A 124 -14.88 -3.08 -7.95
N ALA A 125 -13.62 -2.84 -7.58
CA ALA A 125 -13.24 -2.81 -6.18
C ALA A 125 -12.19 -1.73 -5.92
N ARG A 126 -12.34 -1.02 -4.80
CA ARG A 126 -11.41 0.03 -4.43
C ARG A 126 -10.25 -0.52 -3.61
N PHE A 127 -9.04 -0.45 -4.16
CA PHE A 127 -7.86 -0.94 -3.48
C PHE A 127 -7.10 0.20 -2.81
N TYR A 128 -6.88 0.08 -1.50
CA TYR A 128 -6.17 1.10 -0.74
C TYR A 128 -4.82 0.58 -0.26
N LEU A 129 -3.94 1.50 0.13
CA LEU A 129 -2.62 1.13 0.63
C LEU A 129 -2.40 1.67 2.03
N ALA A 130 -2.45 0.78 3.01
CA ALA A 130 -2.25 1.16 4.41
C ALA A 130 -1.00 0.50 4.98
N LEU A 131 -0.39 1.17 5.96
CA LEU A 131 0.82 0.65 6.60
C LEU A 131 0.62 -0.79 7.06
N PRO A 132 1.74 -1.51 7.25
CA PRO A 132 1.71 -2.90 7.69
C PRO A 132 1.26 -3.05 9.14
N GLN A 133 1.52 -2.02 9.94
CA GLN A 133 1.14 -2.03 11.35
C GLN A 133 -0.36 -1.80 11.51
N ALA A 134 -0.91 -0.90 10.70
CA ALA A 134 -2.33 -0.59 10.75
C ALA A 134 -3.14 -1.62 9.96
N TRP A 135 -2.56 -2.10 8.87
CA TRP A 135 -3.25 -3.09 8.03
C TRP A 135 -3.36 -4.43 8.75
N GLU A 136 -2.34 -4.77 9.54
CA GLU A 136 -2.35 -6.02 10.29
C GLU A 136 -3.43 -6.01 11.36
N GLU A 137 -3.49 -4.92 12.11
CA GLU A 137 -4.48 -4.79 13.19
C GLU A 137 -5.89 -4.71 12.62
N LEU A 138 -6.00 -4.17 11.41
CA LEU A 138 -7.30 -4.04 10.75
C LEU A 138 -8.01 -5.39 10.66
N PHE A 139 -7.22 -6.47 10.63
CA PHE A 139 -7.76 -7.81 10.55
C PHE A 139 -8.79 -8.05 11.65
N ARG A 140 -8.51 -7.53 12.84
CA ARG A 140 -9.40 -7.69 13.98
C ARG A 140 -10.69 -6.88 13.78
N ARG A 141 -10.58 -5.80 13.00
CA ARG A 141 -11.73 -4.94 12.73
C ARG A 141 -12.64 -5.57 11.68
N ALA A 142 -12.05 -6.00 10.57
CA ALA A 142 -12.81 -6.61 9.48
C ALA A 142 -13.27 -8.01 9.87
N TYR A 143 -12.46 -8.70 10.67
CA TYR A 143 -12.79 -10.06 11.10
C TYR A 143 -13.04 -10.09 12.61
N PRO A 144 -14.21 -9.58 13.03
CA PRO A 144 -14.59 -9.55 14.44
C PRO A 144 -14.90 -10.93 14.99
N GLN A 145 -14.43 -11.20 16.20
CA GLN A 145 -14.65 -12.50 16.84
C GLN A 145 -16.06 -12.58 17.40
N LYS A 146 -16.76 -13.67 17.08
CA LYS A 146 -18.12 -13.87 17.56
C LYS A 146 -19.03 -12.73 17.12
P 5GP B . 9.97 1.03 -10.26
O1P 5GP B . 9.42 0.52 -11.54
O3P 5GP B . 10.14 2.49 -10.07
O5' 5GP B . 11.38 0.33 -10.07
C5' 5GP B . 11.96 -0.46 -11.10
C4' 5GP B . 13.45 -0.57 -10.87
O4' 5GP B . 14.05 0.61 -11.36
C3' 5GP B . 13.90 -0.67 -9.43
O3' 5GP B . 13.86 -2.02 -8.95
C2' 5GP B . 15.35 -0.19 -9.54
O2' 5GP B . 16.24 -1.15 -10.06
C1' 5GP B . 15.18 0.94 -10.56
N9 5GP B . 14.92 2.19 -9.86
C8 5GP B . 13.87 2.51 -9.04
N7 5GP B . 13.97 3.68 -8.50
C5 5GP B . 15.16 4.19 -9.01
C6 5GP B . 15.81 5.43 -8.79
O6 5GP B . 15.45 6.38 -8.08
N1 5GP B . 17.00 5.52 -9.49
C2 5GP B . 17.51 4.54 -10.32
N2 5GP B . 18.68 4.80 -10.91
N3 5GP B . 16.91 3.39 -10.54
C4 5GP B . 15.75 3.28 -9.86
H5'1 5GP B . 11.52 -1.45 -11.08
H5'2 5GP B . 11.77 0.01 -12.06
H4' 5GP B . 13.72 -1.49 -11.40
H3' 5GP B . 13.29 -0.11 -8.72
H2' 5GP B . 15.76 0.07 -8.57
HO2' 5GP B . 16.31 -1.89 -9.45
H1' 5GP B . 16.08 1.05 -11.16
H8 5GP B . 13.03 1.83 -8.84
HN1 5GP B . 17.55 6.36 -9.39
HN21 5GP B . 19.16 5.67 -10.73
HN22 5GP B . 19.09 4.10 -11.51
P 5GP C . 12.66 -2.46 -7.96
O1P 5GP C . 12.45 -3.91 -8.12
O3P 5GP C . 12.87 -1.89 -6.62
O5' 5GP C . 11.37 -1.76 -8.59
C5' 5GP C . 10.25 -2.52 -9.01
C4' 5GP C . 8.98 -1.84 -8.57
O4' 5GP C . 8.55 -2.59 -7.42
C3' 5GP C . 9.12 -0.44 -8.00
O3' 5GP C . 9.11 0.55 -9.02
C2' 5GP C . 7.88 -0.35 -7.13
O2' 5GP C . 6.68 -0.13 -7.86
C1' 5GP C . 7.85 -1.74 -6.52
N9 5GP C . 8.53 -1.72 -5.24
C8 5GP C . 9.84 -1.38 -4.98
N7 5GP C . 10.13 -1.41 -3.70
C5 5GP C . 8.95 -1.80 -3.09
C6 5GP C . 8.63 -2.00 -1.71
O6 5GP C . 9.37 -1.86 -0.74
N1 5GP C . 7.31 -2.39 -1.55
C2 5GP C . 6.41 -2.57 -2.57
N2 5GP C . 5.17 -2.94 -2.21
N3 5GP C . 6.69 -2.40 -3.85
C4 5GP C . 7.97 -2.02 -4.03
H5'1 5GP C . 10.26 -2.60 -10.10
H5'2 5GP C . 10.30 -3.52 -8.57
H4' 5GP C . 8.39 -1.80 -9.48
H3' 5GP C . 10.06 -0.28 -7.48
H2' 5GP C . 7.93 0.50 -6.43
HO2' 5GP C . 6.64 0.78 -8.14
H1' 5GP C . 6.82 -2.09 -6.37
H8 5GP C . 10.56 -1.11 -5.74
HN1 5GP C . 6.98 -2.54 -0.60
HN21 5GP C . 4.94 -3.06 -1.24
HN22 5GP C . 4.46 -3.08 -2.92
N GLY A 1 -6.95 12.93 -10.92
CA GLY A 1 -5.87 13.67 -10.30
C GLY A 1 -5.44 14.87 -11.12
N SER A 2 -4.65 14.63 -12.16
CA SER A 2 -4.18 15.70 -13.03
C SER A 2 -3.35 16.71 -12.24
N SER A 3 -2.24 16.25 -11.68
CA SER A 3 -1.36 17.10 -10.89
C SER A 3 0.00 17.26 -11.56
N GLY A 4 0.47 18.49 -11.66
CA GLY A 4 1.75 18.76 -12.28
C GLY A 4 2.45 19.98 -11.71
N GLU A 5 3.61 19.75 -11.10
CA GLU A 5 4.37 20.84 -10.49
C GLU A 5 5.87 20.60 -10.62
N GLY A 6 6.35 19.54 -9.97
CA GLY A 6 7.76 19.21 -10.03
C GLY A 6 8.04 17.78 -9.59
N GLN A 7 7.20 16.85 -10.04
CA GLN A 7 7.37 15.45 -9.70
C GLN A 7 7.66 14.62 -10.94
N LYS A 8 8.26 13.45 -10.73
CA LYS A 8 8.59 12.56 -11.83
C LYS A 8 8.35 11.09 -11.45
N ASP A 9 7.48 10.42 -12.19
CA ASP A 9 7.17 9.03 -11.94
C ASP A 9 8.04 8.10 -12.78
N LEU A 10 9.18 8.63 -13.25
CA LEU A 10 10.09 7.85 -14.07
C LEU A 10 10.51 6.57 -13.36
N LYS A 11 10.80 6.67 -12.07
CA LYS A 11 11.21 5.52 -11.28
C LYS A 11 10.79 5.69 -9.82
N LEU A 12 10.74 4.58 -9.09
CA LEU A 12 10.36 4.61 -7.69
C LEU A 12 11.23 5.57 -6.89
N GLY A 13 12.53 5.31 -6.90
CA GLY A 13 13.47 6.17 -6.18
C GLY A 13 13.34 7.62 -6.58
N GLU A 14 13.18 7.87 -7.88
CA GLU A 14 13.06 9.22 -8.39
C GLU A 14 11.84 9.92 -7.77
N LEU A 15 10.72 9.23 -7.73
CA LEU A 15 9.49 9.78 -7.17
C LEU A 15 9.75 10.35 -5.77
N LEU A 16 10.43 9.58 -4.93
CA LEU A 16 10.75 10.02 -3.58
C LEU A 16 11.71 11.19 -3.59
N LEU A 17 12.69 11.14 -4.49
CA LEU A 17 13.67 12.21 -4.62
C LEU A 17 13.00 13.56 -4.83
N GLN A 18 12.04 13.60 -5.76
CA GLN A 18 11.32 14.82 -6.07
C GLN A 18 10.70 15.42 -4.81
N LYS A 19 10.19 14.55 -3.93
CA LYS A 19 9.57 14.99 -2.69
C LYS A 19 10.64 15.42 -1.68
N GLY A 20 11.84 14.88 -1.81
CA GLY A 20 12.92 15.22 -0.91
C GLY A 20 12.89 14.40 0.37
N TRP A 21 12.36 13.18 0.28
CA TRP A 21 12.27 12.30 1.44
C TRP A 21 13.62 11.64 1.72
N ILE A 22 14.31 11.26 0.66
CA ILE A 22 15.62 10.61 0.79
C ILE A 22 16.69 11.38 0.04
N SER A 23 17.87 11.48 0.64
CA SER A 23 18.99 12.20 0.03
C SER A 23 19.39 11.55 -1.30
N ARG A 24 19.98 12.34 -2.19
CA ARG A 24 20.41 11.85 -3.48
C ARG A 24 21.27 10.59 -3.34
N GLU A 25 22.15 10.60 -2.34
CA GLU A 25 23.02 9.47 -2.09
C GLU A 25 22.23 8.27 -1.56
N ALA A 26 21.20 8.56 -0.78
CA ALA A 26 20.35 7.51 -0.21
C ALA A 26 19.79 6.60 -1.30
N LEU A 27 19.39 7.20 -2.41
CA LEU A 27 18.82 6.46 -3.52
C LEU A 27 19.85 5.47 -4.09
N GLU A 28 21.03 5.99 -4.41
CA GLU A 28 22.09 5.16 -4.96
C GLU A 28 22.47 4.04 -3.99
N GLU A 29 22.52 4.37 -2.71
CA GLU A 29 22.87 3.40 -1.68
C GLU A 29 21.88 2.23 -1.69
N ALA A 30 20.59 2.55 -1.65
CA ALA A 30 19.55 1.53 -1.64
C ALA A 30 19.57 0.71 -2.93
N LEU A 31 19.84 1.39 -4.05
CA LEU A 31 19.90 0.74 -5.34
C LEU A 31 21.03 -0.27 -5.40
N VAL A 32 22.24 0.19 -5.07
CA VAL A 32 23.41 -0.67 -5.07
C VAL A 32 23.23 -1.86 -4.15
N GLU A 33 22.54 -1.64 -3.03
CA GLU A 33 22.30 -2.70 -2.06
C GLU A 33 21.34 -3.74 -2.63
N GLN A 34 20.46 -3.32 -3.53
CA GLN A 34 19.50 -4.22 -4.14
C GLN A 34 20.19 -5.18 -5.10
N GLU A 35 21.33 -4.75 -5.63
CA GLU A 35 22.09 -5.58 -6.56
C GLU A 35 22.88 -6.65 -5.83
N LYS A 36 23.16 -6.40 -4.55
CA LYS A 36 23.91 -7.35 -3.73
C LYS A 36 22.98 -8.18 -2.86
N THR A 37 21.85 -7.57 -2.46
CA THR A 37 20.88 -8.25 -1.63
C THR A 37 19.76 -8.86 -2.46
N GLY A 38 19.38 -8.15 -3.54
CA GLY A 38 18.33 -8.64 -4.41
C GLY A 38 16.94 -8.41 -3.83
N ASP A 39 16.83 -7.40 -2.96
CA ASP A 39 15.55 -7.08 -2.34
C ASP A 39 14.87 -5.91 -3.05
N LEU A 40 13.75 -5.47 -2.51
CA LEU A 40 13.00 -4.35 -3.09
C LEU A 40 13.66 -3.02 -2.74
N LEU A 41 13.79 -2.16 -3.75
CA LEU A 41 14.40 -0.85 -3.55
C LEU A 41 13.71 -0.09 -2.43
N GLY A 42 12.41 -0.32 -2.28
CA GLY A 42 11.65 0.35 -1.24
C GLY A 42 11.99 -0.16 0.14
N ARG A 43 11.89 -1.47 0.33
CA ARG A 43 12.19 -2.08 1.62
C ARG A 43 13.66 -1.92 1.98
N ILE A 44 14.51 -1.94 0.95
CA ILE A 44 15.95 -1.80 1.15
C ILE A 44 16.32 -0.34 1.46
N LEU A 45 15.54 0.59 0.90
CA LEU A 45 15.79 2.01 1.12
C LEU A 45 15.42 2.41 2.54
N VAL A 46 14.41 1.75 3.10
CA VAL A 46 13.97 2.04 4.46
C VAL A 46 15.12 1.96 5.45
N ARG A 47 16.10 1.11 5.15
CA ARG A 47 17.25 0.94 6.02
C ARG A 47 17.96 2.27 6.24
N LYS A 48 17.88 3.16 5.25
CA LYS A 48 18.51 4.47 5.34
C LYS A 48 17.86 5.31 6.44
N GLY A 49 16.65 4.92 6.83
CA GLY A 49 15.94 5.66 7.87
C GLY A 49 14.65 6.28 7.36
N LEU A 50 14.13 5.75 6.26
CA LEU A 50 12.90 6.27 5.68
C LEU A 50 11.68 5.65 6.35
N PRO A 51 10.68 6.50 6.66
CA PRO A 51 9.44 6.06 7.31
C PRO A 51 8.58 5.20 6.38
N GLU A 52 7.92 4.20 6.96
CA GLU A 52 7.06 3.31 6.19
C GLU A 52 6.03 4.11 5.40
N GLU A 53 5.43 5.11 6.05
CA GLU A 53 4.43 5.94 5.40
C GLU A 53 4.94 6.50 4.08
N ALA A 54 6.20 6.92 4.07
CA ALA A 54 6.83 7.47 2.87
C ALA A 54 7.01 6.38 1.80
N LEU A 55 7.53 5.24 2.23
CA LEU A 55 7.76 4.13 1.31
C LEU A 55 6.46 3.69 0.65
N TYR A 56 5.40 3.61 1.44
CA TYR A 56 4.09 3.20 0.94
C TYR A 56 3.45 4.32 0.12
N ARG A 57 3.61 5.55 0.59
CA ARG A 57 3.05 6.71 -0.10
C ARG A 57 3.52 6.76 -1.55
N ALA A 58 4.81 6.51 -1.76
CA ALA A 58 5.38 6.53 -3.10
C ALA A 58 4.81 5.41 -3.96
N LEU A 59 4.65 4.23 -3.36
CA LEU A 59 4.11 3.07 -4.08
C LEU A 59 2.73 3.39 -4.65
N ALA A 60 1.97 4.20 -3.93
CA ALA A 60 0.63 4.59 -4.38
C ALA A 60 0.70 5.52 -5.57
N GLU A 61 1.76 6.33 -5.64
CA GLU A 61 1.94 7.28 -6.73
C GLU A 61 2.42 6.57 -7.99
N GLN A 62 3.34 5.62 -7.82
CA GLN A 62 3.88 4.86 -8.94
C GLN A 62 2.89 3.79 -9.41
N LYS A 63 2.25 3.12 -8.45
CA LYS A 63 1.29 2.07 -8.76
C LYS A 63 -0.10 2.67 -8.99
N GLY A 64 -0.25 3.95 -8.66
CA GLY A 64 -1.53 4.61 -8.84
C GLY A 64 -2.60 4.10 -7.89
N LEU A 65 -2.17 3.69 -6.69
CA LEU A 65 -3.09 3.17 -5.70
C LEU A 65 -3.62 4.29 -4.80
N GLU A 66 -4.71 4.02 -4.10
CA GLU A 66 -5.32 5.01 -3.22
C GLU A 66 -4.89 4.77 -1.77
N PHE A 67 -4.05 5.66 -1.24
CA PHE A 67 -3.57 5.55 0.12
C PHE A 67 -4.64 5.99 1.11
N LEU A 68 -4.66 5.34 2.27
CA LEU A 68 -5.63 5.66 3.31
C LEU A 68 -5.01 6.53 4.40
N GLU A 69 -5.60 7.70 4.65
CA GLU A 69 -5.09 8.61 5.65
C GLU A 69 -5.04 7.94 7.03
N SER A 70 -5.88 6.93 7.21
CA SER A 70 -5.93 6.20 8.47
C SER A 70 -6.80 4.95 8.35
N THR A 71 -6.98 4.25 9.47
CA THR A 71 -7.79 3.04 9.48
C THR A 71 -8.96 3.17 10.46
N GLU A 72 -8.71 3.86 11.56
CA GLU A 72 -9.74 4.06 12.59
C GLU A 72 -11.01 4.67 11.97
N GLY A 73 -10.82 5.55 10.99
CA GLY A 73 -11.95 6.18 10.33
C GLY A 73 -12.74 5.21 9.49
N ILE A 74 -12.05 4.25 8.88
CA ILE A 74 -12.70 3.26 8.03
C ILE A 74 -13.85 2.59 8.76
N VAL A 75 -14.92 2.28 8.03
CA VAL A 75 -16.09 1.63 8.61
C VAL A 75 -16.26 0.22 8.04
N PRO A 76 -15.80 -0.78 8.81
CA PRO A 76 -15.89 -2.20 8.41
C PRO A 76 -17.32 -2.71 8.44
N ASP A 77 -17.57 -3.78 7.71
CA ASP A 77 -18.90 -4.39 7.65
C ASP A 77 -18.81 -5.90 7.51
N PRO A 78 -19.91 -6.59 7.87
CA PRO A 78 -19.98 -8.05 7.79
C PRO A 78 -20.01 -8.56 6.36
N SER A 79 -20.83 -7.93 5.53
CA SER A 79 -20.94 -8.32 4.12
C SER A 79 -19.57 -8.37 3.47
N ALA A 80 -18.77 -7.33 3.69
CA ALA A 80 -17.44 -7.25 3.12
C ALA A 80 -16.53 -8.35 3.66
N ALA A 81 -16.67 -8.64 4.96
CA ALA A 81 -15.87 -9.67 5.60
C ALA A 81 -16.07 -11.02 4.92
N LEU A 82 -17.18 -11.16 4.20
CA LEU A 82 -17.49 -12.40 3.50
C LEU A 82 -16.58 -12.59 2.30
N LEU A 83 -16.10 -11.49 1.74
CA LEU A 83 -15.22 -11.53 0.58
C LEU A 83 -13.96 -12.34 0.89
N LEU A 84 -13.24 -11.94 1.94
CA LEU A 84 -12.02 -12.63 2.33
C LEU A 84 -12.06 -12.98 3.82
N LEU A 85 -11.33 -14.03 4.19
CA LEU A 85 -11.28 -14.48 5.58
C LEU A 85 -10.07 -13.89 6.30
N ARG A 86 -9.95 -14.18 7.59
CA ARG A 86 -8.84 -13.68 8.38
C ARG A 86 -7.51 -14.20 7.85
N SER A 87 -7.42 -15.52 7.71
CA SER A 87 -6.20 -16.15 7.21
C SER A 87 -6.04 -15.94 5.71
N ASP A 88 -7.15 -16.05 4.98
CA ASP A 88 -7.15 -15.85 3.54
C ASP A 88 -6.68 -14.45 3.17
N ALA A 89 -7.01 -13.48 4.03
CA ALA A 89 -6.63 -12.09 3.81
C ALA A 89 -5.12 -11.94 3.77
N LEU A 90 -4.43 -12.78 4.54
CA LEU A 90 -2.97 -12.73 4.60
C LEU A 90 -2.35 -13.41 3.38
N ARG A 91 -3.10 -14.34 2.79
CA ARG A 91 -2.63 -15.06 1.62
C ARG A 91 -2.25 -14.09 0.50
N TYR A 92 -3.07 -13.06 0.31
CA TYR A 92 -2.83 -12.07 -0.73
C TYR A 92 -2.49 -10.71 -0.11
N GLY A 93 -2.73 -10.58 1.19
CA GLY A 93 -2.44 -9.34 1.87
C GLY A 93 -3.51 -8.28 1.63
N ALA A 94 -4.76 -8.70 1.59
CA ALA A 94 -5.87 -7.79 1.35
C ALA A 94 -7.00 -8.03 2.36
N VAL A 95 -7.73 -6.97 2.68
CA VAL A 95 -8.84 -7.06 3.63
C VAL A 95 -10.00 -6.16 3.21
N PRO A 96 -11.19 -6.76 3.08
CA PRO A 96 -12.40 -6.02 2.68
C PRO A 96 -12.88 -5.07 3.78
N ILE A 97 -13.91 -4.29 3.47
CA ILE A 97 -14.46 -3.34 4.43
C ILE A 97 -15.89 -2.94 4.05
N GLY A 98 -16.12 -2.74 2.76
CA GLY A 98 -17.44 -2.36 2.29
C GLY A 98 -17.47 -2.12 0.79
N PHE A 99 -18.67 -1.90 0.26
CA PHE A 99 -18.84 -1.66 -1.17
C PHE A 99 -19.02 -0.17 -1.46
N GLN A 100 -18.45 0.29 -2.57
CA GLN A 100 -18.55 1.69 -2.95
C GLN A 100 -18.75 1.83 -4.46
N ASN A 101 -19.87 2.44 -4.85
CA ASN A 101 -20.18 2.64 -6.26
C ASN A 101 -20.36 1.30 -6.96
N GLY A 102 -20.83 0.30 -6.21
CA GLY A 102 -21.06 -1.01 -6.78
C GLY A 102 -19.80 -1.87 -6.76
N GLU A 103 -18.68 -1.27 -6.40
CA GLU A 103 -17.41 -1.98 -6.34
C GLU A 103 -17.10 -2.44 -4.93
N VAL A 104 -16.20 -3.41 -4.80
CA VAL A 104 -15.81 -3.94 -3.49
C VAL A 104 -14.53 -3.29 -2.99
N GLU A 105 -14.63 -2.61 -1.85
CA GLU A 105 -13.47 -1.93 -1.27
C GLU A 105 -12.61 -2.93 -0.50
N VAL A 106 -11.36 -3.09 -0.93
CA VAL A 106 -10.43 -4.00 -0.27
C VAL A 106 -9.08 -3.34 -0.04
N VAL A 107 -8.71 -3.19 1.23
CA VAL A 107 -7.44 -2.58 1.60
C VAL A 107 -6.33 -3.62 1.69
N LEU A 108 -5.28 -3.45 0.89
CA LEU A 108 -4.16 -4.36 0.89
C LEU A 108 -2.85 -3.62 1.11
N SER A 109 -1.90 -4.30 1.77
CA SER A 109 -0.60 -3.70 2.06
C SER A 109 0.42 -4.10 1.00
N ASP A 110 -0.03 -4.23 -0.24
CA ASP A 110 0.84 -4.60 -1.34
C ASP A 110 0.26 -4.13 -2.68
N PRO A 111 0.60 -2.89 -3.07
CA PRO A 111 0.13 -2.31 -4.33
C PRO A 111 0.75 -2.98 -5.55
N ARG A 112 1.91 -3.59 -5.36
CA ARG A 112 2.62 -4.27 -6.44
C ARG A 112 1.81 -5.43 -6.97
N HIS A 113 1.12 -6.14 -6.06
CA HIS A 113 0.30 -7.28 -6.45
C HIS A 113 -1.16 -6.88 -6.60
N LYS A 114 -1.43 -5.58 -6.46
CA LYS A 114 -2.78 -5.06 -6.59
C LYS A 114 -3.44 -5.57 -7.87
N GLU A 115 -2.67 -5.62 -8.95
CA GLU A 115 -3.17 -6.09 -10.23
C GLU A 115 -3.35 -7.61 -10.23
N ALA A 116 -2.49 -8.29 -9.48
CA ALA A 116 -2.55 -9.75 -9.39
C ALA A 116 -3.93 -10.21 -8.95
N VAL A 117 -4.42 -9.63 -7.86
CA VAL A 117 -5.73 -9.98 -7.33
C VAL A 117 -6.85 -9.32 -8.12
N ALA A 118 -6.68 -8.03 -8.42
CA ALA A 118 -7.66 -7.29 -9.19
C ALA A 118 -8.04 -8.03 -10.47
N GLN A 119 -7.04 -8.61 -11.12
CA GLN A 119 -7.26 -9.34 -12.37
C GLN A 119 -7.86 -10.71 -12.08
N LEU A 120 -7.56 -11.26 -10.91
CA LEU A 120 -8.07 -12.58 -10.53
C LEU A 120 -9.54 -12.49 -10.15
N LEU A 121 -9.92 -11.40 -9.50
CA LEU A 121 -11.31 -11.20 -9.08
C LEU A 121 -12.22 -11.05 -10.28
N ASN A 122 -11.73 -10.38 -11.32
CA ASN A 122 -12.50 -10.17 -12.53
C ASN A 122 -13.76 -9.34 -12.25
N ARG A 123 -13.65 -8.43 -11.30
CA ARG A 123 -14.77 -7.57 -10.93
C ARG A 123 -14.28 -6.21 -10.44
N PRO A 124 -15.18 -5.21 -10.47
CA PRO A 124 -14.86 -3.85 -10.03
C PRO A 124 -14.67 -3.76 -8.53
N ALA A 125 -13.45 -3.43 -8.10
CA ALA A 125 -13.14 -3.30 -6.69
C ALA A 125 -12.12 -2.19 -6.45
N ARG A 126 -12.31 -1.44 -5.36
CA ARG A 126 -11.41 -0.35 -5.02
C ARG A 126 -10.27 -0.84 -4.13
N PHE A 127 -9.05 -0.77 -4.66
CA PHE A 127 -7.87 -1.21 -3.91
C PHE A 127 -7.14 -0.01 -3.29
N TYR A 128 -6.91 -0.08 -1.99
CA TYR A 128 -6.23 0.99 -1.29
C TYR A 128 -4.89 0.52 -0.72
N LEU A 129 -4.02 1.46 -0.38
CA LEU A 129 -2.71 1.13 0.17
C LEU A 129 -2.53 1.76 1.55
N ALA A 130 -2.60 0.94 2.59
CA ALA A 130 -2.44 1.42 3.96
C ALA A 130 -1.21 0.81 4.61
N LEU A 131 -0.62 1.53 5.56
CA LEU A 131 0.56 1.05 6.27
C LEU A 131 0.34 -0.35 6.83
N PRO A 132 1.44 -1.05 7.10
CA PRO A 132 1.40 -2.41 7.63
C PRO A 132 0.90 -2.45 9.08
N GLN A 133 1.15 -1.36 9.80
CA GLN A 133 0.74 -1.27 11.20
C GLN A 133 -0.77 -1.03 11.30
N ALA A 134 -1.29 -0.19 10.42
CA ALA A 134 -2.71 0.12 10.41
C ALA A 134 -3.51 -0.95 9.68
N TRP A 135 -2.90 -1.52 8.63
CA TRP A 135 -3.56 -2.56 7.85
C TRP A 135 -3.71 -3.84 8.67
N GLU A 136 -2.72 -4.13 9.50
CA GLU A 136 -2.75 -5.32 10.34
C GLU A 136 -3.87 -5.23 11.38
N GLU A 137 -3.95 -4.09 12.06
CA GLU A 137 -4.97 -3.88 13.08
C GLU A 137 -6.36 -3.84 12.45
N LEU A 138 -6.44 -3.40 11.20
CA LEU A 138 -7.71 -3.32 10.50
C LEU A 138 -8.41 -4.67 10.49
N PHE A 139 -7.63 -5.74 10.56
CA PHE A 139 -8.17 -7.10 10.55
C PHE A 139 -9.24 -7.25 11.64
N ARG A 140 -8.99 -6.65 12.79
CA ARG A 140 -9.92 -6.72 13.91
C ARG A 140 -11.19 -5.93 13.62
N ARG A 141 -11.06 -4.92 12.77
CA ARG A 141 -12.20 -4.08 12.40
C ARG A 141 -13.08 -4.79 11.37
N ALA A 142 -12.46 -5.30 10.31
CA ALA A 142 -13.19 -5.99 9.26
C ALA A 142 -13.67 -7.36 9.74
N TYR A 143 -12.87 -7.99 10.60
CA TYR A 143 -13.22 -9.31 11.13
C TYR A 143 -13.50 -9.23 12.63
N PRO A 144 -14.67 -8.68 12.98
CA PRO A 144 -15.09 -8.54 14.38
C PRO A 144 -15.41 -9.89 15.03
N GLN A 145 -15.26 -9.96 16.35
CA GLN A 145 -15.54 -11.19 17.08
C GLN A 145 -16.96 -11.67 16.83
N LYS A 146 -17.19 -12.96 16.98
CA LYS A 146 -18.51 -13.54 16.77
C LYS A 146 -18.98 -13.32 15.34
P 5GP B . 10.12 0.61 -10.46
O1P 5GP B . 9.61 -0.04 -11.69
O3P 5GP B . 10.23 2.09 -10.41
O5' 5GP B . 11.55 -0.01 -10.18
C5' 5GP B . 12.19 -0.84 -11.14
C4' 5GP B . 13.67 -0.88 -10.86
O4' 5GP B . 14.26 0.30 -11.39
C3' 5GP B . 14.09 -0.88 -9.40
O3' 5GP B . 14.07 -2.18 -8.83
C2' 5GP B . 15.52 -0.35 -9.50
O2' 5GP B . 16.46 -1.31 -9.93
C1' 5GP B . 15.35 0.71 -10.58
N9 5GP B . 15.03 1.99 -9.96
C8 5GP B . 13.94 2.31 -9.18
N7 5GP B . 13.99 3.53 -8.72
C5 5GP B . 15.18 4.04 -9.23
C6 5GP B . 15.78 5.32 -9.07
O6 5GP B . 15.36 6.30 -8.42
N1 5GP B . 16.99 5.41 -9.75
C2 5GP B . 17.54 4.39 -10.50
N2 5GP B . 18.72 4.65 -11.07
N3 5GP B . 16.98 3.21 -10.67
C4 5GP B . 15.82 3.10 -10.01
H5'1 5GP B . 11.79 -1.85 -11.07
H5'2 5GP B . 12.03 -0.44 -12.14
H4' 5GP B . 13.99 -1.82 -11.33
H3' 5GP B . 13.44 -0.30 -8.75
H2' 5GP B . 15.89 -0.02 -8.53
HO2' 5GP B . 16.53 -2.02 -9.28
H1' 5GP B . 16.26 0.82 -11.17
H8 5GP B . 13.12 1.62 -8.98
HN1 5GP B . 17.50 6.27 -9.69
HN21 5GP B . 19.15 5.56 -10.94
HN22 5GP B . 19.18 3.95 -11.64
P 5GP C . 12.85 -2.62 -7.87
O1P 5GP C . 12.69 -4.09 -7.95
O3P 5GP C . 13.01 -1.97 -6.54
O5' 5GP C . 11.57 -1.99 -8.56
C5' 5GP C . 10.48 -2.81 -8.96
C4' 5GP C . 9.17 -2.14 -8.59
O4' 5GP C . 8.73 -2.83 -7.42
C3' 5GP C . 9.27 -0.70 -8.10
O3' 5GP C . 9.27 0.23 -9.17
C2' 5GP C . 8.01 -0.58 -7.27
O2' 5GP C . 6.83 -0.44 -8.02
C1' 5GP C . 7.99 -1.95 -6.58
N9 5GP C . 8.65 -1.84 -5.29
C8 5GP C . 9.95 -1.45 -5.01
N7 5GP C . 10.21 -1.41 -3.73
C5 5GP C . 9.01 -1.80 -3.13
C6 5GP C . 8.67 -1.93 -1.76
O6 5GP C . 9.38 -1.74 -0.76
N1 5GP C . 7.35 -2.34 -1.59
C2 5GP C . 6.48 -2.61 -2.62
N2 5GP C . 5.25 -2.98 -2.28
N3 5GP C . 6.79 -2.49 -3.90
C4 5GP C . 8.06 -2.09 -4.08
H5'1 5GP C . 10.51 -2.95 -10.04
H5'2 5GP C . 10.54 -3.77 -8.46
H4' 5GP C . 8.60 -2.16 -9.52
H3' 5GP C . 10.20 -0.48 -7.57
H2' 5GP C . 8.03 0.29 -6.62
HO2' 5GP C . 6.80 0.44 -8.42
H1' 5GP C . 6.98 -2.31 -6.44
H8 5GP C . 10.67 -1.21 -5.78
HN1 5GP C . 7.01 -2.46 -0.65
HN21 5GP C . 5.00 -3.06 -1.30
HN22 5GP C . 4.56 -3.18 -2.99
N GLY A 1 -3.21 24.43 -8.78
CA GLY A 1 -3.74 23.28 -8.08
C GLY A 1 -2.69 22.56 -7.24
N SER A 2 -2.49 21.28 -7.52
CA SER A 2 -1.51 20.48 -6.79
C SER A 2 -0.78 19.53 -7.74
N SER A 3 0.22 18.84 -7.19
CA SER A 3 1.01 17.89 -7.98
C SER A 3 1.59 18.57 -9.21
N GLY A 4 2.35 19.63 -9.00
CA GLY A 4 2.96 20.36 -10.10
C GLY A 4 3.90 21.45 -9.64
N GLU A 5 5.02 21.06 -9.03
CA GLU A 5 6.00 22.01 -8.54
C GLU A 5 7.42 21.58 -8.90
N GLY A 6 7.83 20.42 -8.40
CA GLY A 6 9.15 19.91 -8.68
C GLY A 6 9.29 18.44 -8.35
N GLN A 7 8.23 17.67 -8.61
CA GLN A 7 8.25 16.24 -8.35
C GLN A 7 8.40 15.45 -9.64
N LYS A 8 9.00 14.27 -9.54
CA LYS A 8 9.22 13.41 -10.69
C LYS A 8 8.87 11.96 -10.37
N ASP A 9 7.92 11.40 -11.12
CA ASP A 9 7.49 10.02 -10.91
C ASP A 9 8.26 9.06 -11.83
N LEU A 10 9.42 9.51 -12.30
CA LEU A 10 10.26 8.71 -13.18
C LEU A 10 10.62 7.38 -12.52
N LYS A 11 11.01 7.43 -11.26
CA LYS A 11 11.38 6.24 -10.51
C LYS A 11 10.93 6.34 -9.06
N LEU A 12 10.91 5.21 -8.37
CA LEU A 12 10.51 5.17 -6.97
C LEU A 12 11.42 6.04 -6.11
N GLY A 13 12.72 5.84 -6.26
CA GLY A 13 13.69 6.62 -5.50
C GLY A 13 13.58 8.10 -5.77
N GLU A 14 13.55 8.47 -7.05
CA GLU A 14 13.45 9.87 -7.44
C GLU A 14 12.27 10.55 -6.75
N LEU A 15 11.13 9.88 -6.75
CA LEU A 15 9.92 10.42 -6.13
C LEU A 15 10.22 10.88 -4.70
N LEU A 16 10.97 10.08 -3.97
CA LEU A 16 11.32 10.40 -2.59
C LEU A 16 12.36 11.51 -2.54
N LEU A 17 13.32 11.46 -3.46
CA LEU A 17 14.37 12.48 -3.54
C LEU A 17 13.78 13.88 -3.66
N GLN A 18 12.82 14.03 -4.56
CA GLN A 18 12.17 15.32 -4.78
C GLN A 18 11.59 15.86 -3.48
N LYS A 19 11.05 14.97 -2.66
CA LYS A 19 10.46 15.36 -1.38
C LYS A 19 11.56 15.67 -0.36
N GLY A 20 12.72 15.06 -0.55
CA GLY A 20 13.83 15.29 0.37
C GLY A 20 13.77 14.38 1.58
N TRP A 21 13.19 13.21 1.42
CA TRP A 21 13.07 12.25 2.51
C TRP A 21 14.36 11.49 2.71
N ILE A 22 15.05 11.19 1.60
CA ILE A 22 16.30 10.45 1.66
C ILE A 22 17.42 11.23 0.95
N SER A 23 18.61 11.20 1.53
CA SER A 23 19.75 11.90 0.97
C SER A 23 20.07 11.37 -0.43
N ARG A 24 20.68 12.21 -1.26
CA ARG A 24 21.04 11.82 -2.62
C ARG A 24 21.83 10.52 -2.61
N GLU A 25 22.72 10.38 -1.64
CA GLU A 25 23.55 9.18 -1.52
C GLU A 25 22.72 7.99 -1.05
N ALA A 26 21.71 8.26 -0.23
CA ALA A 26 20.84 7.21 0.29
C ALA A 26 20.21 6.42 -0.84
N LEU A 27 19.79 7.12 -1.89
CA LEU A 27 19.17 6.48 -3.04
C LEU A 27 20.13 5.49 -3.71
N GLU A 28 21.33 5.96 -4.03
CA GLU A 28 22.33 5.12 -4.67
C GLU A 28 22.67 3.92 -3.79
N GLU A 29 22.82 4.16 -2.49
CA GLU A 29 23.14 3.10 -1.55
C GLU A 29 22.10 1.99 -1.60
N ALA A 30 20.82 2.37 -1.50
CA ALA A 30 19.73 1.40 -1.55
C ALA A 30 19.70 0.67 -2.88
N LEU A 31 19.95 1.40 -3.96
CA LEU A 31 19.95 0.82 -5.30
C LEU A 31 21.06 -0.22 -5.44
N VAL A 32 22.28 0.19 -5.11
CA VAL A 32 23.43 -0.70 -5.20
C VAL A 32 23.23 -1.95 -4.35
N GLU A 33 22.56 -1.78 -3.21
CA GLU A 33 22.30 -2.89 -2.30
C GLU A 33 21.29 -3.86 -2.91
N GLN A 34 20.42 -3.35 -3.77
CA GLN A 34 19.40 -4.16 -4.41
C GLN A 34 20.03 -5.07 -5.47
N GLU A 35 21.17 -4.66 -6.00
CA GLU A 35 21.87 -5.43 -7.02
C GLU A 35 22.64 -6.58 -6.39
N LYS A 36 22.97 -6.44 -5.11
CA LYS A 36 23.71 -7.47 -4.40
C LYS A 36 22.77 -8.31 -3.54
N THR A 37 21.70 -7.69 -3.07
CA THR A 37 20.72 -8.39 -2.23
C THR A 37 19.55 -8.89 -3.06
N GLY A 38 19.17 -8.11 -4.07
CA GLY A 38 18.06 -8.50 -4.93
C GLY A 38 16.72 -8.26 -4.28
N ASP A 39 16.66 -7.31 -3.34
CA ASP A 39 15.43 -6.99 -2.65
C ASP A 39 14.76 -5.76 -3.25
N LEU A 40 13.67 -5.32 -2.64
CA LEU A 40 12.94 -4.15 -3.11
C LEU A 40 13.65 -2.86 -2.71
N LEU A 41 13.80 -1.95 -3.66
CA LEU A 41 14.46 -0.67 -3.40
C LEU A 41 13.83 0.04 -2.21
N GLY A 42 12.52 -0.16 -2.03
CA GLY A 42 11.82 0.47 -0.92
C GLY A 42 12.21 -0.14 0.42
N ARG A 43 12.05 -1.46 0.54
CA ARG A 43 12.38 -2.15 1.77
C ARG A 43 13.87 -2.06 2.07
N ILE A 44 14.67 -2.04 1.01
CA ILE A 44 16.12 -1.96 1.17
C ILE A 44 16.55 -0.54 1.54
N LEU A 45 15.79 0.44 1.09
CA LEU A 45 16.09 1.85 1.38
C LEU A 45 15.76 2.17 2.83
N VAL A 46 14.74 1.52 3.36
CA VAL A 46 14.33 1.74 4.74
C VAL A 46 15.50 1.55 5.71
N ARG A 47 16.42 0.69 5.34
CA ARG A 47 17.60 0.41 6.17
C ARG A 47 18.36 1.71 6.46
N LYS A 48 18.29 2.65 5.53
CA LYS A 48 18.98 3.93 5.69
C LYS A 48 18.39 4.72 6.85
N GLY A 49 17.17 4.37 7.24
CA GLY A 49 16.52 5.06 8.34
C GLY A 49 15.25 5.76 7.89
N LEU A 50 14.68 5.33 6.77
CA LEU A 50 13.46 5.93 6.25
C LEU A 50 12.23 5.33 6.92
N PRO A 51 11.28 6.19 7.29
CA PRO A 51 10.03 5.77 7.94
C PRO A 51 9.11 5.02 6.99
N GLU A 52 8.40 4.03 7.51
CA GLU A 52 7.48 3.24 6.70
C GLU A 52 6.46 4.13 6.00
N GLU A 53 5.93 5.10 6.74
CA GLU A 53 4.95 6.03 6.19
C GLU A 53 5.45 6.66 4.91
N ALA A 54 6.76 6.92 4.86
CA ALA A 54 7.37 7.53 3.69
C ALA A 54 7.47 6.53 2.54
N LEU A 55 7.95 5.34 2.85
CA LEU A 55 8.10 4.28 1.85
C LEU A 55 6.76 3.94 1.21
N TYR A 56 5.72 3.86 2.05
CA TYR A 56 4.39 3.54 1.57
C TYR A 56 3.76 4.73 0.84
N ARG A 57 3.96 5.93 1.39
CA ARG A 57 3.42 7.14 0.79
C ARG A 57 3.87 7.28 -0.66
N ALA A 58 5.14 7.02 -0.91
CA ALA A 58 5.70 7.11 -2.26
C ALA A 58 5.07 6.07 -3.18
N LEU A 59 4.84 4.88 -2.64
CA LEU A 59 4.24 3.80 -3.42
C LEU A 59 2.86 4.20 -3.95
N ALA A 60 2.13 4.97 -3.15
CA ALA A 60 0.80 5.42 -3.54
C ALA A 60 0.88 6.45 -4.65
N GLU A 61 1.97 7.22 -4.67
CA GLU A 61 2.17 8.24 -5.70
C GLU A 61 2.59 7.62 -7.02
N GLN A 62 3.47 6.63 -6.95
CA GLN A 62 3.95 5.95 -8.14
C GLN A 62 2.92 4.96 -8.66
N LYS A 63 2.29 4.23 -7.74
CA LYS A 63 1.27 3.24 -8.10
C LYS A 63 -0.09 3.90 -8.25
N GLY A 64 -0.18 5.16 -7.83
CA GLY A 64 -1.45 5.87 -7.92
C GLY A 64 -2.51 5.32 -6.99
N LEU A 65 -2.07 4.81 -5.85
CA LEU A 65 -2.99 4.24 -4.87
C LEU A 65 -3.49 5.31 -3.90
N GLU A 66 -4.51 4.97 -3.13
CA GLU A 66 -5.07 5.90 -2.15
C GLU A 66 -4.62 5.56 -0.74
N PHE A 67 -3.75 6.41 -0.19
CA PHE A 67 -3.23 6.20 1.16
C PHE A 67 -4.27 6.58 2.21
N LEU A 68 -4.25 5.88 3.34
CA LEU A 68 -5.18 6.15 4.42
C LEU A 68 -4.51 6.91 5.56
N GLU A 69 -5.09 8.04 5.94
CA GLU A 69 -4.54 8.86 7.01
C GLU A 69 -4.45 8.07 8.32
N SER A 70 -5.31 7.06 8.44
CA SER A 70 -5.33 6.22 9.64
C SER A 70 -6.25 5.03 9.45
N THR A 71 -6.41 4.23 10.51
CA THR A 71 -7.27 3.06 10.46
C THR A 71 -8.40 3.15 11.48
N GLU A 72 -8.09 3.74 12.63
CA GLU A 72 -9.08 3.89 13.69
C GLU A 72 -10.33 4.58 13.17
N GLY A 73 -10.15 5.53 12.25
CA GLY A 73 -11.27 6.25 11.69
C GLY A 73 -12.13 5.38 10.80
N ILE A 74 -11.49 4.48 10.06
CA ILE A 74 -12.21 3.58 9.16
C ILE A 74 -13.34 2.86 9.89
N VAL A 75 -14.46 2.67 9.19
CA VAL A 75 -15.62 2.00 9.78
C VAL A 75 -15.84 0.64 9.12
N PRO A 76 -15.36 -0.42 9.78
CA PRO A 76 -15.50 -1.80 9.28
C PRO A 76 -16.94 -2.28 9.33
N ASP A 77 -17.24 -3.34 8.57
CA ASP A 77 -18.58 -3.90 8.53
C ASP A 77 -18.53 -5.40 8.30
N PRO A 78 -19.62 -6.10 8.65
CA PRO A 78 -19.73 -7.55 8.49
C PRO A 78 -19.82 -7.97 7.02
N SER A 79 -20.66 -7.27 6.27
CA SER A 79 -20.85 -7.56 4.86
C SER A 79 -19.50 -7.58 4.13
N ALA A 80 -18.63 -6.64 4.47
CA ALA A 80 -17.32 -6.55 3.85
C ALA A 80 -16.43 -7.72 4.26
N ALA A 81 -16.51 -8.09 5.54
CA ALA A 81 -15.72 -9.20 6.06
C ALA A 81 -15.99 -10.48 5.28
N LEU A 82 -17.12 -10.53 4.59
CA LEU A 82 -17.49 -11.70 3.80
C LEU A 82 -16.62 -11.80 2.56
N LEU A 83 -16.14 -10.67 2.08
CA LEU A 83 -15.30 -10.63 0.89
C LEU A 83 -14.04 -11.48 1.08
N LEU A 84 -13.29 -11.18 2.13
CA LEU A 84 -12.06 -11.91 2.43
C LEU A 84 -12.05 -12.37 3.89
N LEU A 85 -11.35 -13.47 4.16
CA LEU A 85 -11.25 -14.01 5.50
C LEU A 85 -10.00 -13.52 6.21
N ARG A 86 -9.85 -13.87 7.48
CA ARG A 86 -8.70 -13.46 8.26
C ARG A 86 -7.40 -14.00 7.65
N SER A 87 -7.36 -15.30 7.41
CA SER A 87 -6.19 -15.93 6.83
C SER A 87 -6.08 -15.61 5.34
N ASP A 88 -7.21 -15.61 4.65
CA ASP A 88 -7.24 -15.31 3.23
C ASP A 88 -6.75 -13.89 2.96
N ALA A 89 -7.03 -12.99 3.89
CA ALA A 89 -6.63 -11.59 3.76
C ALA A 89 -5.12 -11.47 3.69
N LEU A 90 -4.42 -12.37 4.38
CA LEU A 90 -2.96 -12.36 4.40
C LEU A 90 -2.39 -12.96 3.13
N ARG A 91 -3.17 -13.83 2.49
CA ARG A 91 -2.74 -14.49 1.26
C ARG A 91 -2.39 -13.45 0.20
N TYR A 92 -3.19 -12.40 0.11
CA TYR A 92 -2.96 -11.35 -0.87
C TYR A 92 -2.57 -10.04 -0.18
N GLY A 93 -2.77 -9.99 1.13
CA GLY A 93 -2.45 -8.79 1.89
C GLY A 93 -3.49 -7.71 1.74
N ALA A 94 -4.76 -8.11 1.73
CA ALA A 94 -5.85 -7.16 1.60
C ALA A 94 -6.96 -7.45 2.60
N VAL A 95 -7.66 -6.40 3.03
CA VAL A 95 -8.74 -6.54 4.00
C VAL A 95 -9.88 -5.57 3.69
N PRO A 96 -11.10 -6.12 3.56
CA PRO A 96 -12.30 -5.32 3.28
C PRO A 96 -12.71 -4.45 4.45
N ILE A 97 -13.74 -3.63 4.24
CA ILE A 97 -14.23 -2.74 5.29
C ILE A 97 -15.65 -2.30 5.00
N GLY A 98 -15.91 -1.90 3.75
CA GLY A 98 -17.24 -1.46 3.37
C GLY A 98 -17.34 -1.12 1.89
N PHE A 99 -18.55 -0.85 1.43
CA PHE A 99 -18.78 -0.52 0.02
C PHE A 99 -18.91 0.99 -0.15
N GLN A 100 -18.41 1.49 -1.28
CA GLN A 100 -18.48 2.92 -1.58
C GLN A 100 -18.73 3.16 -3.06
N ASN A 101 -19.85 3.82 -3.36
CA ASN A 101 -20.21 4.12 -4.74
C ASN A 101 -20.46 2.84 -5.52
N GLY A 102 -20.92 1.81 -4.82
CA GLY A 102 -21.19 0.53 -5.46
C GLY A 102 -19.98 -0.36 -5.53
N GLU A 103 -18.82 0.19 -5.19
CA GLU A 103 -17.57 -0.57 -5.22
C GLU A 103 -17.23 -1.11 -3.84
N VAL A 104 -16.31 -2.07 -3.79
CA VAL A 104 -15.90 -2.68 -2.53
C VAL A 104 -14.56 -2.10 -2.06
N GLU A 105 -14.57 -1.49 -0.88
CA GLU A 105 -13.37 -0.90 -0.32
C GLU A 105 -12.51 -1.95 0.37
N VAL A 106 -11.30 -2.14 -0.13
CA VAL A 106 -10.38 -3.13 0.44
C VAL A 106 -8.99 -2.51 0.67
N VAL A 107 -8.58 -2.46 1.93
CA VAL A 107 -7.28 -1.91 2.28
C VAL A 107 -6.20 -2.98 2.25
N LEU A 108 -5.18 -2.77 1.44
CA LEU A 108 -4.08 -3.72 1.31
C LEU A 108 -2.73 -3.03 1.54
N SER A 109 -1.79 -3.77 2.11
CA SER A 109 -0.46 -3.23 2.39
C SER A 109 0.51 -3.58 1.27
N ASP A 110 0.01 -3.61 0.04
CA ASP A 110 0.83 -3.94 -1.12
C ASP A 110 0.22 -3.35 -2.40
N PRO A 111 0.57 -2.10 -2.70
CA PRO A 111 0.07 -1.41 -3.90
C PRO A 111 0.64 -1.99 -5.18
N ARG A 112 1.79 -2.64 -5.08
CA ARG A 112 2.44 -3.24 -6.24
C ARG A 112 1.59 -4.36 -6.82
N HIS A 113 0.94 -5.13 -5.94
CA HIS A 113 0.09 -6.23 -6.35
C HIS A 113 -1.36 -5.79 -6.45
N LYS A 114 -1.61 -4.50 -6.21
CA LYS A 114 -2.95 -3.95 -6.26
C LYS A 114 -3.67 -4.37 -7.55
N GLU A 115 -2.93 -4.35 -8.65
CA GLU A 115 -3.49 -4.73 -9.94
C GLU A 115 -3.69 -6.25 -10.03
N ALA A 116 -2.81 -6.99 -9.37
CA ALA A 116 -2.89 -8.44 -9.37
C ALA A 116 -4.27 -8.92 -8.90
N VAL A 117 -4.71 -8.40 -7.77
CA VAL A 117 -6.02 -8.77 -7.21
C VAL A 117 -7.14 -8.05 -7.93
N ALA A 118 -6.94 -6.76 -8.19
CA ALA A 118 -7.94 -5.95 -8.87
C ALA A 118 -8.41 -6.62 -10.15
N GLN A 119 -7.47 -7.23 -10.88
CA GLN A 119 -7.79 -7.90 -12.13
C GLN A 119 -8.44 -9.26 -11.87
N LEU A 120 -8.07 -9.87 -10.75
CA LEU A 120 -8.61 -11.17 -10.37
C LEU A 120 -10.06 -11.04 -9.91
N LEU A 121 -10.36 -9.97 -9.19
CA LEU A 121 -11.71 -9.73 -8.69
C LEU A 121 -12.68 -9.51 -9.84
N ASN A 122 -12.23 -8.77 -10.86
CA ASN A 122 -13.06 -8.48 -12.03
C ASN A 122 -14.29 -7.67 -11.63
N ARG A 123 -14.12 -6.80 -10.63
CA ARG A 123 -15.21 -5.97 -10.15
C ARG A 123 -14.69 -4.64 -9.63
N PRO A 124 -15.57 -3.64 -9.56
CA PRO A 124 -15.22 -2.29 -9.08
C PRO A 124 -14.95 -2.27 -7.57
N ALA A 125 -13.71 -1.98 -7.21
CA ALA A 125 -13.31 -1.93 -5.80
C ALA A 125 -12.23 -0.88 -5.58
N ARG A 126 -12.32 -0.18 -4.45
CA ARG A 126 -11.35 0.85 -4.11
C ARG A 126 -10.20 0.27 -3.28
N PHE A 127 -9.00 0.30 -3.84
CA PHE A 127 -7.82 -0.22 -3.15
C PHE A 127 -7.03 0.92 -2.50
N TYR A 128 -6.81 0.79 -1.20
CA TYR A 128 -6.07 1.80 -0.45
C TYR A 128 -4.74 1.24 0.04
N LEU A 129 -3.83 2.15 0.42
CA LEU A 129 -2.52 1.75 0.90
C LEU A 129 -2.27 2.29 2.32
N ALA A 130 -2.34 1.41 3.31
CA ALA A 130 -2.13 1.80 4.69
C ALA A 130 -0.88 1.12 5.27
N LEU A 131 -0.27 1.76 6.25
CA LEU A 131 0.93 1.22 6.88
C LEU A 131 0.70 -0.21 7.35
N PRO A 132 1.80 -0.95 7.54
CA PRO A 132 1.74 -2.35 7.99
C PRO A 132 1.29 -2.47 9.45
N GLN A 133 1.58 -1.45 10.24
CA GLN A 133 1.20 -1.44 11.64
C GLN A 133 -0.29 -1.18 11.81
N ALA A 134 -0.82 -0.27 11.00
CA ALA A 134 -2.23 0.07 11.05
C ALA A 134 -3.07 -0.94 10.27
N TRP A 135 -2.51 -1.45 9.18
CA TRP A 135 -3.21 -2.43 8.35
C TRP A 135 -3.36 -3.75 9.08
N GLU A 136 -2.35 -4.12 9.86
CA GLU A 136 -2.38 -5.37 10.61
C GLU A 136 -3.45 -5.33 11.69
N GLU A 137 -3.50 -4.23 12.44
CA GLU A 137 -4.47 -4.07 13.51
C GLU A 137 -5.88 -3.96 12.93
N LEU A 138 -5.99 -3.43 11.72
CA LEU A 138 -7.28 -3.27 11.07
C LEU A 138 -8.02 -4.60 10.98
N PHE A 139 -7.26 -5.69 10.95
CA PHE A 139 -7.83 -7.03 10.87
C PHE A 139 -8.86 -7.24 11.98
N ARG A 140 -8.57 -6.71 13.17
CA ARG A 140 -9.47 -6.85 14.31
C ARG A 140 -10.73 -6.01 14.10
N ARG A 141 -10.60 -4.95 13.32
CA ARG A 141 -11.73 -4.06 13.05
C ARG A 141 -12.67 -4.68 12.02
N ALA A 142 -12.10 -5.13 10.91
CA ALA A 142 -12.89 -5.75 9.85
C ALA A 142 -13.37 -7.14 10.25
N TYR A 143 -12.55 -7.83 11.04
CA TYR A 143 -12.90 -9.18 11.49
C TYR A 143 -13.13 -9.20 13.00
N PRO A 144 -14.27 -8.67 13.43
CA PRO A 144 -14.64 -8.61 14.85
C PRO A 144 -14.96 -9.99 15.43
N GLN A 145 -13.99 -10.57 16.12
CA GLN A 145 -14.17 -11.89 16.71
C GLN A 145 -15.36 -11.91 17.66
N LYS A 146 -16.03 -13.05 17.74
CA LYS A 146 -17.20 -13.19 18.61
C LYS A 146 -18.21 -12.08 18.35
P 5GP B . 9.97 1.45 -9.96
O1P 5GP B . 9.42 0.99 -11.26
O3P 5GP B . 10.18 2.89 -9.72
O5' 5GP B . 11.38 0.72 -9.80
C5' 5GP B . 11.93 -0.05 -10.85
C4' 5GP B . 13.43 -0.18 -10.66
O4' 5GP B . 14.04 1.01 -11.14
C3' 5GP B . 13.91 -0.30 -9.22
O3' 5GP B . 13.86 -1.64 -8.75
C2' 5GP B . 15.35 0.18 -9.36
O2' 5GP B . 16.23 -0.78 -9.90
C1' 5GP B . 15.18 1.32 -10.36
N9 5GP B . 14.93 2.56 -9.64
C8 5GP B . 13.90 2.87 -8.79
N7 5GP B . 14.02 4.06 -8.25
C5 5GP B . 15.20 4.55 -8.78
C6 5GP B . 15.87 5.79 -8.55
O6 5GP B . 15.52 6.73 -7.82
N1 5GP B . 17.06 5.87 -9.28
C2 5GP B . 17.53 4.90 -10.12
N2 5GP B . 18.69 5.15 -10.73
N3 5GP B . 16.91 3.75 -10.35
C4 5GP B . 15.77 3.65 -9.64
H5'1 5GP B . 11.48 -1.05 -10.85
H5'2 5GP B . 11.74 0.44 -11.80
H4' 5GP B . 13.68 -1.10 -11.20
H3' 5GP B . 13.31 0.26 -8.50
H2' 5GP B . 15.78 0.43 -8.39
HO2' 5GP B . 16.30 -1.53 -9.30
H1' 5GP B . 16.06 1.44 -10.98
H8 5GP B . 13.06 2.21 -8.60
HN1 5GP B . 17.60 6.72 -9.18
HN21 5GP B . 19.17 6.02 -10.55
HN22 5GP B . 19.10 4.47 -11.35
P 5GP C . 12.67 -2.09 -7.76
O1P 5GP C . 12.46 -3.54 -7.92
O3P 5GP C . 12.91 -1.53 -6.40
O5' 5GP C . 11.38 -1.38 -8.35
C5' 5GP C . 10.25 -2.14 -8.76
C4' 5GP C . 8.98 -1.47 -8.30
O4' 5GP C . 8.58 -2.22 -7.16
C3' 5GP C . 9.14 -0.07 -7.73
O3' 5GP C . 9.11 0.93 -8.74
C2' 5GP C . 7.92 0.03 -6.83
O2' 5GP C . 6.71 0.25 -7.53
C1' 5GP C . 7.89 -1.38 -6.24
N9 5GP C . 8.60 -1.38 -4.97
C8 5GP C . 9.91 -1.04 -4.72
N7 5GP C . 10.22 -1.07 -3.45
C5 5GP C . 9.04 -1.48 -2.83
C6 5GP C . 8.75 -1.68 -1.45
O6 5GP C . 9.50 -1.57 -0.48
N1 5GP C . 7.43 -2.06 -1.27
C2 5GP C . 6.50 -2.24 -2.27
N2 5GP C . 5.27 -2.59 -1.90
N3 5GP C . 6.77 -2.06 -3.55
C4 5GP C . 8.05 -1.68 -3.76
H5'1 5GP C . 10.25 -2.21 -9.86
H5'2 5GP C . 10.31 -3.14 -8.33
H4' 5GP C . 8.38 -1.41 -9.21
H3' 5GP C . 10.09 0.10 -7.21
H2' 5GP C . 7.98 0.86 -6.13
HO2' 5GP C . 6.70 1.14 -7.88
H1' 5GP C . 6.87 -1.72 -6.08
H8 5GP C . 10.62 -0.77 -5.51
HN1 5GP C . 7.12 -2.23 -0.31
HN21 5GP C . 5.06 -2.73 -0.92
HN22 5GP C . 4.55 -2.73 -2.59
N GLY A 1 -0.76 19.69 -20.30
CA GLY A 1 0.36 18.96 -19.74
C GLY A 1 0.52 19.18 -18.25
N SER A 2 0.77 18.10 -17.51
CA SER A 2 0.94 18.19 -16.07
C SER A 2 2.41 18.38 -15.70
N SER A 3 2.79 19.63 -15.44
CA SER A 3 4.16 19.94 -15.08
C SER A 3 4.50 19.41 -13.69
N GLY A 4 3.54 19.51 -12.78
CA GLY A 4 3.74 19.04 -11.42
C GLY A 4 4.13 20.15 -10.46
N GLU A 5 4.98 19.83 -9.50
CA GLU A 5 5.42 20.82 -8.52
C GLU A 5 6.79 20.44 -7.95
N GLY A 6 7.71 20.06 -8.84
CA GLY A 6 9.04 19.68 -8.39
C GLY A 6 9.18 18.18 -8.24
N GLN A 7 8.12 17.52 -7.79
CA GLN A 7 8.14 16.08 -7.60
C GLN A 7 8.24 15.35 -8.93
N LYS A 8 8.84 14.16 -8.91
CA LYS A 8 9.01 13.37 -10.12
C LYS A 8 8.64 11.90 -9.85
N ASP A 9 7.68 11.40 -10.61
CA ASP A 9 7.24 10.02 -10.47
C ASP A 9 7.97 9.11 -11.45
N LEU A 10 9.12 9.56 -11.92
CA LEU A 10 9.92 8.79 -12.86
C LEU A 10 10.30 7.43 -12.27
N LYS A 11 10.73 7.44 -11.02
CA LYS A 11 11.13 6.22 -10.33
C LYS A 11 10.72 6.26 -8.85
N LEU A 12 10.81 5.12 -8.19
CA LEU A 12 10.47 5.03 -6.77
C LEU A 12 11.46 5.83 -5.92
N GLY A 13 12.74 5.60 -6.15
CA GLY A 13 13.76 6.31 -5.39
C GLY A 13 13.67 7.81 -5.57
N GLU A 14 13.52 8.25 -6.81
CA GLU A 14 13.43 9.68 -7.11
C GLU A 14 12.23 10.30 -6.40
N LEU A 15 11.10 9.61 -6.44
CA LEU A 15 9.89 10.09 -5.80
C LEU A 15 10.15 10.51 -4.36
N LEU A 16 10.84 9.65 -3.62
CA LEU A 16 11.16 9.92 -2.23
C LEU A 16 12.23 11.01 -2.12
N LEU A 17 13.16 11.01 -3.06
CA LEU A 17 14.23 12.00 -3.07
C LEU A 17 13.66 13.43 -3.13
N GLN A 18 12.71 13.64 -4.03
CA GLN A 18 12.08 14.95 -4.18
C GLN A 18 11.52 15.44 -2.85
N LYS A 19 10.95 14.52 -2.08
CA LYS A 19 10.37 14.86 -0.78
C LYS A 19 11.47 15.10 0.26
N GLY A 20 12.62 14.47 0.05
CA GLY A 20 13.73 14.63 0.97
C GLY A 20 13.66 13.65 2.12
N TRP A 21 13.06 12.49 1.89
CA TRP A 21 12.92 11.47 2.92
C TRP A 21 14.22 10.69 3.08
N ILE A 22 14.90 10.44 1.97
CA ILE A 22 16.16 9.71 1.98
C ILE A 22 17.29 10.51 1.35
N SER A 23 18.46 10.45 1.94
CA SER A 23 19.62 11.18 1.43
C SER A 23 19.97 10.72 0.02
N ARG A 24 20.59 11.61 -0.75
CA ARG A 24 20.97 11.29 -2.13
C ARG A 24 21.77 10.01 -2.18
N GLU A 25 22.66 9.81 -1.20
CA GLU A 25 23.48 8.62 -1.14
C GLU A 25 22.65 7.39 -0.77
N ALA A 26 21.64 7.61 0.07
CA ALA A 26 20.77 6.53 0.50
C ALA A 26 20.14 5.81 -0.70
N LEU A 27 19.74 6.57 -1.70
CA LEU A 27 19.14 6.00 -2.90
C LEU A 27 20.12 5.08 -3.62
N GLU A 28 21.32 5.59 -3.89
CA GLU A 28 22.34 4.81 -4.57
C GLU A 28 22.69 3.56 -3.77
N GLU A 29 22.71 3.69 -2.45
CA GLU A 29 23.04 2.57 -1.58
C GLU A 29 22.00 1.46 -1.71
N ALA A 30 20.72 1.83 -1.57
CA ALA A 30 19.64 0.86 -1.67
C ALA A 30 19.60 0.23 -3.05
N LEU A 31 19.88 1.03 -4.08
CA LEU A 31 19.87 0.54 -5.45
C LEU A 31 20.96 -0.51 -5.67
N VAL A 32 22.19 -0.17 -5.30
CA VAL A 32 23.31 -1.08 -5.44
C VAL A 32 23.07 -2.38 -4.67
N GLU A 33 22.40 -2.27 -3.53
CA GLU A 33 22.10 -3.42 -2.69
C GLU A 33 21.08 -4.33 -3.38
N GLN A 34 20.23 -3.74 -4.21
CA GLN A 34 19.20 -4.49 -4.92
C GLN A 34 19.82 -5.34 -6.02
N GLU A 35 20.97 -4.91 -6.52
CA GLU A 35 21.68 -5.63 -7.58
C GLU A 35 22.41 -6.85 -7.02
N LYS A 36 22.73 -6.79 -5.73
CA LYS A 36 23.43 -7.89 -5.07
C LYS A 36 22.46 -8.76 -4.29
N THR A 37 21.39 -8.16 -3.80
CA THR A 37 20.39 -8.88 -3.02
C THR A 37 19.21 -9.31 -3.90
N GLY A 38 18.87 -8.45 -4.87
CA GLY A 38 17.77 -8.75 -5.76
C GLY A 38 16.41 -8.53 -5.11
N ASP A 39 16.37 -7.65 -4.12
CA ASP A 39 15.12 -7.34 -3.42
C ASP A 39 14.50 -6.06 -3.95
N LEU A 40 13.41 -5.63 -3.32
CA LEU A 40 12.71 -4.41 -3.72
C LEU A 40 13.46 -3.18 -3.23
N LEU A 41 13.62 -2.19 -4.11
CA LEU A 41 14.31 -0.96 -3.76
C LEU A 41 13.67 -0.31 -2.53
N GLY A 42 12.36 -0.48 -2.39
CA GLY A 42 11.65 0.09 -1.26
C GLY A 42 12.00 -0.62 0.05
N ARG A 43 11.83 -1.93 0.07
CA ARG A 43 12.11 -2.72 1.27
C ARG A 43 13.61 -2.68 1.60
N ILE A 44 14.43 -2.61 0.55
CA ILE A 44 15.88 -2.58 0.73
C ILE A 44 16.34 -1.19 1.20
N LEU A 45 15.61 -0.17 0.80
CA LEU A 45 15.94 1.20 1.18
C LEU A 45 15.62 1.44 2.65
N VAL A 46 14.58 0.77 3.15
CA VAL A 46 14.18 0.90 4.55
C VAL A 46 15.36 0.64 5.48
N ARG A 47 16.28 -0.23 5.05
CA ARG A 47 17.44 -0.57 5.85
C ARG A 47 18.23 0.68 6.23
N LYS A 48 18.18 1.69 5.37
CA LYS A 48 18.88 2.95 5.61
C LYS A 48 18.31 3.67 6.82
N GLY A 49 17.09 3.31 7.20
CA GLY A 49 16.45 3.94 8.34
C GLY A 49 15.19 4.68 7.96
N LEU A 50 14.60 4.31 6.84
CA LEU A 50 13.37 4.95 6.36
C LEU A 50 12.14 4.32 7.02
N PRO A 51 11.21 5.18 7.45
CA PRO A 51 9.98 4.74 8.10
C PRO A 51 9.03 4.03 7.13
N GLU A 52 8.35 3.01 7.62
CA GLU A 52 7.40 2.26 6.79
C GLU A 52 6.40 3.18 6.14
N GLU A 53 5.88 4.12 6.92
CA GLU A 53 4.88 5.08 6.41
C GLU A 53 5.39 5.75 5.14
N ALA A 54 6.67 6.09 5.12
CA ALA A 54 7.27 6.74 3.96
C ALA A 54 7.37 5.78 2.78
N LEU A 55 7.84 4.57 3.04
CA LEU A 55 7.99 3.55 2.00
C LEU A 55 6.64 3.23 1.37
N TYR A 56 5.61 3.13 2.20
CA TYR A 56 4.27 2.82 1.71
C TYR A 56 3.65 4.05 1.05
N ARG A 57 3.84 5.20 1.66
CA ARG A 57 3.30 6.45 1.13
C ARG A 57 3.74 6.68 -0.31
N ALA A 58 5.01 6.40 -0.58
CA ALA A 58 5.55 6.56 -1.92
C ALA A 58 4.93 5.57 -2.89
N LEU A 59 4.75 4.34 -2.44
CA LEU A 59 4.16 3.30 -3.28
C LEU A 59 2.78 3.71 -3.78
N ALA A 60 2.06 4.44 -2.95
CA ALA A 60 0.72 4.91 -3.31
C ALA A 60 0.79 6.00 -4.38
N GLU A 61 1.87 6.78 -4.37
CA GLU A 61 2.05 7.84 -5.33
C GLU A 61 2.48 7.29 -6.69
N GLN A 62 3.38 6.30 -6.66
CA GLN A 62 3.87 5.68 -7.88
C GLN A 62 2.84 4.70 -8.44
N LYS A 63 2.22 3.94 -7.56
CA LYS A 63 1.21 2.96 -7.98
C LYS A 63 -0.17 3.61 -8.09
N GLY A 64 -0.28 4.84 -7.61
CA GLY A 64 -1.54 5.55 -7.67
C GLY A 64 -2.59 4.95 -6.77
N LEU A 65 -2.15 4.40 -5.64
CA LEU A 65 -3.07 3.77 -4.69
C LEU A 65 -3.56 4.79 -3.66
N GLU A 66 -4.61 4.43 -2.93
CA GLU A 66 -5.17 5.31 -1.92
C GLU A 66 -4.71 4.91 -0.53
N PHE A 67 -3.85 5.73 0.07
CA PHE A 67 -3.32 5.46 1.39
C PHE A 67 -4.36 5.80 2.47
N LEU A 68 -4.32 5.05 3.56
CA LEU A 68 -5.26 5.27 4.66
C LEU A 68 -4.57 5.97 5.83
N GLU A 69 -5.15 7.09 6.26
CA GLU A 69 -4.60 7.86 7.37
C GLU A 69 -4.50 7.00 8.63
N SER A 70 -5.35 5.99 8.72
CA SER A 70 -5.36 5.09 9.88
C SER A 70 -6.29 3.91 9.64
N THR A 71 -6.44 3.07 10.65
CA THR A 71 -7.30 1.90 10.57
C THR A 71 -8.41 1.95 11.61
N GLU A 72 -8.09 2.47 12.78
CA GLU A 72 -9.05 2.58 13.87
C GLU A 72 -10.31 3.30 13.41
N GLY A 73 -10.14 4.28 12.53
CA GLY A 73 -11.27 5.03 12.03
C GLY A 73 -12.15 4.22 11.11
N ILE A 74 -11.52 3.35 10.31
CA ILE A 74 -12.25 2.51 9.37
C ILE A 74 -13.38 1.76 10.07
N VAL A 75 -14.50 1.60 9.38
CA VAL A 75 -15.65 0.90 9.94
C VAL A 75 -15.88 -0.43 9.22
N PRO A 76 -15.41 -1.52 9.82
CA PRO A 76 -15.55 -2.87 9.26
C PRO A 76 -17.00 -3.36 9.29
N ASP A 77 -17.29 -4.37 8.49
CA ASP A 77 -18.64 -4.92 8.42
C ASP A 77 -18.59 -6.42 8.13
N PRO A 78 -19.69 -7.13 8.46
CA PRO A 78 -19.79 -8.57 8.23
C PRO A 78 -19.89 -8.92 6.74
N SER A 79 -20.74 -8.19 6.02
CA SER A 79 -20.93 -8.44 4.60
C SER A 79 -19.60 -8.42 3.87
N ALA A 80 -18.73 -7.48 4.25
CA ALA A 80 -17.41 -7.35 3.63
C ALA A 80 -16.51 -8.53 4.00
N ALA A 81 -16.59 -8.94 5.27
CA ALA A 81 -15.79 -10.06 5.75
C ALA A 81 -16.05 -11.32 4.95
N LEU A 82 -17.20 -11.36 4.27
CA LEU A 82 -17.57 -12.51 3.46
C LEU A 82 -16.72 -12.58 2.20
N LEU A 83 -16.24 -11.43 1.74
CA LEU A 83 -15.42 -11.37 0.54
C LEU A 83 -14.16 -12.23 0.70
N LEU A 84 -13.39 -11.96 1.74
CA LEU A 84 -12.17 -12.70 2.01
C LEU A 84 -12.15 -13.22 3.44
N LEU A 85 -11.45 -14.32 3.65
CA LEU A 85 -11.34 -14.93 4.98
C LEU A 85 -10.08 -14.46 5.69
N ARG A 86 -9.93 -14.86 6.95
CA ARG A 86 -8.77 -14.47 7.74
C ARG A 86 -7.48 -14.97 7.08
N SER A 87 -7.43 -16.27 6.80
CA SER A 87 -6.27 -16.88 6.17
C SER A 87 -6.16 -16.48 4.70
N ASP A 88 -7.31 -16.48 4.02
CA ASP A 88 -7.35 -16.12 2.61
C ASP A 88 -6.87 -14.70 2.39
N ALA A 89 -7.13 -13.83 3.37
CA ALA A 89 -6.70 -12.44 3.29
C ALA A 89 -5.19 -12.32 3.21
N LEU A 90 -4.49 -13.26 3.86
CA LEU A 90 -3.04 -13.25 3.86
C LEU A 90 -2.49 -13.81 2.54
N ARG A 91 -3.28 -14.63 1.88
CA ARG A 91 -2.87 -15.23 0.62
C ARG A 91 -2.51 -14.15 -0.40
N TYR A 92 -3.30 -13.08 -0.43
CA TYR A 92 -3.06 -11.98 -1.36
C TYR A 92 -2.68 -10.71 -0.61
N GLY A 93 -2.88 -10.73 0.70
CA GLY A 93 -2.54 -9.57 1.51
C GLY A 93 -3.58 -8.48 1.42
N ALA A 94 -4.85 -8.86 1.40
CA ALA A 94 -5.94 -7.90 1.31
C ALA A 94 -7.04 -8.22 2.33
N VAL A 95 -7.74 -7.18 2.77
CA VAL A 95 -8.82 -7.35 3.75
C VAL A 95 -9.96 -6.38 3.48
N PRO A 96 -11.17 -6.92 3.33
CA PRO A 96 -12.38 -6.12 3.07
C PRO A 96 -12.79 -5.28 4.28
N ILE A 97 -13.82 -4.47 4.11
CA ILE A 97 -14.31 -3.63 5.19
C ILE A 97 -15.74 -3.17 4.91
N GLY A 98 -15.99 -2.73 3.69
CA GLY A 98 -17.33 -2.27 3.32
C GLY A 98 -17.42 -1.86 1.86
N PHE A 99 -18.63 -1.58 1.40
CA PHE A 99 -18.86 -1.18 0.02
C PHE A 99 -18.98 0.33 -0.09
N GLN A 100 -18.49 0.88 -1.20
CA GLN A 100 -18.55 2.32 -1.43
C GLN A 100 -18.81 2.63 -2.90
N ASN A 101 -19.91 3.30 -3.18
CA ASN A 101 -20.28 3.66 -4.55
C ASN A 101 -20.53 2.41 -5.38
N GLY A 102 -20.98 1.35 -4.72
CA GLY A 102 -21.27 0.11 -5.42
C GLY A 102 -20.05 -0.78 -5.53
N GLU A 103 -18.89 -0.26 -5.15
CA GLU A 103 -17.65 -1.01 -5.22
C GLU A 103 -17.31 -1.62 -3.86
N VAL A 104 -16.39 -2.58 -3.86
CA VAL A 104 -15.97 -3.24 -2.63
C VAL A 104 -14.65 -2.69 -2.13
N GLU A 105 -14.67 -2.12 -0.93
CA GLU A 105 -13.45 -1.55 -0.34
C GLU A 105 -12.60 -2.64 0.30
N VAL A 106 -11.38 -2.81 -0.22
CA VAL A 106 -10.47 -3.82 0.30
C VAL A 106 -9.09 -3.22 0.56
N VAL A 107 -8.67 -3.21 1.82
CA VAL A 107 -7.36 -2.68 2.20
C VAL A 107 -6.29 -3.76 2.13
N LEU A 108 -5.27 -3.52 1.30
CA LEU A 108 -4.18 -4.47 1.15
C LEU A 108 -2.83 -3.80 1.41
N SER A 109 -1.88 -4.55 1.95
CA SER A 109 -0.56 -4.03 2.23
C SER A 109 0.41 -4.34 1.10
N ASP A 110 -0.10 -4.32 -0.13
CA ASP A 110 0.72 -4.60 -1.30
C ASP A 110 0.12 -3.96 -2.55
N PRO A 111 0.48 -2.70 -2.80
CA PRO A 111 -0.02 -1.94 -3.95
C PRO A 111 0.55 -2.46 -5.28
N ARG A 112 1.70 -3.13 -5.20
CA ARG A 112 2.34 -3.69 -6.38
C ARG A 112 1.48 -4.78 -7.02
N HIS A 113 0.85 -5.58 -6.17
CA HIS A 113 -0.02 -6.66 -6.65
C HIS A 113 -1.47 -6.21 -6.71
N LYS A 114 -1.70 -4.93 -6.41
CA LYS A 114 -3.06 -4.39 -6.44
C LYS A 114 -3.77 -4.74 -7.73
N GLU A 115 -3.04 -4.69 -8.84
CA GLU A 115 -3.61 -5.01 -10.15
C GLU A 115 -3.81 -6.52 -10.30
N ALA A 116 -2.94 -7.29 -9.67
CA ALA A 116 -3.01 -8.74 -9.73
C ALA A 116 -4.39 -9.23 -9.28
N VAL A 117 -4.83 -8.77 -8.12
CA VAL A 117 -6.13 -9.16 -7.58
C VAL A 117 -7.26 -8.40 -8.26
N ALA A 118 -7.05 -7.11 -8.46
CA ALA A 118 -8.06 -6.27 -9.11
C ALA A 118 -8.52 -6.89 -10.43
N GLN A 119 -7.58 -7.46 -11.17
CA GLN A 119 -7.90 -8.09 -12.45
C GLN A 119 -8.55 -9.45 -12.24
N LEU A 120 -8.20 -10.10 -11.14
CA LEU A 120 -8.74 -11.41 -10.82
C LEU A 120 -10.19 -11.31 -10.35
N LEU A 121 -10.48 -10.26 -9.59
CA LEU A 121 -11.83 -10.04 -9.07
C LEU A 121 -12.81 -9.76 -10.22
N ASN A 122 -12.37 -8.99 -11.20
CA ASN A 122 -13.19 -8.66 -12.35
C ASN A 122 -14.41 -7.85 -11.92
N ARG A 123 -14.24 -7.03 -10.88
CA ARG A 123 -15.33 -6.21 -10.38
C ARG A 123 -14.80 -4.90 -9.79
N PRO A 124 -15.68 -3.90 -9.68
CA PRO A 124 -15.32 -2.59 -9.14
C PRO A 124 -15.05 -2.63 -7.64
N ALA A 125 -13.81 -2.35 -7.27
CA ALA A 125 -13.40 -2.35 -5.87
C ALA A 125 -12.32 -1.32 -5.60
N ARG A 126 -12.39 -0.67 -4.45
CA ARG A 126 -11.42 0.36 -4.08
C ARG A 126 -10.27 -0.25 -3.28
N PHE A 127 -9.07 -0.21 -3.84
CA PHE A 127 -7.90 -0.76 -3.18
C PHE A 127 -7.10 0.33 -2.48
N TYR A 128 -6.90 0.17 -1.18
CA TYR A 128 -6.15 1.15 -0.39
C TYR A 128 -4.82 0.57 0.07
N LEU A 129 -3.91 1.45 0.48
CA LEU A 129 -2.60 1.03 0.95
C LEU A 129 -2.35 1.51 2.38
N ALA A 130 -2.42 0.59 3.33
CA ALA A 130 -2.20 0.92 4.73
C ALA A 130 -0.96 0.22 5.28
N LEU A 131 -0.34 0.82 6.29
CA LEU A 131 0.86 0.25 6.90
C LEU A 131 0.63 -1.20 7.31
N PRO A 132 1.73 -1.95 7.46
CA PRO A 132 1.67 -3.36 7.85
C PRO A 132 1.22 -3.55 9.30
N GLN A 133 1.52 -2.55 10.14
CA GLN A 133 1.15 -2.60 11.54
C GLN A 133 -0.34 -2.35 11.73
N ALA A 134 -0.88 -1.40 10.95
CA ALA A 134 -2.29 -1.06 11.02
C ALA A 134 -3.13 -2.04 10.21
N TRP A 135 -2.58 -2.51 9.10
CA TRP A 135 -3.27 -3.44 8.23
C TRP A 135 -3.43 -4.80 8.91
N GLU A 136 -2.41 -5.21 9.66
CA GLU A 136 -2.44 -6.48 10.36
C GLU A 136 -3.51 -6.49 11.46
N GLU A 137 -3.54 -5.42 12.25
CA GLU A 137 -4.51 -5.30 13.32
C GLU A 137 -5.93 -5.17 12.77
N LEU A 138 -6.05 -4.59 11.58
CA LEU A 138 -7.34 -4.41 10.94
C LEU A 138 -8.07 -5.74 10.80
N PHE A 139 -7.31 -6.83 10.72
CA PHE A 139 -7.89 -8.16 10.60
C PHE A 139 -8.91 -8.41 11.71
N ARG A 140 -8.60 -7.95 12.91
CA ARG A 140 -9.49 -8.13 14.05
C ARG A 140 -10.74 -7.28 13.90
N ARG A 141 -10.64 -6.18 13.16
CA ARG A 141 -11.76 -5.29 12.94
C ARG A 141 -12.70 -5.85 11.87
N ALA A 142 -12.13 -6.25 10.74
CA ALA A 142 -12.91 -6.81 9.65
C ALA A 142 -13.41 -8.21 9.99
N TYR A 143 -12.61 -8.95 10.74
CA TYR A 143 -12.96 -10.31 11.14
C TYR A 143 -13.19 -10.40 12.65
N PRO A 144 -14.33 -9.86 13.10
CA PRO A 144 -14.69 -9.88 14.52
C PRO A 144 -15.03 -11.28 15.03
N GLN A 145 -14.07 -11.89 15.71
CA GLN A 145 -14.26 -13.24 16.25
C GLN A 145 -15.54 -13.31 17.09
N LYS A 146 -16.18 -14.48 17.09
CA LYS A 146 -17.40 -14.67 17.85
C LYS A 146 -18.46 -13.65 17.46
P 5GP B . 9.96 1.61 -10.23
O1P 5GP B . 9.45 1.29 -11.59
O3P 5GP B . 10.15 3.02 -9.82
O5' 5GP B . 11.36 0.86 -10.09
C5' 5GP B . 11.92 0.16 -11.20
C4' 5GP B . 13.41 0.01 -10.98
O4' 5GP B . 14.04 1.21 -11.38
C3' 5GP B . 13.87 -0.22 -9.56
O3' 5GP B . 13.79 -1.58 -9.18
C2' 5GP B . 15.32 0.24 -9.63
O2' 5GP B . 16.19 -0.69 -10.23
C1' 5GP B . 15.18 1.44 -10.57
N9 5GP B . 14.96 2.65 -9.77
C8 5GP B . 13.91 2.93 -8.92
N7 5GP B . 14.05 4.06 -8.29
C5 5GP B . 15.24 4.58 -8.79
C6 5GP B . 15.92 5.78 -8.48
O6 5GP B . 15.59 6.69 -7.69
N1 5GP B . 17.12 5.90 -9.19
C2 5GP B . 17.58 4.97 -10.09
N2 5GP B . 18.76 5.25 -10.67
N3 5GP B . 16.95 3.85 -10.39
C4 5GP B . 15.80 3.72 -9.71
H5'1 5GP B . 11.46 -0.83 -11.26
H5'2 5GP B . 11.74 0.72 -12.12
H4' 5GP B . 13.65 -0.88 -11.58
H3' 5GP B . 13.27 0.31 -8.81
H2' 5GP B . 15.75 0.43 -8.65
HO2' 5GP B . 16.25 -1.48 -9.68
H1' 5GP B . 16.07 1.59 -11.18
H8 5GP B . 13.06 2.26 -8.77
HN1 5GP B . 17.68 6.72 -9.04
HN21 5GP B . 19.25 6.10 -10.44
HN22 5GP B . 19.15 4.60 -11.34
P 5GP C . 12.58 -2.08 -8.21
O1P 5GP C . 12.37 -3.52 -8.47
O3P 5GP C . 12.80 -1.60 -6.84
O5' 5GP C . 11.30 -1.34 -8.80
C5' 5GP C . 10.19 -2.06 -9.29
C4' 5GP C . 8.92 -1.42 -8.79
O4' 5GP C . 8.51 -2.24 -7.69
C3' 5GP C . 9.05 -0.05 -8.15
O3' 5GP C . 9.03 0.99 -9.11
C2' 5GP C . 7.82 -0.02 -7.26
O2' 5GP C . 6.62 0.23 -7.97
C1' 5GP C . 7.80 -1.46 -6.74
N9 5GP C . 8.47 -1.52 -5.46
C8 5GP C . 9.77 -1.15 -5.15
N7 5GP C . 10.06 -1.27 -3.89
C5 5GP C . 8.88 -1.74 -3.32
C6 5GP C . 8.57 -2.05 -1.97
O6 5GP C . 9.29 -1.97 -0.97
N1 5GP C . 7.25 -2.49 -1.84
C2 5GP C . 6.37 -2.63 -2.87
N2 5GP C . 5.14 -3.04 -2.55
N3 5GP C . 6.64 -2.35 -4.13
C4 5GP C . 7.91 -1.92 -4.28
H5'1 5GP C . 10.20 -2.06 -10.37
H5'2 5GP C . 10.24 -3.09 -8.91
H4' 5GP C . 8.31 -1.33 -9.70
H3' 5GP C . 9.99 0.09 -7.61
H2' 5GP C . 7.87 0.77 -6.52
HO2' 5GP C . 6.57 1.16 -8.20
H1' 5GP C . 6.77 -1.82 -6.61
H8 5GP C . 10.49 -0.81 -5.91
HN1 5GP C . 6.94 -2.73 -0.91
HN21 5GP C . 4.91 -3.25 -1.58
HN22 5GP C . 4.43 -3.16 -3.27
N GLY A 1 -6.20 12.56 -13.31
CA GLY A 1 -6.20 12.95 -14.70
C GLY A 1 -5.25 14.10 -14.99
N SER A 2 -4.13 13.79 -15.64
CA SER A 2 -3.14 14.81 -15.97
C SER A 2 -2.71 15.58 -14.72
N SER A 3 -1.74 15.03 -14.00
CA SER A 3 -1.24 15.66 -12.79
C SER A 3 0.25 15.41 -12.62
N GLY A 4 1.06 16.18 -13.34
CA GLY A 4 2.51 16.03 -13.26
C GLY A 4 3.24 17.24 -13.78
N GLU A 5 3.39 18.26 -12.95
CA GLU A 5 4.08 19.49 -13.34
C GLU A 5 5.55 19.43 -12.91
N GLY A 6 5.79 19.60 -11.61
CA GLY A 6 7.15 19.57 -11.11
C GLY A 6 7.60 18.18 -10.73
N GLN A 7 6.67 17.37 -10.25
CA GLN A 7 6.98 16.00 -9.85
C GLN A 7 7.30 15.14 -11.05
N LYS A 8 7.95 14.01 -10.80
CA LYS A 8 8.32 13.08 -11.87
C LYS A 8 8.10 11.63 -11.45
N ASP A 9 7.27 10.92 -12.21
CA ASP A 9 6.98 9.52 -11.90
C ASP A 9 7.90 8.60 -12.70
N LEU A 10 9.03 9.13 -13.14
CA LEU A 10 10.00 8.35 -13.91
C LEU A 10 10.42 7.10 -13.14
N LYS A 11 10.68 7.27 -11.85
CA LYS A 11 11.09 6.16 -11.01
C LYS A 11 10.63 6.35 -9.57
N LEU A 12 10.54 5.27 -8.82
CA LEU A 12 10.11 5.32 -7.43
C LEU A 12 10.92 6.35 -6.65
N GLY A 13 12.24 6.14 -6.61
CA GLY A 13 13.11 7.04 -5.89
C GLY A 13 12.95 8.48 -6.33
N GLU A 14 12.90 8.69 -7.64
CA GLU A 14 12.75 10.03 -8.19
C GLU A 14 11.51 10.71 -7.64
N LEU A 15 10.39 9.97 -7.61
CA LEU A 15 9.14 10.49 -7.10
C LEU A 15 9.33 11.12 -5.72
N LEU A 16 10.04 10.41 -4.84
CA LEU A 16 10.29 10.90 -3.50
C LEU A 16 11.26 12.09 -3.51
N LEU A 17 12.25 12.02 -4.39
CA LEU A 17 13.24 13.08 -4.52
C LEU A 17 12.56 14.42 -4.84
N GLN A 18 11.65 14.39 -5.81
CA GLN A 18 10.93 15.59 -6.21
C GLN A 18 10.26 16.25 -5.01
N LYS A 19 9.71 15.44 -4.12
CA LYS A 19 9.04 15.94 -2.92
C LYS A 19 10.06 16.43 -1.90
N GLY A 20 11.26 15.88 -1.95
CA GLY A 20 12.30 16.28 -1.02
C GLY A 20 12.23 15.51 0.29
N TRP A 21 11.74 14.28 0.22
CA TRP A 21 11.62 13.45 1.41
C TRP A 21 12.96 12.81 1.77
N ILE A 22 13.73 12.44 0.74
CA ILE A 22 15.02 11.82 0.95
C ILE A 22 16.12 12.58 0.21
N SER A 23 17.27 12.73 0.85
CA SER A 23 18.40 13.45 0.25
C SER A 23 18.83 12.77 -1.04
N ARG A 24 19.42 13.56 -1.94
CA ARG A 24 19.90 13.05 -3.22
C ARG A 24 20.79 11.83 -3.02
N GLU A 25 21.61 11.87 -1.98
CA GLU A 25 22.52 10.76 -1.68
C GLU A 25 21.75 9.57 -1.11
N ALA A 26 20.69 9.85 -0.38
CA ALA A 26 19.87 8.80 0.21
C ALA A 26 19.37 7.83 -0.86
N LEU A 27 18.96 8.36 -2.00
CA LEU A 27 18.47 7.54 -3.09
C LEU A 27 19.54 6.59 -3.60
N GLU A 28 20.72 7.15 -3.91
CA GLU A 28 21.83 6.35 -4.40
C GLU A 28 22.24 5.29 -3.37
N GLU A 29 22.15 5.65 -2.10
CA GLU A 29 22.51 4.73 -1.02
C GLU A 29 21.57 3.53 -0.99
N ALA A 30 20.26 3.82 -1.02
CA ALA A 30 19.26 2.76 -0.99
C ALA A 30 19.34 1.89 -2.25
N LEU A 31 19.61 2.53 -3.38
CA LEU A 31 19.70 1.82 -4.65
C LEU A 31 20.87 0.84 -4.64
N VAL A 32 22.06 1.34 -4.29
CA VAL A 32 23.25 0.52 -4.24
C VAL A 32 23.07 -0.64 -3.26
N GLU A 33 22.34 -0.39 -2.18
CA GLU A 33 22.09 -1.42 -1.18
C GLU A 33 21.19 -2.51 -1.73
N GLN A 34 20.34 -2.14 -2.68
CA GLN A 34 19.41 -3.10 -3.28
C GLN A 34 20.16 -4.06 -4.20
N GLU A 35 21.30 -3.63 -4.71
CA GLU A 35 22.11 -4.46 -5.60
C GLU A 35 22.91 -5.48 -4.81
N LYS A 36 23.16 -5.18 -3.54
CA LYS A 36 23.91 -6.08 -2.68
C LYS A 36 22.98 -6.89 -1.79
N THR A 37 21.84 -6.30 -1.44
CA THR A 37 20.86 -6.97 -0.59
C THR A 37 19.78 -7.64 -1.42
N GLY A 38 19.40 -6.99 -2.53
CA GLY A 38 18.38 -7.54 -3.40
C GLY A 38 16.98 -7.32 -2.84
N ASP A 39 16.82 -6.29 -2.03
CA ASP A 39 15.53 -5.98 -1.44
C ASP A 39 14.83 -4.85 -2.21
N LEU A 40 13.67 -4.43 -1.71
CA LEU A 40 12.91 -3.36 -2.35
C LEU A 40 13.52 -2.00 -2.05
N LEU A 41 13.65 -1.18 -3.09
CA LEU A 41 14.22 0.15 -2.94
C LEU A 41 13.48 0.94 -1.86
N GLY A 42 12.18 0.68 -1.72
CA GLY A 42 11.39 1.37 -0.73
C GLY A 42 11.72 0.93 0.68
N ARG A 43 11.63 -0.37 0.93
CA ARG A 43 11.91 -0.93 2.25
C ARG A 43 13.38 -0.71 2.63
N ILE A 44 14.25 -0.74 1.62
CA ILE A 44 15.67 -0.55 1.84
C ILE A 44 15.99 0.92 2.10
N LEU A 45 15.21 1.80 1.50
CA LEU A 45 15.40 3.24 1.65
C LEU A 45 14.98 3.70 3.04
N VAL A 46 13.98 3.02 3.60
CA VAL A 46 13.47 3.36 4.93
C VAL A 46 14.60 3.36 5.96
N ARG A 47 15.61 2.53 5.73
CA ARG A 47 16.75 2.43 6.63
C ARG A 47 17.40 3.80 6.82
N LYS A 48 17.33 4.64 5.79
CA LYS A 48 17.91 5.98 5.85
C LYS A 48 17.20 6.84 6.87
N GLY A 49 15.98 6.44 7.24
CA GLY A 49 15.21 7.19 8.23
C GLY A 49 13.93 7.75 7.65
N LEU A 50 13.47 7.16 6.55
CA LEU A 50 12.25 7.60 5.90
C LEU A 50 11.02 6.98 6.54
N PRO A 51 9.98 7.80 6.78
CA PRO A 51 8.73 7.35 7.40
C PRO A 51 7.93 6.43 6.49
N GLU A 52 7.21 5.50 7.09
CA GLU A 52 6.40 4.56 6.32
C GLU A 52 5.34 5.29 5.50
N GLU A 53 4.76 6.34 6.09
CA GLU A 53 3.74 7.12 5.40
C GLU A 53 4.27 7.66 4.08
N ALA A 54 5.54 8.02 4.05
CA ALA A 54 6.16 8.55 2.85
C ALA A 54 6.41 7.44 1.83
N LEU A 55 6.98 6.33 2.30
CA LEU A 55 7.28 5.21 1.43
C LEU A 55 6.01 4.69 0.76
N TYR A 56 4.93 4.61 1.52
CA TYR A 56 3.66 4.13 1.00
C TYR A 56 2.99 5.18 0.12
N ARG A 57 3.10 6.44 0.54
CA ARG A 57 2.50 7.54 -0.21
C ARG A 57 3.06 7.58 -1.64
N ALA A 58 4.35 7.31 -1.77
CA ALA A 58 5.00 7.31 -3.08
C ALA A 58 4.51 6.17 -3.94
N LEU A 59 4.33 5.00 -3.33
CA LEU A 59 3.86 3.82 -4.05
C LEU A 59 2.49 4.07 -4.67
N ALA A 60 1.66 4.83 -3.97
CA ALA A 60 0.32 5.15 -4.46
C ALA A 60 0.38 6.06 -5.67
N GLU A 61 1.42 6.90 -5.73
CA GLU A 61 1.59 7.82 -6.84
C GLU A 61 2.15 7.11 -8.06
N GLN A 62 3.05 6.16 -7.82
CA GLN A 62 3.66 5.40 -8.91
C GLN A 62 2.72 4.31 -9.41
N LYS A 63 2.04 3.64 -8.49
CA LYS A 63 1.10 2.59 -8.84
C LYS A 63 -0.29 3.16 -9.09
N GLY A 64 -0.47 4.43 -8.76
CA GLY A 64 -1.76 5.06 -8.95
C GLY A 64 -2.82 4.53 -8.01
N LEU A 65 -2.42 4.15 -6.81
CA LEU A 65 -3.34 3.61 -5.82
C LEU A 65 -3.94 4.74 -4.97
N GLU A 66 -5.04 4.43 -4.29
CA GLU A 66 -5.71 5.41 -3.44
C GLU A 66 -5.29 5.24 -1.98
N PHE A 67 -4.50 6.20 -1.48
CA PHE A 67 -4.03 6.15 -0.11
C PHE A 67 -5.14 6.58 0.86
N LEU A 68 -5.14 5.98 2.04
CA LEU A 68 -6.15 6.29 3.05
C LEU A 68 -5.55 7.18 4.15
N GLU A 69 -6.20 8.32 4.40
CA GLU A 69 -5.74 9.25 5.42
C GLU A 69 -5.69 8.58 6.78
N SER A 70 -6.52 7.55 6.97
CA SER A 70 -6.57 6.82 8.23
C SER A 70 -7.43 5.58 8.10
N THR A 71 -7.61 4.87 9.22
CA THR A 71 -8.40 3.66 9.24
C THR A 71 -9.56 3.77 10.23
N GLU A 72 -9.31 4.45 11.35
CA GLU A 72 -10.32 4.62 12.38
C GLU A 72 -11.61 5.19 11.78
N GLY A 73 -11.45 6.07 10.78
CA GLY A 73 -12.60 6.67 10.14
C GLY A 73 -13.39 5.68 9.29
N ILE A 74 -12.67 4.76 8.65
CA ILE A 74 -13.30 3.76 7.81
C ILE A 74 -14.42 3.03 8.54
N VAL A 75 -15.48 2.71 7.82
CA VAL A 75 -16.62 2.01 8.41
C VAL A 75 -16.73 0.59 7.88
N PRO A 76 -16.22 -0.38 8.66
CA PRO A 76 -16.25 -1.79 8.29
C PRO A 76 -17.66 -2.37 8.32
N ASP A 77 -17.85 -3.49 7.64
CA ASP A 77 -19.16 -4.15 7.58
C ASP A 77 -18.99 -5.66 7.49
N PRO A 78 -20.06 -6.40 7.85
CA PRO A 78 -20.07 -7.86 7.82
C PRO A 78 -20.05 -8.41 6.41
N SER A 79 -20.90 -7.85 5.55
CA SER A 79 -21.00 -8.29 4.16
C SER A 79 -19.62 -8.27 3.50
N ALA A 80 -18.82 -7.26 3.84
CA ALA A 80 -17.48 -7.13 3.28
C ALA A 80 -16.54 -8.18 3.84
N ALA A 81 -16.66 -8.45 5.15
CA ALA A 81 -15.82 -9.43 5.81
C ALA A 81 -15.97 -10.80 5.15
N LEU A 82 -17.07 -10.99 4.43
CA LEU A 82 -17.33 -12.26 3.75
C LEU A 82 -16.40 -12.44 2.55
N LEU A 83 -15.96 -11.32 1.98
CA LEU A 83 -15.08 -11.35 0.83
C LEU A 83 -13.78 -12.09 1.16
N LEU A 84 -13.10 -11.64 2.20
CA LEU A 84 -11.84 -12.26 2.61
C LEU A 84 -11.87 -12.60 4.11
N LEU A 85 -11.12 -13.61 4.50
CA LEU A 85 -11.06 -14.03 5.90
C LEU A 85 -9.88 -13.38 6.60
N ARG A 86 -9.79 -13.58 7.91
CA ARG A 86 -8.70 -13.02 8.71
C ARG A 86 -7.35 -13.52 8.22
N SER A 87 -7.21 -14.83 8.12
CA SER A 87 -5.96 -15.45 7.67
C SER A 87 -5.78 -15.25 6.17
N ASP A 88 -6.86 -15.41 5.41
CA ASP A 88 -6.83 -15.24 3.97
C ASP A 88 -6.42 -13.83 3.59
N ALA A 89 -6.81 -12.86 4.41
CA ALA A 89 -6.49 -11.46 4.16
C ALA A 89 -4.97 -11.24 4.16
N LEU A 90 -4.27 -12.03 4.96
CA LEU A 90 -2.81 -11.91 5.05
C LEU A 90 -2.15 -12.60 3.87
N ARG A 91 -2.83 -13.58 3.31
CA ARG A 91 -2.30 -14.32 2.16
C ARG A 91 -1.95 -13.38 1.01
N TYR A 92 -2.81 -12.40 0.78
CA TYR A 92 -2.60 -11.43 -0.29
C TYR A 92 -2.33 -10.04 0.28
N GLY A 93 -2.61 -9.88 1.56
CA GLY A 93 -2.39 -8.59 2.21
C GLY A 93 -3.49 -7.60 1.91
N ALA A 94 -4.73 -8.08 1.87
CA ALA A 94 -5.88 -7.22 1.60
C ALA A 94 -7.01 -7.47 2.60
N VAL A 95 -7.80 -6.43 2.85
CA VAL A 95 -8.92 -6.54 3.78
C VAL A 95 -10.10 -5.69 3.32
N PRO A 96 -11.27 -6.32 3.19
CA PRO A 96 -12.49 -5.65 2.77
C PRO A 96 -13.02 -4.68 3.82
N ILE A 97 -14.09 -3.97 3.49
CA ILE A 97 -14.70 -3.02 4.40
C ILE A 97 -16.13 -2.70 4.00
N GLY A 98 -16.33 -2.46 2.71
CA GLY A 98 -17.67 -2.14 2.21
C GLY A 98 -17.69 -1.95 0.70
N PHE A 99 -18.89 -1.84 0.15
CA PHE A 99 -19.05 -1.66 -1.29
C PHE A 99 -19.32 -0.19 -1.63
N GLN A 100 -18.79 0.24 -2.77
CA GLN A 100 -18.97 1.62 -3.20
C GLN A 100 -19.15 1.70 -4.72
N ASN A 101 -20.29 2.24 -5.14
CA ASN A 101 -20.59 2.37 -6.56
C ASN A 101 -20.71 1.00 -7.21
N GLY A 102 -21.14 0.01 -6.44
CA GLY A 102 -21.30 -1.33 -6.96
C GLY A 102 -20.01 -2.13 -6.89
N GLU A 103 -18.91 -1.46 -6.53
CA GLU A 103 -17.62 -2.13 -6.43
C GLU A 103 -17.32 -2.51 -4.99
N VAL A 104 -16.33 -3.39 -4.81
CA VAL A 104 -15.95 -3.85 -3.48
C VAL A 104 -14.68 -3.13 -3.00
N GLU A 105 -14.80 -2.42 -1.89
CA GLU A 105 -13.66 -1.69 -1.33
C GLU A 105 -12.79 -2.61 -0.50
N VAL A 106 -11.54 -2.77 -0.92
CA VAL A 106 -10.59 -3.62 -0.21
C VAL A 106 -9.27 -2.91 0.02
N VAL A 107 -8.92 -2.70 1.29
CA VAL A 107 -7.67 -2.03 1.64
C VAL A 107 -6.53 -3.03 1.79
N LEU A 108 -5.49 -2.84 0.99
CA LEU A 108 -4.33 -3.72 1.04
C LEU A 108 -3.04 -2.93 1.24
N SER A 109 -2.08 -3.54 1.94
CA SER A 109 -0.81 -2.89 2.21
C SER A 109 0.24 -3.29 1.18
N ASP A 110 -0.19 -3.48 -0.06
CA ASP A 110 0.71 -3.87 -1.14
C ASP A 110 0.14 -3.44 -2.49
N PRO A 111 0.46 -2.20 -2.90
CA PRO A 111 -0.01 -1.66 -4.18
C PRO A 111 0.66 -2.33 -5.38
N ARG A 112 1.83 -2.90 -5.15
CA ARG A 112 2.58 -3.57 -6.21
C ARG A 112 1.81 -4.80 -6.70
N HIS A 113 1.17 -5.51 -5.78
CA HIS A 113 0.41 -6.71 -6.12
C HIS A 113 -1.06 -6.37 -6.32
N LYS A 114 -1.39 -5.09 -6.23
CA LYS A 114 -2.76 -4.64 -6.41
C LYS A 114 -3.38 -5.22 -7.67
N GLU A 115 -2.59 -5.27 -8.74
CA GLU A 115 -3.05 -5.82 -10.01
C GLU A 115 -3.16 -7.35 -9.95
N ALA A 116 -2.27 -7.96 -9.17
CA ALA A 116 -2.27 -9.41 -9.02
C ALA A 116 -3.64 -9.92 -8.58
N VAL A 117 -4.17 -9.32 -7.52
CA VAL A 117 -5.47 -9.71 -6.99
C VAL A 117 -6.60 -9.14 -7.84
N ALA A 118 -6.46 -7.87 -8.23
CA ALA A 118 -7.47 -7.20 -9.04
C ALA A 118 -7.82 -8.03 -10.26
N GLN A 119 -6.80 -8.63 -10.88
CA GLN A 119 -7.01 -9.46 -12.06
C GLN A 119 -7.58 -10.82 -11.70
N LEU A 120 -7.26 -11.28 -10.49
CA LEU A 120 -7.75 -12.58 -10.01
C LEU A 120 -9.23 -12.50 -9.65
N LEU A 121 -9.63 -11.38 -9.06
CA LEU A 121 -11.01 -11.17 -8.66
C LEU A 121 -11.93 -11.13 -9.88
N ASN A 122 -11.48 -10.47 -10.93
CA ASN A 122 -12.25 -10.34 -12.16
C ASN A 122 -13.55 -9.57 -11.91
N ARG A 123 -13.49 -8.62 -11.00
CA ARG A 123 -14.66 -7.81 -10.67
C ARG A 123 -14.24 -6.39 -10.25
N PRO A 124 -15.19 -5.45 -10.33
CA PRO A 124 -14.95 -4.05 -9.97
C PRO A 124 -14.76 -3.86 -8.46
N ALA A 125 -13.55 -3.47 -8.08
CA ALA A 125 -13.23 -3.25 -6.67
C ALA A 125 -12.23 -2.11 -6.50
N ARG A 126 -12.42 -1.32 -5.46
CA ARG A 126 -11.53 -0.19 -5.18
C ARG A 126 -10.41 -0.60 -4.25
N PHE A 127 -9.18 -0.55 -4.75
CA PHE A 127 -8.01 -0.92 -3.95
C PHE A 127 -7.33 0.32 -3.37
N TYR A 128 -7.14 0.32 -2.06
CA TYR A 128 -6.52 1.46 -1.38
C TYR A 128 -5.18 1.03 -0.76
N LEU A 129 -4.35 2.02 -0.44
CA LEU A 129 -3.05 1.76 0.16
C LEU A 129 -2.92 2.47 1.50
N ALA A 130 -3.01 1.70 2.58
CA ALA A 130 -2.89 2.25 3.92
C ALA A 130 -1.64 1.72 4.64
N LEU A 131 -1.13 2.50 5.58
CA LEU A 131 0.06 2.11 6.34
C LEU A 131 -0.10 0.70 6.92
N PRO A 132 1.02 0.07 7.25
CA PRO A 132 1.03 -1.29 7.83
C PRO A 132 0.49 -1.31 9.25
N GLN A 133 0.66 -0.20 9.96
CA GLN A 133 0.20 -0.09 11.34
C GLN A 133 -1.32 0.10 11.39
N ALA A 134 -1.83 0.90 10.45
CA ALA A 134 -3.27 1.16 10.39
C ALA A 134 -4.00 0.04 9.68
N TRP A 135 -3.31 -0.59 8.72
CA TRP A 135 -3.91 -1.68 7.95
C TRP A 135 -4.00 -2.95 8.79
N GLU A 136 -3.02 -3.13 9.67
CA GLU A 136 -2.99 -4.31 10.54
C GLU A 136 -4.12 -4.26 11.57
N GLU A 137 -4.27 -3.12 12.22
CA GLU A 137 -5.31 -2.94 13.23
C GLU A 137 -6.70 -2.97 12.59
N LEU A 138 -6.77 -2.54 11.33
CA LEU A 138 -8.04 -2.52 10.60
C LEU A 138 -8.69 -3.90 10.61
N PHE A 139 -7.86 -4.94 10.71
CA PHE A 139 -8.36 -6.31 10.73
C PHE A 139 -9.44 -6.49 11.80
N ARG A 140 -9.24 -5.86 12.93
CA ARG A 140 -10.19 -5.95 14.04
C ARG A 140 -11.49 -5.21 13.70
N ARG A 141 -11.39 -4.22 12.83
CA ARG A 141 -12.55 -3.44 12.43
C ARG A 141 -13.38 -4.20 11.40
N ALA A 142 -12.72 -4.72 10.37
CA ALA A 142 -13.39 -5.48 9.33
C ALA A 142 -13.83 -6.84 9.84
N TYR A 143 -13.03 -7.42 10.73
CA TYR A 143 -13.33 -8.74 11.29
C TYR A 143 -13.64 -8.63 12.79
N PRO A 144 -14.84 -8.11 13.10
CA PRO A 144 -15.28 -7.95 14.49
C PRO A 144 -15.57 -9.28 15.16
N GLN A 145 -15.28 -9.36 16.47
CA GLN A 145 -15.50 -10.57 17.23
C GLN A 145 -16.95 -11.05 17.09
N LYS A 146 -17.16 -12.36 17.23
CA LYS A 146 -18.49 -12.93 17.12
C LYS A 146 -19.17 -12.50 15.82
P 5GP B . 10.03 1.19 -9.97
O1P 5GP B . 9.57 0.48 -11.18
O3P 5GP B . 10.10 2.68 -9.98
O5' 5GP B . 11.47 0.64 -9.65
C5' 5GP B . 12.16 -0.22 -10.55
C4' 5GP B . 13.64 -0.20 -10.25
O4' 5GP B . 14.20 0.97 -10.82
C3' 5GP B . 14.03 -0.13 -8.79
O3' 5GP B . 14.03 -1.41 -8.17
C2' 5GP B . 15.43 0.44 -8.88
O2' 5GP B . 16.41 -0.52 -9.26
C1' 5GP B . 15.26 1.44 -10.01
N9 5GP B . 14.90 2.74 -9.46
C8 5GP B . 13.79 3.06 -8.71
N7 5GP B . 13.80 4.31 -8.29
C5 5GP B . 14.99 4.82 -8.81
C6 5GP B . 15.55 6.12 -8.68
O6 5GP B . 15.11 7.11 -8.08
N1 5GP B . 16.78 6.21 -9.35
C2 5GP B . 17.37 5.18 -10.04
N2 5GP B . 18.54 5.45 -10.60
N3 5GP B . 16.84 3.98 -10.18
C4 5GP B . 15.66 3.87 -9.53
H5'1 5GP B . 11.78 -1.23 -10.45
H5'2 5GP B . 11.99 0.14 -11.57
H4' 5GP B . 13.99 -1.15 -10.67
H3' 5GP B . 13.34 0.47 -8.17
H2' 5GP B . 15.79 0.82 -7.92
HO2' 5GP B . 16.48 -1.19 -8.58
H1' 5GP B . 16.18 1.55 -10.59
H8 5GP B . 12.98 2.37 -8.49
HN1 5GP B . 17.26 7.09 -9.31
HN21 5GP B . 18.95 6.36 -10.51
HN22 5GP B . 19.03 4.73 -11.13
P 5GP C . 12.80 -1.83 -7.20
O1P 5GP C . 12.69 -3.31 -7.22
O3P 5GP C . 12.92 -1.12 -5.90
O5' 5GP C . 11.51 -1.27 -7.94
C5' 5GP C . 10.45 -2.13 -8.32
C4' 5GP C . 9.12 -1.49 -8.01
O4' 5GP C . 8.69 -2.15 -6.81
C3' 5GP C . 9.17 -0.03 -7.57
O3' 5GP C . 9.16 0.84 -8.69
C2' 5GP C . 7.89 0.07 -6.77
O2' 5GP C . 6.72 0.15 -7.56
C1' 5GP C . 7.90 -1.26 -6.03
N9 5GP C . 8.53 -1.08 -4.73
C8 5GP C . 9.80 -0.63 -4.44
N7 5GP C . 10.02 -0.52 -3.16
C5 5GP C . 8.84 -0.93 -2.57
C6 5GP C . 8.47 -1.02 -1.20
O6 5GP C . 9.15 -0.76 -0.20
N1 5GP C . 7.17 -1.47 -1.04
C2 5GP C . 6.32 -1.81 -2.08
N2 5GP C . 5.10 -2.21 -1.74
N3 5GP C . 6.66 -1.74 -3.36
C4 5GP C . 7.92 -1.29 -3.52
H5'1 5GP C . 10.51 -2.33 -9.40
H5'2 5GP C . 10.54 -3.08 -7.79
H4' 5GP C . 8.58 -1.57 -8.95
H3' 5GP C . 10.08 0.24 -7.03
H2' 5GP C . 7.87 0.98 -6.16
HO2' 5GP C . 6.69 1.01 -8.00
H1' 5GP C . 6.89 -1.64 -5.89
H8 5GP C . 10.54 -0.39 -5.21
HN1 5GP C . 6.81 -1.55 -0.10
HN21 5GP C . 4.83 -2.26 -0.77
HN22 5GP C . 4.44 -2.46 -2.46
N GLY A 1 2.23 12.68 -17.27
CA GLY A 1 1.47 13.77 -17.86
C GLY A 1 1.13 14.85 -16.84
N SER A 2 0.31 14.48 -15.86
CA SER A 2 -0.10 15.43 -14.81
C SER A 2 1.06 15.71 -13.86
N SER A 3 1.75 16.82 -14.10
CA SER A 3 2.88 17.21 -13.27
C SER A 3 2.44 17.41 -11.82
N GLY A 4 3.39 17.79 -10.97
CA GLY A 4 3.08 18.00 -9.57
C GLY A 4 3.67 19.29 -9.04
N GLU A 5 4.15 19.26 -7.80
CA GLU A 5 4.72 20.45 -7.17
C GLU A 5 6.25 20.32 -7.11
N GLY A 6 6.84 19.82 -8.18
CA GLY A 6 8.29 19.66 -8.22
C GLY A 6 8.71 18.21 -8.16
N GLN A 7 7.95 17.40 -7.42
CA GLN A 7 8.27 15.99 -7.29
C GLN A 7 8.41 15.32 -8.65
N LYS A 8 9.00 14.13 -8.67
CA LYS A 8 9.20 13.39 -9.91
C LYS A 8 8.87 11.91 -9.71
N ASP A 9 7.93 11.42 -10.51
CA ASP A 9 7.53 10.02 -10.43
C ASP A 9 8.28 9.17 -11.44
N LEU A 10 9.43 9.69 -11.90
CA LEU A 10 10.26 8.98 -12.87
C LEU A 10 10.62 7.59 -12.36
N LYS A 11 11.00 7.51 -11.08
CA LYS A 11 11.38 6.25 -10.47
C LYS A 11 11.03 6.23 -8.99
N LEU A 12 10.98 5.05 -8.40
CA LEU A 12 10.67 4.90 -6.98
C LEU A 12 11.69 5.64 -6.12
N GLY A 13 12.96 5.30 -6.29
CA GLY A 13 14.01 5.94 -5.53
C GLY A 13 14.00 7.44 -5.67
N GLU A 14 13.75 7.92 -6.89
CA GLU A 14 13.71 9.35 -7.16
C GLU A 14 12.53 10.01 -6.44
N LEU A 15 11.38 9.35 -6.46
CA LEU A 15 10.18 9.86 -5.81
C LEU A 15 10.47 10.25 -4.37
N LEU A 16 11.18 9.38 -3.66
CA LEU A 16 11.52 9.64 -2.26
C LEU A 16 12.60 10.70 -2.15
N LEU A 17 13.52 10.71 -3.11
CA LEU A 17 14.60 11.69 -3.13
C LEU A 17 14.05 13.11 -3.17
N GLN A 18 13.08 13.34 -4.06
CA GLN A 18 12.47 14.65 -4.21
C GLN A 18 11.94 15.15 -2.87
N LYS A 19 11.36 14.25 -2.08
CA LYS A 19 10.81 14.60 -0.78
C LYS A 19 11.93 14.82 0.23
N GLY A 20 13.07 14.17 0.00
CA GLY A 20 14.19 14.31 0.91
C GLY A 20 14.14 13.33 2.06
N TRP A 21 13.53 12.17 1.81
CA TRP A 21 13.41 11.14 2.84
C TRP A 21 14.71 10.35 2.98
N ILE A 22 15.36 10.09 1.85
CA ILE A 22 16.61 9.34 1.85
C ILE A 22 17.72 10.14 1.17
N SER A 23 18.92 10.09 1.74
CA SER A 23 20.06 10.81 1.18
C SER A 23 20.37 10.33 -0.23
N ARG A 24 20.97 11.22 -1.03
CA ARG A 24 21.31 10.90 -2.41
C ARG A 24 22.10 9.59 -2.48
N GLU A 25 23.02 9.41 -1.53
CA GLU A 25 23.83 8.21 -1.49
C GLU A 25 23.01 6.99 -1.08
N ALA A 26 22.01 7.21 -0.22
CA ALA A 26 21.15 6.14 0.25
C ALA A 26 20.49 5.42 -0.92
N LEU A 27 20.07 6.19 -1.93
CA LEU A 27 19.42 5.62 -3.10
C LEU A 27 20.36 4.68 -3.84
N GLU A 28 21.57 5.16 -4.15
CA GLU A 28 22.56 4.36 -4.85
C GLU A 28 22.91 3.10 -4.05
N GLU A 29 23.00 3.24 -2.73
CA GLU A 29 23.32 2.12 -1.87
C GLU A 29 22.27 1.03 -1.97
N ALA A 30 21.00 1.42 -1.85
CA ALA A 30 19.90 0.47 -1.94
C ALA A 30 19.83 -0.16 -3.33
N LEU A 31 20.09 0.65 -4.36
CA LEU A 31 20.05 0.17 -5.73
C LEU A 31 21.12 -0.89 -5.97
N VAL A 32 22.36 -0.55 -5.63
CA VAL A 32 23.47 -1.47 -5.80
C VAL A 32 23.24 -2.77 -5.03
N GLU A 33 22.61 -2.65 -3.88
CA GLU A 33 22.33 -3.82 -3.03
C GLU A 33 21.29 -4.72 -3.70
N GLN A 34 20.42 -4.12 -4.50
CA GLN A 34 19.38 -4.87 -5.18
C GLN A 34 19.97 -5.72 -6.31
N GLU A 35 21.11 -5.30 -6.83
CA GLU A 35 21.78 -6.02 -7.90
C GLU A 35 22.53 -7.24 -7.36
N LYS A 36 22.88 -7.18 -6.09
CA LYS A 36 23.60 -8.28 -5.43
C LYS A 36 22.64 -9.15 -4.63
N THR A 37 21.59 -8.54 -4.10
CA THR A 37 20.60 -9.27 -3.31
C THR A 37 19.41 -9.68 -4.16
N GLY A 38 19.04 -8.83 -5.11
CA GLY A 38 17.92 -9.12 -5.98
C GLY A 38 16.59 -8.90 -5.30
N ASP A 39 16.57 -8.01 -4.31
CA ASP A 39 15.34 -7.70 -3.57
C ASP A 39 14.72 -6.42 -4.09
N LEU A 40 13.64 -5.98 -3.43
CA LEU A 40 12.94 -4.76 -3.83
C LEU A 40 13.69 -3.52 -3.34
N LEU A 41 13.84 -2.55 -4.24
CA LEU A 41 14.54 -1.31 -3.90
C LEU A 41 13.95 -0.67 -2.65
N GLY A 42 12.64 -0.84 -2.47
CA GLY A 42 11.98 -0.28 -1.32
C GLY A 42 12.34 -0.99 -0.02
N ARG A 43 12.14 -2.31 0.00
CA ARG A 43 12.46 -3.11 1.18
C ARG A 43 13.96 -3.07 1.47
N ILE A 44 14.77 -3.01 0.42
CA ILE A 44 16.21 -2.97 0.55
C ILE A 44 16.69 -1.60 1.04
N LEU A 45 15.96 -0.57 0.65
CA LEU A 45 16.29 0.80 1.03
C LEU A 45 16.01 1.03 2.52
N VAL A 46 14.99 0.36 3.03
CA VAL A 46 14.62 0.49 4.44
C VAL A 46 15.80 0.22 5.35
N ARG A 47 16.71 -0.64 4.90
CA ARG A 47 17.88 -0.99 5.67
C ARG A 47 18.69 0.25 6.03
N LYS A 48 18.62 1.27 5.18
CA LYS A 48 19.34 2.51 5.40
C LYS A 48 18.79 3.23 6.63
N GLY A 49 17.57 2.88 7.04
CA GLY A 49 16.97 3.50 8.19
C GLY A 49 15.70 4.26 7.84
N LEU A 50 15.09 3.92 6.71
CA LEU A 50 13.87 4.56 6.27
C LEU A 50 12.64 3.94 6.92
N PRO A 51 11.72 4.79 7.38
CA PRO A 51 10.49 4.35 8.04
C PRO A 51 9.52 3.68 7.07
N GLU A 52 8.81 2.65 7.55
CA GLU A 52 7.86 1.93 6.73
C GLU A 52 6.83 2.89 6.10
N GLU A 53 6.34 3.82 6.91
CA GLU A 53 5.36 4.79 6.45
C GLU A 53 5.85 5.50 5.19
N ALA A 54 7.16 5.75 5.12
CA ALA A 54 7.75 6.42 3.97
C ALA A 54 7.81 5.49 2.76
N LEU A 55 8.28 4.26 2.99
CA LEU A 55 8.39 3.27 1.93
C LEU A 55 7.03 3.00 1.30
N TYR A 56 6.01 2.89 2.15
CA TYR A 56 4.65 2.61 1.67
C TYR A 56 4.04 3.86 1.04
N ARG A 57 4.28 5.01 1.66
CA ARG A 57 3.75 6.28 1.15
C ARG A 57 4.16 6.50 -0.30
N ALA A 58 5.43 6.21 -0.59
CA ALA A 58 5.95 6.37 -1.95
C ALA A 58 5.27 5.41 -2.92
N LEU A 59 5.07 4.18 -2.47
CA LEU A 59 4.44 3.16 -3.29
C LEU A 59 3.06 3.61 -3.77
N ALA A 60 2.36 4.36 -2.92
CA ALA A 60 1.04 4.86 -3.25
C ALA A 60 1.12 5.94 -4.31
N GLU A 61 2.22 6.70 -4.30
CA GLU A 61 2.41 7.77 -5.27
C GLU A 61 2.79 7.21 -6.64
N GLN A 62 3.66 6.20 -6.63
CA GLN A 62 4.11 5.58 -7.87
C GLN A 62 3.05 4.64 -8.42
N LYS A 63 2.42 3.88 -7.54
CA LYS A 63 1.39 2.94 -7.94
C LYS A 63 0.03 3.63 -8.03
N GLY A 64 -0.04 4.86 -7.53
CA GLY A 64 -1.29 5.61 -7.56
C GLY A 64 -2.34 5.02 -6.65
N LEU A 65 -1.90 4.44 -5.53
CA LEU A 65 -2.81 3.84 -4.57
C LEU A 65 -3.26 4.86 -3.53
N GLU A 66 -4.28 4.50 -2.76
CA GLU A 66 -4.80 5.39 -1.73
C GLU A 66 -4.32 4.95 -0.34
N PHE A 67 -3.43 5.75 0.24
CA PHE A 67 -2.89 5.44 1.56
C PHE A 67 -3.90 5.80 2.66
N LEU A 68 -3.88 5.03 3.73
CA LEU A 68 -4.79 5.26 4.86
C LEU A 68 -4.07 5.95 6.01
N GLU A 69 -4.61 7.08 6.44
CA GLU A 69 -4.01 7.83 7.55
C GLU A 69 -3.91 6.96 8.79
N SER A 70 -4.79 5.98 8.91
CA SER A 70 -4.80 5.09 10.06
C SER A 70 -5.75 3.91 9.82
N THR A 71 -5.90 3.06 10.84
CA THR A 71 -6.78 1.90 10.75
C THR A 71 -7.86 1.96 11.82
N GLU A 72 -7.51 2.46 12.99
CA GLU A 72 -8.46 2.57 14.10
C GLU A 72 -9.72 3.30 13.66
N GLY A 73 -9.54 4.30 12.80
CA GLY A 73 -10.69 5.07 12.31
C GLY A 73 -11.57 4.27 11.38
N ILE A 74 -10.96 3.40 10.58
CA ILE A 74 -11.70 2.57 9.64
C ILE A 74 -12.85 1.83 10.34
N VAL A 75 -13.99 1.77 9.66
CA VAL A 75 -15.16 1.08 10.22
C VAL A 75 -15.44 -0.21 9.47
N PRO A 76 -14.98 -1.34 10.04
CA PRO A 76 -15.18 -2.67 9.44
C PRO A 76 -16.64 -3.11 9.49
N ASP A 77 -16.98 -4.10 8.66
CA ASP A 77 -18.33 -4.62 8.61
C ASP A 77 -18.34 -6.10 8.27
N PRO A 78 -19.45 -6.78 8.59
CA PRO A 78 -19.60 -8.22 8.33
C PRO A 78 -19.72 -8.52 6.84
N SER A 79 -20.57 -7.76 6.14
CA SER A 79 -20.78 -7.95 4.72
C SER A 79 -19.46 -7.93 3.97
N ALA A 80 -18.58 -7.00 4.33
CA ALA A 80 -17.27 -6.89 3.69
C ALA A 80 -16.39 -8.08 4.03
N ALA A 81 -16.46 -8.53 5.28
CA ALA A 81 -15.66 -9.66 5.73
C ALA A 81 -15.98 -10.91 4.91
N LEU A 82 -17.12 -10.91 4.25
CA LEU A 82 -17.54 -12.03 3.44
C LEU A 82 -16.71 -12.12 2.16
N LEU A 83 -16.19 -10.98 1.72
CA LEU A 83 -15.37 -10.92 0.51
C LEU A 83 -14.16 -11.83 0.63
N LEU A 84 -13.37 -11.62 1.68
CA LEU A 84 -12.17 -12.43 1.91
C LEU A 84 -12.15 -12.97 3.34
N LEU A 85 -11.48 -14.11 3.52
CA LEU A 85 -11.38 -14.74 4.83
C LEU A 85 -10.10 -14.32 5.54
N ARG A 86 -9.94 -14.77 6.78
CA ARG A 86 -8.76 -14.44 7.57
C ARG A 86 -7.49 -14.97 6.90
N SER A 87 -7.50 -16.26 6.59
CA SER A 87 -6.35 -16.89 5.96
C SER A 87 -6.24 -16.48 4.49
N ASP A 88 -7.39 -16.40 3.81
CA ASP A 88 -7.43 -16.02 2.41
C ASP A 88 -6.90 -14.59 2.23
N ALA A 89 -7.15 -13.74 3.22
CA ALA A 89 -6.71 -12.35 3.17
C ALA A 89 -5.18 -12.27 3.08
N LEU A 90 -4.50 -13.24 3.70
CA LEU A 90 -3.05 -13.27 3.69
C LEU A 90 -2.52 -13.81 2.36
N ARG A 91 -3.34 -14.62 1.70
CA ARG A 91 -2.95 -15.20 0.41
C ARG A 91 -2.58 -14.12 -0.59
N TYR A 92 -3.36 -13.03 -0.59
CA TYR A 92 -3.11 -11.92 -1.51
C TYR A 92 -2.67 -10.68 -0.75
N GLY A 93 -2.85 -10.71 0.57
CA GLY A 93 -2.46 -9.58 1.39
C GLY A 93 -3.48 -8.45 1.34
N ALA A 94 -4.76 -8.81 1.30
CA ALA A 94 -5.82 -7.82 1.25
C ALA A 94 -6.90 -8.13 2.29
N VAL A 95 -7.57 -7.09 2.77
CA VAL A 95 -8.63 -7.26 3.76
C VAL A 95 -9.76 -6.25 3.52
N PRO A 96 -11.00 -6.78 3.40
CA PRO A 96 -12.18 -5.94 3.17
C PRO A 96 -12.55 -5.11 4.40
N ILE A 97 -13.55 -4.25 4.24
CA ILE A 97 -14.00 -3.40 5.33
C ILE A 97 -15.42 -2.90 5.09
N GLY A 98 -15.67 -2.43 3.86
CA GLY A 98 -16.98 -1.92 3.52
C GLY A 98 -17.12 -1.65 2.03
N PHE A 99 -18.23 -1.01 1.65
CA PHE A 99 -18.47 -0.69 0.25
C PHE A 99 -18.84 0.79 0.10
N GLN A 100 -18.32 1.41 -0.95
CA GLN A 100 -18.58 2.82 -1.23
C GLN A 100 -18.69 3.08 -2.73
N ASN A 101 -19.74 3.79 -3.13
CA ASN A 101 -19.97 4.10 -4.53
C ASN A 101 -20.20 2.83 -5.34
N GLY A 102 -20.86 1.86 -4.73
CA GLY A 102 -21.14 0.61 -5.41
C GLY A 102 -19.90 -0.22 -5.63
N GLU A 103 -18.83 0.10 -4.90
CA GLU A 103 -17.57 -0.62 -5.02
C GLU A 103 -17.20 -1.30 -3.71
N VAL A 104 -16.26 -2.24 -3.78
CA VAL A 104 -15.81 -2.96 -2.60
C VAL A 104 -14.48 -2.41 -2.08
N GLU A 105 -14.48 -1.95 -0.84
CA GLU A 105 -13.27 -1.40 -0.24
C GLU A 105 -12.42 -2.51 0.38
N VAL A 106 -11.20 -2.66 -0.14
CA VAL A 106 -10.28 -3.68 0.35
C VAL A 106 -8.89 -3.09 0.59
N VAL A 107 -8.45 -3.13 1.84
CA VAL A 107 -7.14 -2.61 2.20
C VAL A 107 -6.07 -3.70 2.13
N LEU A 108 -5.06 -3.48 1.30
CA LEU A 108 -3.98 -4.45 1.13
C LEU A 108 -2.62 -3.79 1.39
N SER A 109 -1.68 -4.59 1.88
CA SER A 109 -0.35 -4.09 2.18
C SER A 109 0.62 -4.39 1.02
N ASP A 110 0.10 -4.34 -0.19
CA ASP A 110 0.90 -4.60 -1.38
C ASP A 110 0.28 -3.95 -2.62
N PRO A 111 0.66 -2.69 -2.87
CA PRO A 111 0.16 -1.93 -4.02
C PRO A 111 0.69 -2.46 -5.34
N ARG A 112 1.83 -3.14 -5.29
CA ARG A 112 2.45 -3.70 -6.48
C ARG A 112 1.55 -4.77 -7.11
N HIS A 113 0.88 -5.55 -6.27
CA HIS A 113 0.00 -6.60 -6.74
C HIS A 113 -1.46 -6.11 -6.78
N LYS A 114 -1.65 -4.84 -6.46
CA LYS A 114 -2.99 -4.24 -6.45
C LYS A 114 -3.73 -4.56 -7.74
N GLU A 115 -3.01 -4.50 -8.86
CA GLU A 115 -3.59 -4.79 -10.17
C GLU A 115 -3.85 -6.28 -10.34
N ALA A 116 -2.99 -7.09 -9.73
CA ALA A 116 -3.11 -8.54 -9.81
C ALA A 116 -4.49 -8.99 -9.36
N VAL A 117 -4.91 -8.54 -8.19
CA VAL A 117 -6.21 -8.90 -7.64
C VAL A 117 -7.33 -8.09 -8.30
N ALA A 118 -7.08 -6.79 -8.47
CA ALA A 118 -8.07 -5.91 -9.08
C ALA A 118 -8.56 -6.47 -10.41
N GLN A 119 -7.64 -7.05 -11.18
CA GLN A 119 -7.98 -7.62 -12.47
C GLN A 119 -8.67 -8.98 -12.29
N LEU A 120 -8.33 -9.67 -11.22
CA LEU A 120 -8.91 -10.98 -10.93
C LEU A 120 -10.35 -10.84 -10.44
N LEU A 121 -10.61 -9.79 -9.68
CA LEU A 121 -11.94 -9.54 -9.15
C LEU A 121 -12.93 -9.20 -10.27
N ASN A 122 -12.43 -8.49 -11.27
CA ASN A 122 -13.26 -8.10 -12.41
C ASN A 122 -14.45 -7.27 -11.95
N ARG A 123 -14.25 -6.47 -10.91
CA ARG A 123 -15.32 -5.63 -10.37
C ARG A 123 -14.74 -4.36 -9.75
N PRO A 124 -15.59 -3.34 -9.60
CA PRO A 124 -15.19 -2.05 -9.02
C PRO A 124 -14.90 -2.15 -7.53
N ALA A 125 -13.63 -1.95 -7.16
CA ALA A 125 -13.23 -2.02 -5.76
C ALA A 125 -12.13 -1.01 -5.47
N ARG A 126 -12.21 -0.38 -4.28
CA ARG A 126 -11.22 0.60 -3.88
C ARG A 126 -10.08 -0.05 -3.11
N PHE A 127 -8.87 0.01 -3.68
CA PHE A 127 -7.70 -0.58 -3.05
C PHE A 127 -6.88 0.49 -2.33
N TYR A 128 -6.63 0.27 -1.05
CA TYR A 128 -5.86 1.21 -0.24
C TYR A 128 -4.53 0.61 0.19
N LEU A 129 -3.60 1.46 0.59
CA LEU A 129 -2.29 1.00 1.03
C LEU A 129 -2.00 1.46 2.47
N ALA A 130 -2.07 0.51 3.40
CA ALA A 130 -1.82 0.82 4.80
C ALA A 130 -0.59 0.08 5.32
N LEU A 131 0.06 0.64 6.32
CA LEU A 131 1.26 0.04 6.90
C LEU A 131 1.00 -1.41 7.28
N PRO A 132 2.08 -2.20 7.40
CA PRO A 132 1.99 -3.62 7.77
C PRO A 132 1.56 -3.82 9.22
N GLN A 133 1.90 -2.84 10.07
CA GLN A 133 1.55 -2.92 11.48
C GLN A 133 0.07 -2.63 11.69
N ALA A 134 -0.45 -1.65 10.95
CA ALA A 134 -1.85 -1.28 11.04
C ALA A 134 -2.74 -2.21 10.22
N TRP A 135 -2.21 -2.68 9.09
CA TRP A 135 -2.96 -3.57 8.22
C TRP A 135 -3.13 -4.94 8.87
N GLU A 136 -2.11 -5.37 9.60
CA GLU A 136 -2.16 -6.67 10.29
C GLU A 136 -3.20 -6.66 11.39
N GLU A 137 -3.20 -5.61 12.21
CA GLU A 137 -4.14 -5.49 13.31
C GLU A 137 -5.57 -5.32 12.78
N LEU A 138 -5.69 -4.71 11.61
CA LEU A 138 -6.99 -4.49 10.99
C LEU A 138 -7.77 -5.79 10.85
N PHE A 139 -7.03 -6.89 10.74
CA PHE A 139 -7.65 -8.21 10.59
C PHE A 139 -8.66 -8.46 11.72
N ARG A 140 -8.32 -8.02 12.92
CA ARG A 140 -9.19 -8.19 14.07
C ARG A 140 -10.44 -7.31 13.95
N ARG A 141 -10.30 -6.21 13.24
CA ARG A 141 -11.41 -5.28 13.05
C ARG A 141 -12.37 -5.79 11.99
N ALA A 142 -11.83 -6.18 10.83
CA ALA A 142 -12.63 -6.70 9.74
C ALA A 142 -13.16 -8.10 10.05
N TYR A 143 -12.37 -8.87 10.79
CA TYR A 143 -12.75 -10.22 11.15
C TYR A 143 -12.97 -10.34 12.65
N PRO A 144 -14.10 -9.79 13.13
CA PRO A 144 -14.47 -9.83 14.54
C PRO A 144 -14.82 -11.23 15.02
N GLN A 145 -14.33 -11.60 16.19
CA GLN A 145 -14.60 -12.91 16.77
C GLN A 145 -16.05 -13.03 17.19
N LYS A 146 -16.54 -14.26 17.28
CA LYS A 146 -17.92 -14.52 17.68
C LYS A 146 -18.90 -13.81 16.75
P 5GP B . 10.07 1.32 -10.27
O1P 5GP B . 9.50 0.95 -11.59
O3P 5GP B . 10.28 2.75 -9.95
O5' 5GP B . 11.48 0.58 -10.18
C5' 5GP B . 12.00 -0.14 -11.28
C4' 5GP B . 13.49 -0.32 -11.10
O4' 5GP B . 14.13 0.86 -11.52
C3' 5GP B . 13.98 -0.55 -9.68
O3' 5GP B . 13.90 -1.92 -9.30
C2' 5GP B . 15.43 -0.10 -9.79
O2' 5GP B . 16.28 -1.05 -10.40
C1' 5GP B . 15.29 1.10 -10.72
N9 5GP B . 15.08 2.31 -9.92
C8 5GP B . 14.04 2.59 -9.05
N7 5GP B . 14.20 3.73 -8.44
C5 5GP B . 15.40 4.23 -8.94
C6 5GP B . 16.09 5.44 -8.63
O6 5GP B . 15.77 6.33 -7.85
N1 5GP B . 17.27 5.54 -9.36
C2 5GP B . 17.72 4.61 -10.27
N2 5GP B . 18.89 4.87 -10.87
N3 5GP B . 17.08 3.50 -10.57
C4 5GP B . 15.94 3.37 -9.87
H5'1 5GP B . 11.52 -1.12 -11.33
H5'2 5GP B . 11.81 0.41 -12.20
H4' 5GP B . 13.71 -1.20 -11.70
H3' 5GP B . 13.40 -0.02 -8.92
H2' 5GP B . 15.88 0.07 -8.82
HO2' 5GP B . 16.32 -1.84 -9.86
H1' 5GP B . 16.18 1.24 -11.34
H8 5GP B . 13.20 1.93 -8.90
HN1 5GP B . 17.84 6.36 -9.21
HN21 5GP B . 19.39 5.72 -10.65
HN22 5GP B . 19.27 4.21 -11.54
P 5GP C . 12.70 -2.39 -8.32
O1P 5GP C . 12.44 -3.83 -8.58
O3P 5GP C . 12.96 -1.93 -6.94
O5' 5GP C . 11.42 -1.62 -8.86
C5' 5GP C . 10.27 -2.32 -9.32
C4' 5GP C . 9.03 -1.65 -8.79
O4' 5GP C . 8.62 -2.46 -7.69
C3' 5GP C . 9.23 -0.29 -8.12
O3' 5GP C . 9.21 0.76 -9.07
C2' 5GP C . 8.01 -0.23 -7.22
O2' 5GP C . 6.80 0.06 -7.88
C1' 5GP C . 7.96 -1.67 -6.72
N9 5GP C . 8.67 -1.77 -5.44
C8 5GP C . 9.99 -1.46 -5.18
N7 5GP C . 10.30 -1.58 -3.92
C5 5GP C . 9.12 -2.01 -3.32
C6 5GP C . 8.83 -2.31 -1.97
O6 5GP C . 9.58 -2.27 -0.98
N1 5GP C . 7.51 -2.69 -1.79
C2 5GP C . 6.57 -2.78 -2.81
N2 5GP C . 5.34 -3.15 -2.45
N3 5GP C . 6.84 -2.53 -4.07
C4 5GP C . 8.12 -2.14 -4.25
H5'1 5GP C . 10.25 -2.31 -10.40
H5'2 5GP C . 10.31 -3.34 -8.96
H4' 5GP C . 8.41 -1.52 -9.67
H3' 5GP C . 10.17 -0.18 -7.61
H2' 5GP C . 8.10 0.56 -6.46
HO2' 5GP C . 6.74 1.01 -8.03
H1' 5GP C . 6.93 -2.00 -6.56
H8 5GP C . 10.70 -1.14 -5.94
HN1 5GP C . 7.20 -2.92 -0.86
HN21 5GP C . 5.13 -3.35 -1.48
HN22 5GP C . 4.62 -3.23 -3.15
N GLY A 1 -6.25 19.69 -11.16
CA GLY A 1 -5.15 18.94 -10.60
C GLY A 1 -4.13 18.52 -11.64
N SER A 2 -4.21 17.26 -12.06
CA SER A 2 -3.28 16.74 -13.06
C SER A 2 -1.84 16.82 -12.56
N SER A 3 -0.92 16.24 -13.34
CA SER A 3 0.49 16.24 -12.98
C SER A 3 1.19 17.49 -13.52
N GLY A 4 2.15 17.99 -12.76
CA GLY A 4 2.89 19.18 -13.18
C GLY A 4 3.36 20.01 -12.01
N GLU A 5 4.07 19.39 -11.09
CA GLU A 5 4.58 20.08 -9.91
C GLU A 5 6.04 19.70 -9.64
N GLY A 6 6.80 19.51 -10.71
CA GLY A 6 8.19 19.13 -10.56
C GLY A 6 8.37 17.71 -10.06
N GLN A 7 7.49 16.83 -10.50
CA GLN A 7 7.55 15.43 -10.10
C GLN A 7 7.77 14.52 -11.31
N LYS A 8 8.38 13.36 -11.07
CA LYS A 8 8.65 12.41 -12.13
C LYS A 8 8.35 10.98 -11.68
N ASP A 9 7.46 10.31 -12.40
CA ASP A 9 7.09 8.94 -12.07
C ASP A 9 7.92 7.94 -12.87
N LEU A 10 9.07 8.40 -13.36
CA LEU A 10 9.96 7.55 -14.13
C LEU A 10 10.38 6.32 -13.34
N LYS A 11 10.73 6.52 -12.08
CA LYS A 11 11.13 5.43 -11.20
C LYS A 11 10.65 5.66 -9.78
N LEU A 12 10.76 4.62 -8.95
CA LEU A 12 10.34 4.71 -7.55
C LEU A 12 11.20 5.70 -6.78
N GLY A 13 12.51 5.54 -6.89
CA GLY A 13 13.43 6.42 -6.20
C GLY A 13 13.26 7.87 -6.60
N GLU A 14 13.17 8.10 -7.91
CA GLU A 14 13.01 9.46 -8.43
C GLU A 14 11.76 10.12 -7.85
N LEU A 15 10.66 9.38 -7.84
CA LEU A 15 9.40 9.89 -7.30
C LEU A 15 9.60 10.50 -5.92
N LEU A 16 10.30 9.78 -5.06
CA LEU A 16 10.56 10.25 -3.69
C LEU A 16 11.53 11.42 -3.71
N LEU A 17 12.54 11.34 -4.57
CA LEU A 17 13.53 12.40 -4.68
C LEU A 17 12.87 13.74 -4.97
N GLN A 18 11.97 13.75 -5.93
CA GLN A 18 11.26 14.97 -6.32
C GLN A 18 10.59 15.60 -5.09
N LYS A 19 10.04 14.76 -4.23
CA LYS A 19 9.36 15.23 -3.02
C LYS A 19 10.37 15.70 -1.98
N GLY A 20 11.59 15.14 -2.04
CA GLY A 20 12.62 15.53 -1.10
C GLY A 20 12.55 14.74 0.20
N TRP A 21 12.04 13.51 0.11
CA TRP A 21 11.91 12.66 1.28
C TRP A 21 13.24 11.98 1.61
N ILE A 22 14.00 11.63 0.57
CA ILE A 22 15.29 10.98 0.76
C ILE A 22 16.40 11.77 0.05
N SER A 23 17.55 11.87 0.71
CA SER A 23 18.69 12.58 0.16
C SER A 23 19.13 11.97 -1.17
N ARG A 24 19.72 12.79 -2.03
CA ARG A 24 20.19 12.32 -3.33
C ARG A 24 21.07 11.08 -3.18
N GLU A 25 21.88 11.06 -2.13
CA GLU A 25 22.77 9.94 -1.88
C GLU A 25 21.99 8.73 -1.36
N ALA A 26 20.92 9.00 -0.61
CA ALA A 26 20.09 7.94 -0.06
C ALA A 26 19.58 7.01 -1.16
N LEU A 27 19.19 7.59 -2.29
CA LEU A 27 18.68 6.82 -3.41
C LEU A 27 19.74 5.86 -3.94
N GLU A 28 20.92 6.38 -4.23
CA GLU A 28 22.02 5.57 -4.73
C GLU A 28 22.38 4.46 -3.74
N GLU A 29 22.31 4.79 -2.44
CA GLU A 29 22.63 3.83 -1.39
C GLU A 29 21.66 2.65 -1.44
N ALA A 30 20.37 2.95 -1.41
CA ALA A 30 19.34 1.92 -1.44
C ALA A 30 19.43 1.09 -2.71
N LEU A 31 19.75 1.74 -3.82
CA LEU A 31 19.87 1.07 -5.10
C LEU A 31 21.03 0.08 -5.09
N VAL A 32 22.20 0.55 -4.71
CA VAL A 32 23.39 -0.29 -4.65
C VAL A 32 23.17 -1.48 -3.71
N GLU A 33 22.42 -1.26 -2.64
CA GLU A 33 22.13 -2.31 -1.67
C GLU A 33 21.21 -3.37 -2.28
N GLN A 34 20.38 -2.95 -3.22
CA GLN A 34 19.44 -3.86 -3.88
C GLN A 34 20.19 -4.81 -4.81
N GLU A 35 21.34 -4.38 -5.30
CA GLU A 35 22.15 -5.20 -6.20
C GLU A 35 22.91 -6.27 -5.43
N LYS A 36 23.14 -6.02 -4.15
CA LYS A 36 23.86 -6.96 -3.30
C LYS A 36 22.89 -7.78 -2.45
N THR A 37 21.76 -7.18 -2.11
CA THR A 37 20.75 -7.85 -1.30
C THR A 37 19.66 -8.46 -2.17
N GLY A 38 19.34 -7.78 -3.26
CA GLY A 38 18.30 -8.27 -4.17
C GLY A 38 16.91 -8.05 -3.64
N ASP A 39 16.75 -7.04 -2.79
CA ASP A 39 15.45 -6.73 -2.20
C ASP A 39 14.78 -5.57 -2.94
N LEU A 40 13.64 -5.14 -2.44
CA LEU A 40 12.90 -4.04 -3.05
C LEU A 40 13.53 -2.70 -2.71
N LEU A 41 13.70 -1.85 -3.71
CA LEU A 41 14.29 -0.53 -3.51
C LEU A 41 13.55 0.24 -2.42
N GLY A 42 12.25 0.01 -2.32
CA GLY A 42 11.44 0.68 -1.31
C GLY A 42 11.75 0.19 0.09
N ARG A 43 11.64 -1.11 0.30
CA ARG A 43 11.90 -1.70 1.60
C ARG A 43 13.36 -1.53 1.99
N ILE A 44 14.25 -1.55 1.01
CA ILE A 44 15.67 -1.40 1.25
C ILE A 44 16.02 0.05 1.55
N LEU A 45 15.27 0.97 0.96
CA LEU A 45 15.49 2.40 1.16
C LEU A 45 15.10 2.82 2.57
N VAL A 46 14.09 2.15 3.12
CA VAL A 46 13.61 2.45 4.46
C VAL A 46 14.75 2.41 5.47
N ARG A 47 15.73 1.55 5.20
CA ARG A 47 16.88 1.41 6.09
C ARG A 47 17.57 2.75 6.30
N LYS A 48 17.50 3.62 5.31
CA LYS A 48 18.12 4.94 5.39
C LYS A 48 17.44 5.79 6.45
N GLY A 49 16.22 5.40 6.83
CA GLY A 49 15.50 6.15 7.84
C GLY A 49 14.21 6.75 7.31
N LEU A 50 13.72 6.19 6.20
CA LEU A 50 12.49 6.69 5.59
C LEU A 50 11.26 6.09 6.27
N PRO A 51 10.26 6.95 6.53
CA PRO A 51 9.01 6.52 7.17
C PRO A 51 8.15 5.64 6.26
N GLU A 52 7.49 4.65 6.85
CA GLU A 52 6.65 3.73 6.09
C GLU A 52 5.64 4.51 5.25
N GLU A 53 5.02 5.52 5.86
CA GLU A 53 4.02 6.33 5.18
C GLU A 53 4.57 6.85 3.85
N ALA A 54 5.84 7.26 3.85
CA ALA A 54 6.48 7.77 2.64
C ALA A 54 6.70 6.66 1.62
N LEU A 55 7.21 5.53 2.09
CA LEU A 55 7.45 4.39 1.21
C LEU A 55 6.17 3.91 0.56
N TYR A 56 5.10 3.85 1.32
CA TYR A 56 3.81 3.41 0.83
C TYR A 56 3.17 4.49 -0.04
N ARG A 57 3.27 5.74 0.41
CA ARG A 57 2.70 6.86 -0.32
C ARG A 57 3.22 6.91 -1.76
N ALA A 58 4.51 6.65 -1.92
CA ALA A 58 5.13 6.66 -3.24
C ALA A 58 4.60 5.51 -4.10
N LEU A 59 4.45 4.34 -3.48
CA LEU A 59 3.95 3.16 -4.19
C LEU A 59 2.59 3.43 -4.82
N ALA A 60 1.78 4.24 -4.13
CA ALA A 60 0.45 4.59 -4.62
C ALA A 60 0.53 5.51 -5.82
N GLU A 61 1.58 6.33 -5.87
CA GLU A 61 1.77 7.27 -6.97
C GLU A 61 2.31 6.55 -8.20
N GLN A 62 3.24 5.63 -7.99
CA GLN A 62 3.83 4.87 -9.08
C GLN A 62 2.88 3.77 -9.56
N LYS A 63 2.23 3.11 -8.61
CA LYS A 63 1.29 2.04 -8.93
C LYS A 63 -0.10 2.59 -9.22
N GLY A 64 -0.29 3.88 -8.91
CA GLY A 64 -1.57 4.51 -9.13
C GLY A 64 -2.65 3.97 -8.21
N LEU A 65 -2.25 3.60 -7.00
CA LEU A 65 -3.20 3.07 -6.01
C LEU A 65 -3.78 4.19 -5.17
N GLU A 66 -4.86 3.88 -4.46
CA GLU A 66 -5.53 4.86 -3.61
C GLU A 66 -5.13 4.69 -2.15
N PHE A 67 -4.33 5.62 -1.64
CA PHE A 67 -3.87 5.58 -0.26
C PHE A 67 -4.98 6.00 0.70
N LEU A 68 -4.98 5.42 1.89
CA LEU A 68 -5.99 5.73 2.90
C LEU A 68 -5.40 6.63 3.99
N GLU A 69 -6.04 7.78 4.21
CA GLU A 69 -5.59 8.72 5.22
C GLU A 69 -5.52 8.06 6.60
N SER A 70 -6.33 7.03 6.79
CA SER A 70 -6.36 6.31 8.06
C SER A 70 -7.25 5.06 7.95
N THR A 71 -7.42 4.38 9.08
CA THR A 71 -8.24 3.17 9.11
C THR A 71 -9.39 3.32 10.09
N GLU A 72 -9.14 4.02 11.19
CA GLU A 72 -10.17 4.24 12.20
C GLU A 72 -11.44 4.80 11.58
N GLY A 73 -11.27 5.64 10.57
CA GLY A 73 -12.42 6.23 9.90
C GLY A 73 -13.19 5.23 9.06
N ILE A 74 -12.46 4.30 8.44
CA ILE A 74 -13.08 3.28 7.62
C ILE A 74 -14.21 2.57 8.35
N VAL A 75 -15.28 2.27 7.63
CA VAL A 75 -16.44 1.59 8.22
C VAL A 75 -16.57 0.16 7.67
N PRO A 76 -16.08 -0.81 8.45
CA PRO A 76 -16.14 -2.22 8.08
C PRO A 76 -17.55 -2.78 8.11
N ASP A 77 -17.76 -3.90 7.43
CA ASP A 77 -19.07 -4.53 7.38
C ASP A 77 -18.94 -6.05 7.30
N PRO A 78 -20.02 -6.77 7.66
CA PRO A 78 -20.05 -8.23 7.64
C PRO A 78 -20.04 -8.78 6.22
N SER A 79 -20.88 -8.21 5.36
CA SER A 79 -20.97 -8.65 3.98
C SER A 79 -19.59 -8.66 3.32
N ALA A 80 -18.80 -7.63 3.59
CA ALA A 80 -17.46 -7.52 3.03
C ALA A 80 -16.54 -8.58 3.60
N ALA A 81 -16.67 -8.83 4.91
CA ALA A 81 -15.84 -9.82 5.58
C ALA A 81 -16.00 -11.20 4.94
N LEU A 82 -17.10 -11.38 4.21
CA LEU A 82 -17.37 -12.65 3.55
C LEU A 82 -16.44 -12.86 2.36
N LEU A 83 -15.99 -11.75 1.78
CA LEU A 83 -15.09 -11.79 0.63
C LEU A 83 -13.81 -12.56 0.97
N LEU A 84 -13.12 -12.11 2.01
CA LEU A 84 -11.89 -12.76 2.44
C LEU A 84 -11.92 -13.08 3.93
N LEU A 85 -11.18 -14.09 4.33
CA LEU A 85 -11.12 -14.50 5.73
C LEU A 85 -9.93 -13.87 6.44
N ARG A 86 -9.83 -14.09 7.75
CA ARG A 86 -8.74 -13.54 8.54
C ARG A 86 -7.39 -14.07 8.04
N SER A 87 -7.28 -15.39 7.95
CA SER A 87 -6.05 -16.02 7.49
C SER A 87 -5.87 -15.84 5.99
N ASP A 88 -6.96 -15.97 5.24
CA ASP A 88 -6.92 -15.81 3.80
C ASP A 88 -6.50 -14.40 3.41
N ALA A 89 -6.87 -13.42 4.24
CA ALA A 89 -6.54 -12.03 3.98
C ALA A 89 -5.02 -11.83 3.97
N LEU A 90 -4.32 -12.62 4.78
CA LEU A 90 -2.87 -12.53 4.86
C LEU A 90 -2.21 -13.23 3.68
N ARG A 91 -2.91 -14.20 3.11
CA ARG A 91 -2.40 -14.95 1.97
C ARG A 91 -2.03 -14.01 0.83
N TYR A 92 -2.88 -13.02 0.59
CA TYR A 92 -2.64 -12.04 -0.48
C TYR A 92 -2.35 -10.66 0.09
N GLY A 93 -2.63 -10.49 1.38
CA GLY A 93 -2.40 -9.22 2.03
C GLY A 93 -3.48 -8.20 1.73
N ALA A 94 -4.73 -8.67 1.69
CA ALA A 94 -5.86 -7.79 1.41
C ALA A 94 -6.99 -8.03 2.41
N VAL A 95 -7.76 -6.98 2.68
CA VAL A 95 -8.88 -7.07 3.61
C VAL A 95 -10.05 -6.20 3.15
N PRO A 96 -11.22 -6.83 3.02
CA PRO A 96 -12.45 -6.14 2.60
C PRO A 96 -12.96 -5.17 3.65
N ILE A 97 -14.02 -4.45 3.31
CA ILE A 97 -14.62 -3.49 4.23
C ILE A 97 -16.05 -3.14 3.84
N GLY A 98 -16.26 -2.90 2.55
CA GLY A 98 -17.58 -2.57 2.05
C GLY A 98 -17.61 -2.38 0.55
N PHE A 99 -18.81 -2.23 0.00
CA PHE A 99 -18.98 -2.03 -1.44
C PHE A 99 -19.18 -0.57 -1.78
N GLN A 100 -18.64 -0.15 -2.92
CA GLN A 100 -18.76 1.25 -3.36
C GLN A 100 -18.95 1.32 -4.86
N ASN A 101 -20.08 1.90 -5.28
CA ASN A 101 -20.38 2.04 -6.70
C ASN A 101 -20.54 0.67 -7.36
N GLY A 102 -20.97 -0.32 -6.58
CA GLY A 102 -21.15 -1.66 -7.11
C GLY A 102 -19.89 -2.48 -7.04
N GLU A 103 -18.78 -1.85 -6.68
CA GLU A 103 -17.50 -2.54 -6.59
C GLU A 103 -17.20 -2.92 -5.14
N VAL A 104 -16.23 -3.82 -4.96
CA VAL A 104 -15.86 -4.28 -3.64
C VAL A 104 -14.59 -3.59 -3.16
N GLU A 105 -14.70 -2.86 -2.05
CA GLU A 105 -13.55 -2.15 -1.48
C GLU A 105 -12.69 -3.08 -0.66
N VAL A 106 -11.44 -3.27 -1.09
CA VAL A 106 -10.51 -4.14 -0.39
C VAL A 106 -9.17 -3.44 -0.15
N VAL A 107 -8.82 -3.25 1.11
CA VAL A 107 -7.57 -2.59 1.48
C VAL A 107 -6.45 -3.61 1.62
N LEU A 108 -5.39 -3.42 0.82
CA LEU A 108 -4.24 -4.32 0.87
C LEU A 108 -2.95 -3.54 1.09
N SER A 109 -2.00 -4.16 1.77
CA SER A 109 -0.72 -3.53 2.06
C SER A 109 0.33 -3.94 1.03
N ASP A 110 -0.11 -4.12 -0.21
CA ASP A 110 0.79 -4.51 -1.29
C ASP A 110 0.23 -4.10 -2.65
N PRO A 111 0.54 -2.86 -3.06
CA PRO A 111 0.08 -2.32 -4.35
C PRO A 111 0.75 -3.00 -5.54
N ARG A 112 1.91 -3.58 -5.30
CA ARG A 112 2.66 -4.26 -6.36
C ARG A 112 1.88 -5.48 -6.86
N HIS A 113 1.21 -6.17 -5.95
CA HIS A 113 0.44 -7.35 -6.30
C HIS A 113 -1.04 -6.99 -6.50
N LYS A 114 -1.34 -5.71 -6.40
CA LYS A 114 -2.71 -5.24 -6.57
C LYS A 114 -3.33 -5.81 -7.85
N GLU A 115 -2.54 -5.87 -8.90
CA GLU A 115 -3.00 -6.39 -10.18
C GLU A 115 -3.13 -7.91 -10.13
N ALA A 116 -2.26 -8.55 -9.35
CA ALA A 116 -2.27 -10.00 -9.22
C ALA A 116 -3.64 -10.50 -8.78
N VAL A 117 -4.17 -9.90 -7.71
CA VAL A 117 -5.48 -10.29 -7.19
C VAL A 117 -6.60 -9.69 -8.03
N ALA A 118 -6.44 -8.42 -8.42
CA ALA A 118 -7.44 -7.74 -9.21
C ALA A 118 -7.81 -8.55 -10.46
N GLN A 119 -6.79 -9.17 -11.07
CA GLN A 119 -7.01 -9.98 -12.26
C GLN A 119 -7.61 -11.34 -11.90
N LEU A 120 -7.29 -11.81 -10.70
CA LEU A 120 -7.80 -13.10 -10.23
C LEU A 120 -9.27 -13.01 -9.85
N LEU A 121 -9.65 -11.88 -9.25
CA LEU A 121 -11.04 -11.66 -8.85
C LEU A 121 -11.95 -11.61 -10.07
N ASN A 122 -11.49 -10.95 -11.13
CA ASN A 122 -12.28 -10.82 -12.35
C ASN A 122 -13.56 -10.03 -12.10
N ARG A 123 -13.49 -9.07 -11.18
CA ARG A 123 -14.64 -8.25 -10.85
C ARG A 123 -14.21 -6.85 -10.43
N PRO A 124 -15.14 -5.89 -10.50
CA PRO A 124 -14.88 -4.49 -10.15
C PRO A 124 -14.68 -4.32 -8.64
N ALA A 125 -13.48 -3.92 -8.25
CA ALA A 125 -13.16 -3.70 -6.85
C ALA A 125 -12.14 -2.58 -6.67
N ARG A 126 -12.31 -1.79 -5.62
CA ARG A 126 -11.41 -0.67 -5.34
C ARG A 126 -10.28 -1.10 -4.41
N PHE A 127 -9.05 -1.08 -4.92
CA PHE A 127 -7.90 -1.47 -4.12
C PHE A 127 -7.20 -0.24 -3.54
N TYR A 128 -7.05 -0.22 -2.23
CA TYR A 128 -6.40 0.91 -1.55
C TYR A 128 -5.07 0.47 -0.94
N LEU A 129 -4.23 1.45 -0.62
CA LEU A 129 -2.93 1.18 -0.03
C LEU A 129 -2.78 1.86 1.33
N ALA A 130 -2.86 1.08 2.40
CA ALA A 130 -2.73 1.62 3.75
C ALA A 130 -1.50 1.06 4.45
N LEU A 131 -0.97 1.83 5.39
CA LEU A 131 0.22 1.42 6.14
C LEU A 131 0.03 0.03 6.73
N PRO A 132 1.15 -0.64 7.04
CA PRO A 132 1.13 -1.99 7.62
C PRO A 132 0.61 -2.00 9.05
N GLN A 133 0.81 -0.89 9.76
CA GLN A 133 0.35 -0.77 11.13
C GLN A 133 -1.16 -0.56 11.19
N ALA A 134 -1.67 0.24 10.27
CA ALA A 134 -3.11 0.53 10.22
C ALA A 134 -3.86 -0.58 9.49
N TRP A 135 -3.19 -1.22 8.55
CA TRP A 135 -3.80 -2.31 7.78
C TRP A 135 -3.91 -3.57 8.62
N GLU A 136 -2.94 -3.77 9.51
CA GLU A 136 -2.92 -4.94 10.37
C GLU A 136 -4.06 -4.88 11.40
N GLU A 137 -4.18 -3.72 12.05
CA GLU A 137 -5.22 -3.54 13.06
C GLU A 137 -6.61 -3.55 12.41
N LEU A 138 -6.68 -3.12 11.16
CA LEU A 138 -7.94 -3.08 10.43
C LEU A 138 -8.61 -4.45 10.43
N PHE A 139 -7.81 -5.49 10.54
CA PHE A 139 -8.32 -6.86 10.55
C PHE A 139 -9.40 -7.03 11.62
N ARG A 140 -9.19 -6.39 12.77
CA ARG A 140 -10.14 -6.47 13.87
C ARG A 140 -11.42 -5.72 13.53
N ARG A 141 -11.31 -4.72 12.66
CA ARG A 141 -12.46 -3.92 12.25
C ARG A 141 -13.31 -4.67 11.23
N ALA A 142 -12.65 -5.20 10.20
CA ALA A 142 -13.35 -5.95 9.16
C ALA A 142 -13.80 -7.31 9.66
N TYR A 143 -13.00 -7.90 10.56
CA TYR A 143 -13.32 -9.21 11.12
C TYR A 143 -13.63 -9.10 12.61
N PRO A 144 -14.82 -8.57 12.93
CA PRO A 144 -15.27 -8.40 14.31
C PRO A 144 -15.57 -9.73 14.99
N GLN A 145 -14.76 -10.08 15.99
CA GLN A 145 -14.94 -11.33 16.71
C GLN A 145 -16.08 -11.21 17.72
N LYS A 146 -16.57 -12.36 18.19
CA LYS A 146 -17.65 -12.39 19.17
C LYS A 146 -17.34 -11.48 20.36
P 5GP B . 10.21 0.83 -10.51
O1P 5GP B . 9.78 0.28 -11.82
O3P 5GP B . 10.31 2.30 -10.34
O5' 5GP B . 11.63 0.20 -10.19
C5' 5GP B . 12.30 -0.62 -11.14
C4' 5GP B . 13.78 -0.65 -10.84
O4' 5GP B . 14.36 0.53 -11.36
C3' 5GP B . 14.16 -0.63 -9.36
O3' 5GP B . 14.14 -1.93 -8.80
C2' 5GP B . 15.59 -0.08 -9.44
O2' 5GP B . 16.54 -1.04 -9.85
C1' 5GP B . 15.43 0.96 -10.54
N9 5GP B . 15.10 2.25 -9.93
C8 5GP B . 13.99 2.57 -9.18
N7 5GP B . 14.03 3.79 -8.73
C5 5GP B . 15.21 4.31 -9.22
C6 5GP B . 15.81 5.58 -9.05
O6 5GP B . 15.38 6.57 -8.43
N1 5GP B . 17.03 5.67 -9.72
C2 5GP B . 17.61 4.66 -10.45
N2 5GP B . 18.80 4.91 -11.00
N3 5GP B . 17.05 3.47 -10.62
C4 5GP B . 15.88 3.37 -9.98
H5'1 5GP B . 11.91 -1.64 -11.09
H5'2 5GP B . 12.15 -0.22 -12.14
H4' 5GP B . 14.11 -1.58 -11.28
H3' 5GP B . 13.49 -0.05 -8.74
H2' 5GP B . 15.94 0.26 -8.47
HO2' 5GP B . 16.61 -1.73 -9.18
H1' 5GP B . 16.35 1.07 -11.11
H8 5GP B . 13.16 1.88 -8.99
HN1 5GP B . 17.55 6.54 -9.65
HN21 5GP B . 19.22 5.83 -10.87
HN22 5GP B . 19.26 4.21 -11.55
P 5GP C . 12.91 -2.36 -7.85
O1P 5GP C . 12.79 -3.85 -7.90
O3P 5GP C . 13.03 -1.69 -6.53
O5' 5GP C . 11.63 -1.79 -8.59
C5' 5GP C . 10.58 -2.63 -9.02
C4' 5GP C . 9.25 -2.01 -8.70
O4' 5GP C . 8.80 -2.69 -7.51
C3' 5GP C . 9.29 -0.55 -8.23
O3' 5GP C . 9.27 0.34 -9.33
C2' 5GP C . 7.99 -0.46 -7.43
O2' 5GP C . 6.83 -0.38 -8.23
C1' 5GP C . 8.01 -1.82 -6.72
N9 5GP C . 8.61 -1.66 -5.41
C8 5GP C . 9.87 -1.20 -5.10
N7 5GP C . 10.08 -1.12 -3.82
C5 5GP C . 8.90 -1.57 -3.25
C6 5GP C . 8.53 -1.69 -1.88
O6 5GP C . 9.18 -1.44 -0.87
N1 5GP C . 7.21 -2.17 -1.75
C2 5GP C . 6.39 -2.49 -2.80
N2 5GP C . 5.17 -2.92 -2.50
N3 5GP C . 6.74 -2.39 -4.08
C4 5GP C . 7.99 -1.92 -4.22
H5'1 5GP C . 10.66 -2.79 -10.09
H5'2 5GP C . 10.66 -3.60 -8.50
H4' 5GP C . 8.70 -2.07 -9.64
H3' 5GP C . 10.19 -0.29 -7.68
H2' 5GP C . 7.96 0.43 -6.81
HO2' 5GP C . 6.76 0.51 -8.60
H1' 5GP C . 7.00 -2.21 -6.60
H8 5GP C . 10.61 -0.93 -5.84
HN1 5GP C . 6.86 -2.30 -0.82
HN21 5GP C . 4.89 -3.01 -1.52
HN22 5GP C . 4.52 -3.18 -3.22
N GLY A 1 -1.81 22.97 -8.05
CA GLY A 1 -1.90 21.53 -8.22
C GLY A 1 -2.00 20.79 -6.91
N SER A 2 -3.02 19.95 -6.79
CA SER A 2 -3.24 19.19 -5.56
C SER A 2 -2.05 18.29 -5.27
N SER A 3 -1.46 17.73 -6.31
CA SER A 3 -0.30 16.85 -6.16
C SER A 3 0.78 17.18 -7.19
N GLY A 4 0.35 17.45 -8.42
CA GLY A 4 1.29 17.78 -9.47
C GLY A 4 1.86 19.18 -9.32
N GLU A 5 3.19 19.27 -9.24
CA GLU A 5 3.86 20.55 -9.09
C GLU A 5 5.35 20.42 -9.37
N GLY A 6 6.08 19.83 -8.43
CA GLY A 6 7.52 19.66 -8.60
C GLY A 6 7.97 18.25 -8.26
N GLN A 7 7.23 17.25 -8.71
CA GLN A 7 7.56 15.86 -8.44
C GLN A 7 7.86 15.12 -9.73
N LYS A 8 8.46 13.93 -9.60
CA LYS A 8 8.80 13.11 -10.77
C LYS A 8 8.52 11.64 -10.50
N ASP A 9 7.63 11.05 -11.29
CA ASP A 9 7.27 9.64 -11.14
C ASP A 9 8.11 8.77 -12.06
N LEU A 10 9.25 9.30 -12.48
CA LEU A 10 10.15 8.56 -13.36
C LEU A 10 10.54 7.21 -12.76
N LYS A 11 10.86 7.23 -11.47
CA LYS A 11 11.24 6.02 -10.76
C LYS A 11 10.85 6.09 -9.28
N LEU A 12 10.70 4.93 -8.66
CA LEU A 12 10.34 4.87 -7.24
C LEU A 12 11.26 5.73 -6.40
N GLY A 13 12.56 5.42 -6.44
CA GLY A 13 13.54 6.17 -5.68
C GLY A 13 13.43 7.67 -5.91
N GLU A 14 13.38 8.07 -7.18
CA GLU A 14 13.28 9.47 -7.54
C GLU A 14 12.05 10.12 -6.89
N LEU A 15 10.93 9.40 -6.93
CA LEU A 15 9.69 9.90 -6.36
C LEU A 15 9.90 10.35 -4.91
N LEU A 16 10.70 9.59 -4.17
CA LEU A 16 10.98 9.91 -2.78
C LEU A 16 11.99 11.05 -2.68
N LEU A 17 12.94 11.07 -3.60
CA LEU A 17 13.97 12.11 -3.62
C LEU A 17 13.34 13.49 -3.80
N GLN A 18 12.38 13.58 -4.72
CA GLN A 18 11.70 14.85 -4.99
C GLN A 18 11.11 15.42 -3.71
N LYS A 19 10.56 14.55 -2.86
CA LYS A 19 9.97 14.97 -1.60
C LYS A 19 11.04 15.29 -0.57
N GLY A 20 12.20 14.66 -0.72
CA GLY A 20 13.30 14.90 0.21
C GLY A 20 13.24 13.99 1.42
N TRP A 21 12.67 12.79 1.23
CA TRP A 21 12.55 11.82 2.32
C TRP A 21 13.88 11.10 2.55
N ILE A 22 14.59 10.82 1.46
CA ILE A 22 15.87 10.13 1.55
C ILE A 22 16.96 10.92 0.84
N SER A 23 18.16 10.94 1.43
CA SER A 23 19.29 11.65 0.84
C SER A 23 19.62 11.11 -0.55
N ARG A 24 20.17 11.96 -1.40
CA ARG A 24 20.55 11.57 -2.75
C ARG A 24 21.40 10.31 -2.74
N GLU A 25 22.34 10.24 -1.80
CA GLU A 25 23.22 9.09 -1.69
C GLU A 25 22.45 7.86 -1.22
N ALA A 26 21.45 8.09 -0.36
CA ALA A 26 20.64 7.00 0.17
C ALA A 26 20.01 6.19 -0.96
N LEU A 27 19.56 6.87 -2.00
CA LEU A 27 18.94 6.21 -3.14
C LEU A 27 19.92 5.27 -3.83
N GLU A 28 21.09 5.80 -4.17
CA GLU A 28 22.12 5.01 -4.83
C GLU A 28 22.56 3.84 -3.95
N GLU A 29 22.62 4.08 -2.64
CA GLU A 29 23.03 3.06 -1.69
C GLU A 29 22.08 1.87 -1.74
N ALA A 30 20.79 2.15 -1.66
CA ALA A 30 19.77 1.09 -1.70
C ALA A 30 19.79 0.38 -3.03
N LEU A 31 19.84 1.14 -4.12
CA LEU A 31 19.86 0.56 -5.46
C LEU A 31 20.99 -0.46 -5.60
N VAL A 32 22.20 -0.04 -5.26
CA VAL A 32 23.37 -0.91 -5.35
C VAL A 32 23.19 -2.15 -4.48
N GLU A 33 22.53 -1.97 -3.35
CA GLU A 33 22.29 -3.08 -2.42
C GLU A 33 21.30 -4.08 -3.02
N GLN A 34 20.40 -3.58 -3.85
CA GLN A 34 19.39 -4.42 -4.48
C GLN A 34 20.03 -5.34 -5.52
N GLU A 35 21.16 -4.93 -6.06
CA GLU A 35 21.86 -5.72 -7.07
C GLU A 35 22.65 -6.85 -6.41
N LYS A 36 22.99 -6.68 -5.13
CA LYS A 36 23.73 -7.68 -4.39
C LYS A 36 22.80 -8.52 -3.53
N THR A 37 21.71 -7.91 -3.08
CA THR A 37 20.74 -8.61 -2.24
C THR A 37 19.58 -9.15 -3.07
N GLY A 38 19.19 -8.39 -4.09
CA GLY A 38 18.10 -8.80 -4.95
C GLY A 38 16.75 -8.57 -4.32
N ASP A 39 16.68 -7.62 -3.39
CA ASP A 39 15.44 -7.30 -2.71
C ASP A 39 14.77 -6.07 -3.33
N LEU A 40 13.65 -5.65 -2.73
CA LEU A 40 12.93 -4.48 -3.21
C LEU A 40 13.63 -3.19 -2.81
N LEU A 41 13.76 -2.27 -3.76
CA LEU A 41 14.41 -0.99 -3.51
C LEU A 41 13.78 -0.29 -2.32
N GLY A 42 12.46 -0.49 -2.14
CA GLY A 42 11.76 0.13 -1.05
C GLY A 42 12.14 -0.47 0.30
N ARG A 43 12.00 -1.78 0.42
CA ARG A 43 12.33 -2.48 1.66
C ARG A 43 13.81 -2.35 1.97
N ILE A 44 14.64 -2.32 0.93
CA ILE A 44 16.09 -2.21 1.09
C ILE A 44 16.48 -0.79 1.49
N LEU A 45 15.70 0.19 1.05
CA LEU A 45 15.97 1.58 1.36
C LEU A 45 15.60 1.90 2.81
N VAL A 46 14.57 1.22 3.31
CA VAL A 46 14.12 1.42 4.68
C VAL A 46 15.27 1.25 5.67
N ARG A 47 16.23 0.40 5.32
CA ARG A 47 17.39 0.16 6.17
C ARG A 47 18.12 1.46 6.49
N LYS A 48 18.05 2.41 5.57
CA LYS A 48 18.71 3.70 5.75
C LYS A 48 18.07 4.47 6.90
N GLY A 49 16.85 4.09 7.26
CA GLY A 49 16.15 4.76 8.34
C GLY A 49 14.87 5.43 7.87
N LEU A 50 14.34 4.97 6.75
CA LEU A 50 13.11 5.54 6.19
C LEU A 50 11.89 4.91 6.83
N PRO A 51 10.91 5.75 7.19
CA PRO A 51 9.66 5.29 7.82
C PRO A 51 8.78 4.53 6.85
N GLU A 52 8.08 3.51 7.36
CA GLU A 52 7.20 2.70 6.55
C GLU A 52 6.15 3.56 5.84
N GLU A 53 5.59 4.51 6.58
CA GLU A 53 4.57 5.41 6.03
C GLU A 53 5.07 6.07 4.75
N ALA A 54 6.37 6.37 4.72
CA ALA A 54 6.97 7.00 3.55
C ALA A 54 7.13 6.02 2.40
N LEU A 55 7.65 4.84 2.70
CA LEU A 55 7.85 3.80 1.70
C LEU A 55 6.53 3.42 1.04
N TYR A 56 5.48 3.31 1.85
CA TYR A 56 4.16 2.94 1.35
C TYR A 56 3.51 4.12 0.64
N ARG A 57 3.69 5.32 1.19
CA ARG A 57 3.13 6.53 0.59
C ARG A 57 3.57 6.69 -0.86
N ALA A 58 4.85 6.44 -1.11
CA ALA A 58 5.40 6.54 -2.45
C ALA A 58 4.79 5.50 -3.38
N LEU A 59 4.62 4.29 -2.87
CA LEU A 59 4.07 3.19 -3.64
C LEU A 59 2.69 3.56 -4.19
N ALA A 60 1.94 4.33 -3.41
CA ALA A 60 0.60 4.76 -3.81
C ALA A 60 0.68 5.78 -4.93
N GLU A 61 1.74 6.57 -4.95
CA GLU A 61 1.93 7.59 -5.97
C GLU A 61 2.38 6.96 -7.29
N GLN A 62 3.28 5.99 -7.19
CA GLN A 62 3.81 5.32 -8.38
C GLN A 62 2.80 4.30 -8.90
N LYS A 63 2.17 3.57 -7.99
CA LYS A 63 1.18 2.57 -8.36
C LYS A 63 -0.21 3.19 -8.52
N GLY A 64 -0.34 4.45 -8.11
CA GLY A 64 -1.61 5.13 -8.23
C GLY A 64 -2.66 4.56 -7.30
N LEU A 65 -2.23 4.07 -6.15
CA LEU A 65 -3.15 3.48 -5.17
C LEU A 65 -3.66 4.54 -4.21
N GLU A 66 -4.69 4.19 -3.45
CA GLU A 66 -5.28 5.12 -2.48
C GLU A 66 -4.83 4.78 -1.07
N PHE A 67 -3.99 5.64 -0.50
CA PHE A 67 -3.48 5.44 0.86
C PHE A 67 -4.53 5.80 1.89
N LEU A 68 -4.51 5.09 3.02
CA LEU A 68 -5.47 5.33 4.10
C LEU A 68 -4.82 6.10 5.23
N GLU A 69 -5.44 7.21 5.62
CA GLU A 69 -4.92 8.04 6.71
C GLU A 69 -4.82 7.23 8.00
N SER A 70 -5.64 6.20 8.11
CA SER A 70 -5.65 5.36 9.30
C SER A 70 -6.57 4.15 9.11
N THR A 71 -6.71 3.35 10.16
CA THR A 71 -7.56 2.17 10.11
C THR A 71 -8.69 2.25 11.13
N GLU A 72 -8.40 2.84 12.28
CA GLU A 72 -9.39 2.99 13.33
C GLU A 72 -10.64 3.68 12.81
N GLY A 73 -10.45 4.63 11.89
CA GLY A 73 -11.58 5.34 11.33
C GLY A 73 -12.42 4.48 10.41
N ILE A 74 -11.78 3.58 9.68
CA ILE A 74 -12.48 2.69 8.76
C ILE A 74 -13.60 1.95 9.47
N VAL A 75 -14.71 1.75 8.78
CA VAL A 75 -15.87 1.05 9.34
C VAL A 75 -16.06 -0.30 8.67
N PRO A 76 -15.58 -1.37 9.33
CA PRO A 76 -15.70 -2.73 8.83
C PRO A 76 -17.14 -3.24 8.86
N ASP A 77 -17.40 -4.30 8.09
CA ASP A 77 -18.74 -4.88 8.04
C ASP A 77 -18.66 -6.39 7.78
N PRO A 78 -19.75 -7.09 8.12
CA PRO A 78 -19.83 -8.54 7.93
C PRO A 78 -19.90 -8.94 6.47
N SER A 79 -20.74 -8.25 5.71
CA SER A 79 -20.90 -8.53 4.29
C SER A 79 -19.55 -8.52 3.57
N ALA A 80 -18.71 -7.57 3.94
CA ALA A 80 -17.38 -7.47 3.34
C ALA A 80 -16.49 -8.62 3.75
N ALA A 81 -16.58 -9.01 5.01
CA ALA A 81 -15.78 -10.12 5.54
C ALA A 81 -16.02 -11.39 4.73
N LEU A 82 -17.16 -11.45 4.04
CA LEU A 82 -17.50 -12.61 3.23
C LEU A 82 -16.62 -12.70 1.99
N LEU A 83 -16.13 -11.55 1.54
CA LEU A 83 -15.27 -11.50 0.36
C LEU A 83 -14.02 -12.35 0.56
N LEU A 84 -13.28 -12.05 1.63
CA LEU A 84 -12.05 -12.78 1.94
C LEU A 84 -12.06 -13.26 3.39
N LEU A 85 -11.35 -14.34 3.65
CA LEU A 85 -11.26 -14.90 5.00
C LEU A 85 -10.02 -14.39 5.72
N ARG A 86 -9.89 -14.76 6.99
CA ARG A 86 -8.74 -14.33 7.79
C ARG A 86 -7.44 -14.85 7.19
N SER A 87 -7.39 -16.15 6.93
CA SER A 87 -6.19 -16.76 6.36
C SER A 87 -6.06 -16.42 4.88
N ASP A 88 -7.19 -16.43 4.18
CA ASP A 88 -7.21 -16.12 2.75
C ASP A 88 -6.74 -14.69 2.51
N ALA A 89 -7.04 -13.80 3.44
CA ALA A 89 -6.65 -12.40 3.33
C ALA A 89 -5.13 -12.26 3.27
N LEU A 90 -4.44 -13.16 3.97
CA LEU A 90 -2.97 -13.14 4.00
C LEU A 90 -2.39 -13.73 2.72
N ARG A 91 -3.15 -14.60 2.08
CA ARG A 91 -2.71 -15.24 0.84
C ARG A 91 -2.34 -14.19 -0.21
N TYR A 92 -3.16 -13.15 -0.29
CA TYR A 92 -2.93 -12.08 -1.26
C TYR A 92 -2.56 -10.78 -0.56
N GLY A 93 -2.78 -10.73 0.76
CA GLY A 93 -2.47 -9.55 1.52
C GLY A 93 -3.52 -8.47 1.38
N ALA A 94 -4.79 -8.89 1.33
CA ALA A 94 -5.90 -7.95 1.19
C ALA A 94 -7.01 -8.27 2.20
N VAL A 95 -7.72 -7.23 2.63
CA VAL A 95 -8.81 -7.39 3.58
C VAL A 95 -9.96 -6.44 3.27
N PRO A 96 -11.17 -7.01 3.14
CA PRO A 96 -12.38 -6.23 2.84
C PRO A 96 -12.80 -5.35 4.02
N ILE A 97 -13.83 -4.54 3.80
CA ILE A 97 -14.34 -3.65 4.84
C ILE A 97 -15.77 -3.21 4.54
N GLY A 98 -16.02 -2.84 3.29
CA GLY A 98 -17.35 -2.41 2.91
C GLY A 98 -17.44 -2.09 1.42
N PHE A 99 -18.66 -1.85 0.95
CA PHE A 99 -18.89 -1.54 -0.46
C PHE A 99 -19.08 -0.04 -0.66
N GLN A 100 -18.59 0.47 -1.78
CA GLN A 100 -18.71 1.89 -2.09
C GLN A 100 -18.98 2.11 -3.58
N ASN A 101 -20.06 2.81 -3.89
CA ASN A 101 -20.43 3.08 -5.27
C ASN A 101 -20.65 1.78 -6.03
N GLY A 102 -21.07 0.75 -5.32
CA GLY A 102 -21.32 -0.54 -5.95
C GLY A 102 -20.07 -1.40 -6.03
N GLU A 103 -18.94 -0.82 -5.66
CA GLU A 103 -17.67 -1.54 -5.69
C GLU A 103 -17.33 -2.09 -4.31
N VAL A 104 -16.39 -3.02 -4.28
CA VAL A 104 -15.96 -3.64 -3.02
C VAL A 104 -14.65 -3.04 -2.54
N GLU A 105 -14.68 -2.45 -1.34
CA GLU A 105 -13.49 -1.84 -0.76
C GLU A 105 -12.62 -2.88 -0.08
N VAL A 106 -11.39 -3.04 -0.56
CA VAL A 106 -10.46 -4.01 0.01
C VAL A 106 -9.09 -3.38 0.25
N VAL A 107 -8.67 -3.33 1.51
CA VAL A 107 -7.39 -2.76 1.88
C VAL A 107 -6.29 -3.81 1.86
N LEU A 108 -5.26 -3.58 1.05
CA LEU A 108 -4.14 -4.52 0.95
C LEU A 108 -2.81 -3.81 1.20
N SER A 109 -1.87 -4.53 1.80
CA SER A 109 -0.55 -3.98 2.10
C SER A 109 0.45 -4.32 1.01
N ASP A 110 -0.04 -4.35 -0.24
CA ASP A 110 0.81 -4.67 -1.38
C ASP A 110 0.22 -4.11 -2.67
N PRO A 111 0.55 -2.85 -2.98
CA PRO A 111 0.05 -2.18 -4.19
C PRO A 111 0.66 -2.76 -5.46
N ARG A 112 1.83 -3.38 -5.32
CA ARG A 112 2.51 -3.97 -6.47
C ARG A 112 1.67 -5.09 -7.08
N HIS A 113 0.96 -5.83 -6.23
CA HIS A 113 0.13 -6.93 -6.69
C HIS A 113 -1.33 -6.50 -6.78
N LYS A 114 -1.58 -5.22 -6.50
CA LYS A 114 -2.94 -4.68 -6.54
C LYS A 114 -3.63 -5.06 -7.85
N GLU A 115 -2.88 -5.02 -8.95
CA GLU A 115 -3.42 -5.36 -10.26
C GLU A 115 -3.60 -6.86 -10.40
N ALA A 116 -2.72 -7.62 -9.76
CA ALA A 116 -2.78 -9.08 -9.81
C ALA A 116 -4.15 -9.58 -9.37
N VAL A 117 -4.60 -9.13 -8.20
CA VAL A 117 -5.89 -9.54 -7.68
C VAL A 117 -7.04 -8.80 -8.37
N ALA A 118 -6.84 -7.50 -8.60
CA ALA A 118 -7.85 -6.69 -9.26
C ALA A 118 -8.31 -7.33 -10.57
N GLN A 119 -7.37 -7.90 -11.30
CA GLN A 119 -7.68 -8.55 -12.57
C GLN A 119 -8.29 -9.93 -12.34
N LEU A 120 -7.94 -10.55 -11.22
CA LEU A 120 -8.45 -11.87 -10.89
C LEU A 120 -9.91 -11.78 -10.44
N LEU A 121 -10.23 -10.74 -9.68
CA LEU A 121 -11.59 -10.54 -9.19
C LEU A 121 -12.56 -10.33 -10.34
N ASN A 122 -12.12 -9.59 -11.36
CA ASN A 122 -12.95 -9.31 -12.52
C ASN A 122 -14.20 -8.52 -12.13
N ARG A 123 -14.05 -7.66 -11.12
CA ARG A 123 -15.16 -6.84 -10.65
C ARG A 123 -14.66 -5.51 -10.10
N PRO A 124 -15.56 -4.52 -10.04
CA PRO A 124 -15.24 -3.18 -9.54
C PRO A 124 -14.97 -3.17 -8.04
N ALA A 125 -13.73 -2.87 -7.66
CA ALA A 125 -13.36 -2.82 -6.25
C ALA A 125 -12.30 -1.75 -6.01
N ARG A 126 -12.41 -1.07 -4.87
CA ARG A 126 -11.46 -0.02 -4.52
C ARG A 126 -10.32 -0.59 -3.68
N PHE A 127 -9.11 -0.53 -4.23
CA PHE A 127 -7.93 -1.03 -3.53
C PHE A 127 -7.16 0.11 -2.87
N TYR A 128 -6.95 -0.01 -1.56
CA TYR A 128 -6.23 1.01 -0.80
C TYR A 128 -4.90 0.47 -0.30
N LEU A 129 -4.00 1.38 0.08
CA LEU A 129 -2.69 1.00 0.58
C LEU A 129 -2.47 1.54 1.99
N ALA A 130 -2.53 0.64 2.97
CA ALA A 130 -2.34 1.02 4.36
C ALA A 130 -1.10 0.36 4.95
N LEU A 131 -0.49 1.01 5.93
CA LEU A 131 0.71 0.49 6.58
C LEU A 131 0.49 -0.95 7.04
N PRO A 132 1.60 -1.68 7.24
CA PRO A 132 1.55 -3.07 7.69
C PRO A 132 1.09 -3.19 9.14
N GLN A 133 1.36 -2.17 9.94
CA GLN A 133 0.97 -2.16 11.34
C GLN A 133 -0.53 -1.92 11.49
N ALA A 134 -1.07 -1.02 10.68
CA ALA A 134 -2.49 -0.70 10.72
C ALA A 134 -3.30 -1.73 9.93
N TRP A 135 -2.71 -2.24 8.84
CA TRP A 135 -3.39 -3.22 8.01
C TRP A 135 -3.53 -4.55 8.75
N GLU A 136 -2.52 -4.90 9.53
CA GLU A 136 -2.54 -6.16 10.28
C GLU A 136 -3.63 -6.12 11.35
N GLU A 137 -3.70 -5.03 12.09
CA GLU A 137 -4.70 -4.88 13.14
C GLU A 137 -6.10 -4.80 12.56
N LEU A 138 -6.20 -4.26 11.35
CA LEU A 138 -7.48 -4.13 10.67
C LEU A 138 -8.20 -5.47 10.57
N PHE A 139 -7.42 -6.54 10.55
CA PHE A 139 -7.97 -7.89 10.47
C PHE A 139 -9.02 -8.12 11.57
N ARG A 140 -8.74 -7.59 12.75
CA ARG A 140 -9.64 -7.74 13.89
C ARG A 140 -10.92 -6.92 13.67
N ARG A 141 -10.80 -5.85 12.89
CA ARG A 141 -11.94 -4.98 12.61
C ARG A 141 -12.86 -5.61 11.56
N ALA A 142 -12.26 -6.06 10.47
CA ALA A 142 -13.03 -6.68 9.38
C ALA A 142 -13.49 -8.07 9.78
N TYR A 143 -12.68 -8.77 10.57
CA TYR A 143 -13.01 -10.11 11.02
C TYR A 143 -13.26 -10.14 12.53
N PRO A 144 -14.43 -9.62 12.94
CA PRO A 144 -14.81 -9.58 14.36
C PRO A 144 -15.11 -10.96 14.92
N GLN A 145 -14.40 -11.34 15.99
CA GLN A 145 -14.60 -12.63 16.61
C GLN A 145 -15.87 -12.65 17.45
N LYS A 146 -16.36 -13.85 17.76
CA LYS A 146 -17.58 -13.99 18.55
C LYS A 146 -18.71 -13.17 17.98
P 5GP B . 9.91 1.00 -10.14
O1P 5GP B . 9.35 0.44 -11.39
O3P 5GP B . 10.07 2.47 -10.01
O5' 5GP B . 11.35 0.34 -9.97
C5' 5GP B . 11.93 -0.45 -11.00
C4' 5GP B . 13.42 -0.54 -10.79
O4' 5GP B . 14.02 0.63 -11.26
C3' 5GP B . 13.88 -0.65 -9.34
O3' 5GP B . 13.85 -2.00 -8.86
C2' 5GP B . 15.33 -0.16 -9.46
O2' 5GP B . 16.22 -1.11 -9.98
C1' 5GP B . 15.15 0.97 -10.47
N9 5GP B . 14.89 2.22 -9.76
C8 5GP B . 13.85 2.52 -8.92
N7 5GP B . 13.95 3.71 -8.39
C5 5GP B . 15.13 4.22 -8.92
C6 5GP B . 15.78 5.46 -8.70
O6 5GP B . 15.42 6.41 -7.98
N1 5GP B . 16.96 5.56 -9.42
C2 5GP B . 17.46 4.58 -10.26
N2 5GP B . 18.62 4.84 -10.85
N3 5GP B . 16.86 3.43 -10.47
C4 5GP B . 15.71 3.31 -9.77
H5'1 5GP B . 11.50 -1.45 -10.98
H5'2 5GP B . 11.73 0.02 -11.96
H4' 5GP B . 13.69 -1.46 -11.32
H3' 5GP B . 13.27 -0.09 -8.63
H2' 5GP B . 15.75 0.10 -8.49
HO2' 5GP B . 16.29 -1.86 -9.38
H1' 5GP B . 16.04 1.09 -11.08
H8 5GP B . 13.01 1.85 -8.73
HN1 5GP B . 17.51 6.41 -9.33
HN21 5GP B . 19.09 5.72 -10.69
HN22 5GP B . 19.03 4.15 -11.48
P 5GP C . 12.65 -2.45 -7.87
O1P 5GP C . 12.45 -3.90 -8.03
O3P 5GP C . 12.89 -1.89 -6.51
O5' 5GP C . 11.36 -1.75 -8.46
C5' 5GP C . 10.24 -2.51 -8.89
C4' 5GP C . 8.97 -1.83 -8.42
O4' 5GP C . 8.55 -2.58 -7.28
C3' 5GP C . 9.12 -0.43 -7.85
O3' 5GP C . 9.09 0.56 -8.87
C2' 5GP C . 7.89 -0.34 -6.97
O2' 5GP C . 6.69 -0.12 -7.67
C1' 5GP C . 7.87 -1.74 -6.37
N9 5GP C . 8.57 -1.73 -5.09
C8 5GP C . 9.87 -1.39 -4.84
N7 5GP C . 10.18 -1.42 -3.57
C5 5GP C . 9.00 -1.83 -2.95
C6 5GP C . 8.71 -2.05 -1.58
O6 5GP C . 9.45 -1.92 -0.59
N1 5GP C . 7.38 -2.44 -1.39
C2 5GP C . 6.47 -2.61 -2.40
N2 5GP C . 5.24 -2.99 -2.04
N3 5GP C . 6.74 -2.43 -3.69
C4 5GP C . 8.01 -2.04 -3.88
H5'1 5GP C . 10.23 -2.58 -9.96
H5'2 5GP C . 10.29 -3.50 -8.45
H4' 5GP C . 8.37 -1.78 -9.33
H3' 5GP C . 10.07 -0.26 -7.33
H2' 5GP C . 7.95 0.50 -6.27
HO2' 5GP C . 6.69 0.77 -8.05
H1' 5GP C . 6.84 -2.08 -6.21
H8 5GP C . 10.59 -1.11 -5.62
HN1 5GP C . 7.07 -2.61 -0.45
HN21 5GP C . 5.03 -3.13 -1.06
HN22 5GP C . 4.53 -3.13 -2.74
N GLY A 1 -8.67 22.48 -6.09
CA GLY A 1 -8.17 21.70 -4.98
C GLY A 1 -7.37 20.49 -5.42
N SER A 2 -6.05 20.62 -5.44
CA SER A 2 -5.17 19.54 -5.85
C SER A 2 -3.78 19.72 -5.27
N SER A 3 -2.84 18.88 -5.73
CA SER A 3 -1.47 18.95 -5.24
C SER A 3 -0.49 18.86 -6.41
N GLY A 4 0.45 19.81 -6.46
CA GLY A 4 1.43 19.84 -7.52
C GLY A 4 2.34 21.04 -7.45
N GLU A 5 3.59 20.87 -7.85
CA GLU A 5 4.56 21.96 -7.82
C GLU A 5 5.87 21.54 -8.50
N GLY A 6 6.62 20.66 -7.86
CA GLY A 6 7.87 20.20 -8.42
C GLY A 6 8.10 18.72 -8.19
N GLN A 7 7.02 17.95 -8.24
CA GLN A 7 7.10 16.50 -8.03
C GLN A 7 7.31 15.78 -9.36
N LYS A 8 7.93 14.61 -9.31
CA LYS A 8 8.20 13.82 -10.49
C LYS A 8 7.97 12.34 -10.22
N ASP A 9 7.13 11.71 -11.04
CA ASP A 9 6.84 10.29 -10.89
C ASP A 9 7.74 9.44 -11.79
N LEU A 10 8.87 10.02 -12.19
CA LEU A 10 9.81 9.33 -13.05
C LEU A 10 10.25 8.01 -12.43
N LYS A 11 10.54 8.05 -11.13
CA LYS A 11 10.97 6.86 -10.40
C LYS A 11 10.54 6.92 -8.94
N LEU A 12 10.40 5.75 -8.32
CA LEU A 12 10.00 5.68 -6.93
C LEU A 12 10.90 6.53 -6.05
N GLY A 13 12.21 6.28 -6.13
CA GLY A 13 13.16 7.03 -5.33
C GLY A 13 13.07 8.53 -5.59
N GLU A 14 12.92 8.90 -6.86
CA GLU A 14 12.83 10.31 -7.23
C GLU A 14 11.59 10.95 -6.63
N LEU A 15 10.48 10.21 -6.65
CA LEU A 15 9.22 10.71 -6.09
C LEU A 15 9.42 11.25 -4.69
N LEU A 16 10.12 10.49 -3.85
CA LEU A 16 10.37 10.89 -2.48
C LEU A 16 11.37 12.04 -2.43
N LEU A 17 12.34 12.02 -3.34
CA LEU A 17 13.35 13.06 -3.40
C LEU A 17 12.71 14.44 -3.54
N GLN A 18 11.73 14.55 -4.43
CA GLN A 18 11.04 15.80 -4.66
C GLN A 18 10.43 16.34 -3.36
N LYS A 19 9.90 15.42 -2.55
CA LYS A 19 9.29 15.81 -1.28
C LYS A 19 10.36 16.14 -0.24
N GLY A 20 11.54 15.57 -0.42
CA GLY A 20 12.64 15.83 0.51
C GLY A 20 12.59 14.93 1.72
N TRP A 21 12.04 13.72 1.55
CA TRP A 21 11.94 12.76 2.64
C TRP A 21 13.27 12.07 2.88
N ILE A 22 13.97 11.74 1.80
CA ILE A 22 15.26 11.08 1.89
C ILE A 22 16.36 11.90 1.21
N SER A 23 17.52 11.95 1.84
CA SER A 23 18.66 12.70 1.30
C SER A 23 19.05 12.16 -0.08
N ARG A 24 19.61 13.05 -0.90
CA ARG A 24 20.03 12.67 -2.24
C ARG A 24 20.91 11.43 -2.21
N GLU A 25 21.76 11.34 -1.18
CA GLU A 25 22.66 10.20 -1.04
C GLU A 25 21.90 8.96 -0.58
N ALA A 26 20.86 9.17 0.21
CA ALA A 26 20.05 8.07 0.72
C ALA A 26 19.51 7.22 -0.42
N LEU A 27 19.07 7.89 -1.49
CA LEU A 27 18.52 7.19 -2.64
C LEU A 27 19.56 6.26 -3.27
N GLU A 28 20.73 6.82 -3.57
CA GLU A 28 21.81 6.04 -4.17
C GLU A 28 22.20 4.87 -3.27
N GLU A 29 22.26 5.12 -1.96
CA GLU A 29 22.62 4.09 -1.00
C GLU A 29 21.64 2.92 -1.06
N ALA A 30 20.34 3.25 -1.05
CA ALA A 30 19.30 2.23 -1.11
C ALA A 30 19.34 1.47 -2.43
N LEU A 31 19.58 2.21 -3.51
CA LEU A 31 19.65 1.62 -4.85
C LEU A 31 20.80 0.63 -4.95
N VAL A 32 21.99 1.09 -4.59
CA VAL A 32 23.18 0.24 -4.65
C VAL A 32 23.01 -1.01 -3.79
N GLU A 33 22.30 -0.86 -2.67
CA GLU A 33 22.07 -1.96 -1.76
C GLU A 33 21.12 -2.98 -2.38
N GLN A 34 20.24 -2.51 -3.26
CA GLN A 34 19.28 -3.38 -3.93
C GLN A 34 19.97 -4.27 -4.95
N GLU A 35 21.11 -3.81 -5.47
CA GLU A 35 21.87 -4.57 -6.46
C GLU A 35 22.67 -5.68 -5.79
N LYS A 36 22.96 -5.51 -4.51
CA LYS A 36 23.72 -6.50 -3.75
C LYS A 36 22.79 -7.37 -2.91
N THR A 37 21.68 -6.79 -2.48
CA THR A 37 20.70 -7.51 -1.67
C THR A 37 19.58 -8.07 -2.52
N GLY A 38 19.19 -7.33 -3.56
CA GLY A 38 18.13 -7.77 -4.44
C GLY A 38 16.75 -7.58 -3.82
N ASP A 39 16.64 -6.62 -2.91
CA ASP A 39 15.37 -6.35 -2.25
C ASP A 39 14.68 -5.15 -2.89
N LEU A 40 13.55 -4.75 -2.31
CA LEU A 40 12.79 -3.61 -2.82
C LEU A 40 13.44 -2.30 -2.42
N LEU A 41 13.56 -1.38 -3.37
CA LEU A 41 14.16 -0.08 -3.11
C LEU A 41 13.48 0.62 -1.94
N GLY A 42 12.18 0.38 -1.79
CA GLY A 42 11.43 0.97 -0.71
C GLY A 42 11.79 0.39 0.65
N ARG A 43 11.68 -0.92 0.77
CA ARG A 43 12.00 -1.60 2.02
C ARG A 43 13.48 -1.45 2.36
N ILE A 44 14.32 -1.41 1.34
CA ILE A 44 15.76 -1.26 1.53
C ILE A 44 16.12 0.17 1.91
N LEU A 45 15.34 1.12 1.42
CA LEU A 45 15.57 2.53 1.71
C LEU A 45 15.20 2.87 3.15
N VAL A 46 14.20 2.16 3.68
CA VAL A 46 13.75 2.37 5.05
C VAL A 46 14.91 2.26 6.03
N ARG A 47 15.89 1.42 5.69
CA ARG A 47 17.04 1.22 6.54
C ARG A 47 17.75 2.54 6.83
N LYS A 48 17.65 3.47 5.89
CA LYS A 48 18.28 4.78 6.04
C LYS A 48 17.63 5.56 7.18
N GLY A 49 16.43 5.16 7.56
CA GLY A 49 15.73 5.83 8.64
C GLY A 49 14.42 6.46 8.19
N LEU A 50 13.90 5.98 7.06
CA LEU A 50 12.65 6.51 6.52
C LEU A 50 11.45 5.85 7.18
N PRO A 51 10.45 6.67 7.54
CA PRO A 51 9.23 6.19 8.20
C PRO A 51 8.35 5.38 7.24
N GLU A 52 7.71 4.35 7.76
CA GLU A 52 6.84 3.51 6.95
C GLU A 52 5.78 4.34 6.24
N GLU A 53 5.17 5.27 6.98
CA GLU A 53 4.14 6.14 6.41
C GLU A 53 4.63 6.78 5.12
N ALA A 54 5.91 7.13 5.08
CA ALA A 54 6.50 7.76 3.91
C ALA A 54 6.68 6.75 2.78
N LEU A 55 7.29 5.61 3.10
CA LEU A 55 7.53 4.57 2.11
C LEU A 55 6.23 4.14 1.45
N TYR A 56 5.18 4.02 2.24
CA TYR A 56 3.86 3.62 1.73
C TYR A 56 3.20 4.76 0.98
N ARG A 57 3.32 5.97 1.52
CA ARG A 57 2.73 7.16 0.90
C ARG A 57 3.23 7.33 -0.52
N ALA A 58 4.52 7.08 -0.74
CA ALA A 58 5.11 7.20 -2.05
C ALA A 58 4.57 6.14 -3.00
N LEU A 59 4.41 4.93 -2.50
CA LEU A 59 3.89 3.82 -3.30
C LEU A 59 2.51 4.14 -3.85
N ALA A 60 1.69 4.81 -3.03
CA ALA A 60 0.34 5.18 -3.44
C ALA A 60 0.37 6.21 -4.56
N GLU A 61 1.41 7.04 -4.58
CA GLU A 61 1.56 8.06 -5.60
C GLU A 61 2.04 7.46 -6.91
N GLN A 62 2.94 6.48 -6.82
CA GLN A 62 3.48 5.81 -8.00
C GLN A 62 2.49 4.80 -8.57
N LYS A 63 1.84 4.06 -7.68
CA LYS A 63 0.86 3.05 -8.08
C LYS A 63 -0.53 3.68 -8.22
N GLY A 64 -0.67 4.90 -7.75
CA GLY A 64 -1.95 5.59 -7.82
C GLY A 64 -2.97 5.00 -6.87
N LEU A 65 -2.50 4.46 -5.75
CA LEU A 65 -3.39 3.86 -4.76
C LEU A 65 -3.84 4.90 -3.74
N GLU A 66 -5.01 4.68 -3.16
CA GLU A 66 -5.56 5.59 -2.17
C GLU A 66 -5.07 5.23 -0.77
N PHE A 67 -4.20 6.07 -0.22
CA PHE A 67 -3.66 5.84 1.12
C PHE A 67 -4.63 6.32 2.19
N LEU A 68 -4.69 5.57 3.29
CA LEU A 68 -5.59 5.92 4.40
C LEU A 68 -4.83 6.68 5.49
N GLU A 69 -5.34 7.86 5.83
CA GLU A 69 -4.72 8.68 6.85
C GLU A 69 -4.61 7.92 8.17
N SER A 70 -5.52 6.98 8.38
CA SER A 70 -5.53 6.17 9.60
C SER A 70 -6.62 5.11 9.54
N THR A 71 -6.47 4.07 10.36
CA THR A 71 -7.42 2.98 10.40
C THR A 71 -8.44 3.18 11.51
N GLU A 72 -7.99 3.77 12.61
CA GLU A 72 -8.87 4.03 13.75
C GLU A 72 -10.08 4.86 13.34
N GLY A 73 -11.21 4.19 13.12
CA GLY A 73 -12.42 4.88 12.72
C GLY A 73 -13.23 4.10 11.71
N ILE A 74 -12.53 3.38 10.83
CA ILE A 74 -13.19 2.58 9.80
C ILE A 74 -14.26 1.68 10.41
N VAL A 75 -15.40 1.60 9.73
CA VAL A 75 -16.51 0.77 10.20
C VAL A 75 -16.63 -0.50 9.37
N PRO A 76 -16.06 -1.60 9.89
CA PRO A 76 -16.11 -2.90 9.21
C PRO A 76 -17.50 -3.51 9.19
N ASP A 77 -17.69 -4.52 8.36
CA ASP A 77 -18.98 -5.19 8.24
C ASP A 77 -18.80 -6.67 7.92
N PRO A 78 -19.84 -7.47 8.20
CA PRO A 78 -19.81 -8.91 7.96
C PRO A 78 -19.85 -9.25 6.47
N SER A 79 -20.73 -8.57 5.73
CA SER A 79 -20.87 -8.79 4.30
C SER A 79 -19.52 -8.67 3.60
N ALA A 80 -18.72 -7.70 4.04
CA ALA A 80 -17.40 -7.48 3.46
C ALA A 80 -16.42 -8.57 3.87
N ALA A 81 -16.46 -8.93 5.15
CA ALA A 81 -15.58 -9.97 5.68
C ALA A 81 -15.75 -11.28 4.92
N LEU A 82 -16.89 -11.42 4.25
CA LEU A 82 -17.18 -12.62 3.48
C LEU A 82 -16.31 -12.71 2.23
N LEU A 83 -15.86 -11.55 1.76
CA LEU A 83 -15.01 -11.49 0.58
C LEU A 83 -13.74 -12.30 0.77
N LEU A 84 -13.00 -11.97 1.83
CA LEU A 84 -11.75 -12.68 2.13
C LEU A 84 -11.74 -13.15 3.58
N LEU A 85 -11.01 -14.23 3.83
CA LEU A 85 -10.90 -14.79 5.18
C LEU A 85 -9.72 -14.21 5.92
N ARG A 86 -9.60 -14.54 7.20
CA ARG A 86 -8.51 -14.06 8.03
C ARG A 86 -7.15 -14.49 7.46
N SER A 87 -7.02 -15.78 7.20
CA SER A 87 -5.78 -16.34 6.66
C SER A 87 -5.64 -15.98 5.18
N ASP A 88 -6.74 -16.07 4.44
CA ASP A 88 -6.73 -15.76 3.01
C ASP A 88 -6.33 -14.31 2.78
N ALA A 89 -6.72 -13.44 3.70
CA ALA A 89 -6.41 -12.02 3.60
C ALA A 89 -4.91 -11.79 3.55
N LEU A 90 -4.16 -12.66 4.25
CA LEU A 90 -2.70 -12.55 4.28
C LEU A 90 -2.08 -13.09 3.00
N ARG A 91 -2.78 -14.03 2.36
CA ARG A 91 -2.30 -14.63 1.13
C ARG A 91 -2.03 -13.56 0.07
N TYR A 92 -2.92 -12.59 -0.02
CA TYR A 92 -2.78 -11.50 -0.99
C TYR A 92 -2.47 -10.19 -0.30
N GLY A 93 -2.65 -10.16 1.02
CA GLY A 93 -2.38 -8.95 1.78
C GLY A 93 -3.49 -7.93 1.65
N ALA A 94 -4.73 -8.39 1.61
CA ALA A 94 -5.89 -7.52 1.49
C ALA A 94 -6.95 -7.86 2.52
N VAL A 95 -7.75 -6.86 2.90
CA VAL A 95 -8.81 -7.05 3.88
C VAL A 95 -10.00 -6.17 3.57
N PRO A 96 -11.19 -6.79 3.42
CA PRO A 96 -12.42 -6.07 3.13
C PRO A 96 -12.91 -5.24 4.31
N ILE A 97 -14.00 -4.50 4.10
CA ILE A 97 -14.56 -3.65 5.15
C ILE A 97 -16.01 -3.30 4.85
N GLY A 98 -16.27 -2.89 3.62
CA GLY A 98 -17.61 -2.53 3.21
C GLY A 98 -17.74 -2.29 1.72
N PHE A 99 -18.88 -1.77 1.30
CA PHE A 99 -19.12 -1.50 -0.11
C PHE A 99 -19.64 -0.08 -0.31
N GLN A 100 -19.14 0.59 -1.35
CA GLN A 100 -19.56 1.96 -1.65
C GLN A 100 -19.63 2.18 -3.16
N ASN A 101 -20.71 2.83 -3.60
CA ASN A 101 -20.92 3.10 -5.01
C ASN A 101 -21.00 1.80 -5.82
N GLY A 102 -21.59 0.78 -5.21
CA GLY A 102 -21.72 -0.49 -5.88
C GLY A 102 -20.40 -1.21 -6.04
N GLU A 103 -19.39 -0.78 -5.28
CA GLU A 103 -18.08 -1.39 -5.34
C GLU A 103 -17.68 -1.98 -3.98
N VAL A 104 -16.65 -2.82 -4.00
CA VAL A 104 -16.18 -3.46 -2.77
C VAL A 104 -14.90 -2.79 -2.27
N GLU A 105 -14.96 -2.28 -1.04
CA GLU A 105 -13.81 -1.61 -0.43
C GLU A 105 -12.91 -2.63 0.28
N VAL A 106 -11.67 -2.72 -0.19
CA VAL A 106 -10.70 -3.65 0.40
C VAL A 106 -9.37 -2.96 0.64
N VAL A 107 -8.98 -2.86 1.92
CA VAL A 107 -7.72 -2.23 2.29
C VAL A 107 -6.58 -3.24 2.30
N LEU A 108 -5.58 -3.02 1.45
CA LEU A 108 -4.43 -3.91 1.37
C LEU A 108 -3.13 -3.15 1.61
N SER A 109 -2.10 -3.87 2.05
CA SER A 109 -0.81 -3.27 2.31
C SER A 109 0.18 -3.57 1.20
N ASP A 110 -0.32 -3.65 -0.03
CA ASP A 110 0.51 -3.94 -1.19
C ASP A 110 -0.10 -3.34 -2.46
N PRO A 111 0.23 -2.08 -2.74
CA PRO A 111 -0.27 -1.38 -3.92
C PRO A 111 0.31 -1.92 -5.22
N ARG A 112 1.49 -2.54 -5.12
CA ARG A 112 2.15 -3.10 -6.29
C ARG A 112 1.35 -4.26 -6.87
N HIS A 113 0.74 -5.05 -5.99
CA HIS A 113 -0.06 -6.19 -6.41
C HIS A 113 -1.55 -5.81 -6.49
N LYS A 114 -1.84 -4.54 -6.24
CA LYS A 114 -3.21 -4.05 -6.28
C LYS A 114 -3.90 -4.48 -7.57
N GLU A 115 -3.16 -4.45 -8.67
CA GLU A 115 -3.71 -4.83 -9.97
C GLU A 115 -3.83 -6.35 -10.07
N ALA A 116 -2.92 -7.06 -9.41
CA ALA A 116 -2.93 -8.52 -9.43
C ALA A 116 -4.28 -9.07 -8.98
N VAL A 117 -4.76 -8.59 -7.83
CA VAL A 117 -6.04 -9.02 -7.29
C VAL A 117 -7.20 -8.34 -8.01
N ALA A 118 -7.05 -7.04 -8.23
CA ALA A 118 -8.08 -6.27 -8.92
C ALA A 118 -8.52 -6.94 -10.22
N GLN A 119 -7.55 -7.47 -10.95
CA GLN A 119 -7.81 -8.15 -12.21
C GLN A 119 -8.40 -9.53 -11.98
N LEU A 120 -8.03 -10.14 -10.85
CA LEU A 120 -8.53 -11.48 -10.51
C LEU A 120 -9.98 -11.42 -10.06
N LEU A 121 -10.33 -10.35 -9.35
CA LEU A 121 -11.70 -10.17 -8.85
C LEU A 121 -12.68 -9.97 -10.01
N ASN A 122 -12.24 -9.21 -11.01
CA ASN A 122 -13.07 -8.93 -12.18
C ASN A 122 -14.33 -8.16 -11.78
N ARG A 123 -14.18 -7.31 -10.76
CA ARG A 123 -15.30 -6.51 -10.28
C ARG A 123 -14.82 -5.17 -9.73
N PRO A 124 -15.73 -4.19 -9.66
CA PRO A 124 -15.43 -2.85 -9.15
C PRO A 124 -15.16 -2.85 -7.65
N ALA A 125 -13.91 -2.61 -7.27
CA ALA A 125 -13.53 -2.59 -5.86
C ALA A 125 -12.50 -1.49 -5.59
N ARG A 126 -12.67 -0.79 -4.48
CA ARG A 126 -11.75 0.29 -4.11
C ARG A 126 -10.59 -0.25 -3.28
N PHE A 127 -9.38 -0.15 -3.83
CA PHE A 127 -8.19 -0.63 -3.14
C PHE A 127 -7.45 0.53 -2.47
N TYR A 128 -7.20 0.39 -1.17
CA TYR A 128 -6.50 1.42 -0.41
C TYR A 128 -5.16 0.90 0.10
N LEU A 129 -4.28 1.82 0.48
CA LEU A 129 -2.96 1.46 1.00
C LEU A 129 -2.77 2.01 2.41
N ALA A 130 -2.81 1.13 3.39
CA ALA A 130 -2.63 1.52 4.78
C ALA A 130 -1.36 0.90 5.37
N LEU A 131 -0.78 1.58 6.35
CA LEU A 131 0.44 1.10 7.00
C LEU A 131 0.30 -0.35 7.43
N PRO A 132 1.43 -1.02 7.63
CA PRO A 132 1.46 -2.43 8.06
C PRO A 132 0.97 -2.62 9.49
N GLN A 133 1.17 -1.59 10.32
CA GLN A 133 0.77 -1.64 11.71
C GLN A 133 -0.75 -1.41 11.84
N ALA A 134 -1.27 -0.51 11.02
CA ALA A 134 -2.69 -0.20 11.04
C ALA A 134 -3.49 -1.22 10.24
N TRP A 135 -2.90 -1.71 9.16
CA TRP A 135 -3.56 -2.70 8.30
C TRP A 135 -3.64 -4.05 9.00
N GLU A 136 -2.64 -4.36 9.81
CA GLU A 136 -2.60 -5.63 10.54
C GLU A 136 -3.69 -5.66 11.61
N GLU A 137 -3.81 -4.56 12.35
CA GLU A 137 -4.81 -4.47 13.41
C GLU A 137 -6.22 -4.45 12.83
N LEU A 138 -6.36 -3.90 11.63
CA LEU A 138 -7.65 -3.82 10.96
C LEU A 138 -8.30 -5.20 10.86
N PHE A 139 -7.46 -6.23 10.81
CA PHE A 139 -7.96 -7.61 10.72
C PHE A 139 -8.99 -7.90 11.80
N ARG A 140 -8.71 -7.42 13.02
CA ARG A 140 -9.60 -7.63 14.14
C ARG A 140 -10.91 -6.88 13.95
N ARG A 141 -10.86 -5.79 13.18
CA ARG A 141 -12.03 -4.98 12.91
C ARG A 141 -12.89 -5.60 11.82
N ALA A 142 -12.25 -5.95 10.70
CA ALA A 142 -12.95 -6.55 9.57
C ALA A 142 -13.43 -7.96 9.92
N TYR A 143 -12.65 -8.67 10.73
CA TYR A 143 -12.99 -10.03 11.13
C TYR A 143 -13.28 -10.09 12.63
N PRO A 144 -14.46 -9.58 13.02
CA PRO A 144 -14.89 -9.56 14.43
C PRO A 144 -15.21 -10.96 14.95
N GLN A 145 -15.77 -11.02 16.15
CA GLN A 145 -16.13 -12.30 16.77
C GLN A 145 -17.34 -12.92 16.07
N LYS A 146 -17.47 -14.23 16.19
CA LYS A 146 -18.59 -14.95 15.57
C LYS A 146 -18.58 -14.76 14.06
P 5GP B . 9.79 1.76 -9.83
O1P 5GP B . 9.29 1.23 -11.12
O3P 5GP B . 9.91 3.22 -9.63
O5' 5GP B . 11.24 1.13 -9.62
C5' 5GP B . 11.86 0.35 -10.65
C4' 5GP B . 13.35 0.29 -10.40
O4' 5GP B . 13.92 1.49 -10.88
C3' 5GP B . 13.79 0.21 -8.95
O3' 5GP B . 13.78 -1.13 -8.46
C2' 5GP B . 15.21 0.75 -9.03
O2' 5GP B . 16.15 -0.18 -9.54
C1' 5GP B . 15.02 1.86 -10.06
N9 5GP B . 14.71 3.10 -9.36
C8 5GP B . 13.62 3.38 -8.55
N7 5GP B . 13.68 4.58 -8.03
C5 5GP B . 14.85 5.11 -8.52
C6 5GP B . 15.46 6.38 -8.27
O6 5GP B . 15.05 7.32 -7.57
N1 5GP B . 16.66 6.51 -8.96
C2 5GP B . 17.21 5.55 -9.78
N2 5GP B . 18.38 5.84 -10.34
N3 5GP B . 16.65 4.38 -10.01
C4 5GP B . 15.49 4.22 -9.35
H5'1 5GP B . 11.45 -0.66 -10.64
H5'2 5GP B . 11.67 0.82 -11.61
H4' 5GP B . 13.65 -0.61 -10.91
H3' 5GP B . 13.14 0.75 -8.25
H2' 5GP B . 15.60 1.03 -8.06
HO2' 5GP B . 16.23 -0.91 -8.93
H1' 5GP B . 15.92 2.02 -10.65
H8 5GP B . 12.81 2.69 -8.39
HN1 5GP B . 17.17 7.38 -8.85
HN21 5GP B . 18.82 6.73 -10.16
HN22 5GP B . 18.83 5.18 -10.95
P 5GP C . 12.58 -1.62 -7.50
O1P 5GP C . 12.44 -3.08 -7.65
O3P 5GP C . 12.76 -1.04 -6.14
O5' 5GP C . 11.28 -0.97 -8.13
C5' 5GP C . 10.19 -1.77 -8.57
C4' 5GP C . 8.89 -1.15 -8.14
O4' 5GP C . 8.49 -1.91 -7.00
C3' 5GP C . 8.98 0.26 -7.58
O3' 5GP C . 8.93 1.24 -8.61
C2' 5GP C . 7.71 0.31 -6.73
O2' 5GP C . 6.53 0.47 -7.47
C1' 5GP C . 7.74 -1.09 -6.12
N9 5GP C . 8.41 -1.04 -4.82
C8 5GP C . 9.69 -0.63 -4.54
N7 5GP C . 9.95 -0.64 -3.26
C5 5GP C . 8.78 -1.09 -2.68
C6 5GP C . 8.45 -1.29 -1.31
O6 5GP C . 9.17 -1.13 -0.30
N1 5GP C . 7.15 -1.74 -1.15
C2 5GP C . 6.27 -1.96 -2.19
N2 5GP C . 5.04 -2.38 -1.84
N3 5GP C . 6.56 -1.80 -3.46
C4 5GP C . 7.82 -1.36 -3.63
H5'1 5GP C . 10.22 -1.85 -9.66
H5'2 5GP C . 10.28 -2.77 -8.13
H4' 5GP C . 8.31 -1.13 -9.07
H3' 5GP C . 9.90 0.47 -7.04
H2' 5GP C . 7.72 1.15 -6.04
HO2' 5GP C . 6.38 1.40 -7.65
H1' 5GP C . 6.72 -1.48 -5.98
H8 5GP C . 10.41 -0.34 -5.31
HN1 5GP C . 6.81 -1.91 -0.21
HN21 5GP C . 4.81 -2.51 -0.87
HN22 5GP C . 4.35 -2.56 -2.55
N GLY A 1 6.10 22.22 0.62
CA GLY A 1 6.81 21.17 -0.10
C GLY A 1 6.21 19.80 0.13
N SER A 2 4.88 19.73 0.13
CA SER A 2 4.18 18.47 0.35
C SER A 2 3.63 17.91 -0.97
N SER A 3 3.04 18.79 -1.77
CA SER A 3 2.47 18.38 -3.05
C SER A 3 3.52 18.46 -4.16
N GLY A 4 4.25 19.57 -4.19
CA GLY A 4 5.28 19.75 -5.21
C GLY A 4 4.87 20.74 -6.28
N GLU A 5 5.19 20.43 -7.52
CA GLU A 5 4.87 21.31 -8.65
C GLU A 5 4.62 20.50 -9.92
N GLY A 6 5.69 19.94 -10.47
CA GLY A 6 5.57 19.16 -11.68
C GLY A 6 5.60 17.67 -11.41
N GLN A 7 6.48 17.24 -10.52
CA GLN A 7 6.61 15.83 -10.18
C GLN A 7 7.00 15.01 -11.40
N LYS A 8 7.40 13.76 -11.16
CA LYS A 8 7.79 12.86 -12.24
C LYS A 8 7.63 11.40 -11.82
N ASP A 9 6.86 10.65 -12.60
CA ASP A 9 6.61 9.24 -12.31
C ASP A 9 7.58 8.37 -13.09
N LEU A 10 8.70 8.95 -13.52
CA LEU A 10 9.70 8.23 -14.28
C LEU A 10 10.19 7.00 -13.51
N LYS A 11 10.43 7.17 -12.22
CA LYS A 11 10.88 6.08 -11.36
C LYS A 11 10.39 6.27 -9.94
N LEU A 12 10.32 5.16 -9.19
CA LEU A 12 9.86 5.20 -7.81
C LEU A 12 10.70 6.17 -6.99
N GLY A 13 12.02 5.97 -7.01
CA GLY A 13 12.91 6.83 -6.27
C GLY A 13 12.75 8.30 -6.64
N GLU A 14 12.64 8.57 -7.94
CA GLU A 14 12.48 9.94 -8.42
C GLU A 14 11.16 10.53 -7.95
N LEU A 15 10.10 9.72 -7.97
CA LEU A 15 8.78 10.15 -7.54
C LEU A 15 8.84 10.82 -6.18
N LEU A 16 9.63 10.24 -5.28
CA LEU A 16 9.78 10.78 -3.93
C LEU A 16 10.69 12.01 -3.93
N LEU A 17 11.70 11.99 -4.78
CA LEU A 17 12.63 13.10 -4.89
C LEU A 17 11.90 14.41 -5.19
N GLN A 18 10.99 14.35 -6.18
CA GLN A 18 10.23 15.53 -6.57
C GLN A 18 9.50 16.13 -5.37
N LYS A 19 8.99 15.26 -4.49
CA LYS A 19 8.27 15.71 -3.31
C LYS A 19 9.25 16.24 -2.25
N GLY A 20 10.48 15.75 -2.30
CA GLY A 20 11.48 16.18 -1.34
C GLY A 20 11.44 15.40 -0.05
N TRP A 21 11.01 14.14 -0.15
CA TRP A 21 10.92 13.27 1.03
C TRP A 21 12.29 12.72 1.40
N ILE A 22 13.06 12.33 0.39
CA ILE A 22 14.39 11.79 0.61
C ILE A 22 15.46 12.63 -0.09
N SER A 23 16.64 12.70 0.51
CA SER A 23 17.74 13.47 -0.06
C SER A 23 18.24 12.83 -1.35
N ARG A 24 18.84 13.64 -2.21
CA ARG A 24 19.36 13.15 -3.49
C ARG A 24 20.28 11.95 -3.27
N GLU A 25 21.08 12.01 -2.20
CA GLU A 25 21.99 10.92 -1.88
C GLU A 25 21.24 9.71 -1.35
N ALA A 26 20.15 9.94 -0.65
CA ALA A 26 19.33 8.87 -0.09
C ALA A 26 18.89 7.90 -1.18
N LEU A 27 18.51 8.44 -2.33
CA LEU A 27 18.07 7.62 -3.46
C LEU A 27 19.20 6.73 -3.96
N GLU A 28 20.35 7.33 -4.22
CA GLU A 28 21.51 6.59 -4.71
C GLU A 28 21.95 5.55 -3.69
N GLU A 29 21.87 5.91 -2.41
CA GLU A 29 22.27 4.99 -1.34
C GLU A 29 21.37 3.76 -1.31
N ALA A 30 20.06 3.99 -1.36
CA ALA A 30 19.09 2.90 -1.35
C ALA A 30 19.21 2.03 -2.59
N LEU A 31 19.47 2.67 -3.73
CA LEU A 31 19.61 1.95 -4.99
C LEU A 31 20.82 1.03 -4.96
N VAL A 32 21.98 1.58 -4.61
CA VAL A 32 23.21 0.81 -4.53
C VAL A 32 23.07 -0.35 -3.55
N GLU A 33 22.31 -0.13 -2.49
CA GLU A 33 22.10 -1.16 -1.48
C GLU A 33 21.24 -2.29 -2.02
N GLN A 34 20.37 -1.96 -2.97
CA GLN A 34 19.49 -2.95 -3.58
C GLN A 34 20.28 -3.89 -4.48
N GLU A 35 21.41 -3.42 -4.99
CA GLU A 35 22.26 -4.23 -5.87
C GLU A 35 23.08 -5.22 -5.06
N LYS A 36 23.31 -4.90 -3.79
CA LYS A 36 24.08 -5.76 -2.91
C LYS A 36 23.18 -6.61 -2.02
N THR A 37 22.01 -6.05 -1.69
CA THR A 37 21.05 -6.76 -0.85
C THR A 37 20.00 -7.47 -1.70
N GLY A 38 19.62 -6.84 -2.81
CA GLY A 38 18.62 -7.43 -3.68
C GLY A 38 17.21 -7.27 -3.15
N ASP A 39 17.00 -6.24 -2.34
CA ASP A 39 15.68 -5.97 -1.76
C ASP A 39 14.96 -4.88 -2.55
N LEU A 40 13.79 -4.50 -2.06
CA LEU A 40 12.99 -3.46 -2.72
C LEU A 40 13.54 -2.08 -2.42
N LEU A 41 13.65 -1.25 -3.46
CA LEU A 41 14.17 0.11 -3.31
C LEU A 41 13.40 0.87 -2.24
N GLY A 42 12.11 0.57 -2.12
CA GLY A 42 11.28 1.23 -1.13
C GLY A 42 11.61 0.80 0.29
N ARG A 43 11.57 -0.50 0.53
CA ARG A 43 11.87 -1.03 1.86
C ARG A 43 13.32 -0.76 2.24
N ILE A 44 14.20 -0.77 1.25
CA ILE A 44 15.62 -0.52 1.48
C ILE A 44 15.88 0.96 1.73
N LEU A 45 15.07 1.81 1.12
CA LEU A 45 15.21 3.26 1.27
C LEU A 45 14.78 3.70 2.66
N VAL A 46 13.80 3.00 3.22
CA VAL A 46 13.28 3.31 4.55
C VAL A 46 14.41 3.36 5.58
N ARG A 47 15.45 2.56 5.34
CA ARG A 47 16.59 2.51 6.25
C ARG A 47 17.20 3.90 6.44
N LYS A 48 17.08 4.72 5.40
CA LYS A 48 17.62 6.08 5.46
C LYS A 48 16.88 6.93 6.50
N GLY A 49 15.69 6.48 6.88
CA GLY A 49 14.91 7.19 7.87
C GLY A 49 13.60 7.70 7.32
N LEU A 50 13.14 7.09 6.23
CA LEU A 50 11.89 7.49 5.59
C LEU A 50 10.70 6.83 6.27
N PRO A 51 9.64 7.61 6.50
CA PRO A 51 8.42 7.12 7.15
C PRO A 51 7.63 6.17 6.25
N GLU A 52 7.01 5.16 6.86
CA GLU A 52 6.24 4.18 6.12
C GLU A 52 5.17 4.88 5.26
N GLU A 53 4.50 5.87 5.84
CA GLU A 53 3.46 6.60 5.12
C GLU A 53 3.99 7.13 3.80
N ALA A 54 5.26 7.54 3.79
CA ALA A 54 5.89 8.07 2.59
C ALA A 54 6.16 6.97 1.58
N LEU A 55 6.72 5.86 2.05
CA LEU A 55 7.03 4.74 1.19
C LEU A 55 5.76 4.20 0.52
N TYR A 56 4.68 4.11 1.29
CA TYR A 56 3.41 3.62 0.77
C TYR A 56 2.74 4.66 -0.12
N ARG A 57 2.78 5.91 0.31
CA ARG A 57 2.17 7.00 -0.45
C ARG A 57 2.73 7.05 -1.87
N ALA A 58 4.05 6.88 -1.99
CA ALA A 58 4.71 6.90 -3.29
C ALA A 58 4.25 5.73 -4.15
N LEU A 59 4.11 4.56 -3.53
CA LEU A 59 3.68 3.36 -4.25
C LEU A 59 2.31 3.56 -4.88
N ALA A 60 1.43 4.27 -4.16
CA ALA A 60 0.08 4.53 -4.66
C ALA A 60 0.11 5.45 -5.88
N GLU A 61 1.12 6.31 -5.94
CA GLU A 61 1.27 7.23 -7.05
C GLU A 61 1.84 6.53 -8.27
N GLN A 62 2.75 5.60 -8.04
CA GLN A 62 3.38 4.85 -9.13
C GLN A 62 2.45 3.76 -9.63
N LYS A 63 1.79 3.06 -8.70
CA LYS A 63 0.87 1.99 -9.06
C LYS A 63 -0.54 2.54 -9.31
N GLY A 64 -0.74 3.80 -8.94
CA GLY A 64 -2.04 4.42 -9.14
C GLY A 64 -3.09 3.89 -8.17
N LEU A 65 -2.64 3.47 -6.99
CA LEU A 65 -3.54 2.94 -5.97
C LEU A 65 -4.09 4.05 -5.10
N GLU A 66 -5.29 3.84 -4.56
CA GLU A 66 -5.92 4.83 -3.70
C GLU A 66 -5.50 4.64 -2.24
N PHE A 67 -4.77 5.61 -1.71
CA PHE A 67 -4.29 5.55 -0.34
C PHE A 67 -5.39 5.97 0.64
N LEU A 68 -5.39 5.37 1.82
CA LEU A 68 -6.38 5.68 2.84
C LEU A 68 -5.78 6.56 3.94
N GLU A 69 -6.42 7.70 4.17
CA GLU A 69 -5.95 8.63 5.19
C GLU A 69 -5.89 7.96 6.55
N SER A 70 -6.70 6.93 6.74
CA SER A 70 -6.75 6.19 8.00
C SER A 70 -7.63 4.96 7.89
N THR A 71 -7.80 4.25 9.00
CA THR A 71 -8.62 3.05 9.03
C THR A 71 -9.78 3.20 10.02
N GLU A 72 -9.52 3.89 11.12
CA GLU A 72 -10.54 4.11 12.15
C GLU A 72 -11.80 4.69 11.53
N GLY A 73 -11.63 5.54 10.53
CA GLY A 73 -12.78 6.17 9.87
C GLY A 73 -13.54 5.18 9.01
N ILE A 74 -12.84 4.26 8.38
CA ILE A 74 -13.46 3.26 7.52
C ILE A 74 -14.59 2.54 8.25
N VAL A 75 -15.67 2.29 7.54
CA VAL A 75 -16.83 1.60 8.11
C VAL A 75 -16.95 0.18 7.59
N PRO A 76 -16.45 -0.79 8.38
CA PRO A 76 -16.48 -2.20 8.01
C PRO A 76 -17.90 -2.77 8.03
N ASP A 77 -18.08 -3.93 7.39
CA ASP A 77 -19.38 -4.57 7.34
C ASP A 77 -19.24 -6.09 7.26
N PRO A 78 -20.30 -6.81 7.62
CA PRO A 78 -20.32 -8.28 7.61
C PRO A 78 -20.29 -8.84 6.19
N SER A 79 -21.13 -8.28 5.32
CA SER A 79 -21.20 -8.73 3.93
C SER A 79 -19.82 -8.74 3.29
N ALA A 80 -19.07 -7.66 3.50
CA ALA A 80 -17.73 -7.55 2.94
C ALA A 80 -16.78 -8.58 3.56
N ALA A 81 -16.93 -8.81 4.85
CA ALA A 81 -16.10 -9.77 5.56
C ALA A 81 -16.22 -11.16 4.96
N LEU A 82 -17.31 -11.38 4.21
CA LEU A 82 -17.56 -12.66 3.58
C LEU A 82 -16.61 -12.89 2.40
N LEU A 83 -16.14 -11.80 1.83
CA LEU A 83 -15.21 -11.86 0.69
C LEU A 83 -13.95 -12.63 1.07
N LEU A 84 -13.28 -12.17 2.12
CA LEU A 84 -12.05 -12.81 2.58
C LEU A 84 -12.12 -13.10 4.07
N LEU A 85 -11.36 -14.10 4.51
CA LEU A 85 -11.34 -14.47 5.93
C LEU A 85 -10.15 -13.83 6.64
N ARG A 86 -10.06 -14.06 7.94
CA ARG A 86 -8.98 -13.49 8.74
C ARG A 86 -7.63 -13.99 8.25
N SER A 87 -7.48 -15.32 8.16
CA SER A 87 -6.24 -15.92 7.70
C SER A 87 -6.06 -15.74 6.20
N ASP A 88 -7.16 -15.91 5.45
CA ASP A 88 -7.13 -15.77 4.00
C ASP A 88 -6.70 -14.37 3.60
N ALA A 89 -7.06 -13.38 4.42
CA ALA A 89 -6.72 -11.99 4.16
C ALA A 89 -5.21 -11.80 4.16
N LEU A 90 -4.51 -12.57 4.97
CA LEU A 90 -3.06 -12.48 5.07
C LEU A 90 -2.39 -13.20 3.89
N ARG A 91 -3.09 -14.17 3.31
CA ARG A 91 -2.57 -14.92 2.18
C ARG A 91 -2.19 -13.99 1.04
N TYR A 92 -3.03 -12.99 0.78
CA TYR A 92 -2.78 -12.03 -0.28
C TYR A 92 -2.52 -10.64 0.29
N GLY A 93 -2.82 -10.46 1.57
CA GLY A 93 -2.61 -9.18 2.21
C GLY A 93 -3.70 -8.18 1.88
N ALA A 94 -4.94 -8.66 1.83
CA ALA A 94 -6.08 -7.80 1.53
C ALA A 94 -7.23 -8.05 2.51
N VAL A 95 -8.00 -7.00 2.78
CA VAL A 95 -9.13 -7.10 3.70
C VAL A 95 -10.31 -6.26 3.21
N PRO A 96 -11.48 -6.91 3.09
CA PRO A 96 -12.70 -6.24 2.65
C PRO A 96 -13.24 -5.25 3.68
N ILE A 97 -14.28 -4.52 3.30
CA ILE A 97 -14.89 -3.54 4.19
C ILE A 97 -16.32 -3.21 3.76
N GLY A 98 -16.51 -3.00 2.46
CA GLY A 98 -17.82 -2.69 1.94
C GLY A 98 -17.87 -2.70 0.42
N PHE A 99 -18.97 -2.21 -0.13
CA PHE A 99 -19.14 -2.17 -1.58
C PHE A 99 -19.57 -0.78 -2.04
N GLN A 100 -18.99 -0.33 -3.15
CA GLN A 100 -19.30 0.99 -3.69
C GLN A 100 -19.28 0.97 -5.22
N ASN A 101 -20.32 1.51 -5.83
CA ASN A 101 -20.43 1.56 -7.28
C ASN A 101 -20.50 0.14 -7.87
N GLY A 102 -21.15 -0.76 -7.14
CA GLY A 102 -21.28 -2.13 -7.60
C GLY A 102 -19.96 -2.88 -7.57
N GLU A 103 -19.00 -2.35 -6.83
CA GLU A 103 -17.68 -2.97 -6.72
C GLU A 103 -17.39 -3.35 -5.28
N VAL A 104 -16.42 -4.25 -5.10
CA VAL A 104 -16.04 -4.71 -3.77
C VAL A 104 -14.81 -3.96 -3.25
N GLU A 105 -14.99 -3.23 -2.15
CA GLU A 105 -13.90 -2.46 -1.57
C GLU A 105 -13.00 -3.35 -0.71
N VAL A 106 -11.74 -3.47 -1.11
CA VAL A 106 -10.78 -4.30 -0.39
C VAL A 106 -9.46 -3.55 -0.17
N VAL A 107 -9.09 -3.38 1.09
CA VAL A 107 -7.85 -2.69 1.44
C VAL A 107 -6.70 -3.67 1.62
N LEU A 108 -5.66 -3.49 0.83
CA LEU A 108 -4.49 -4.36 0.90
C LEU A 108 -3.21 -3.55 1.13
N SER A 109 -2.26 -4.14 1.84
CA SER A 109 -0.99 -3.47 2.13
C SER A 109 0.08 -3.88 1.12
N ASP A 110 -0.34 -4.09 -0.12
CA ASP A 110 0.59 -4.49 -1.18
C ASP A 110 0.04 -4.10 -2.55
N PRO A 111 0.35 -2.87 -2.98
CA PRO A 111 -0.11 -2.36 -4.28
C PRO A 111 0.58 -3.04 -5.45
N ARG A 112 1.75 -3.61 -5.20
CA ARG A 112 2.52 -4.29 -6.23
C ARG A 112 1.77 -5.52 -6.73
N HIS A 113 1.09 -6.21 -5.81
CA HIS A 113 0.32 -7.41 -6.17
C HIS A 113 -1.15 -7.07 -6.37
N LYS A 114 -1.48 -5.78 -6.27
CA LYS A 114 -2.85 -5.32 -6.44
C LYS A 114 -3.46 -5.91 -7.72
N GLU A 115 -2.66 -5.96 -8.78
CA GLU A 115 -3.12 -6.49 -10.06
C GLU A 115 -3.23 -8.02 -10.00
N ALA A 116 -2.35 -8.64 -9.22
CA ALA A 116 -2.34 -10.09 -9.08
C ALA A 116 -3.71 -10.61 -8.64
N VAL A 117 -4.24 -10.02 -7.57
CA VAL A 117 -5.55 -10.41 -7.06
C VAL A 117 -6.68 -9.85 -7.92
N ALA A 118 -6.54 -8.58 -8.30
CA ALA A 118 -7.54 -7.92 -9.12
C ALA A 118 -7.89 -8.76 -10.35
N GLN A 119 -6.88 -9.38 -10.95
CA GLN A 119 -7.07 -10.21 -12.13
C GLN A 119 -7.64 -11.57 -11.75
N LEU A 120 -7.32 -12.01 -10.54
CA LEU A 120 -7.80 -13.30 -10.04
C LEU A 120 -9.28 -13.24 -9.69
N LEU A 121 -9.70 -12.12 -9.11
CA LEU A 121 -11.10 -11.94 -8.72
C LEU A 121 -12.00 -11.94 -9.94
N ASN A 122 -11.53 -11.33 -11.03
CA ASN A 122 -12.29 -11.25 -12.26
C ASN A 122 -13.58 -10.46 -12.06
N ARG A 123 -13.52 -9.46 -11.18
CA ARG A 123 -14.68 -8.62 -10.90
C ARG A 123 -14.25 -7.23 -10.47
N PRO A 124 -15.18 -6.25 -10.60
CA PRO A 124 -14.91 -4.86 -10.23
C PRO A 124 -14.77 -4.67 -8.72
N ALA A 125 -13.57 -4.29 -8.29
CA ALA A 125 -13.31 -4.07 -6.88
C ALA A 125 -12.34 -2.91 -6.67
N ARG A 126 -12.60 -2.11 -5.64
CA ARG A 126 -11.74 -0.97 -5.33
C ARG A 126 -10.61 -1.37 -4.41
N PHE A 127 -9.38 -1.27 -4.90
CA PHE A 127 -8.20 -1.63 -4.11
C PHE A 127 -7.53 -0.37 -3.55
N TYR A 128 -7.37 -0.34 -2.23
CA TYR A 128 -6.74 0.80 -1.56
C TYR A 128 -5.41 0.40 -0.95
N LEU A 129 -4.58 1.40 -0.64
CA LEU A 129 -3.27 1.15 -0.03
C LEU A 129 -3.14 1.88 1.30
N ALA A 130 -3.22 1.13 2.39
CA ALA A 130 -3.10 1.70 3.72
C ALA A 130 -1.86 1.17 4.44
N LEU A 131 -1.35 1.96 5.38
CA LEU A 131 -0.16 1.58 6.13
C LEU A 131 -0.33 0.20 6.76
N PRO A 132 0.79 -0.44 7.09
CA PRO A 132 0.80 -1.78 7.70
C PRO A 132 0.26 -1.77 9.13
N GLN A 133 0.44 -0.64 9.81
CA GLN A 133 -0.01 -0.50 11.19
C GLN A 133 -1.53 -0.32 11.23
N ALA A 134 -2.06 0.45 10.29
CA ALA A 134 -3.50 0.70 10.23
C ALA A 134 -4.22 -0.45 9.54
N TRP A 135 -3.57 -1.03 8.54
CA TRP A 135 -4.15 -2.15 7.79
C TRP A 135 -4.27 -3.39 8.67
N GLU A 136 -3.28 -3.59 9.54
CA GLU A 136 -3.28 -4.74 10.44
C GLU A 136 -4.42 -4.65 11.45
N GLU A 137 -4.56 -3.48 12.05
CA GLU A 137 -5.61 -3.26 13.05
C GLU A 137 -7.00 -3.33 12.41
N LEU A 138 -7.06 -2.95 11.14
CA LEU A 138 -8.32 -2.95 10.40
C LEU A 138 -8.97 -4.34 10.45
N PHE A 139 -8.14 -5.37 10.58
CA PHE A 139 -8.63 -6.74 10.64
C PHE A 139 -9.71 -6.89 11.70
N ARG A 140 -9.51 -6.22 12.83
CA ARG A 140 -10.46 -6.27 13.94
C ARG A 140 -11.75 -5.55 13.58
N ARG A 141 -11.66 -4.57 12.69
CA ARG A 141 -12.82 -3.81 12.25
C ARG A 141 -13.64 -4.59 11.24
N ALA A 142 -12.97 -5.12 10.23
CA ALA A 142 -13.64 -5.89 9.18
C ALA A 142 -14.07 -7.26 9.71
N TYR A 143 -13.27 -7.82 10.62
CA TYR A 143 -13.57 -9.12 11.21
C TYR A 143 -13.90 -9.00 12.69
N PRO A 144 -15.12 -8.49 12.97
CA PRO A 144 -15.59 -8.32 14.35
C PRO A 144 -15.87 -9.64 15.05
N GLN A 145 -15.36 -9.78 16.27
CA GLN A 145 -15.54 -11.00 17.05
C GLN A 145 -16.93 -11.02 17.70
N LYS A 146 -17.59 -12.16 17.63
CA LYS A 146 -18.91 -12.32 18.21
C LYS A 146 -19.85 -11.22 17.72
P 5GP B . 10.01 1.00 -10.35
O1P 5GP B . 9.61 0.36 -11.62
O3P 5GP B . 10.04 2.49 -10.26
O5' 5GP B . 11.48 0.47 -10.01
C5' 5GP B . 12.18 -0.36 -10.93
C4' 5GP B . 13.65 -0.31 -10.63
O4' 5GP B . 14.19 0.86 -11.21
C3' 5GP B . 14.04 -0.23 -9.16
O3' 5GP B . 14.08 -1.51 -8.54
C2' 5GP B . 15.43 0.38 -9.26
O2' 5GP B . 16.43 -0.54 -9.63
C1' 5GP B . 15.23 1.38 -10.39
N9 5GP B . 14.81 2.67 -9.84
C8 5GP B . 13.69 2.96 -9.11
N7 5GP B . 13.66 4.20 -8.70
C5 5GP B . 14.81 4.75 -9.20
C6 5GP B . 15.34 6.07 -9.08
O6 5GP B . 14.84 7.04 -8.49
N1 5GP B . 16.56 6.20 -9.73
C2 5GP B . 17.19 5.19 -10.42
N2 5GP B . 18.37 5.50 -10.97
N3 5GP B . 16.71 3.98 -10.55
C4 5GP B . 15.53 3.82 -9.92
H5'1 5GP B . 11.83 -1.39 -10.84
H5'2 5GP B . 12.01 -0.01 -11.94
H4' 5GP B . 14.03 -1.25 -11.04
H3' 5GP B . 13.34 0.35 -8.55
H2' 5GP B . 15.77 0.79 -8.30
HO2' 5GP B . 16.54 -1.19 -8.94
H1' 5GP B . 16.14 1.52 -10.96
H8 5GP B . 12.90 2.23 -8.89
HN1 5GP B . 17.02 7.10 -9.69
HN21 5GP B . 18.75 6.43 -10.87
HN22 5GP B . 18.88 4.80 -11.48
P 5GP C . 12.87 -1.96 -7.58
O1P 5GP C . 12.82 -3.44 -7.58
O3P 5GP C . 12.96 -1.24 -6.28
O5' 5GP C . 11.56 -1.47 -8.34
C5' 5GP C . 10.55 -2.38 -8.73
C4' 5GP C . 9.19 -1.80 -8.42
O4' 5GP C . 8.78 -2.46 -7.22
C3' 5GP C . 9.17 -0.33 -8.00
O3' 5GP C . 9.12 0.52 -9.13
C2' 5GP C . 7.88 -0.28 -7.21
O2' 5GP C . 6.71 -0.27 -8.01
C1' 5GP C . 7.94 -1.60 -6.45
N9 5GP C . 8.56 -1.38 -5.15
C8 5GP C . 9.80 -0.87 -4.86
N7 5GP C . 10.01 -0.73 -3.58
C5 5GP C . 8.84 -1.17 -2.99
C6 5GP C . 8.46 -1.25 -1.62
O6 5GP C . 9.12 -0.94 -0.62
N1 5GP C . 7.18 -1.75 -1.47
C2 5GP C . 6.36 -2.13 -2.51
N2 5GP C . 5.14 -2.57 -2.17
N3 5GP C . 6.69 -2.08 -3.78
C4 5GP C . 7.94 -1.59 -3.95
H5'1 5GP C . 10.63 -2.57 -9.80
H5'2 5GP C . 10.68 -3.32 -8.17
H4' 5GP C . 8.65 -1.92 -9.36
H3' 5GP C . 10.05 -0.01 -7.46
H2' 5GP C . 7.80 0.63 -6.62
HO2' 5GP C . 6.65 0.56 -8.49
H1' 5GP C . 6.95 -2.03 -6.31
H8 5GP C . 10.54 -0.61 -5.62
HN1 5GP C . 6.82 -1.84 -0.53
HN21 5GP C . 4.87 -2.62 -1.19
HN22 5GP C . 4.50 -2.87 -2.89
N GLY A 1 -1.26 24.31 0.11
CA GLY A 1 -0.21 23.58 -0.58
C GLY A 1 -0.71 22.93 -1.85
N SER A 2 -1.79 22.17 -1.75
CA SER A 2 -2.36 21.48 -2.91
C SER A 2 -1.31 20.63 -3.61
N SER A 3 -1.66 20.13 -4.79
CA SER A 3 -0.74 19.29 -5.56
C SER A 3 0.07 20.13 -6.53
N GLY A 4 1.30 19.71 -6.80
CA GLY A 4 2.16 20.43 -7.72
C GLY A 4 3.32 21.10 -7.03
N GLU A 5 4.43 20.38 -6.90
CA GLU A 5 5.62 20.92 -6.24
C GLU A 5 6.89 20.30 -6.83
N GLY A 6 7.07 20.46 -8.14
CA GLY A 6 8.24 19.92 -8.79
C GLY A 6 8.38 18.43 -8.58
N GLN A 7 7.25 17.73 -8.52
CA GLN A 7 7.26 16.28 -8.31
C GLN A 7 7.45 15.55 -9.64
N LYS A 8 7.93 14.31 -9.55
CA LYS A 8 8.15 13.50 -10.74
C LYS A 8 7.95 12.01 -10.43
N ASP A 9 7.12 11.36 -11.23
CA ASP A 9 6.83 9.94 -11.05
C ASP A 9 7.74 9.08 -11.92
N LEU A 10 8.86 9.66 -12.35
CA LEU A 10 9.82 8.95 -13.19
C LEU A 10 10.23 7.64 -12.56
N LYS A 11 10.50 7.67 -11.25
CA LYS A 11 10.90 6.47 -10.52
C LYS A 11 10.45 6.55 -9.07
N LEU A 12 10.31 5.38 -8.44
CA LEU A 12 9.88 5.32 -7.04
C LEU A 12 10.80 6.15 -6.16
N GLY A 13 12.09 5.87 -6.22
CA GLY A 13 13.05 6.61 -5.42
C GLY A 13 12.99 8.10 -5.67
N GLU A 14 12.83 8.48 -6.93
CA GLU A 14 12.76 9.89 -7.30
C GLU A 14 11.52 10.55 -6.71
N LEU A 15 10.39 9.83 -6.75
CA LEU A 15 9.14 10.34 -6.22
C LEU A 15 9.31 10.86 -4.80
N LEU A 16 10.01 10.10 -3.98
CA LEU A 16 10.25 10.48 -2.59
C LEU A 16 11.27 11.62 -2.52
N LEU A 17 12.24 11.61 -3.43
CA LEU A 17 13.26 12.65 -3.47
C LEU A 17 12.63 14.03 -3.65
N GLN A 18 11.70 14.13 -4.60
CA GLN A 18 11.02 15.39 -4.87
C GLN A 18 10.39 15.95 -3.60
N LYS A 19 9.83 15.08 -2.78
CA LYS A 19 9.20 15.49 -1.53
C LYS A 19 10.24 15.85 -0.48
N GLY A 20 11.43 15.25 -0.61
CA GLY A 20 12.50 15.53 0.34
C GLY A 20 12.44 14.63 1.55
N TRP A 21 11.91 13.43 1.37
CA TRP A 21 11.79 12.46 2.47
C TRP A 21 13.12 11.78 2.72
N ILE A 22 13.83 11.45 1.65
CA ILE A 22 15.12 10.78 1.77
C ILE A 22 16.22 11.59 1.08
N SER A 23 17.39 11.63 1.69
CA SER A 23 18.53 12.37 1.14
C SER A 23 18.92 11.82 -0.22
N ARG A 24 19.51 12.67 -1.06
CA ARG A 24 19.94 12.27 -2.39
C ARG A 24 20.80 11.01 -2.33
N GLU A 25 21.66 10.94 -1.32
CA GLU A 25 22.55 9.79 -1.15
C GLU A 25 21.77 8.57 -0.67
N ALA A 26 20.73 8.81 0.13
CA ALA A 26 19.90 7.72 0.64
C ALA A 26 19.34 6.88 -0.49
N LEU A 27 18.93 7.53 -1.57
CA LEU A 27 18.37 6.83 -2.73
C LEU A 27 19.39 5.88 -3.33
N GLU A 28 20.58 6.40 -3.62
CA GLU A 28 21.65 5.60 -4.21
C GLU A 28 22.01 4.43 -3.29
N GLU A 29 22.09 4.71 -1.99
CA GLU A 29 22.43 3.68 -1.01
C GLU A 29 21.44 2.53 -1.07
N ALA A 30 20.15 2.85 -1.04
CA ALA A 30 19.11 1.83 -1.09
C ALA A 30 19.15 1.07 -2.41
N LEU A 31 19.41 1.79 -3.50
CA LEU A 31 19.47 1.17 -4.82
C LEU A 31 20.63 0.18 -4.90
N VAL A 32 21.82 0.64 -4.54
CA VAL A 32 23.01 -0.21 -4.57
C VAL A 32 22.82 -1.44 -3.70
N GLU A 33 22.11 -1.28 -2.59
CA GLU A 33 21.85 -2.39 -1.68
C GLU A 33 20.90 -3.40 -2.30
N GLN A 34 20.03 -2.93 -3.17
CA GLN A 34 19.06 -3.79 -3.85
C GLN A 34 19.76 -4.72 -4.85
N GLU A 35 20.91 -4.27 -5.35
CA GLU A 35 21.68 -5.06 -6.32
C GLU A 35 22.45 -6.17 -5.62
N LYS A 36 22.72 -5.98 -4.33
CA LYS A 36 23.45 -6.98 -3.55
C LYS A 36 22.51 -7.83 -2.73
N THR A 37 21.39 -7.24 -2.32
CA THR A 37 20.40 -7.95 -1.52
C THR A 37 19.28 -8.51 -2.40
N GLY A 38 18.92 -7.75 -3.44
CA GLY A 38 17.87 -8.19 -4.35
C GLY A 38 16.49 -7.99 -3.76
N ASP A 39 16.37 -7.03 -2.85
CA ASP A 39 15.08 -6.74 -2.21
C ASP A 39 14.42 -5.54 -2.87
N LEU A 40 13.29 -5.12 -2.31
CA LEU A 40 12.55 -3.98 -2.85
C LEU A 40 13.21 -2.66 -2.44
N LEU A 41 13.35 -1.76 -3.40
CA LEU A 41 13.96 -0.46 -3.15
C LEU A 41 13.27 0.25 -1.98
N GLY A 42 11.97 0.03 -1.86
CA GLY A 42 11.21 0.65 -0.78
C GLY A 42 11.55 0.08 0.57
N ARG A 43 11.43 -1.24 0.70
CA ARG A 43 11.72 -1.91 1.96
C ARG A 43 13.20 -1.77 2.33
N ILE A 44 14.06 -1.74 1.31
CA ILE A 44 15.49 -1.61 1.53
C ILE A 44 15.86 -0.18 1.91
N LEU A 45 15.10 0.78 1.39
CA LEU A 45 15.33 2.19 1.68
C LEU A 45 14.96 2.53 3.12
N VAL A 46 13.96 1.83 3.63
CA VAL A 46 13.49 2.05 5.00
C VAL A 46 14.65 1.94 5.99
N ARG A 47 15.63 1.10 5.66
CA ARG A 47 16.79 0.90 6.52
C ARG A 47 17.49 2.23 6.81
N LYS A 48 17.40 3.16 5.86
CA LYS A 48 18.03 4.47 6.02
C LYS A 48 17.36 5.26 7.14
N GLY A 49 16.15 4.85 7.51
CA GLY A 49 15.43 5.53 8.58
C GLY A 49 14.15 6.17 8.09
N LEU A 50 13.64 5.69 6.96
CA LEU A 50 12.40 6.22 6.40
C LEU A 50 11.18 5.58 7.04
N PRO A 51 10.19 6.41 7.39
CA PRO A 51 8.95 5.94 8.02
C PRO A 51 8.07 5.15 7.05
N GLU A 52 7.45 4.09 7.56
CA GLU A 52 6.58 3.25 6.74
C GLU A 52 5.51 4.08 6.05
N GLU A 53 4.97 5.05 6.77
CA GLU A 53 3.93 5.93 6.23
C GLU A 53 4.39 6.59 4.94
N ALA A 54 5.69 6.92 4.88
CA ALA A 54 6.26 7.56 3.71
C ALA A 54 6.47 6.56 2.58
N LEU A 55 7.05 5.41 2.91
CA LEU A 55 7.30 4.37 1.92
C LEU A 55 6.01 3.93 1.25
N TYR A 56 4.95 3.79 2.04
CA TYR A 56 3.65 3.37 1.52
C TYR A 56 2.97 4.51 0.78
N ARG A 57 3.10 5.72 1.32
CA ARG A 57 2.49 6.90 0.71
C ARG A 57 2.95 7.06 -0.74
N ALA A 58 4.24 6.81 -0.97
CA ALA A 58 4.81 6.92 -2.31
C ALA A 58 4.25 5.85 -3.24
N LEU A 59 4.12 4.64 -2.73
CA LEU A 59 3.59 3.53 -3.50
C LEU A 59 2.21 3.86 -4.07
N ALA A 60 1.43 4.61 -3.29
CA ALA A 60 0.09 4.99 -3.71
C ALA A 60 0.15 6.01 -4.85
N GLU A 61 1.20 6.84 -4.84
CA GLU A 61 1.37 7.86 -5.87
C GLU A 61 1.86 7.24 -7.17
N GLN A 62 2.79 6.30 -7.07
CA GLN A 62 3.34 5.63 -8.23
C GLN A 62 2.37 4.59 -8.78
N LYS A 63 1.75 3.85 -7.87
CA LYS A 63 0.79 2.81 -8.26
C LYS A 63 -0.60 3.40 -8.44
N GLY A 64 -0.78 4.65 -8.02
CA GLY A 64 -2.06 5.30 -8.16
C GLY A 64 -3.11 4.69 -7.26
N LEU A 65 -2.68 4.21 -6.09
CA LEU A 65 -3.60 3.60 -5.13
C LEU A 65 -4.16 4.65 -4.17
N GLU A 66 -5.19 4.26 -3.42
CA GLU A 66 -5.82 5.16 -2.47
C GLU A 66 -5.38 4.84 -1.04
N PHE A 67 -4.57 5.73 -0.48
CA PHE A 67 -4.08 5.53 0.89
C PHE A 67 -5.16 5.86 1.91
N LEU A 68 -5.13 5.16 3.04
CA LEU A 68 -6.11 5.37 4.10
C LEU A 68 -5.50 6.16 5.25
N GLU A 69 -6.14 7.27 5.60
CA GLU A 69 -5.67 8.11 6.68
C GLU A 69 -5.56 7.32 7.98
N SER A 70 -6.36 6.27 8.10
CA SER A 70 -6.36 5.43 9.30
C SER A 70 -7.22 4.19 9.09
N THR A 71 -7.36 3.39 10.14
CA THR A 71 -8.16 2.17 10.08
C THR A 71 -9.31 2.22 11.07
N GLU A 72 -9.07 2.84 12.22
CA GLU A 72 -10.10 2.95 13.26
C GLU A 72 -11.37 3.57 12.69
N GLY A 73 -11.20 4.51 11.77
CA GLY A 73 -12.35 5.16 11.17
C GLY A 73 -13.14 4.24 10.26
N ILE A 74 -12.44 3.36 9.55
CA ILE A 74 -13.08 2.42 8.64
C ILE A 74 -14.18 1.64 9.37
N VAL A 75 -15.26 1.35 8.64
CA VAL A 75 -16.38 0.61 9.20
C VAL A 75 -16.51 -0.77 8.54
N PRO A 76 -15.99 -1.80 9.20
CA PRO A 76 -16.04 -3.17 8.71
C PRO A 76 -17.45 -3.75 8.74
N ASP A 77 -17.68 -4.78 7.94
CA ASP A 77 -19.00 -5.43 7.88
C ASP A 77 -18.85 -6.93 7.67
N PRO A 78 -19.91 -7.68 8.01
CA PRO A 78 -19.93 -9.14 7.86
C PRO A 78 -19.96 -9.58 6.40
N SER A 79 -20.82 -8.95 5.61
CA SER A 79 -20.96 -9.28 4.20
C SER A 79 -19.59 -9.22 3.50
N ALA A 80 -18.80 -8.22 3.86
CA ALA A 80 -17.47 -8.06 3.26
C ALA A 80 -16.53 -9.17 3.72
N ALA A 81 -16.63 -9.54 4.99
CA ALA A 81 -15.79 -10.59 5.55
C ALA A 81 -15.93 -11.89 4.76
N LEU A 82 -17.05 -12.02 4.04
CA LEU A 82 -17.31 -13.21 3.24
C LEU A 82 -16.38 -13.27 2.03
N LEU A 83 -15.95 -12.10 1.56
CA LEU A 83 -15.06 -12.01 0.42
C LEU A 83 -13.77 -12.78 0.67
N LEU A 84 -13.08 -12.43 1.76
CA LEU A 84 -11.82 -13.08 2.11
C LEU A 84 -11.83 -13.51 3.58
N LEU A 85 -11.07 -14.54 3.89
CA LEU A 85 -10.98 -15.04 5.26
C LEU A 85 -9.76 -14.48 5.97
N ARG A 86 -9.61 -14.82 7.25
CA ARG A 86 -8.49 -14.35 8.05
C ARG A 86 -7.17 -14.80 7.45
N SER A 87 -7.04 -16.11 7.23
CA SER A 87 -5.82 -16.68 6.67
C SER A 87 -5.72 -16.38 5.17
N ASP A 88 -6.85 -16.49 4.48
CA ASP A 88 -6.88 -16.23 3.04
C ASP A 88 -6.48 -14.79 2.74
N ALA A 89 -6.83 -13.88 3.64
CA ALA A 89 -6.51 -12.47 3.47
C ALA A 89 -5.00 -12.25 3.42
N LEU A 90 -4.27 -13.11 4.13
CA LEU A 90 -2.81 -13.02 4.17
C LEU A 90 -2.19 -13.59 2.89
N ARG A 91 -2.92 -14.50 2.26
CA ARG A 91 -2.44 -15.13 1.03
C ARG A 91 -2.12 -14.08 -0.03
N TYR A 92 -2.98 -13.08 -0.13
CA TYR A 92 -2.79 -12.00 -1.11
C TYR A 92 -2.49 -10.68 -0.41
N GLY A 93 -2.72 -10.63 0.90
CA GLY A 93 -2.46 -9.43 1.66
C GLY A 93 -3.56 -8.39 1.48
N ALA A 94 -4.80 -8.85 1.47
CA ALA A 94 -5.95 -7.96 1.31
C ALA A 94 -7.05 -8.30 2.30
N VAL A 95 -7.84 -7.29 2.68
CA VAL A 95 -8.93 -7.49 3.62
C VAL A 95 -10.11 -6.59 3.28
N PRO A 96 -11.29 -7.20 3.11
CA PRO A 96 -12.52 -6.46 2.78
C PRO A 96 -13.02 -5.61 3.94
N ILE A 97 -14.09 -4.85 3.71
CA ILE A 97 -14.67 -4.00 4.73
C ILE A 97 -16.10 -3.63 4.40
N GLY A 98 -16.35 -3.30 3.14
CA GLY A 98 -17.69 -2.93 2.72
C GLY A 98 -17.76 -2.59 1.24
N PHE A 99 -18.97 -2.42 0.73
CA PHE A 99 -19.18 -2.09 -0.68
C PHE A 99 -19.38 -0.59 -0.86
N GLN A 100 -18.87 -0.06 -1.96
CA GLN A 100 -18.99 1.36 -2.25
C GLN A 100 -19.19 1.60 -3.75
N ASN A 101 -20.31 2.21 -4.10
CA ASN A 101 -20.63 2.50 -5.49
C ASN A 101 -20.79 1.21 -6.28
N GLY A 102 -21.23 0.15 -5.60
CA GLY A 102 -21.44 -1.13 -6.26
C GLY A 102 -20.16 -1.96 -6.29
N GLU A 103 -19.06 -1.36 -5.89
CA GLU A 103 -17.77 -2.05 -5.88
C GLU A 103 -17.46 -2.58 -4.48
N VAL A 104 -16.49 -3.50 -4.40
CA VAL A 104 -16.09 -4.09 -3.13
C VAL A 104 -14.80 -3.44 -2.61
N GLU A 105 -14.91 -2.80 -1.45
CA GLU A 105 -13.77 -2.14 -0.84
C GLU A 105 -12.86 -3.15 -0.14
N VAL A 106 -11.62 -3.25 -0.60
CA VAL A 106 -10.65 -4.17 -0.01
C VAL A 106 -9.32 -3.49 0.25
N VAL A 107 -8.94 -3.42 1.52
CA VAL A 107 -7.69 -2.79 1.91
C VAL A 107 -6.54 -3.80 1.93
N LEU A 108 -5.52 -3.55 1.12
CA LEU A 108 -4.37 -4.43 1.04
C LEU A 108 -3.07 -3.67 1.31
N SER A 109 -2.10 -4.36 1.89
CA SER A 109 -0.82 -3.75 2.21
C SER A 109 0.21 -4.05 1.12
N ASP A 110 -0.26 -4.10 -0.13
CA ASP A 110 0.62 -4.36 -1.26
C ASP A 110 0.01 -3.84 -2.56
N PRO A 111 0.30 -2.56 -2.87
CA PRO A 111 -0.21 -1.92 -4.09
C PRO A 111 0.42 -2.48 -5.36
N ARG A 112 1.60 -3.07 -5.21
CA ARG A 112 2.32 -3.64 -6.35
C ARG A 112 1.53 -4.81 -6.94
N HIS A 113 0.89 -5.58 -6.08
CA HIS A 113 0.10 -6.73 -6.51
C HIS A 113 -1.37 -6.37 -6.64
N LYS A 114 -1.69 -5.09 -6.41
CA LYS A 114 -3.05 -4.62 -6.50
C LYS A 114 -3.71 -5.08 -7.80
N GLU A 115 -2.94 -5.03 -8.89
CA GLU A 115 -3.45 -5.43 -10.20
C GLU A 115 -3.58 -6.96 -10.28
N ALA A 116 -2.68 -7.66 -9.59
CA ALA A 116 -2.69 -9.11 -9.58
C ALA A 116 -4.04 -9.65 -9.15
N VAL A 117 -4.54 -9.15 -8.02
CA VAL A 117 -5.84 -9.59 -7.51
C VAL A 117 -6.98 -8.91 -8.27
N ALA A 118 -6.86 -7.61 -8.49
CA ALA A 118 -7.88 -6.86 -9.20
C ALA A 118 -8.24 -7.53 -10.52
N GLN A 119 -7.24 -8.04 -11.22
CA GLN A 119 -7.45 -8.71 -12.49
C GLN A 119 -8.01 -10.12 -12.28
N LEU A 120 -7.67 -10.72 -11.15
CA LEU A 120 -8.14 -12.07 -10.83
C LEU A 120 -9.61 -12.04 -10.43
N LEU A 121 -10.01 -11.00 -9.72
CA LEU A 121 -11.39 -10.87 -9.27
C LEU A 121 -12.32 -10.68 -10.46
N ASN A 122 -11.87 -9.91 -11.45
CA ASN A 122 -12.67 -9.65 -12.64
C ASN A 122 -13.95 -8.90 -12.29
N ARG A 123 -13.86 -8.04 -11.27
CA ARG A 123 -15.01 -7.25 -10.85
C ARG A 123 -14.56 -5.91 -10.27
N PRO A 124 -15.49 -4.95 -10.24
CA PRO A 124 -15.21 -3.60 -9.73
C PRO A 124 -15.00 -3.59 -8.22
N ALA A 125 -13.80 -3.21 -7.80
CA ALA A 125 -13.47 -3.15 -6.38
C ALA A 125 -12.47 -2.03 -6.09
N ARG A 126 -12.65 -1.36 -4.95
CA ARG A 126 -11.77 -0.27 -4.56
C ARG A 126 -10.61 -0.78 -3.71
N PHE A 127 -9.40 -0.65 -4.24
CA PHE A 127 -8.21 -1.10 -3.53
C PHE A 127 -7.50 0.07 -2.85
N TYR A 128 -7.28 -0.05 -1.55
CA TYR A 128 -6.61 1.00 -0.79
C TYR A 128 -5.27 0.52 -0.25
N LEU A 129 -4.42 1.47 0.14
CA LEU A 129 -3.10 1.13 0.67
C LEU A 129 -2.93 1.70 2.07
N ALA A 130 -2.97 0.82 3.07
CA ALA A 130 -2.82 1.23 4.46
C ALA A 130 -1.56 0.63 5.07
N LEU A 131 -1.01 1.32 6.07
CA LEU A 131 0.20 0.85 6.74
C LEU A 131 0.05 -0.60 7.20
N PRO A 132 1.19 -1.28 7.41
CA PRO A 132 1.21 -2.67 7.86
C PRO A 132 0.73 -2.83 9.29
N GLN A 133 0.93 -1.79 10.10
CA GLN A 133 0.51 -1.81 11.49
C GLN A 133 -0.99 -1.64 11.62
N ALA A 134 -1.55 -0.76 10.80
CA ALA A 134 -2.99 -0.51 10.81
C ALA A 134 -3.74 -1.55 10.01
N TRP A 135 -3.12 -2.03 8.94
CA TRP A 135 -3.74 -3.04 8.08
C TRP A 135 -3.83 -4.38 8.81
N GLU A 136 -2.81 -4.70 9.60
CA GLU A 136 -2.77 -5.95 10.34
C GLU A 136 -3.88 -5.98 11.39
N GLU A 137 -4.01 -4.89 12.15
CA GLU A 137 -5.03 -4.80 13.19
C GLU A 137 -6.42 -4.77 12.59
N LEU A 138 -6.53 -4.24 11.38
CA LEU A 138 -7.81 -4.16 10.68
C LEU A 138 -8.46 -5.54 10.58
N PHE A 139 -7.64 -6.58 10.55
CA PHE A 139 -8.12 -7.94 10.45
C PHE A 139 -9.15 -8.23 11.54
N ARG A 140 -8.92 -7.68 12.72
CA ARG A 140 -9.84 -7.89 13.85
C ARG A 140 -11.14 -7.11 13.64
N ARG A 141 -11.05 -6.03 12.87
CA ARG A 141 -12.21 -5.19 12.59
C ARG A 141 -13.11 -5.84 11.55
N ALA A 142 -12.52 -6.27 10.45
CA ALA A 142 -13.26 -6.91 9.37
C ALA A 142 -13.69 -8.32 9.76
N TYR A 143 -12.86 -8.98 10.57
CA TYR A 143 -13.15 -10.33 11.02
C TYR A 143 -13.41 -10.38 12.52
N PRO A 144 -14.59 -9.88 12.94
CA PRO A 144 -14.99 -9.84 14.34
C PRO A 144 -15.26 -11.23 14.90
N GLN A 145 -14.40 -11.68 15.82
CA GLN A 145 -14.54 -12.99 16.42
C GLN A 145 -15.82 -13.07 17.25
N LYS A 146 -16.45 -14.24 17.27
CA LYS A 146 -17.68 -14.45 18.02
C LYS A 146 -18.76 -13.46 17.57
P 5GP B . 9.70 1.37 -9.94
O1P 5GP B . 9.23 0.87 -11.25
O3P 5GP B . 9.84 2.83 -9.71
O5' 5GP B . 11.13 0.70 -9.70
C5' 5GP B . 11.76 -0.08 -10.71
C4' 5GP B . 13.24 -0.14 -10.45
O4' 5GP B . 13.84 1.04 -10.94
C3' 5GP B . 13.66 -0.22 -8.99
O3' 5GP B . 13.64 -1.56 -8.50
C2' 5GP B . 15.09 0.30 -9.07
O2' 5GP B . 16.02 -0.64 -9.56
C1' 5GP B . 14.92 1.42 -10.10
N9 5GP B . 14.60 2.67 -9.42
C8 5GP B . 13.51 2.95 -8.64
N7 5GP B . 13.56 4.14 -8.11
C5 5GP B . 14.75 4.67 -8.59
C6 5GP B . 15.35 5.94 -8.34
O6 5GP B . 14.94 6.88 -7.65
N1 5GP B . 16.57 6.05 -9.01
C2 5GP B . 17.13 5.08 -9.80
N2 5GP B . 18.32 5.36 -10.36
N3 5GP B . 16.56 3.92 -10.05
C4 5GP B . 15.39 3.77 -9.40
H5'1 5GP B . 11.34 -1.09 -10.70
H5'2 5GP B . 11.58 0.39 -11.68
H4' 5GP B . 13.54 -1.06 -10.95
H3' 5GP B . 13.02 0.33 -8.31
H2' 5GP B . 15.48 0.59 -8.10
HO2' 5GP B . 16.11 -1.36 -8.93
H1' 5GP B . 15.83 1.55 -10.69
H8 5GP B . 12.68 2.26 -8.48
HN1 5GP B . 17.08 6.92 -8.90
HN21 5GP B . 18.75 6.26 -10.17
HN22 5GP B . 18.78 4.69 -10.95
P 5GP C . 12.42 -2.03 -7.54
O1P 5GP C . 12.28 -3.49 -7.68
O3P 5GP C . 12.59 -1.43 -6.19
O5' 5GP C . 11.14 -1.39 -8.21
C5' 5GP C . 10.06 -2.19 -8.65
C4' 5GP C . 8.75 -1.55 -8.25
O4' 5GP C . 8.32 -2.29 -7.11
C3' 5GP C . 8.82 -0.13 -7.71
O3' 5GP C . 8.81 0.83 -8.75
C2' 5GP C . 7.56 -0.07 -6.87
O2' 5GP C . 6.38 0.09 -7.64
C1' 5GP C . 7.56 -1.46 -6.24
N9 5GP C . 8.22 -1.39 -4.94
C8 5GP C . 9.50 -0.99 -4.65
N7 5GP C . 9.76 -0.98 -3.36
C5 5GP C . 8.57 -1.40 -2.79
C6 5GP C . 8.23 -1.57 -1.41
O6 5GP C . 8.93 -1.39 -0.41
N1 5GP C . 6.91 -1.99 -1.27
C2 5GP C . 6.04 -2.23 -2.30
N2 5GP C . 4.81 -2.61 -1.97
N3 5GP C . 6.36 -2.09 -3.58
C4 5GP C . 7.62 -1.66 -3.74
H5'1 5GP C . 10.09 -2.28 -9.74
H5'2 5GP C . 10.13 -3.18 -8.20
H4' 5GP C . 8.18 -1.55 -9.18
H3' 5GP C . 9.75 0.08 -7.16
H2' 5GP C . 7.56 0.79 -6.19
HO2' 5GP C . 6.38 0.94 -8.07
H1' 5GP C . 6.55 -1.84 -6.11
H8 5GP C . 10.24 -0.73 -5.42
HN1 5GP C . 6.56 -2.13 -0.33
HN21 5GP C . 4.56 -2.72 -1.00
HN22 5GP C . 4.12 -2.79 -2.69
N GLY A 1 -8.91 13.00 -10.22
CA GLY A 1 -8.24 13.66 -9.12
C GLY A 1 -7.15 14.60 -9.57
N SER A 2 -6.52 15.28 -8.62
CA SER A 2 -5.45 16.22 -8.93
C SER A 2 -4.62 16.52 -7.69
N SER A 3 -3.30 16.44 -7.83
CA SER A 3 -2.39 16.71 -6.72
C SER A 3 -0.95 16.77 -7.20
N GLY A 4 -0.24 17.82 -6.80
CA GLY A 4 1.15 17.98 -7.20
C GLY A 4 1.73 19.30 -6.76
N GLU A 5 3.05 19.46 -6.92
CA GLU A 5 3.72 20.69 -6.54
C GLU A 5 5.12 20.74 -7.13
N GLY A 6 6.03 19.93 -6.60
CA GLY A 6 7.39 19.90 -7.10
C GLY A 6 8.03 18.54 -6.94
N GLN A 7 7.25 17.49 -7.12
CA GLN A 7 7.75 16.13 -6.99
C GLN A 7 7.93 15.48 -8.37
N LYS A 8 8.64 14.36 -8.41
CA LYS A 8 8.89 13.65 -9.65
C LYS A 8 8.57 12.16 -9.50
N ASP A 9 7.64 11.67 -10.32
CA ASP A 9 7.25 10.27 -10.29
C ASP A 9 8.05 9.46 -11.30
N LEU A 10 9.20 9.99 -11.71
CA LEU A 10 10.05 9.31 -12.68
C LEU A 10 10.46 7.93 -12.18
N LYS A 11 10.81 7.85 -10.90
CA LYS A 11 11.22 6.59 -10.30
C LYS A 11 10.88 6.55 -8.82
N LEU A 12 10.77 5.35 -8.27
CA LEU A 12 10.45 5.19 -6.85
C LEU A 12 11.45 5.95 -5.98
N GLY A 13 12.73 5.61 -6.12
CA GLY A 13 13.76 6.26 -5.35
C GLY A 13 13.72 7.78 -5.48
N GLU A 14 13.46 8.25 -6.69
CA GLU A 14 13.40 9.69 -6.95
C GLU A 14 12.21 10.31 -6.24
N LEU A 15 11.06 9.62 -6.29
CA LEU A 15 9.85 10.12 -5.65
C LEU A 15 10.11 10.51 -4.20
N LEU A 16 10.88 9.69 -3.50
CA LEU A 16 11.21 9.96 -2.10
C LEU A 16 12.28 11.04 -1.99
N LEU A 17 13.20 11.05 -2.94
CA LEU A 17 14.28 12.04 -2.95
C LEU A 17 13.71 13.46 -3.02
N GLN A 18 12.75 13.67 -3.91
CA GLN A 18 12.12 14.98 -4.07
C GLN A 18 11.57 15.47 -2.74
N LYS A 19 11.00 14.56 -1.95
CA LYS A 19 10.44 14.91 -0.66
C LYS A 19 11.54 15.13 0.38
N GLY A 20 12.68 14.51 0.16
CA GLY A 20 13.80 14.66 1.08
C GLY A 20 13.74 13.67 2.22
N TRP A 21 13.15 12.51 1.97
CA TRP A 21 13.03 11.48 3.00
C TRP A 21 14.34 10.71 3.15
N ILE A 22 15.00 10.46 2.03
CA ILE A 22 16.27 9.74 2.04
C ILE A 22 17.37 10.55 1.36
N SER A 23 18.57 10.51 1.94
CA SER A 23 19.71 11.24 1.40
C SER A 23 20.02 10.78 -0.02
N ARG A 24 20.61 11.68 -0.80
CA ARG A 24 20.97 11.36 -2.18
C ARG A 24 21.78 10.07 -2.26
N GLU A 25 22.68 9.89 -1.30
CA GLU A 25 23.53 8.70 -1.25
C GLU A 25 22.71 7.47 -0.85
N ALA A 26 21.72 7.69 0.01
CA ALA A 26 20.86 6.60 0.47
C ALA A 26 20.23 5.87 -0.71
N LEU A 27 19.79 6.62 -1.70
CA LEU A 27 19.17 6.05 -2.89
C LEU A 27 20.12 5.11 -3.61
N GLU A 28 21.32 5.61 -3.92
CA GLU A 28 22.32 4.81 -4.61
C GLU A 28 22.67 3.56 -3.81
N GLU A 29 22.76 3.72 -2.50
CA GLU A 29 23.09 2.60 -1.62
C GLU A 29 22.05 1.49 -1.73
N ALA A 30 20.78 1.86 -1.63
CA ALA A 30 19.69 0.91 -1.72
C ALA A 30 19.64 0.27 -3.11
N LEU A 31 19.90 1.07 -4.14
CA LEU A 31 19.88 0.59 -5.51
C LEU A 31 20.98 -0.45 -5.74
N VAL A 32 22.21 -0.09 -5.39
CA VAL A 32 23.35 -0.99 -5.55
C VAL A 32 23.13 -2.28 -4.78
N GLU A 33 22.48 -2.18 -3.62
CA GLU A 33 22.21 -3.35 -2.79
C GLU A 33 21.20 -4.27 -3.46
N GLN A 34 20.32 -3.68 -4.27
CA GLN A 34 19.29 -4.45 -4.97
C GLN A 34 19.91 -5.29 -6.08
N GLU A 35 21.05 -4.85 -6.60
CA GLU A 35 21.74 -5.57 -7.65
C GLU A 35 22.50 -6.77 -7.12
N LYS A 36 22.84 -6.71 -5.83
CA LYS A 36 23.57 -7.80 -5.18
C LYS A 36 22.62 -8.69 -4.38
N THR A 37 21.54 -8.08 -3.86
CA THR A 37 20.56 -8.82 -3.07
C THR A 37 19.38 -9.26 -3.94
N GLY A 38 19.02 -8.42 -4.89
CA GLY A 38 17.90 -8.73 -5.77
C GLY A 38 16.55 -8.52 -5.11
N ASP A 39 16.52 -7.63 -4.12
CA ASP A 39 15.29 -7.35 -3.40
C ASP A 39 14.63 -6.07 -3.92
N LEU A 40 13.55 -5.66 -3.28
CA LEU A 40 12.84 -4.45 -3.68
C LEU A 40 13.57 -3.20 -3.19
N LEU A 41 13.71 -2.22 -4.07
CA LEU A 41 14.39 -0.98 -3.73
C LEU A 41 13.77 -0.34 -2.49
N GLY A 42 12.46 -0.52 -2.32
CA GLY A 42 11.77 0.03 -1.17
C GLY A 42 12.14 -0.68 0.12
N ARG A 43 11.97 -1.99 0.14
CA ARG A 43 12.29 -2.78 1.33
C ARG A 43 13.78 -2.73 1.63
N ILE A 44 14.60 -2.65 0.59
CA ILE A 44 16.04 -2.60 0.75
C ILE A 44 16.49 -1.22 1.22
N LEU A 45 15.75 -0.19 0.83
CA LEU A 45 16.07 1.17 1.21
C LEU A 45 15.77 1.40 2.70
N VAL A 46 14.75 0.71 3.21
CA VAL A 46 14.37 0.84 4.60
C VAL A 46 15.57 0.58 5.52
N ARG A 47 16.48 -0.27 5.07
CA ARG A 47 17.67 -0.59 5.86
C ARG A 47 18.44 0.67 6.22
N LYS A 48 18.36 1.68 5.36
CA LYS A 48 19.06 2.94 5.58
C LYS A 48 18.50 3.66 6.81
N GLY A 49 17.29 3.29 7.21
CA GLY A 49 16.66 3.90 8.36
C GLY A 49 15.37 4.63 8.00
N LEU A 50 14.78 4.27 6.87
CA LEU A 50 13.55 4.90 6.42
C LEU A 50 12.34 4.25 7.07
N PRO A 51 11.39 5.08 7.52
CA PRO A 51 10.17 4.62 8.18
C PRO A 51 9.23 3.92 7.20
N GLU A 52 8.54 2.88 7.67
CA GLU A 52 7.61 2.13 6.84
C GLU A 52 6.58 3.06 6.21
N GLU A 53 6.06 3.99 7.00
CA GLU A 53 5.06 4.93 6.52
C GLU A 53 5.55 5.64 5.25
N ALA A 54 6.83 6.00 5.23
CA ALA A 54 7.41 6.67 4.08
C ALA A 54 7.52 5.73 2.89
N LEU A 55 8.01 4.53 3.14
CA LEU A 55 8.16 3.53 2.09
C LEU A 55 6.81 3.22 1.43
N TYR A 56 5.78 3.08 2.25
CA TYR A 56 4.45 2.78 1.75
C TYR A 56 3.81 4.01 1.12
N ARG A 57 4.02 5.16 1.75
CA ARG A 57 3.47 6.42 1.26
C ARG A 57 3.94 6.69 -0.16
N ALA A 58 5.19 6.34 -0.45
CA ALA A 58 5.76 6.55 -1.78
C ALA A 58 5.13 5.61 -2.80
N LEU A 59 4.91 4.37 -2.39
CA LEU A 59 4.31 3.37 -3.27
C LEU A 59 2.92 3.81 -3.74
N ALA A 60 2.20 4.48 -2.85
CA ALA A 60 0.85 4.96 -3.17
C ALA A 60 0.91 6.07 -4.21
N GLU A 61 1.99 6.84 -4.19
CA GLU A 61 2.16 7.95 -5.13
C GLU A 61 2.59 7.43 -6.51
N GLN A 62 3.44 6.41 -6.51
CA GLN A 62 3.91 5.82 -7.76
C GLN A 62 2.86 4.90 -8.37
N LYS A 63 2.21 4.11 -7.52
CA LYS A 63 1.18 3.19 -7.97
C LYS A 63 -0.18 3.87 -8.01
N GLY A 64 -0.26 5.08 -7.45
CA GLY A 64 -1.50 5.81 -7.44
C GLY A 64 -2.55 5.19 -6.53
N LEU A 65 -2.08 4.58 -5.45
CA LEU A 65 -2.99 3.93 -4.50
C LEU A 65 -3.43 4.91 -3.42
N GLU A 66 -4.53 4.58 -2.74
CA GLU A 66 -5.05 5.43 -1.68
C GLU A 66 -4.56 4.97 -0.31
N PHE A 67 -3.68 5.77 0.29
CA PHE A 67 -3.13 5.45 1.60
C PHE A 67 -4.13 5.77 2.70
N LEU A 68 -4.08 4.98 3.77
CA LEU A 68 -4.99 5.17 4.90
C LEU A 68 -4.27 5.81 6.08
N GLU A 69 -4.80 6.92 6.57
CA GLU A 69 -4.20 7.64 7.69
C GLU A 69 -4.09 6.72 8.90
N SER A 70 -4.96 5.72 8.98
CA SER A 70 -4.95 4.78 10.09
C SER A 70 -5.93 3.63 9.83
N THR A 71 -6.06 2.74 10.81
CA THR A 71 -6.95 1.59 10.68
C THR A 71 -8.04 1.62 11.76
N GLU A 72 -7.67 2.09 12.95
CA GLU A 72 -8.61 2.18 14.06
C GLU A 72 -9.86 2.94 13.66
N GLY A 73 -9.69 3.96 12.82
CA GLY A 73 -10.81 4.76 12.37
C GLY A 73 -11.73 4.00 11.43
N ILE A 74 -11.14 3.13 10.62
CA ILE A 74 -11.92 2.33 9.66
C ILE A 74 -13.02 1.56 10.37
N VAL A 75 -14.17 1.46 9.71
CA VAL A 75 -15.31 0.73 10.27
C VAL A 75 -15.58 -0.55 9.49
N PRO A 76 -15.09 -1.67 10.03
CA PRO A 76 -15.27 -2.99 9.40
C PRO A 76 -16.72 -3.47 9.46
N ASP A 77 -17.06 -4.43 8.62
CA ASP A 77 -18.41 -4.98 8.58
C ASP A 77 -18.39 -6.47 8.27
N PRO A 78 -19.48 -7.16 8.60
CA PRO A 78 -19.60 -8.61 8.37
C PRO A 78 -19.74 -8.95 6.89
N SER A 79 -20.60 -8.21 6.19
CA SER A 79 -20.82 -8.42 4.77
C SER A 79 -19.50 -8.40 4.00
N ALA A 80 -18.62 -7.49 4.40
CA ALA A 80 -17.31 -7.37 3.74
C ALA A 80 -16.43 -8.56 4.06
N ALA A 81 -16.48 -9.01 5.31
CA ALA A 81 -15.68 -10.16 5.75
C ALA A 81 -15.95 -11.38 4.88
N LEU A 82 -17.10 -11.38 4.22
CA LEU A 82 -17.48 -12.50 3.36
C LEU A 82 -16.63 -12.54 2.10
N LEU A 83 -16.13 -11.37 1.70
CA LEU A 83 -15.28 -11.26 0.51
C LEU A 83 -14.04 -12.14 0.65
N LEU A 84 -13.28 -11.91 1.71
CA LEU A 84 -12.06 -12.68 1.95
C LEU A 84 -12.03 -13.20 3.39
N LEU A 85 -11.33 -14.32 3.59
CA LEU A 85 -11.21 -14.92 4.92
C LEU A 85 -9.92 -14.47 5.60
N ARG A 86 -9.74 -14.93 6.84
CA ARG A 86 -8.55 -14.57 7.61
C ARG A 86 -7.29 -15.07 6.91
N SER A 87 -7.26 -16.36 6.60
CA SER A 87 -6.11 -16.98 5.93
C SER A 87 -6.06 -16.57 4.47
N ASP A 88 -7.23 -16.57 3.82
CA ASP A 88 -7.31 -16.20 2.41
C ASP A 88 -6.83 -14.77 2.19
N ALA A 89 -7.08 -13.91 3.17
CA ALA A 89 -6.66 -12.51 3.07
C ALA A 89 -5.14 -12.39 2.97
N LEU A 90 -4.44 -13.34 3.57
CA LEU A 90 -2.98 -13.34 3.54
C LEU A 90 -2.46 -13.86 2.20
N ARG A 91 -3.28 -14.67 1.54
CA ARG A 91 -2.91 -15.24 0.25
C ARG A 91 -2.56 -14.13 -0.75
N TYR A 92 -3.35 -13.06 -0.74
CA TYR A 92 -3.12 -11.94 -1.65
C TYR A 92 -2.72 -10.69 -0.87
N GLY A 93 -2.89 -10.74 0.45
CA GLY A 93 -2.52 -9.60 1.28
C GLY A 93 -3.56 -8.49 1.23
N ALA A 94 -4.83 -8.86 1.26
CA ALA A 94 -5.91 -7.89 1.22
C ALA A 94 -6.99 -8.22 2.24
N VAL A 95 -7.68 -7.20 2.72
CA VAL A 95 -8.74 -7.37 3.70
C VAL A 95 -9.88 -6.37 3.49
N PRO A 96 -11.10 -6.89 3.34
CA PRO A 96 -12.29 -6.06 3.13
C PRO A 96 -12.67 -5.26 4.37
N ILE A 97 -13.71 -4.44 4.24
CA ILE A 97 -14.17 -3.62 5.36
C ILE A 97 -15.60 -3.14 5.12
N GLY A 98 -15.87 -2.66 3.91
CA GLY A 98 -17.19 -2.18 3.58
C GLY A 98 -17.31 -1.73 2.14
N PHE A 99 -18.54 -1.45 1.70
CA PHE A 99 -18.78 -1.01 0.34
C PHE A 99 -18.92 0.50 0.27
N GLN A 100 -18.45 1.08 -0.83
CA GLN A 100 -18.53 2.53 -1.01
C GLN A 100 -18.79 2.87 -2.47
N ASN A 101 -19.91 3.56 -2.72
CA ASN A 101 -20.28 3.95 -4.07
C ASN A 101 -20.57 2.73 -4.94
N GLY A 102 -21.03 1.65 -4.30
CA GLY A 102 -21.33 0.43 -5.03
C GLY A 102 -20.11 -0.46 -5.18
N GLU A 103 -18.94 0.06 -4.81
CA GLU A 103 -17.70 -0.70 -4.91
C GLU A 103 -17.35 -1.35 -3.58
N VAL A 104 -16.43 -2.30 -3.61
CA VAL A 104 -15.99 -3.00 -2.41
C VAL A 104 -14.65 -2.49 -1.93
N GLU A 105 -14.63 -1.93 -0.71
CA GLU A 105 -13.39 -1.40 -0.14
C GLU A 105 -12.54 -2.52 0.46
N VAL A 106 -11.34 -2.67 -0.07
CA VAL A 106 -10.42 -3.69 0.40
C VAL A 106 -9.03 -3.12 0.65
N VAL A 107 -8.58 -3.17 1.90
CA VAL A 107 -7.26 -2.65 2.26
C VAL A 107 -6.21 -3.74 2.14
N LEU A 108 -5.21 -3.50 1.30
CA LEU A 108 -4.13 -4.45 1.09
C LEU A 108 -2.77 -3.80 1.34
N SER A 109 -1.82 -4.60 1.84
CA SER A 109 -0.48 -4.09 2.12
C SER A 109 0.46 -4.38 0.96
N ASP A 110 -0.07 -4.33 -0.26
CA ASP A 110 0.72 -4.58 -1.45
C ASP A 110 0.11 -3.90 -2.67
N PRO A 111 0.49 -2.63 -2.89
CA PRO A 111 -0.01 -1.84 -4.02
C PRO A 111 0.53 -2.34 -5.36
N ARG A 112 1.66 -3.03 -5.32
CA ARG A 112 2.27 -3.56 -6.53
C ARG A 112 1.38 -4.63 -7.17
N HIS A 113 0.73 -5.43 -6.34
CA HIS A 113 -0.15 -6.48 -6.82
C HIS A 113 -1.60 -6.01 -6.84
N LYS A 114 -1.81 -4.75 -6.50
CA LYS A 114 -3.15 -4.17 -6.47
C LYS A 114 -3.90 -4.48 -7.77
N GLU A 115 -3.18 -4.42 -8.89
CA GLU A 115 -3.78 -4.68 -10.19
C GLU A 115 -4.01 -6.18 -10.38
N ALA A 116 -3.13 -6.99 -9.80
CA ALA A 116 -3.23 -8.44 -9.90
C ALA A 116 -4.60 -8.92 -9.44
N VAL A 117 -5.02 -8.48 -8.26
CA VAL A 117 -6.31 -8.87 -7.70
C VAL A 117 -7.44 -8.08 -8.33
N ALA A 118 -7.22 -6.78 -8.51
CA ALA A 118 -8.23 -5.92 -9.11
C ALA A 118 -8.73 -6.48 -10.44
N GLN A 119 -7.81 -7.04 -11.22
CA GLN A 119 -8.16 -7.62 -12.50
C GLN A 119 -8.81 -8.98 -12.33
N LEU A 120 -8.45 -9.68 -11.25
CA LEU A 120 -9.00 -10.99 -10.97
C LEU A 120 -10.44 -10.89 -10.47
N LEU A 121 -10.71 -9.87 -9.67
CA LEU A 121 -12.04 -9.65 -9.13
C LEU A 121 -13.04 -9.33 -10.24
N ASN A 122 -12.60 -8.54 -11.21
CA ASN A 122 -13.46 -8.16 -12.33
C ASN A 122 -14.66 -7.36 -11.86
N ARG A 123 -14.46 -6.57 -10.80
CA ARG A 123 -15.53 -5.76 -10.25
C ARG A 123 -14.97 -4.47 -9.64
N PRO A 124 -15.85 -3.46 -9.49
CA PRO A 124 -15.48 -2.17 -8.92
C PRO A 124 -15.16 -2.25 -7.43
N ALA A 125 -13.91 -1.99 -7.08
CA ALA A 125 -13.48 -2.03 -5.69
C ALA A 125 -12.38 -1.02 -5.42
N ARG A 126 -12.42 -0.40 -4.23
CA ARG A 126 -11.43 0.59 -3.86
C ARG A 126 -10.28 -0.05 -3.08
N PHE A 127 -9.09 0.00 -3.67
CA PHE A 127 -7.90 -0.58 -3.05
C PHE A 127 -7.09 0.50 -2.33
N TYR A 128 -6.81 0.27 -1.05
CA TYR A 128 -6.05 1.22 -0.25
C TYR A 128 -4.72 0.62 0.18
N LEU A 129 -3.79 1.47 0.60
CA LEU A 129 -2.48 1.03 1.04
C LEU A 129 -2.20 1.48 2.47
N ALA A 130 -2.27 0.53 3.41
CA ALA A 130 -2.02 0.82 4.81
C ALA A 130 -0.78 0.11 5.31
N LEU A 131 -0.14 0.68 6.33
CA LEU A 131 1.06 0.09 6.90
C LEU A 131 0.84 -1.38 7.27
N PRO A 132 1.93 -2.13 7.38
CA PRO A 132 1.89 -3.56 7.72
C PRO A 132 1.46 -3.79 9.17
N GLN A 133 1.76 -2.83 10.04
CA GLN A 133 1.41 -2.93 11.45
C GLN A 133 -0.07 -2.66 11.66
N ALA A 134 -0.60 -1.69 10.93
CA ALA A 134 -2.01 -1.34 11.03
C ALA A 134 -2.88 -2.29 10.19
N TRP A 135 -2.35 -2.72 9.06
CA TRP A 135 -3.07 -3.62 8.18
C TRP A 135 -3.22 -5.00 8.82
N GLU A 136 -2.18 -5.44 9.51
CA GLU A 136 -2.20 -6.74 10.17
C GLU A 136 -3.25 -6.78 11.28
N GLU A 137 -3.28 -5.74 12.10
CA GLU A 137 -4.22 -5.65 13.21
C GLU A 137 -5.65 -5.50 12.67
N LEU A 138 -5.77 -4.87 11.51
CA LEU A 138 -7.08 -4.66 10.90
C LEU A 138 -7.82 -5.98 10.73
N PHE A 139 -7.07 -7.07 10.59
CA PHE A 139 -7.67 -8.39 10.42
C PHE A 139 -8.67 -8.68 11.53
N ARG A 140 -8.32 -8.30 12.76
CA ARG A 140 -9.18 -8.53 13.91
C ARG A 140 -10.42 -7.65 13.83
N ARG A 141 -10.30 -6.52 13.14
CA ARG A 141 -11.42 -5.59 12.99
C ARG A 141 -12.40 -6.09 11.95
N ALA A 142 -11.90 -6.47 10.78
CA ALA A 142 -12.74 -6.97 9.70
C ALA A 142 -13.25 -8.37 10.01
N TYR A 143 -12.44 -9.15 10.72
CA TYR A 143 -12.81 -10.51 11.08
C TYR A 143 -12.99 -10.64 12.59
N PRO A 144 -14.12 -10.10 13.09
CA PRO A 144 -14.45 -10.15 14.52
C PRO A 144 -14.79 -11.55 14.99
N GLN A 145 -14.82 -11.75 16.30
CA GLN A 145 -15.15 -13.04 16.88
C GLN A 145 -16.65 -13.28 16.87
N LYS A 146 -17.06 -14.53 16.62
CA LYS A 146 -18.47 -14.88 16.58
C LYS A 146 -19.22 -14.04 15.56
P 5GP B . 9.94 1.58 -10.16
O1P 5GP B . 9.40 1.21 -11.48
O3P 5GP B . 10.13 3.02 -9.83
O5' 5GP B . 11.36 0.87 -10.03
C5' 5GP B . 11.91 0.15 -11.13
C4' 5GP B . 13.40 0.00 -10.94
O4' 5GP B . 14.02 1.20 -11.34
C3' 5GP B . 13.88 -0.22 -9.50
O3' 5GP B . 13.80 -1.59 -9.13
C2' 5GP B . 15.32 0.26 -9.60
O2' 5GP B . 16.19 -0.68 -10.21
C1' 5GP B . 15.16 1.45 -10.53
N9 5GP B . 14.93 2.66 -9.74
C8 5GP B . 13.88 2.92 -8.88
N7 5GP B . 14.00 4.06 -8.26
C5 5GP B . 15.19 4.58 -8.75
C6 5GP B . 15.85 5.80 -8.44
O6 5GP B . 15.52 6.69 -7.65
N1 5GP B . 17.05 5.93 -9.15
C2 5GP B . 17.53 5.00 -10.05
N2 5GP B . 18.69 5.29 -10.63
N3 5GP B . 16.91 3.88 -10.36
C4 5GP B . 15.75 3.74 -9.67
H5'1 5GP B . 11.45 -0.84 -11.20
H5'2 5GP B . 11.72 0.70 -12.06
H4' 5GP B . 13.65 -0.88 -11.53
H3' 5GP B . 13.27 0.30 -8.76
H2' 5GP B . 15.75 0.45 -8.62
HO2' 5GP B . 16.25 -1.46 -9.65
H1' 5GP B . 16.06 1.61 -11.13
H8 5GP B . 13.04 2.25 -8.73
HN1 5GP B . 17.60 6.76 -8.99
HN21 5GP B . 19.18 6.15 -10.40
HN22 5GP B . 19.10 4.65 -11.29
P 5GP C . 12.61 -2.09 -8.17
O1P 5GP C . 12.39 -3.53 -8.43
O3P 5GP C . 12.85 -1.63 -6.78
O5' 5GP C . 11.32 -1.34 -8.73
C5' 5GP C . 10.19 -2.06 -9.20
C4' 5GP C . 8.93 -1.40 -8.68
O4' 5GP C . 8.52 -2.23 -7.59
C3' 5GP C . 9.10 -0.04 -8.02
O3' 5GP C . 9.07 1.01 -8.97
C2' 5GP C . 7.86 0.00 -7.13
O2' 5GP C . 6.66 0.26 -7.81
C1' 5GP C . 7.83 -1.45 -6.63
N9 5GP C . 8.54 -1.52 -5.35
C8 5GP C . 9.85 -1.20 -5.07
N7 5GP C . 10.15 -1.32 -3.81
C5 5GP C . 8.98 -1.75 -3.22
C6 5GP C . 8.68 -2.04 -1.86
O6 5GP C . 9.43 -2.00 -0.88
N1 5GP C . 7.35 -2.45 -1.70
C2 5GP C . 6.44 -2.55 -2.72
N2 5GP C . 5.20 -2.94 -2.37
N3 5GP C . 6.71 -2.29 -3.99
C4 5GP C . 7.98 -1.89 -4.16
H5'1 5GP C . 10.19 -2.05 -10.28
H5'2 5GP C . 10.24 -3.08 -8.84
H4' 5GP C . 8.33 -1.29 -9.58
H3' 5GP C . 10.04 0.08 -7.50
H2' 5GP C . 7.93 0.78 -6.38
HO2' 5GP C . 6.66 1.17 -8.12
H1' 5GP C . 6.81 -1.79 -6.48
H8 5GP C . 10.56 -0.88 -5.84
HN1 5GP C . 7.04 -2.67 -0.77
HN21 5GP C . 4.99 -3.13 -1.41
HN22 5GP C . 4.49 -3.03 -3.08
N GLY A 1 -7.07 15.30 -10.20
CA GLY A 1 -5.96 14.58 -10.78
C GLY A 1 -4.65 15.33 -10.66
N SER A 2 -3.63 14.65 -10.14
CA SER A 2 -2.31 15.26 -9.97
C SER A 2 -1.35 14.80 -11.05
N SER A 3 -1.33 15.52 -12.18
CA SER A 3 -0.46 15.19 -13.29
C SER A 3 0.38 16.39 -13.70
N GLY A 4 1.59 16.48 -13.16
CA GLY A 4 2.47 17.58 -13.50
C GLY A 4 2.43 18.68 -12.45
N GLU A 5 3.32 18.59 -11.47
CA GLU A 5 3.39 19.58 -10.40
C GLU A 5 4.78 19.60 -9.77
N GLY A 6 5.81 19.41 -10.59
CA GLY A 6 7.16 19.41 -10.08
C GLY A 6 7.68 18.01 -9.81
N GLN A 7 6.87 17.20 -9.15
CA GLN A 7 7.25 15.83 -8.82
C GLN A 7 7.63 15.05 -10.07
N LYS A 8 8.22 13.89 -9.88
CA LYS A 8 8.64 13.04 -11.00
C LYS A 8 8.22 11.59 -10.77
N ASP A 9 7.31 11.10 -11.59
CA ASP A 9 6.83 9.72 -11.48
C ASP A 9 7.64 8.79 -12.38
N LEU A 10 8.83 9.23 -12.75
CA LEU A 10 9.70 8.43 -13.61
C LEU A 10 10.12 7.14 -12.92
N LYS A 11 10.51 7.24 -11.65
CA LYS A 11 10.93 6.09 -10.88
C LYS A 11 10.48 6.21 -9.43
N LEU A 12 10.59 5.11 -8.70
CA LEU A 12 10.19 5.10 -7.29
C LEU A 12 11.09 6.02 -6.46
N GLY A 13 12.40 5.85 -6.61
CA GLY A 13 13.34 6.68 -5.86
C GLY A 13 13.17 8.16 -6.17
N GLU A 14 13.10 8.50 -7.45
CA GLU A 14 12.94 9.88 -7.87
C GLU A 14 11.69 10.50 -7.26
N LEU A 15 10.61 9.73 -7.26
CA LEU A 15 9.34 10.20 -6.70
C LEU A 15 9.54 10.78 -5.31
N LEU A 16 10.31 10.07 -4.48
CA LEU A 16 10.58 10.51 -3.12
C LEU A 16 11.61 11.63 -3.11
N LEU A 17 12.57 11.57 -4.02
CA LEU A 17 13.61 12.58 -4.12
C LEU A 17 13.00 13.97 -4.32
N GLN A 18 12.06 14.07 -5.25
CA GLN A 18 11.40 15.34 -5.54
C GLN A 18 10.80 15.94 -4.26
N LYS A 19 10.24 15.07 -3.42
CA LYS A 19 9.63 15.52 -2.17
C LYS A 19 10.69 15.88 -1.15
N GLY A 20 11.88 15.29 -1.28
CA GLY A 20 12.96 15.57 -0.37
C GLY A 20 12.90 14.70 0.88
N TRP A 21 12.35 13.51 0.75
CA TRP A 21 12.23 12.59 1.87
C TRP A 21 13.55 11.87 2.12
N ILE A 22 14.25 11.52 1.04
CA ILE A 22 15.52 10.83 1.15
C ILE A 22 16.63 11.61 0.47
N SER A 23 17.80 11.64 1.09
CA SER A 23 18.95 12.37 0.54
C SER A 23 19.36 11.80 -0.81
N ARG A 24 19.97 12.63 -1.64
CA ARG A 24 20.41 12.21 -2.96
C ARG A 24 21.24 10.94 -2.89
N GLU A 25 22.06 10.83 -1.84
CA GLU A 25 22.91 9.67 -1.65
C GLU A 25 22.09 8.46 -1.18
N ALA A 26 21.05 8.73 -0.41
CA ALA A 26 20.18 7.68 0.08
C ALA A 26 19.63 6.83 -1.05
N LEU A 27 19.25 7.49 -2.14
CA LEU A 27 18.70 6.79 -3.31
C LEU A 27 19.73 5.85 -3.91
N GLU A 28 20.92 6.36 -4.18
CA GLU A 28 22.00 5.56 -4.76
C GLU A 28 22.36 4.40 -3.84
N GLU A 29 22.32 4.66 -2.54
CA GLU A 29 22.66 3.64 -1.55
C GLU A 29 21.66 2.49 -1.60
N ALA A 30 20.37 2.83 -1.56
CA ALA A 30 19.31 1.82 -1.60
C ALA A 30 19.35 1.05 -2.91
N LEU A 31 19.62 1.75 -4.01
CA LEU A 31 19.69 1.12 -5.32
C LEU A 31 20.83 0.11 -5.39
N VAL A 32 22.03 0.56 -5.04
CA VAL A 32 23.21 -0.30 -5.05
C VAL A 32 23.01 -1.53 -4.16
N GLU A 33 22.29 -1.34 -3.06
CA GLU A 33 22.03 -2.41 -2.12
C GLU A 33 21.07 -3.44 -2.72
N GLN A 34 20.21 -2.98 -3.63
CA GLN A 34 19.24 -3.84 -4.28
C GLN A 34 19.93 -4.76 -5.28
N GLU A 35 21.07 -4.33 -5.80
CA GLU A 35 21.83 -5.12 -6.76
C GLU A 35 22.60 -6.23 -6.07
N LYS A 36 22.88 -6.04 -4.79
CA LYS A 36 23.62 -7.02 -4.01
C LYS A 36 22.67 -7.87 -3.16
N THR A 37 21.56 -7.26 -2.74
CA THR A 37 20.57 -7.95 -1.93
C THR A 37 19.45 -8.51 -2.78
N GLY A 38 19.08 -7.78 -3.83
CA GLY A 38 18.02 -8.22 -4.71
C GLY A 38 16.64 -8.00 -4.10
N ASP A 39 16.54 -7.03 -3.21
CA ASP A 39 15.27 -6.73 -2.57
C ASP A 39 14.59 -5.53 -3.23
N LEU A 40 13.47 -5.10 -2.66
CA LEU A 40 12.73 -3.97 -3.20
C LEU A 40 13.39 -2.65 -2.81
N LEU A 41 13.54 -1.76 -3.79
CA LEU A 41 14.15 -0.46 -3.56
C LEU A 41 13.47 0.28 -2.41
N GLY A 42 12.17 0.05 -2.27
CA GLY A 42 11.41 0.70 -1.21
C GLY A 42 11.76 0.15 0.16
N ARG A 43 11.65 -1.16 0.32
CA ARG A 43 11.95 -1.81 1.59
C ARG A 43 13.43 -1.67 1.93
N ILE A 44 14.27 -1.67 0.91
CA ILE A 44 15.72 -1.54 1.09
C ILE A 44 16.09 -0.11 1.44
N LEU A 45 15.33 0.84 0.92
CA LEU A 45 15.59 2.25 1.17
C LEU A 45 15.23 2.62 2.61
N VAL A 46 14.22 1.96 3.15
CA VAL A 46 13.78 2.22 4.52
C VAL A 46 14.94 2.10 5.50
N ARG A 47 15.90 1.25 5.17
CA ARG A 47 17.07 1.04 6.02
C ARG A 47 17.80 2.37 6.27
N LYS A 48 17.70 3.27 5.31
CA LYS A 48 18.36 4.57 5.43
C LYS A 48 17.72 5.39 6.54
N GLY A 49 16.51 5.02 6.94
CA GLY A 49 15.83 5.74 7.99
C GLY A 49 14.53 6.38 7.51
N LEU A 50 14.00 5.88 6.40
CA LEU A 50 12.76 6.42 5.84
C LEU A 50 11.54 5.79 6.52
N PRO A 51 10.56 6.64 6.84
CA PRO A 51 9.32 6.20 7.50
C PRO A 51 8.44 5.38 6.57
N GLU A 52 7.77 4.37 7.14
CA GLU A 52 6.90 3.51 6.35
C GLU A 52 5.87 4.33 5.59
N GLU A 53 5.28 5.31 6.26
CA GLU A 53 4.28 6.17 5.64
C GLU A 53 4.79 6.74 4.33
N ALA A 54 6.06 7.16 4.31
CA ALA A 54 6.67 7.72 3.12
C ALA A 54 6.84 6.67 2.03
N LEU A 55 7.37 5.51 2.43
CA LEU A 55 7.58 4.41 1.49
C LEU A 55 6.27 3.99 0.83
N TYR A 56 5.22 3.91 1.64
CA TYR A 56 3.90 3.51 1.14
C TYR A 56 3.25 4.64 0.34
N ARG A 57 3.39 5.86 0.85
CA ARG A 57 2.82 7.02 0.17
C ARG A 57 3.33 7.13 -1.25
N ALA A 58 4.62 6.89 -1.44
CA ALA A 58 5.23 6.96 -2.76
C ALA A 58 4.68 5.87 -3.68
N LEU A 59 4.49 4.68 -3.13
CA LEU A 59 3.97 3.56 -3.90
C LEU A 59 2.57 3.87 -4.46
N ALA A 60 1.77 4.59 -3.67
CA ALA A 60 0.44 4.97 -4.09
C ALA A 60 0.48 5.98 -5.23
N GLU A 61 1.52 6.80 -5.26
CA GLU A 61 1.68 7.80 -6.30
C GLU A 61 2.18 7.17 -7.60
N GLN A 62 3.07 6.21 -7.47
CA GLN A 62 3.62 5.51 -8.64
C GLN A 62 2.64 4.49 -9.18
N LYS A 63 2.00 3.76 -8.27
CA LYS A 63 1.02 2.74 -8.66
C LYS A 63 -0.36 3.34 -8.82
N GLY A 64 -0.52 4.59 -8.39
CA GLY A 64 -1.79 5.26 -8.50
C GLY A 64 -2.84 4.68 -7.57
N LEU A 65 -2.39 4.21 -6.41
CA LEU A 65 -3.30 3.61 -5.43
C LEU A 65 -3.84 4.68 -4.48
N GLU A 66 -4.94 4.36 -3.81
CA GLU A 66 -5.56 5.30 -2.88
C GLU A 66 -5.11 5.01 -1.45
N PHE A 67 -4.28 5.91 -0.91
CA PHE A 67 -3.77 5.76 0.45
C PHE A 67 -4.83 6.15 1.48
N LEU A 68 -4.80 5.48 2.62
CA LEU A 68 -5.76 5.75 3.69
C LEU A 68 -5.11 6.54 4.82
N GLU A 69 -5.73 7.66 5.18
CA GLU A 69 -5.21 8.51 6.24
C GLU A 69 -5.11 7.75 7.56
N SER A 70 -5.94 6.72 7.70
CA SER A 70 -5.96 5.90 8.91
C SER A 70 -6.88 4.70 8.75
N THR A 71 -7.02 3.93 9.82
CA THR A 71 -7.89 2.75 9.79
C THR A 71 -9.01 2.87 10.81
N GLU A 72 -8.72 3.49 11.94
CA GLU A 72 -9.71 3.68 13.00
C GLU A 72 -10.98 4.32 12.44
N GLY A 73 -10.81 5.22 11.47
CA GLY A 73 -11.95 5.88 10.87
C GLY A 73 -12.76 4.96 9.99
N ILE A 74 -12.08 4.05 9.31
CA ILE A 74 -12.74 3.10 8.42
C ILE A 74 -13.87 2.38 9.14
N VAL A 75 -14.96 2.12 8.42
CA VAL A 75 -16.11 1.43 8.98
C VAL A 75 -16.28 0.04 8.38
N PRO A 76 -15.78 -0.98 9.10
CA PRO A 76 -15.87 -2.37 8.65
C PRO A 76 -17.29 -2.91 8.68
N ASP A 77 -17.52 -4.00 7.95
CA ASP A 77 -18.84 -4.61 7.90
C ASP A 77 -18.73 -6.13 7.73
N PRO A 78 -19.81 -6.84 8.07
CA PRO A 78 -19.86 -8.30 7.97
C PRO A 78 -19.88 -8.78 6.51
N SER A 79 -20.73 -8.15 5.70
CA SER A 79 -20.85 -8.51 4.30
C SER A 79 -19.49 -8.51 3.61
N ALA A 80 -18.71 -7.46 3.86
CA ALA A 80 -17.39 -7.33 3.27
C ALA A 80 -16.45 -8.42 3.80
N ALA A 81 -16.57 -8.73 5.07
CA ALA A 81 -15.74 -9.77 5.69
C ALA A 81 -15.91 -11.11 4.99
N LEU A 82 -17.02 -11.25 4.27
CA LEU A 82 -17.32 -12.48 3.55
C LEU A 82 -16.41 -12.64 2.34
N LEU A 83 -15.95 -11.51 1.80
CA LEU A 83 -15.07 -11.52 0.64
C LEU A 83 -13.80 -12.31 0.92
N LEU A 84 -13.08 -11.93 1.97
CA LEU A 84 -11.85 -12.61 2.34
C LEU A 84 -11.87 -13.00 3.81
N LEU A 85 -11.11 -14.03 4.16
CA LEU A 85 -11.04 -14.51 5.54
C LEU A 85 -9.83 -13.91 6.25
N ARG A 86 -9.69 -14.23 7.53
CA ARG A 86 -8.57 -13.74 8.33
C ARG A 86 -7.24 -14.23 7.77
N SER A 87 -7.12 -15.54 7.58
CA SER A 87 -5.90 -16.13 7.06
C SER A 87 -5.77 -15.87 5.57
N ASP A 88 -6.89 -15.98 4.84
CA ASP A 88 -6.90 -15.75 3.41
C ASP A 88 -6.47 -14.33 3.08
N ALA A 89 -6.80 -13.40 3.96
CA ALA A 89 -6.45 -12.00 3.77
C ALA A 89 -4.94 -11.81 3.73
N LEU A 90 -4.22 -12.65 4.46
CA LEU A 90 -2.76 -12.57 4.51
C LEU A 90 -2.15 -13.21 3.27
N ARG A 91 -2.89 -14.14 2.66
CA ARG A 91 -2.41 -14.83 1.47
C ARG A 91 -2.06 -13.82 0.36
N TYR A 92 -2.91 -12.80 0.21
CA TYR A 92 -2.69 -11.78 -0.80
C TYR A 92 -2.37 -10.43 -0.15
N GLY A 93 -2.61 -10.33 1.15
CA GLY A 93 -2.35 -9.10 1.87
C GLY A 93 -3.43 -8.07 1.65
N ALA A 94 -4.69 -8.52 1.60
CA ALA A 94 -5.82 -7.63 1.41
C ALA A 94 -6.93 -7.91 2.42
N VAL A 95 -7.67 -6.87 2.78
CA VAL A 95 -8.77 -7.01 3.73
C VAL A 95 -9.94 -6.13 3.35
N PRO A 96 -11.13 -6.74 3.23
CA PRO A 96 -12.36 -6.03 2.86
C PRO A 96 -12.84 -5.12 3.99
N ILE A 97 -13.90 -4.36 3.71
CA ILE A 97 -14.46 -3.44 4.70
C ILE A 97 -15.90 -3.08 4.34
N GLY A 98 -16.13 -2.76 3.07
CA GLY A 98 -17.47 -2.39 2.63
C GLY A 98 -17.56 -2.28 1.11
N PHE A 99 -18.71 -1.80 0.64
CA PHE A 99 -18.92 -1.64 -0.79
C PHE A 99 -19.43 -0.25 -1.12
N GLN A 100 -18.93 0.33 -2.22
CA GLN A 100 -19.32 1.66 -2.64
C GLN A 100 -19.38 1.76 -4.16
N ASN A 101 -20.44 2.37 -4.67
CA ASN A 101 -20.61 2.53 -6.11
C ASN A 101 -20.69 1.17 -6.80
N GLY A 102 -21.30 0.20 -6.12
CA GLY A 102 -21.43 -1.13 -6.68
C GLY A 102 -20.10 -1.86 -6.76
N GLU A 103 -19.11 -1.37 -6.02
CA GLU A 103 -17.79 -1.98 -6.02
C GLU A 103 -17.43 -2.48 -4.62
N VAL A 104 -16.40 -3.33 -4.56
CA VAL A 104 -15.96 -3.89 -3.29
C VAL A 104 -14.69 -3.19 -2.80
N GLU A 105 -14.77 -2.62 -1.60
CA GLU A 105 -13.63 -1.92 -1.02
C GLU A 105 -12.73 -2.88 -0.26
N VAL A 106 -11.48 -3.00 -0.71
CA VAL A 106 -10.51 -3.89 -0.08
C VAL A 106 -9.19 -3.18 0.15
N VAL A 107 -8.77 -3.10 1.41
CA VAL A 107 -7.51 -2.46 1.77
C VAL A 107 -6.38 -3.47 1.84
N LEU A 108 -5.34 -3.25 1.04
CA LEU A 108 -4.19 -4.15 1.01
C LEU A 108 -2.90 -3.38 1.25
N SER A 109 -1.92 -4.05 1.87
CA SER A 109 -0.64 -3.42 2.15
C SER A 109 0.39 -3.77 1.07
N ASP A 110 -0.07 -3.88 -0.17
CA ASP A 110 0.80 -4.20 -1.28
C ASP A 110 0.19 -3.72 -2.60
N PRO A 111 0.50 -2.46 -2.97
CA PRO A 111 0.00 -1.86 -4.21
C PRO A 111 0.62 -2.48 -5.45
N ARG A 112 1.81 -3.07 -5.28
CA ARG A 112 2.51 -3.69 -6.39
C ARG A 112 1.72 -4.89 -6.93
N HIS A 113 1.07 -5.61 -6.04
CA HIS A 113 0.28 -6.78 -6.41
C HIS A 113 -1.19 -6.41 -6.56
N LYS A 114 -1.50 -5.13 -6.38
CA LYS A 114 -2.87 -4.65 -6.50
C LYS A 114 -3.52 -5.16 -7.78
N GLU A 115 -2.76 -5.14 -8.87
CA GLU A 115 -3.26 -5.59 -10.16
C GLU A 115 -3.39 -7.12 -10.18
N ALA A 116 -2.51 -7.79 -9.46
CA ALA A 116 -2.53 -9.25 -9.40
C ALA A 116 -3.89 -9.76 -8.96
N VAL A 117 -4.39 -9.22 -7.85
CA VAL A 117 -5.69 -9.62 -7.31
C VAL A 117 -6.83 -8.97 -8.10
N ALA A 118 -6.68 -7.69 -8.40
CA ALA A 118 -7.68 -6.94 -9.14
C ALA A 118 -8.08 -7.68 -10.41
N GLN A 119 -7.09 -8.26 -11.09
CA GLN A 119 -7.33 -8.99 -12.32
C GLN A 119 -7.93 -10.37 -12.03
N LEU A 120 -7.57 -10.92 -10.88
CA LEU A 120 -8.06 -12.24 -10.48
C LEU A 120 -9.53 -12.17 -10.08
N LEU A 121 -9.91 -11.08 -9.41
CA LEU A 121 -11.28 -10.89 -8.97
C LEU A 121 -12.22 -10.74 -10.16
N ASN A 122 -11.77 -10.03 -11.18
CA ASN A 122 -12.57 -9.82 -12.38
C ASN A 122 -13.84 -9.04 -12.06
N ARG A 123 -13.74 -8.14 -11.08
CA ARG A 123 -14.88 -7.32 -10.68
C ARG A 123 -14.43 -5.95 -10.17
N PRO A 124 -15.35 -4.99 -10.18
CA PRO A 124 -15.07 -3.62 -9.72
C PRO A 124 -14.85 -3.55 -8.21
N ALA A 125 -13.61 -3.26 -7.81
CA ALA A 125 -13.27 -3.15 -6.41
C ALA A 125 -12.26 -2.03 -6.16
N ARG A 126 -12.46 -1.28 -5.09
CA ARG A 126 -11.56 -0.19 -4.75
C ARG A 126 -10.41 -0.66 -3.88
N PHE A 127 -9.19 -0.58 -4.41
CA PHE A 127 -8.01 -1.01 -3.68
C PHE A 127 -7.29 0.19 -3.05
N TYR A 128 -7.06 0.11 -1.75
CA TYR A 128 -6.39 1.19 -1.03
C TYR A 128 -5.04 0.72 -0.47
N LEU A 129 -4.19 1.66 -0.13
CA LEU A 129 -2.87 1.35 0.42
C LEU A 129 -2.68 1.97 1.80
N ALA A 130 -2.74 1.13 2.83
CA ALA A 130 -2.58 1.59 4.20
C ALA A 130 -1.32 0.99 4.83
N LEU A 131 -0.76 1.71 5.79
CA LEU A 131 0.45 1.26 6.48
C LEU A 131 0.27 -0.16 7.01
N PRO A 132 1.40 -0.84 7.26
CA PRO A 132 1.39 -2.22 7.78
C PRO A 132 0.90 -2.30 9.22
N GLN A 133 1.12 -1.22 9.97
CA GLN A 133 0.71 -1.18 11.37
C GLN A 133 -0.80 -0.97 11.48
N ALA A 134 -1.34 -0.12 10.61
CA ALA A 134 -2.77 0.16 10.61
C ALA A 134 -3.54 -0.91 9.86
N TRP A 135 -2.93 -1.45 8.81
CA TRP A 135 -3.56 -2.49 8.00
C TRP A 135 -3.68 -3.79 8.79
N GLU A 136 -2.67 -4.07 9.62
CA GLU A 136 -2.66 -5.29 10.43
C GLU A 136 -3.76 -5.25 11.48
N GLU A 137 -3.88 -4.11 12.17
CA GLU A 137 -4.89 -3.95 13.21
C GLU A 137 -6.29 -3.94 12.61
N LEU A 138 -6.39 -3.47 11.37
CA LEU A 138 -7.67 -3.41 10.69
C LEU A 138 -8.34 -4.78 10.66
N PHE A 139 -7.53 -5.83 10.69
CA PHE A 139 -8.04 -7.19 10.66
C PHE A 139 -9.08 -7.40 11.75
N ARG A 140 -8.83 -6.81 12.93
CA ARG A 140 -9.75 -6.93 14.05
C ARG A 140 -11.04 -6.16 13.79
N ARG A 141 -10.95 -5.13 12.96
CA ARG A 141 -12.11 -4.32 12.63
C ARG A 141 -12.99 -5.01 11.60
N ALA A 142 -12.36 -5.48 10.52
CA ALA A 142 -13.08 -6.16 9.45
C ALA A 142 -13.53 -7.56 9.89
N TYR A 143 -12.72 -8.19 10.74
CA TYR A 143 -13.02 -9.53 11.23
C TYR A 143 -13.29 -9.50 12.73
N PRO A 144 -14.48 -9.00 13.11
CA PRO A 144 -14.89 -8.90 14.50
C PRO A 144 -15.17 -10.27 15.12
N GLN A 145 -15.45 -10.29 16.43
CA GLN A 145 -15.74 -11.53 17.12
C GLN A 145 -17.09 -12.09 16.71
N LYS A 146 -17.26 -13.40 16.89
CA LYS A 146 -18.50 -14.07 16.53
C LYS A 146 -18.85 -13.83 15.06
P 5GP B . 9.84 1.32 -10.29
O1P 5GP B . 9.37 0.89 -11.64
O3P 5GP B . 10.01 2.77 -10.01
O5' 5GP B . 11.24 0.62 -10.06
C5' 5GP B . 11.85 -0.16 -11.08
C4' 5GP B . 13.34 -0.23 -10.86
O4' 5GP B . 13.93 0.94 -11.36
C3' 5GP B . 13.79 -0.31 -9.40
O3' 5GP B . 13.77 -1.63 -8.90
C2' 5GP B . 15.22 0.22 -9.52
O2' 5GP B . 16.14 -0.73 -10.00
C1' 5GP B . 15.04 1.31 -10.56
N9 5GP B . 14.74 2.58 -9.89
C8 5GP B . 13.67 2.88 -9.08
N7 5GP B . 13.74 4.08 -8.58
C5 5GP B . 14.92 4.60 -9.10
C6 5GP B . 15.54 5.87 -8.90
O6 5GP B . 15.15 6.82 -8.21
N1 5GP B . 16.73 5.97 -9.60
C2 5GP B . 17.27 4.98 -10.40
N2 5GP B . 18.43 5.25 -10.98
N3 5GP B . 16.68 3.81 -10.60
C4 5GP B . 15.53 3.69 -9.92
H5'1 5GP B . 11.43 -1.17 -11.07
H5'2 5GP B . 11.66 0.30 -12.05
H4' 5GP B . 13.63 -1.16 -11.35
H3' 5GP B . 13.16 0.26 -8.71
H2' 5GP B . 15.62 0.51 -8.55
HO2' 5GP B . 16.23 -1.45 -9.38
H1' 5GP B . 15.94 1.44 -11.17
H8 5GP B . 12.85 2.20 -8.88
HN1 5GP B . 17.26 6.83 -9.52
HN21 5GP B . 18.88 6.14 -10.83
HN22 5GP B . 18.87 4.57 -11.58
P 5GP C . 12.57 -2.09 -7.91
O1P 5GP C . 12.42 -3.56 -8.03
O3P 5GP C . 12.75 -1.48 -6.58
O5' 5GP C . 11.27 -1.45 -8.57
C5' 5GP C . 10.19 -2.27 -9.00
C4' 5GP C . 8.89 -1.64 -8.60
O4' 5GP C . 8.46 -2.35 -7.44
C3' 5GP C . 8.96 -0.20 -8.09
O3' 5GP C . 8.93 0.74 -9.14
C2' 5GP C . 7.70 -0.12 -7.24
O2' 5GP C . 6.51 0.02 -7.98
C1' 5GP C . 7.71 -1.50 -6.58
N9 5GP C . 8.38 -1.41 -5.28
C8 5GP C . 9.67 -1.00 -5.01
N7 5GP C . 9.93 -0.98 -3.74
C5 5GP C . 8.77 -1.40 -3.13
C6 5GP C . 8.43 -1.56 -1.76
O6 5GP C . 9.14 -1.37 -0.77
N1 5GP C . 7.12 -1.99 -1.60
C2 5GP C . 6.24 -2.25 -2.62
N2 5GP C . 5.01 -2.64 -2.27
N3 5GP C . 6.54 -2.12 -3.90
C4 5GP C . 7.80 -1.69 -4.08
H5'1 5GP C . 10.22 -2.38 -10.08
H5'2 5GP C . 10.27 -3.25 -8.53
H4' 5GP C . 8.31 -1.64 -9.53
H3' 5GP C . 9.89 0.03 -7.55
H2' 5GP C . 7.71 0.74 -6.57
HO2' 5GP C . 6.45 0.91 -8.33
H1' 5GP C . 6.70 -1.89 -6.44
H8 5GP C . 10.39 -0.74 -5.78
HN1 5GP C . 6.79 -2.14 -0.65
HN21 5GP C . 4.77 -2.75 -1.30
HN22 5GP C . 4.33 -2.85 -2.98
N GLY A 1 -7.27 19.52 -5.92
CA GLY A 1 -7.05 18.67 -7.08
C GLY A 1 -5.58 18.52 -7.40
N SER A 2 -5.14 19.15 -8.49
CA SER A 2 -3.74 19.08 -8.91
C SER A 2 -3.05 20.42 -8.74
N SER A 3 -1.72 20.38 -8.65
CA SER A 3 -0.94 21.60 -8.47
C SER A 3 0.28 21.59 -9.40
N GLY A 4 1.07 20.52 -9.31
CA GLY A 4 2.26 20.41 -10.14
C GLY A 4 3.50 20.94 -9.45
N GLU A 5 4.22 20.06 -8.77
CA GLU A 5 5.44 20.44 -8.07
C GLU A 5 6.67 19.81 -8.72
N GLY A 6 6.72 19.85 -10.04
CA GLY A 6 7.83 19.28 -10.76
C GLY A 6 8.08 17.83 -10.40
N GLN A 7 7.00 17.07 -10.22
CA GLN A 7 7.10 15.66 -9.87
C GLN A 7 7.38 14.81 -11.10
N LYS A 8 7.98 13.64 -10.89
CA LYS A 8 8.28 12.73 -11.99
C LYS A 8 8.05 11.28 -11.58
N ASP A 9 7.21 10.58 -12.33
CA ASP A 9 6.90 9.18 -12.04
C ASP A 9 7.80 8.25 -12.85
N LEU A 10 8.93 8.78 -13.32
CA LEU A 10 9.87 8.00 -14.11
C LEU A 10 10.27 6.73 -13.37
N LYS A 11 10.54 6.86 -12.07
CA LYS A 11 10.94 5.72 -11.25
C LYS A 11 10.49 5.91 -9.81
N LEU A 12 10.41 4.81 -9.08
CA LEU A 12 9.99 4.85 -7.67
C LEU A 12 10.84 5.85 -6.89
N GLY A 13 12.14 5.61 -6.85
CA GLY A 13 13.04 6.49 -6.14
C GLY A 13 12.90 7.94 -6.56
N GLU A 14 12.85 8.17 -7.87
CA GLU A 14 12.71 9.52 -8.41
C GLU A 14 11.50 10.21 -7.81
N LEU A 15 10.37 9.50 -7.77
CA LEU A 15 9.15 10.06 -7.23
C LEU A 15 9.38 10.66 -5.84
N LEU A 16 10.05 9.91 -4.99
CA LEU A 16 10.34 10.36 -3.63
C LEU A 16 11.29 11.56 -3.65
N LEU A 17 12.29 11.50 -4.54
CA LEU A 17 13.26 12.58 -4.67
C LEU A 17 12.57 13.92 -4.91
N GLN A 18 11.63 13.93 -5.86
CA GLN A 18 10.90 15.14 -6.19
C GLN A 18 10.24 15.74 -4.96
N LYS A 19 9.77 14.86 -4.07
CA LYS A 19 9.10 15.30 -2.84
C LYS A 19 10.14 15.76 -1.82
N GLY A 20 11.36 15.24 -1.91
CA GLY A 20 12.40 15.61 -0.99
C GLY A 20 12.36 14.81 0.30
N TRP A 21 11.85 13.59 0.22
CA TRP A 21 11.75 12.72 1.38
C TRP A 21 13.09 12.07 1.70
N ILE A 22 13.80 11.66 0.64
CA ILE A 22 15.10 11.02 0.81
C ILE A 22 16.19 11.79 0.06
N SER A 23 17.36 11.90 0.68
CA SER A 23 18.48 12.60 0.08
C SER A 23 18.90 11.96 -1.23
N ARG A 24 19.49 12.74 -2.11
CA ARG A 24 19.94 12.25 -3.40
C ARG A 24 20.80 10.99 -3.24
N GLU A 25 21.66 11.02 -2.24
CA GLU A 25 22.55 9.88 -1.97
C GLU A 25 21.76 8.69 -1.43
N ALA A 26 20.71 8.99 -0.67
CA ALA A 26 19.87 7.93 -0.08
C ALA A 26 19.33 7.01 -1.17
N LEU A 27 18.93 7.58 -2.30
CA LEU A 27 18.39 6.81 -3.40
C LEU A 27 19.43 5.84 -3.94
N GLU A 28 20.61 6.36 -4.26
CA GLU A 28 21.70 5.54 -4.78
C GLU A 28 22.07 4.44 -3.80
N GLU A 29 22.14 4.80 -2.52
CA GLU A 29 22.50 3.84 -1.48
C GLU A 29 21.52 2.67 -1.46
N ALA A 30 20.23 2.99 -1.46
CA ALA A 30 19.19 1.96 -1.44
C ALA A 30 19.23 1.12 -2.71
N LEU A 31 19.50 1.77 -3.85
CA LEU A 31 19.56 1.08 -5.12
C LEU A 31 20.71 0.08 -5.14
N VAL A 32 21.91 0.55 -4.81
CA VAL A 32 23.10 -0.30 -4.78
C VAL A 32 22.90 -1.47 -3.83
N GLU A 33 22.19 -1.23 -2.73
CA GLU A 33 21.94 -2.27 -1.74
C GLU A 33 21.00 -3.34 -2.30
N GLN A 34 20.14 -2.93 -3.22
CA GLN A 34 19.20 -3.86 -3.83
C GLN A 34 19.90 -4.82 -4.78
N GLU A 35 21.04 -4.39 -5.31
CA GLU A 35 21.82 -5.22 -6.22
C GLU A 35 22.61 -6.28 -5.47
N LYS A 36 22.89 -6.00 -4.20
CA LYS A 36 23.64 -6.94 -3.36
C LYS A 36 22.70 -7.74 -2.47
N THR A 37 21.57 -7.14 -2.09
CA THR A 37 20.60 -7.81 -1.25
C THR A 37 19.48 -8.43 -2.07
N GLY A 38 19.11 -7.76 -3.16
CA GLY A 38 18.06 -8.27 -4.02
C GLY A 38 16.68 -8.04 -3.45
N ASP A 39 16.55 -7.02 -2.60
CA ASP A 39 15.28 -6.70 -1.98
C ASP A 39 14.59 -5.55 -2.72
N LEU A 40 13.45 -5.11 -2.19
CA LEU A 40 12.69 -4.02 -2.80
C LEU A 40 13.34 -2.67 -2.48
N LEU A 41 13.47 -1.83 -3.50
CA LEU A 41 14.07 -0.51 -3.33
C LEU A 41 13.37 0.27 -2.23
N GLY A 42 12.07 0.03 -2.07
CA GLY A 42 11.31 0.71 -1.04
C GLY A 42 11.65 0.23 0.35
N ARG A 43 11.53 -1.07 0.57
CA ARG A 43 11.84 -1.66 1.87
C ARG A 43 13.30 -1.48 2.23
N ILE A 44 14.16 -1.51 1.21
CA ILE A 44 15.59 -1.34 1.41
C ILE A 44 15.95 0.11 1.69
N LEU A 45 15.17 1.03 1.12
CA LEU A 45 15.39 2.46 1.32
C LEU A 45 14.99 2.89 2.72
N VAL A 46 13.98 2.22 3.27
CA VAL A 46 13.50 2.53 4.61
C VAL A 46 14.63 2.49 5.63
N ARG A 47 15.62 1.65 5.37
CA ARG A 47 16.76 1.52 6.26
C ARG A 47 17.44 2.87 6.48
N LYS A 48 17.37 3.74 5.46
CA LYS A 48 17.98 5.05 5.54
C LYS A 48 17.29 5.91 6.59
N GLY A 49 16.07 5.52 6.96
CA GLY A 49 15.32 6.26 7.96
C GLY A 49 14.04 6.86 7.41
N LEU A 50 13.56 6.29 6.32
CA LEU A 50 12.34 6.78 5.68
C LEU A 50 11.10 6.16 6.35
N PRO A 51 10.11 7.01 6.63
CA PRO A 51 8.86 6.58 7.27
C PRO A 51 8.00 5.72 6.33
N GLU A 52 7.41 4.67 6.89
CA GLU A 52 6.56 3.77 6.10
C GLU A 52 5.49 4.55 5.37
N GLU A 53 4.90 5.54 6.05
CA GLU A 53 3.85 6.37 5.46
C GLU A 53 4.32 6.97 4.14
N ALA A 54 5.60 7.30 4.06
CA ALA A 54 6.17 7.89 2.86
C ALA A 54 6.42 6.84 1.79
N LEU A 55 7.04 5.73 2.18
CA LEU A 55 7.33 4.65 1.26
C LEU A 55 6.06 4.14 0.59
N TYR A 56 4.98 4.04 1.37
CA TYR A 56 3.70 3.57 0.85
C TYR A 56 3.02 4.65 0.01
N ARG A 57 3.16 5.90 0.45
CA ARG A 57 2.56 7.02 -0.26
C ARG A 57 3.07 7.09 -1.70
N ALA A 58 4.35 6.80 -1.88
CA ALA A 58 4.96 6.83 -3.21
C ALA A 58 4.43 5.69 -4.07
N LEU A 59 4.26 4.53 -3.48
CA LEU A 59 3.76 3.36 -4.20
C LEU A 59 2.37 3.63 -4.77
N ALA A 60 1.57 4.41 -4.04
CA ALA A 60 0.23 4.74 -4.47
C ALA A 60 0.26 5.70 -5.66
N GLU A 61 1.29 6.54 -5.71
CA GLU A 61 1.43 7.51 -6.79
C GLU A 61 1.93 6.83 -8.06
N GLN A 62 2.88 5.90 -7.91
CA GLN A 62 3.43 5.19 -9.04
C GLN A 62 2.48 4.09 -9.52
N LYS A 63 1.88 3.39 -8.57
CA LYS A 63 0.94 2.31 -8.88
C LYS A 63 -0.46 2.87 -9.10
N GLY A 64 -0.66 4.14 -8.76
CA GLY A 64 -1.96 4.76 -8.92
C GLY A 64 -3.00 4.19 -7.97
N LEU A 65 -2.54 3.79 -6.78
CA LEU A 65 -3.45 3.22 -5.78
C LEU A 65 -4.03 4.31 -4.89
N GLU A 66 -5.12 4.00 -4.20
CA GLU A 66 -5.77 4.95 -3.31
C GLU A 66 -5.33 4.74 -1.87
N PHE A 67 -4.53 5.68 -1.36
CA PHE A 67 -4.04 5.59 0.01
C PHE A 67 -5.11 6.05 1.01
N LEU A 68 -5.21 5.35 2.13
CA LEU A 68 -6.19 5.69 3.16
C LEU A 68 -5.57 6.60 4.21
N GLU A 69 -6.25 7.71 4.50
CA GLU A 69 -5.77 8.66 5.49
C GLU A 69 -5.77 8.05 6.89
N SER A 70 -6.61 7.03 7.08
CA SER A 70 -6.72 6.36 8.37
C SER A 70 -7.42 5.02 8.23
N THR A 71 -7.59 4.31 9.34
CA THR A 71 -8.25 3.02 9.35
C THR A 71 -9.44 3.01 10.31
N GLU A 72 -9.29 3.71 11.43
CA GLU A 72 -10.35 3.78 12.43
C GLU A 72 -11.64 4.30 11.81
N GLY A 73 -11.52 5.31 10.95
CA GLY A 73 -12.69 5.89 10.32
C GLY A 73 -13.44 4.89 9.46
N ILE A 74 -12.69 3.99 8.82
CA ILE A 74 -13.29 2.98 7.95
C ILE A 74 -14.39 2.22 8.70
N VAL A 75 -15.48 1.92 7.99
CA VAL A 75 -16.59 1.20 8.57
C VAL A 75 -16.71 -0.20 7.98
N PRO A 76 -16.18 -1.19 8.72
CA PRO A 76 -16.20 -2.60 8.30
C PRO A 76 -17.60 -3.19 8.34
N ASP A 77 -17.80 -4.29 7.62
CA ASP A 77 -19.10 -4.96 7.58
C ASP A 77 -18.93 -6.47 7.46
N PRO A 78 -19.98 -7.21 7.82
CA PRO A 78 -19.97 -8.68 7.76
C PRO A 78 -19.97 -9.20 6.33
N SER A 79 -20.81 -8.61 5.49
CA SER A 79 -20.91 -9.02 4.09
C SER A 79 -19.53 -9.02 3.43
N ALA A 80 -18.78 -7.95 3.65
CA ALA A 80 -17.44 -7.82 3.08
C ALA A 80 -16.51 -8.88 3.64
N ALA A 81 -16.63 -9.15 4.94
CA ALA A 81 -15.79 -10.15 5.59
C ALA A 81 -15.94 -11.51 4.93
N LEU A 82 -17.03 -11.70 4.21
CA LEU A 82 -17.29 -12.96 3.52
C LEU A 82 -16.37 -13.13 2.33
N LEU A 83 -15.94 -12.01 1.75
CA LEU A 83 -15.06 -12.03 0.60
C LEU A 83 -13.76 -12.78 0.92
N LEU A 84 -13.07 -12.34 1.97
CA LEU A 84 -11.82 -12.97 2.38
C LEU A 84 -11.85 -13.30 3.86
N LEU A 85 -11.10 -14.34 4.25
CA LEU A 85 -11.03 -14.76 5.64
C LEU A 85 -9.83 -14.13 6.35
N ARG A 86 -9.73 -14.38 7.65
CA ARG A 86 -8.63 -13.84 8.45
C ARG A 86 -7.29 -14.32 7.92
N SER A 87 -7.15 -15.63 7.79
CA SER A 87 -5.91 -16.23 7.30
C SER A 87 -5.76 -16.01 5.79
N ASP A 88 -6.86 -16.15 5.07
CA ASP A 88 -6.85 -15.97 3.62
C ASP A 88 -6.43 -14.56 3.26
N ALA A 89 -6.80 -13.60 4.10
CA ALA A 89 -6.47 -12.20 3.87
C ALA A 89 -4.96 -11.99 3.85
N LEU A 90 -4.24 -12.79 4.63
CA LEU A 90 -2.79 -12.70 4.70
C LEU A 90 -2.15 -13.38 3.49
N ARG A 91 -2.85 -14.33 2.90
CA ARG A 91 -2.34 -15.05 1.73
C ARG A 91 -1.99 -14.08 0.61
N TYR A 92 -2.85 -13.08 0.41
CA TYR A 92 -2.64 -12.09 -0.64
C TYR A 92 -2.35 -10.72 -0.04
N GLY A 93 -2.61 -10.58 1.25
CA GLY A 93 -2.38 -9.32 1.93
C GLY A 93 -3.47 -8.30 1.66
N ALA A 94 -4.71 -8.78 1.63
CA ALA A 94 -5.85 -7.90 1.38
C ALA A 94 -6.98 -8.16 2.38
N VAL A 95 -7.77 -7.13 2.66
CA VAL A 95 -8.88 -7.25 3.60
C VAL A 95 -10.06 -6.38 3.16
N PRO A 96 -11.22 -7.02 3.03
CA PRO A 96 -12.46 -6.33 2.62
C PRO A 96 -12.98 -5.39 3.70
N ILE A 97 -14.06 -4.69 3.39
CA ILE A 97 -14.66 -3.75 4.33
C ILE A 97 -16.10 -3.43 3.96
N GLY A 98 -16.33 -3.16 2.67
CA GLY A 98 -17.66 -2.84 2.20
C GLY A 98 -17.70 -2.62 0.70
N PHE A 99 -18.91 -2.45 0.16
CA PHE A 99 -19.09 -2.24 -1.26
C PHE A 99 -19.32 -0.76 -1.55
N GLN A 100 -18.80 -0.30 -2.69
CA GLN A 100 -18.93 1.10 -3.09
C GLN A 100 -19.14 1.21 -4.60
N ASN A 101 -20.28 1.78 -4.99
CA ASN A 101 -20.60 1.95 -6.40
C ASN A 101 -20.74 0.60 -7.10
N GLY A 102 -21.16 -0.41 -6.34
CA GLY A 102 -21.33 -1.74 -6.90
C GLY A 102 -20.04 -2.56 -6.86
N GLU A 103 -18.94 -1.90 -6.50
CA GLU A 103 -17.65 -2.57 -6.43
C GLU A 103 -17.34 -3.00 -5.00
N VAL A 104 -16.35 -3.88 -4.85
CA VAL A 104 -15.96 -4.38 -3.54
C VAL A 104 -14.69 -3.68 -3.05
N GLU A 105 -14.80 -2.98 -1.92
CA GLU A 105 -13.67 -2.27 -1.35
C GLU A 105 -12.78 -3.21 -0.55
N VAL A 106 -11.52 -3.34 -0.97
CA VAL A 106 -10.57 -4.21 -0.28
C VAL A 106 -9.24 -3.49 -0.05
N VAL A 107 -8.90 -3.31 1.23
CA VAL A 107 -7.65 -2.65 1.58
C VAL A 107 -6.51 -3.65 1.72
N LEU A 108 -5.47 -3.46 0.91
CA LEU A 108 -4.31 -4.35 0.94
C LEU A 108 -3.02 -3.56 1.16
N SER A 109 -2.06 -4.17 1.84
CA SER A 109 -0.78 -3.52 2.11
C SER A 109 0.26 -3.92 1.07
N ASP A 110 -0.18 -4.10 -0.16
CA ASP A 110 0.71 -4.48 -1.25
C ASP A 110 0.15 -4.03 -2.60
N PRO A 111 0.47 -2.79 -2.98
CA PRO A 111 0.00 -2.21 -4.25
C PRO A 111 0.67 -2.86 -5.47
N ARG A 112 1.84 -3.44 -5.25
CA ARG A 112 2.59 -4.09 -6.32
C ARG A 112 1.82 -5.30 -6.85
N HIS A 113 1.13 -6.00 -5.95
CA HIS A 113 0.35 -7.17 -6.32
C HIS A 113 -1.12 -6.81 -6.51
N LYS A 114 -1.44 -5.53 -6.34
CA LYS A 114 -2.81 -5.06 -6.48
C LYS A 114 -3.44 -5.58 -7.78
N GLU A 115 -2.65 -5.61 -8.85
CA GLU A 115 -3.13 -6.08 -10.13
C GLU A 115 -3.23 -7.60 -10.15
N ALA A 116 -2.34 -8.26 -9.40
CA ALA A 116 -2.34 -9.72 -9.32
C ALA A 116 -3.70 -10.25 -8.89
N VAL A 117 -4.22 -9.71 -7.79
CA VAL A 117 -5.53 -10.13 -7.28
C VAL A 117 -6.66 -9.51 -8.09
N ALA A 118 -6.53 -8.23 -8.41
CA ALA A 118 -7.54 -7.53 -9.19
C ALA A 118 -7.90 -8.30 -10.45
N GLN A 119 -6.89 -8.88 -11.09
CA GLN A 119 -7.10 -9.65 -12.32
C GLN A 119 -7.67 -11.03 -12.00
N LEU A 120 -7.34 -11.54 -10.82
CA LEU A 120 -7.81 -12.85 -10.39
C LEU A 120 -9.29 -12.81 -10.02
N LEU A 121 -9.70 -11.72 -9.37
CA LEU A 121 -11.08 -11.55 -8.95
C LEU A 121 -12.01 -11.47 -10.16
N ASN A 122 -11.55 -10.80 -11.21
CA ASN A 122 -12.33 -10.64 -12.43
C ASN A 122 -13.62 -9.88 -12.16
N ARG A 123 -13.55 -8.95 -11.21
CA ARG A 123 -14.71 -8.14 -10.86
C ARG A 123 -14.29 -6.74 -10.41
N PRO A 124 -15.23 -5.79 -10.45
CA PRO A 124 -14.99 -4.41 -10.06
C PRO A 124 -14.79 -4.26 -8.55
N ALA A 125 -13.58 -3.87 -8.14
CA ALA A 125 -13.28 -3.69 -6.73
C ALA A 125 -12.28 -2.55 -6.53
N ARG A 126 -12.47 -1.79 -5.45
CA ARG A 126 -11.60 -0.67 -5.13
C ARG A 126 -10.45 -1.11 -4.22
N PHE A 127 -9.23 -1.03 -4.73
CA PHE A 127 -8.06 -1.42 -3.96
C PHE A 127 -7.36 -0.19 -3.38
N TYR A 128 -7.19 -0.19 -2.06
CA TYR A 128 -6.55 0.92 -1.36
C TYR A 128 -5.20 0.49 -0.79
N LEU A 129 -4.37 1.48 -0.46
CA LEU A 129 -3.05 1.20 0.11
C LEU A 129 -2.91 1.85 1.48
N ALA A 130 -2.95 1.02 2.52
CA ALA A 130 -2.82 1.51 3.89
C ALA A 130 -1.57 0.95 4.56
N LEU A 131 -1.01 1.71 5.49
CA LEU A 131 0.20 1.29 6.21
C LEU A 131 0.03 -0.12 6.78
N PRO A 132 1.15 -0.78 7.06
CA PRO A 132 1.15 -2.14 7.63
C PRO A 132 0.65 -2.17 9.07
N GLN A 133 0.85 -1.07 9.77
CA GLN A 133 0.42 -0.97 11.17
C GLN A 133 -1.09 -0.79 11.25
N ALA A 134 -1.64 0.03 10.36
CA ALA A 134 -3.08 0.28 10.33
C ALA A 134 -3.82 -0.82 9.61
N TRP A 135 -3.19 -1.39 8.59
CA TRP A 135 -3.79 -2.47 7.81
C TRP A 135 -3.90 -3.74 8.64
N GLU A 136 -2.91 -3.98 9.49
CA GLU A 136 -2.89 -5.16 10.33
C GLU A 136 -4.02 -5.11 11.36
N GLU A 137 -4.16 -3.96 12.02
CA GLU A 137 -5.19 -3.79 13.03
C GLU A 137 -6.58 -3.82 12.40
N LEU A 138 -6.66 -3.40 11.14
CA LEU A 138 -7.93 -3.37 10.43
C LEU A 138 -8.58 -4.76 10.43
N PHE A 139 -7.74 -5.79 10.51
CA PHE A 139 -8.24 -7.16 10.52
C PHE A 139 -9.29 -7.36 11.61
N ARG A 140 -9.07 -6.73 12.76
CA ARG A 140 -10.00 -6.84 13.87
C ARG A 140 -11.30 -6.11 13.56
N ARG A 141 -11.22 -5.10 12.70
CA ARG A 141 -12.40 -4.32 12.32
C ARG A 141 -13.24 -5.08 11.30
N ALA A 142 -12.60 -5.57 10.25
CA ALA A 142 -13.28 -6.30 9.20
C ALA A 142 -13.72 -7.68 9.69
N TYR A 143 -12.92 -8.27 10.56
CA TYR A 143 -13.22 -9.59 11.11
C TYR A 143 -13.50 -9.51 12.61
N PRO A 144 -14.68 -8.98 12.95
CA PRO A 144 -15.10 -8.85 14.35
C PRO A 144 -15.39 -10.19 15.01
N GLN A 145 -15.07 -10.29 16.30
CA GLN A 145 -15.29 -11.53 17.05
C GLN A 145 -16.76 -11.67 17.45
N LYS A 146 -17.26 -12.90 17.39
CA LYS A 146 -18.66 -13.16 17.74
C LYS A 146 -19.60 -12.37 16.85
P 5GP B . 9.78 0.77 -10.26
O1P 5GP B . 9.27 0.09 -11.48
O3P 5GP B . 9.88 2.26 -10.24
O5' 5GP B . 11.22 0.18 -9.98
C5' 5GP B . 11.87 -0.67 -10.92
C4' 5GP B . 13.35 -0.69 -10.64
O4' 5GP B . 13.92 0.48 -11.20
C3' 5GP B . 13.76 -0.66 -9.18
O3' 5GP B . 13.75 -1.96 -8.60
C2' 5GP B . 15.18 -0.13 -9.29
O2' 5GP B . 16.13 -1.09 -9.70
C1' 5GP B . 15.02 0.91 -10.39
N9 5GP B . 14.69 2.20 -9.79
C8 5GP B . 13.60 2.54 -9.03
N7 5GP B . 13.64 3.76 -8.59
C5 5GP B . 14.84 4.27 -9.11
C6 5GP B . 15.43 5.55 -8.97
O6 5GP B . 15.02 6.54 -8.35
N1 5GP B . 16.64 5.63 -9.65
C2 5GP B . 17.20 4.60 -10.38
N2 5GP B . 18.37 4.86 -10.96
N3 5GP B . 16.64 3.41 -10.53
C4 5GP B . 15.48 3.32 -9.87
H5'1 5GP B . 11.47 -1.68 -10.83
H5'2 5GP B . 11.70 -0.28 -11.92
H4' 5GP B . 13.67 -1.63 -11.09
H3' 5GP B . 13.11 -0.07 -8.55
H2' 5GP B . 15.56 0.23 -8.33
HO2' 5GP B . 16.21 -1.78 -9.04
H1' 5GP B . 15.92 1.01 -10.99
H8 5GP B . 12.78 1.85 -8.81
HN1 5GP B . 17.15 6.50 -9.61
HN21 5GP B . 18.81 5.76 -10.85
HN22 5GP B . 18.83 4.14 -11.51
P 5GP C . 12.53 -2.38 -7.61
O1P 5GP C . 12.39 -3.84 -7.66
O3P 5GP C . 12.70 -1.69 -6.30
O5' 5GP C . 11.25 -1.77 -8.31
C5' 5GP C . 10.16 -2.60 -8.70
C4' 5GP C . 8.86 -1.93 -8.34
O4' 5GP C . 8.42 -2.60 -7.15
C3' 5GP C . 8.94 -0.49 -7.88
O3' 5GP C . 8.93 0.41 -8.97
C2' 5GP C . 7.68 -0.36 -7.05
O2' 5GP C . 6.50 -0.25 -7.81
C1' 5GP C . 7.67 -1.71 -6.33
N9 5GP C . 8.32 -1.57 -5.04
C8 5GP C . 9.61 -1.14 -4.77
N7 5GP C . 9.85 -1.07 -3.49
C5 5GP C . 8.68 -1.48 -2.88
C6 5GP C . 8.33 -1.58 -1.51
O6 5GP C . 9.03 -1.35 -0.51
N1 5GP C . 7.02 -2.03 -1.35
C2 5GP C . 6.15 -2.32 -2.37
N2 5GP C . 4.92 -2.72 -2.02
N3 5GP C . 6.47 -2.24 -3.64
C4 5GP C . 7.73 -1.80 -3.83
H5'1 5GP C . 10.20 -2.76 -9.77
H5'2 5GP C . 10.23 -3.55 -8.18
H4' 5GP C . 8.28 -1.99 -9.26
H3' 5GP C . 9.86 -0.25 -7.35
H2' 5GP C . 7.68 0.53 -6.43
HO2' 5GP C . 6.46 0.61 -8.24
H1' 5GP C . 6.65 -2.08 -6.19
H8 5GP C . 10.33 -0.89 -5.54
HN1 5GP C . 6.67 -2.13 -0.40
HN21 5GP C . 4.68 -2.79 -1.04
HN22 5GP C . 4.25 -2.95 -2.74
N GLY A 1 -5.49 12.90 -9.81
CA GLY A 1 -5.05 12.36 -11.08
C GLY A 1 -3.54 12.20 -11.14
N SER A 2 -2.98 11.50 -10.16
CA SER A 2 -1.54 11.28 -10.12
C SER A 2 -0.78 12.60 -10.04
N SER A 3 0.54 12.52 -10.07
CA SER A 3 1.38 13.72 -10.00
C SER A 3 1.09 14.51 -8.73
N GLY A 4 1.79 15.62 -8.57
CA GLY A 4 1.61 16.45 -7.39
C GLY A 4 1.77 17.93 -7.69
N GLU A 5 3.00 18.41 -7.67
CA GLU A 5 3.29 19.82 -7.94
C GLU A 5 4.79 20.04 -8.11
N GLY A 6 5.54 19.79 -7.04
CA GLY A 6 6.98 19.97 -7.09
C GLY A 6 7.73 18.66 -7.18
N GLN A 7 7.23 17.65 -6.47
CA GLN A 7 7.86 16.34 -6.47
C GLN A 7 8.04 15.81 -7.88
N LYS A 8 8.78 14.71 -8.01
CA LYS A 8 9.03 14.10 -9.31
C LYS A 8 8.59 12.64 -9.33
N ASP A 9 7.76 12.29 -10.30
CA ASP A 9 7.26 10.93 -10.42
C ASP A 9 8.11 10.13 -11.40
N LEU A 10 9.34 10.59 -11.62
CA LEU A 10 10.26 9.91 -12.53
C LEU A 10 10.58 8.51 -12.04
N LYS A 11 10.83 8.39 -10.74
CA LYS A 11 11.14 7.09 -10.15
C LYS A 11 10.72 7.04 -8.69
N LEU A 12 10.60 5.84 -8.15
CA LEU A 12 10.20 5.66 -6.76
C LEU A 12 11.21 6.32 -5.82
N GLY A 13 12.48 5.99 -5.99
CA GLY A 13 13.51 6.56 -5.15
C GLY A 13 13.54 8.08 -5.20
N GLU A 14 13.38 8.63 -6.40
CA GLU A 14 13.39 10.07 -6.58
C GLU A 14 12.18 10.71 -5.90
N LEU A 15 11.03 10.05 -5.99
CA LEU A 15 9.81 10.55 -5.38
C LEU A 15 10.04 10.91 -3.91
N LEU A 16 10.79 10.06 -3.22
CA LEU A 16 11.08 10.29 -1.81
C LEU A 16 12.14 11.38 -1.64
N LEU A 17 13.13 11.38 -2.51
CA LEU A 17 14.20 12.37 -2.46
C LEU A 17 13.63 13.79 -2.55
N GLN A 18 12.73 14.00 -3.50
CA GLN A 18 12.12 15.31 -3.69
C GLN A 18 11.47 15.79 -2.39
N LYS A 19 10.91 14.86 -1.62
CA LYS A 19 10.27 15.19 -0.37
C LYS A 19 11.30 15.43 0.73
N GLY A 20 12.47 14.82 0.58
CA GLY A 20 13.53 14.97 1.56
C GLY A 20 13.45 13.95 2.68
N TRP A 21 12.89 12.78 2.37
CA TRP A 21 12.75 11.72 3.35
C TRP A 21 14.07 10.96 3.54
N ILE A 22 14.76 10.71 2.44
CA ILE A 22 16.03 10.01 2.49
C ILE A 22 17.15 10.85 1.88
N SER A 23 18.38 10.59 2.32
CA SER A 23 19.54 11.33 1.83
C SER A 23 19.87 10.93 0.39
N ARG A 24 20.48 11.84 -0.35
CA ARG A 24 20.85 11.58 -1.74
C ARG A 24 21.64 10.28 -1.85
N GLU A 25 22.51 10.03 -0.88
CA GLU A 25 23.32 8.81 -0.87
C GLU A 25 22.48 7.59 -0.51
N ALA A 26 21.48 7.80 0.34
CA ALA A 26 20.60 6.72 0.77
C ALA A 26 19.96 6.04 -0.44
N LEU A 27 19.55 6.83 -1.43
CA LEU A 27 18.92 6.29 -2.63
C LEU A 27 19.88 5.39 -3.39
N GLU A 28 21.08 5.90 -3.66
CA GLU A 28 22.08 5.15 -4.39
C GLU A 28 22.46 3.87 -3.63
N GLU A 29 22.56 3.99 -2.31
CA GLU A 29 22.91 2.85 -1.46
C GLU A 29 21.87 1.74 -1.60
N ALA A 30 20.60 2.10 -1.42
CA ALA A 30 19.51 1.14 -1.52
C ALA A 30 19.46 0.51 -2.91
N LEU A 31 19.72 1.31 -3.93
CA LEU A 31 19.69 0.84 -5.31
C LEU A 31 20.79 -0.20 -5.54
N VAL A 32 22.01 0.15 -5.19
CA VAL A 32 23.15 -0.75 -5.35
C VAL A 32 22.93 -2.06 -4.60
N GLU A 33 22.26 -1.96 -3.45
CA GLU A 33 21.99 -3.13 -2.63
C GLU A 33 20.97 -4.04 -3.31
N GLN A 34 20.10 -3.45 -4.11
CA GLN A 34 19.06 -4.20 -4.82
C GLN A 34 19.67 -5.03 -5.95
N GLU A 35 20.82 -4.58 -6.45
CA GLU A 35 21.50 -5.29 -7.53
C GLU A 35 22.26 -6.50 -6.99
N LYS A 36 22.60 -6.47 -5.70
CA LYS A 36 23.32 -7.56 -5.07
C LYS A 36 22.36 -8.45 -4.28
N THR A 37 21.30 -7.86 -3.76
CA THR A 37 20.31 -8.59 -2.98
C THR A 37 19.12 -9.01 -3.84
N GLY A 38 18.76 -8.14 -4.78
CA GLY A 38 17.64 -8.44 -5.67
C GLY A 38 16.30 -8.22 -5.00
N ASP A 39 16.28 -7.35 -4.00
CA ASP A 39 15.04 -7.05 -3.27
C ASP A 39 14.41 -5.76 -3.78
N LEU A 40 13.33 -5.34 -3.13
CA LEU A 40 12.62 -4.13 -3.52
C LEU A 40 13.36 -2.89 -3.03
N LEU A 41 13.51 -1.91 -3.91
CA LEU A 41 14.20 -0.66 -3.56
C LEU A 41 13.59 -0.04 -2.32
N GLY A 42 12.28 -0.21 -2.15
CA GLY A 42 11.59 0.34 -0.99
C GLY A 42 11.95 -0.38 0.29
N ARG A 43 11.77 -1.70 0.30
CA ARG A 43 12.06 -2.50 1.48
C ARG A 43 13.56 -2.47 1.80
N ILE A 44 14.38 -2.41 0.75
CA ILE A 44 15.82 -2.36 0.91
C ILE A 44 16.29 -1.00 1.41
N LEU A 45 15.56 0.04 1.02
CA LEU A 45 15.89 1.40 1.43
C LEU A 45 15.62 1.61 2.91
N VAL A 46 14.62 0.90 3.43
CA VAL A 46 14.26 1.01 4.85
C VAL A 46 15.47 0.75 5.74
N ARG A 47 16.39 -0.08 5.25
CA ARG A 47 17.59 -0.41 6.02
C ARG A 47 18.36 0.85 6.39
N LYS A 48 18.25 1.87 5.54
CA LYS A 48 18.93 3.14 5.79
C LYS A 48 18.39 3.83 7.03
N GLY A 49 17.19 3.42 7.45
CA GLY A 49 16.58 4.01 8.62
C GLY A 49 15.29 4.74 8.31
N LEU A 50 14.69 4.42 7.16
CA LEU A 50 13.45 5.05 6.74
C LEU A 50 12.24 4.37 7.38
N PRO A 51 11.29 5.18 7.87
CA PRO A 51 10.08 4.68 8.52
C PRO A 51 9.13 4.01 7.52
N GLU A 52 8.47 2.94 7.98
CA GLU A 52 7.53 2.22 7.13
C GLU A 52 6.50 3.16 6.52
N GLU A 53 5.97 4.06 7.34
CA GLU A 53 4.98 5.02 6.89
C GLU A 53 5.46 5.76 5.65
N ALA A 54 6.73 6.13 5.64
CA ALA A 54 7.31 6.85 4.51
C ALA A 54 7.40 5.94 3.28
N LEU A 55 7.90 4.72 3.49
CA LEU A 55 8.04 3.76 2.41
C LEU A 55 6.70 3.47 1.75
N TYR A 56 5.68 3.29 2.58
CA TYR A 56 4.34 3.01 2.08
C TYR A 56 3.69 4.25 1.49
N ARG A 57 3.92 5.39 2.15
CA ARG A 57 3.36 6.66 1.69
C ARG A 57 3.78 6.96 0.25
N ALA A 58 5.03 6.61 -0.08
CA ALA A 58 5.56 6.84 -1.41
C ALA A 58 4.87 5.93 -2.43
N LEU A 59 4.68 4.67 -2.05
CA LEU A 59 4.05 3.69 -2.94
C LEU A 59 2.66 4.16 -3.36
N ALA A 60 1.98 4.86 -2.45
CA ALA A 60 0.64 5.37 -2.74
C ALA A 60 0.70 6.51 -3.74
N GLU A 61 1.79 7.27 -3.71
CA GLU A 61 1.97 8.39 -4.62
C GLU A 61 2.34 7.92 -6.01
N GLN A 62 3.21 6.92 -6.08
CA GLN A 62 3.66 6.38 -7.35
C GLN A 62 2.60 5.46 -7.95
N LYS A 63 1.99 4.65 -7.10
CA LYS A 63 0.95 3.71 -7.54
C LYS A 63 -0.41 4.40 -7.57
N GLY A 64 -0.49 5.59 -7.00
CA GLY A 64 -1.74 6.32 -6.98
C GLY A 64 -2.78 5.68 -6.08
N LEU A 65 -2.31 5.03 -5.01
CA LEU A 65 -3.20 4.36 -4.07
C LEU A 65 -3.65 5.32 -2.98
N GLU A 66 -4.70 4.93 -2.26
CA GLU A 66 -5.23 5.75 -1.18
C GLU A 66 -4.73 5.25 0.18
N PHE A 67 -3.85 6.03 0.79
CA PHE A 67 -3.29 5.67 2.09
C PHE A 67 -4.27 5.98 3.21
N LEU A 68 -4.28 5.13 4.24
CA LEU A 68 -5.17 5.31 5.38
C LEU A 68 -4.44 5.95 6.55
N GLU A 69 -4.98 7.07 7.03
CA GLU A 69 -4.38 7.78 8.15
C GLU A 69 -4.25 6.87 9.37
N SER A 70 -5.13 5.87 9.45
CA SER A 70 -5.12 4.93 10.57
C SER A 70 -6.06 3.76 10.30
N THR A 71 -6.20 2.87 11.28
CA THR A 71 -7.05 1.71 11.16
C THR A 71 -8.13 1.72 12.25
N GLU A 72 -7.77 2.18 13.43
CA GLU A 72 -8.70 2.23 14.55
C GLU A 72 -9.98 2.96 14.15
N GLY A 73 -9.84 3.99 13.32
CA GLY A 73 -10.99 4.75 12.89
C GLY A 73 -11.87 3.97 11.93
N ILE A 74 -11.25 3.15 11.09
CA ILE A 74 -11.99 2.34 10.12
C ILE A 74 -13.10 1.56 10.78
N VAL A 75 -14.25 1.46 10.11
CA VAL A 75 -15.39 0.74 10.63
C VAL A 75 -15.65 -0.54 9.84
N PRO A 76 -15.17 -1.67 10.36
CA PRO A 76 -15.35 -2.97 9.72
C PRO A 76 -16.79 -3.45 9.75
N ASP A 77 -17.12 -4.40 8.88
CA ASP A 77 -18.47 -4.95 8.80
C ASP A 77 -18.45 -6.42 8.38
N PRO A 78 -19.53 -7.13 8.68
CA PRO A 78 -19.66 -8.55 8.34
C PRO A 78 -19.80 -8.78 6.84
N SER A 79 -20.65 -8.00 6.20
CA SER A 79 -20.88 -8.11 4.77
C SER A 79 -19.57 -8.04 4.00
N ALA A 80 -18.69 -7.14 4.42
CA ALA A 80 -17.39 -6.97 3.78
C ALA A 80 -16.48 -8.16 4.05
N ALA A 81 -16.52 -8.65 5.29
CA ALA A 81 -15.70 -9.79 5.68
C ALA A 81 -16.00 -11.01 4.81
N LEU A 82 -17.16 -11.00 4.17
CA LEU A 82 -17.57 -12.10 3.30
C LEU A 82 -16.74 -12.12 2.01
N LEU A 83 -16.24 -10.95 1.64
CA LEU A 83 -15.44 -10.82 0.43
C LEU A 83 -14.21 -11.73 0.49
N LEU A 84 -13.41 -11.55 1.53
CA LEU A 84 -12.20 -12.35 1.72
C LEU A 84 -12.17 -12.96 3.12
N LEU A 85 -11.48 -14.09 3.25
CA LEU A 85 -11.36 -14.78 4.53
C LEU A 85 -10.09 -14.37 5.25
N ARG A 86 -9.93 -14.86 6.48
CA ARG A 86 -8.76 -14.54 7.28
C ARG A 86 -7.48 -15.01 6.59
N SER A 87 -7.46 -16.28 6.22
CA SER A 87 -6.30 -16.87 5.55
C SER A 87 -6.20 -16.39 4.10
N ASP A 88 -7.35 -16.30 3.44
CA ASP A 88 -7.40 -15.85 2.05
C ASP A 88 -6.90 -14.42 1.93
N ALA A 89 -7.15 -13.61 2.95
CA ALA A 89 -6.73 -12.23 2.96
C ALA A 89 -5.22 -12.11 2.87
N LEU A 90 -4.52 -13.09 3.45
CA LEU A 90 -3.06 -13.10 3.43
C LEU A 90 -2.54 -13.57 2.08
N ARG A 91 -3.34 -14.37 1.38
CA ARG A 91 -2.95 -14.89 0.08
C ARG A 91 -2.61 -13.76 -0.88
N TYR A 92 -3.41 -12.70 -0.84
CA TYR A 92 -3.19 -11.55 -1.71
C TYR A 92 -2.77 -10.32 -0.91
N GLY A 93 -2.93 -10.41 0.41
CA GLY A 93 -2.57 -9.30 1.28
C GLY A 93 -3.60 -8.19 1.28
N ALA A 94 -4.87 -8.58 1.23
CA ALA A 94 -5.96 -7.61 1.23
C ALA A 94 -7.03 -7.99 2.25
N VAL A 95 -7.70 -6.98 2.79
CA VAL A 95 -8.76 -7.21 3.78
C VAL A 95 -9.90 -6.22 3.59
N PRO A 96 -11.13 -6.75 3.46
CA PRO A 96 -12.33 -5.93 3.28
C PRO A 96 -12.70 -5.15 4.54
N ILE A 97 -13.71 -4.30 4.44
CA ILE A 97 -14.16 -3.50 5.56
C ILE A 97 -15.58 -2.99 5.35
N GLY A 98 -15.85 -2.50 4.14
CA GLY A 98 -17.17 -1.99 3.83
C GLY A 98 -17.34 -1.67 2.36
N PHE A 99 -18.45 -1.03 2.02
CA PHE A 99 -18.72 -0.67 0.63
C PHE A 99 -19.08 0.80 0.51
N GLN A 100 -18.54 1.45 -0.51
CA GLN A 100 -18.80 2.87 -0.74
C GLN A 100 -18.91 3.17 -2.23
N ASN A 101 -19.96 3.90 -2.62
CA ASN A 101 -20.17 4.25 -4.00
C ASN A 101 -20.40 3.00 -4.86
N GLY A 102 -21.06 2.01 -4.28
CA GLY A 102 -21.35 0.78 -4.99
C GLY A 102 -20.09 -0.04 -5.24
N GLU A 103 -19.02 0.27 -4.51
CA GLU A 103 -17.76 -0.44 -4.66
C GLU A 103 -17.39 -1.17 -3.37
N VAL A 104 -16.46 -2.12 -3.48
CA VAL A 104 -16.02 -2.89 -2.32
C VAL A 104 -14.70 -2.34 -1.79
N GLU A 105 -14.73 -1.84 -0.55
CA GLU A 105 -13.54 -1.30 0.09
C GLU A 105 -12.65 -2.41 0.62
N VAL A 106 -11.44 -2.51 0.09
CA VAL A 106 -10.50 -3.52 0.52
C VAL A 106 -9.11 -2.92 0.78
N VAL A 107 -8.66 -3.02 2.02
CA VAL A 107 -7.36 -2.48 2.40
C VAL A 107 -6.27 -3.55 2.27
N LEU A 108 -5.26 -3.27 1.44
CA LEU A 108 -4.16 -4.20 1.23
C LEU A 108 -2.82 -3.54 1.52
N SER A 109 -1.86 -4.33 1.96
CA SER A 109 -0.52 -3.81 2.27
C SER A 109 0.43 -4.05 1.11
N ASP A 110 -0.10 -3.94 -0.11
CA ASP A 110 0.72 -4.14 -1.31
C ASP A 110 0.07 -3.47 -2.51
N PRO A 111 0.41 -2.18 -2.72
CA PRO A 111 -0.12 -1.40 -3.84
C PRO A 111 0.42 -1.86 -5.19
N ARG A 112 1.57 -2.52 -5.16
CA ARG A 112 2.19 -3.02 -6.39
C ARG A 112 1.31 -4.08 -7.05
N HIS A 113 0.65 -4.90 -6.23
CA HIS A 113 -0.22 -5.95 -6.73
C HIS A 113 -1.68 -5.49 -6.74
N LYS A 114 -1.90 -4.23 -6.36
CA LYS A 114 -3.25 -3.67 -6.33
C LYS A 114 -3.98 -3.95 -7.63
N GLU A 115 -3.27 -3.82 -8.75
CA GLU A 115 -3.86 -4.06 -10.06
C GLU A 115 -4.09 -5.56 -10.29
N ALA A 116 -3.21 -6.37 -9.73
CA ALA A 116 -3.31 -7.82 -9.88
C ALA A 116 -4.68 -8.32 -9.43
N VAL A 117 -5.09 -7.91 -8.23
CA VAL A 117 -6.39 -8.33 -7.68
C VAL A 117 -7.52 -7.51 -8.30
N ALA A 118 -7.30 -6.20 -8.42
CA ALA A 118 -8.30 -5.31 -8.99
C ALA A 118 -8.80 -5.83 -10.33
N GLN A 119 -7.88 -6.36 -11.14
CA GLN A 119 -8.22 -6.90 -12.45
C GLN A 119 -8.89 -8.26 -12.33
N LEU A 120 -8.52 -8.99 -11.28
CA LEU A 120 -9.09 -10.32 -11.04
C LEU A 120 -10.52 -10.22 -10.54
N LEU A 121 -10.79 -9.22 -9.72
CA LEU A 121 -12.12 -9.01 -9.17
C LEU A 121 -13.12 -8.66 -10.27
N ASN A 122 -12.65 -7.92 -11.27
CA ASN A 122 -13.50 -7.50 -12.38
C ASN A 122 -14.70 -6.71 -11.89
N ARG A 123 -14.50 -5.94 -10.83
CA ARG A 123 -15.57 -5.13 -10.26
C ARG A 123 -15.01 -3.88 -9.58
N PRO A 124 -15.87 -2.88 -9.39
CA PRO A 124 -15.49 -1.61 -8.74
C PRO A 124 -15.18 -1.79 -7.26
N ALA A 125 -13.94 -1.53 -6.88
CA ALA A 125 -13.52 -1.65 -5.48
C ALA A 125 -12.45 -0.63 -5.14
N ARG A 126 -12.53 -0.07 -3.94
CA ARG A 126 -11.56 0.92 -3.49
C ARG A 126 -10.40 0.26 -2.76
N PHE A 127 -9.21 0.37 -3.34
CA PHE A 127 -8.02 -0.22 -2.74
C PHE A 127 -7.21 0.83 -1.99
N TYR A 128 -6.95 0.56 -0.71
CA TYR A 128 -6.18 1.49 0.12
C TYR A 128 -4.84 0.88 0.52
N LEU A 129 -3.92 1.73 0.95
CA LEU A 129 -2.59 1.28 1.37
C LEU A 129 -2.32 1.67 2.82
N ALA A 130 -2.37 0.69 3.72
CA ALA A 130 -2.12 0.94 5.13
C ALA A 130 -0.86 0.21 5.60
N LEU A 131 -0.22 0.75 6.62
CA LEU A 131 1.00 0.16 7.16
C LEU A 131 0.77 -1.32 7.49
N PRO A 132 1.87 -2.08 7.58
CA PRO A 132 1.83 -3.51 7.88
C PRO A 132 1.41 -3.78 9.33
N GLN A 133 1.72 -2.85 10.22
CA GLN A 133 1.38 -2.98 11.62
C GLN A 133 -0.11 -2.73 11.85
N ALA A 134 -0.65 -1.74 11.15
CA ALA A 134 -2.06 -1.40 11.28
C ALA A 134 -2.93 -2.32 10.42
N TRP A 135 -2.40 -2.72 9.27
CA TRP A 135 -3.12 -3.60 8.36
C TRP A 135 -3.26 -5.00 8.95
N GLU A 136 -2.24 -5.44 9.67
CA GLU A 136 -2.24 -6.76 10.29
C GLU A 136 -3.28 -6.83 11.40
N GLU A 137 -3.29 -5.81 12.26
CA GLU A 137 -4.23 -5.76 13.36
C GLU A 137 -5.66 -5.59 12.86
N LEU A 138 -5.80 -4.93 11.71
CA LEU A 138 -7.12 -4.71 11.13
C LEU A 138 -7.86 -6.02 10.92
N PHE A 139 -7.11 -7.10 10.76
CA PHE A 139 -7.71 -8.42 10.57
C PHE A 139 -8.70 -8.74 11.68
N ARG A 140 -8.36 -8.33 12.91
CA ARG A 140 -9.23 -8.58 14.05
C ARG A 140 -10.49 -7.72 13.99
N ARG A 141 -10.38 -6.58 13.31
CA ARG A 141 -11.50 -5.66 13.17
C ARG A 141 -12.46 -6.15 12.08
N ALA A 142 -11.91 -6.47 10.92
CA ALA A 142 -12.71 -6.95 9.80
C ALA A 142 -13.22 -8.38 10.05
N TYR A 143 -12.40 -9.16 10.75
CA TYR A 143 -12.77 -10.55 11.06
C TYR A 143 -12.99 -10.73 12.56
N PRO A 144 -14.13 -10.23 13.05
CA PRO A 144 -14.49 -10.32 14.47
C PRO A 144 -14.82 -11.76 14.88
N GLN A 145 -14.07 -12.27 15.85
CA GLN A 145 -14.29 -13.63 16.34
C GLN A 145 -15.49 -13.68 17.27
N LYS A 146 -16.11 -14.86 17.37
CA LYS A 146 -17.27 -15.04 18.23
C LYS A 146 -18.38 -14.04 17.88
P 5GP B . 9.80 2.01 -9.95
O1P 5GP B . 9.25 1.68 -11.29
O3P 5GP B . 10.02 3.43 -9.60
O5' 5GP B . 11.20 1.26 -9.85
C5' 5GP B . 11.74 0.55 -10.95
C4' 5GP B . 13.23 0.37 -10.76
O4' 5GP B . 13.87 1.56 -11.16
C3' 5GP B . 13.70 0.14 -9.33
O3' 5GP B . 13.62 -1.23 -8.97
C2' 5GP B . 15.15 0.59 -9.42
O2' 5GP B . 16.01 -0.34 -10.03
C1' 5GP B . 15.00 1.81 -10.34
N9 5GP B . 14.77 3.00 -9.53
C8 5GP B . 13.71 3.27 -8.69
N7 5GP B . 13.83 4.40 -8.06
C5 5GP B . 15.04 4.91 -8.52
C6 5GP B . 15.71 6.13 -8.19
O6 5GP B . 15.36 7.02 -7.41
N1 5GP B . 16.92 6.24 -8.88
C2 5GP B . 17.39 5.33 -9.79
N2 5GP B . 18.57 5.60 -10.35
N3 5GP B . 16.77 4.21 -10.11
C4 5GP B . 15.61 4.07 -9.45
H5'1 5GP B . 11.26 -0.44 -11.02
H5'2 5GP B . 11.56 1.11 -11.87
H4' 5GP B . 13.46 -0.51 -11.35
H3' 5GP B . 13.10 0.65 -8.57
H2' 5GP B . 15.58 0.77 -8.44
HO2' 5GP B . 16.05 -1.13 -9.49
H1' 5GP B . 15.90 1.96 -10.94
H8 5GP B . 12.86 2.60 -8.56
HN1 5GP B . 17.47 7.06 -8.72
HN21 5GP B . 19.07 6.46 -10.10
HN22 5GP B . 18.98 4.96 -11.02
P 5GP C . 12.41 -1.73 -8.01
O1P 5GP C . 12.18 -3.18 -8.29
O3P 5GP C . 12.65 -1.29 -6.62
O5' 5GP C . 11.14 -0.96 -8.57
C5' 5GP C . 10.00 -1.66 -9.03
C4' 5GP C . 8.74 -1.01 -8.52
O4' 5GP C . 8.33 -1.83 -7.43
C3' 5GP C . 8.92 0.35 -7.84
O3' 5GP C . 8.92 1.42 -8.78
C2' 5GP C . 7.69 0.40 -6.95
O2' 5GP C . 6.50 0.69 -7.64
C1' 5GP C . 7.64 -1.04 -6.46
N9 5GP C . 8.35 -1.14 -5.18
C8 5GP C . 9.67 -0.85 -4.91
N7 5GP C . 9.96 -0.97 -3.65
C5 5GP C . 8.78 -1.39 -3.06
C6 5GP C . 8.48 -1.69 -1.70
O6 5GP C . 9.22 -1.65 -0.71
N1 5GP C . 7.14 -2.06 -1.55
C2 5GP C . 6.22 -2.15 -2.56
N2 5GP C . 4.99 -2.51 -2.22
N3 5GP C . 6.50 -1.89 -3.83
C4 5GP C . 7.78 -1.52 -4.00
H5'1 5GP C . 9.99 -1.65 -10.13
H5'2 5GP C . 10.04 -2.69 -8.69
H4' 5GP C . 8.14 -0.88 -9.41
H3' 5GP C . 9.87 0.46 -7.32
H2' 5GP C . 7.77 1.18 -6.20
HO2' 5GP C . 6.31 1.63 -7.59
H1' 5GP C . 6.62 -1.38 -6.32
H8 5GP C . 10.38 -0.53 -5.66
HN1 5GP C . 6.83 -2.29 -0.61
HN21 5GP C . 4.77 -2.71 -1.26
HN22 5GP C . 4.27 -2.59 -2.92
N GLY A 1 -4.33 15.95 -10.85
CA GLY A 1 -4.32 15.87 -9.40
C GLY A 1 -4.84 17.14 -8.74
N SER A 2 -4.07 17.66 -7.79
CA SER A 2 -4.46 18.87 -7.08
C SER A 2 -3.57 20.05 -7.49
N SER A 3 -2.29 19.94 -7.17
CA SER A 3 -1.33 21.00 -7.49
C SER A 3 0.08 20.42 -7.64
N GLY A 4 0.69 20.67 -8.80
CA GLY A 4 2.03 20.17 -9.05
C GLY A 4 3.07 21.27 -9.01
N GLU A 5 4.32 20.90 -8.74
CA GLU A 5 5.41 21.86 -8.67
C GLU A 5 6.60 21.39 -9.50
N GLY A 6 7.09 20.19 -9.19
CA GLY A 6 8.22 19.65 -9.92
C GLY A 6 8.50 18.21 -9.56
N GLN A 7 7.44 17.41 -9.46
CA GLN A 7 7.57 15.99 -9.13
C GLN A 7 7.72 15.15 -10.38
N LYS A 8 8.39 14.01 -10.24
CA LYS A 8 8.61 13.11 -11.37
C LYS A 8 8.27 11.67 -10.98
N ASP A 9 7.37 11.06 -11.75
CA ASP A 9 6.96 9.68 -11.49
C ASP A 9 7.77 8.71 -12.33
N LEU A 10 8.94 9.16 -12.79
CA LEU A 10 9.82 8.32 -13.61
C LEU A 10 10.24 7.06 -12.85
N LYS A 11 10.61 7.24 -11.58
CA LYS A 11 11.03 6.12 -10.75
C LYS A 11 10.57 6.30 -9.30
N LEU A 12 10.70 5.25 -8.50
CA LEU A 12 10.28 5.31 -7.11
C LEU A 12 11.19 6.25 -6.32
N GLY A 13 12.50 6.07 -6.46
CA GLY A 13 13.44 6.91 -5.75
C GLY A 13 13.28 8.38 -6.09
N GLU A 14 13.15 8.68 -7.38
CA GLU A 14 13.00 10.05 -7.83
C GLU A 14 11.72 10.67 -7.26
N LEU A 15 10.64 9.90 -7.28
CA LEU A 15 9.36 10.37 -6.76
C LEU A 15 9.51 10.95 -5.36
N LEU A 16 10.29 10.28 -4.52
CA LEU A 16 10.53 10.73 -3.16
C LEU A 16 11.51 11.89 -3.14
N LEU A 17 12.52 11.83 -3.99
CA LEU A 17 13.52 12.89 -4.07
C LEU A 17 12.88 14.24 -4.33
N GLN A 18 11.99 14.30 -5.32
CA GLN A 18 11.30 15.53 -5.66
C GLN A 18 10.59 16.11 -4.45
N LYS A 19 10.06 15.23 -3.60
CA LYS A 19 9.36 15.66 -2.39
C LYS A 19 10.35 16.09 -1.30
N GLY A 20 11.55 15.53 -1.36
CA GLY A 20 12.57 15.87 -0.39
C GLY A 20 12.46 15.03 0.87
N TRP A 21 11.95 13.81 0.73
CA TRP A 21 11.79 12.91 1.87
C TRP A 21 13.12 12.24 2.22
N ILE A 22 13.91 11.93 1.20
CA ILE A 22 15.20 11.29 1.40
C ILE A 22 16.32 12.10 0.76
N SER A 23 17.50 12.06 1.37
CA SER A 23 18.65 12.79 0.87
C SER A 23 19.11 12.22 -0.47
N ARG A 24 19.73 13.06 -1.29
CA ARG A 24 20.21 12.64 -2.60
C ARG A 24 21.07 11.38 -2.49
N GLU A 25 21.87 11.31 -1.42
CA GLU A 25 22.74 10.16 -1.20
C GLU A 25 21.93 8.95 -0.76
N ALA A 26 20.85 9.19 -0.02
CA ALA A 26 20.00 8.13 0.46
C ALA A 26 19.49 7.26 -0.69
N LEU A 27 19.13 7.90 -1.79
CA LEU A 27 18.64 7.19 -2.97
C LEU A 27 19.72 6.27 -3.55
N GLU A 28 20.90 6.84 -3.78
CA GLU A 28 22.01 6.08 -4.33
C GLU A 28 22.41 4.94 -3.40
N GLU A 29 22.31 5.19 -2.09
CA GLU A 29 22.67 4.18 -1.10
C GLU A 29 21.70 3.00 -1.15
N ALA A 30 20.41 3.30 -1.11
CA ALA A 30 19.38 2.26 -1.16
C ALA A 30 19.44 1.49 -2.47
N LEU A 31 19.75 2.20 -3.56
CA LEU A 31 19.84 1.58 -4.87
C LEU A 31 20.98 0.56 -4.91
N VAL A 32 22.17 1.00 -4.53
CA VAL A 32 23.34 0.13 -4.53
C VAL A 32 23.12 -1.09 -3.63
N GLU A 33 22.39 -0.88 -2.54
CA GLU A 33 22.11 -1.97 -1.61
C GLU A 33 21.17 -2.99 -2.24
N GLN A 34 20.34 -2.54 -3.17
CA GLN A 34 19.40 -3.43 -3.85
C GLN A 34 20.12 -4.35 -4.82
N GLU A 35 21.28 -3.91 -5.29
CA GLU A 35 22.07 -4.70 -6.23
C GLU A 35 22.83 -5.80 -5.50
N LYS A 36 23.08 -5.60 -4.22
CA LYS A 36 23.80 -6.57 -3.40
C LYS A 36 22.83 -7.41 -2.58
N THR A 37 21.70 -6.81 -2.20
CA THR A 37 20.70 -7.51 -1.41
C THR A 37 19.60 -8.09 -2.30
N GLY A 38 19.26 -7.36 -3.36
CA GLY A 38 18.23 -7.81 -4.27
C GLY A 38 16.84 -7.60 -3.72
N ASP A 39 16.70 -6.61 -2.83
CA ASP A 39 15.40 -6.32 -2.22
C ASP A 39 14.74 -5.13 -2.92
N LEU A 40 13.60 -4.71 -2.40
CA LEU A 40 12.86 -3.58 -2.96
C LEU A 40 13.50 -2.26 -2.58
N LEU A 41 13.67 -1.38 -3.56
CA LEU A 41 14.27 -0.06 -3.31
C LEU A 41 13.54 0.67 -2.18
N GLY A 42 12.23 0.44 -2.09
CA GLY A 42 11.44 1.09 -1.05
C GLY A 42 11.76 0.55 0.33
N ARG A 43 11.64 -0.77 0.49
CA ARG A 43 11.91 -1.40 1.77
C ARG A 43 13.38 -1.24 2.17
N ILE A 44 14.25 -1.25 1.17
CA ILE A 44 15.68 -1.11 1.41
C ILE A 44 16.05 0.33 1.75
N LEU A 45 15.29 1.28 1.20
CA LEU A 45 15.53 2.69 1.45
C LEU A 45 15.13 3.07 2.88
N VAL A 46 14.12 2.38 3.40
CA VAL A 46 13.65 2.64 4.76
C VAL A 46 14.80 2.55 5.77
N ARG A 47 15.78 1.70 5.47
CA ARG A 47 16.93 1.53 6.35
C ARG A 47 17.63 2.86 6.60
N LYS A 48 17.54 3.77 5.63
CA LYS A 48 18.16 5.08 5.75
C LYS A 48 17.50 5.89 6.86
N GLY A 49 16.30 5.49 7.25
CA GLY A 49 15.59 6.19 8.30
C GLY A 49 14.29 6.81 7.81
N LEU A 50 13.78 6.30 6.70
CA LEU A 50 12.54 6.80 6.12
C LEU A 50 11.32 6.16 6.79
N PRO A 51 10.31 6.99 7.10
CA PRO A 51 9.08 6.52 7.75
C PRO A 51 8.23 5.68 6.81
N GLU A 52 7.59 4.65 7.37
CA GLU A 52 6.74 3.76 6.59
C GLU A 52 5.72 4.56 5.78
N GLU A 53 5.10 5.54 6.43
CA GLU A 53 4.10 6.38 5.78
C GLU A 53 4.64 6.95 4.47
N ALA A 54 5.90 7.36 4.48
CA ALA A 54 6.55 7.92 3.31
C ALA A 54 6.75 6.86 2.23
N LEU A 55 7.24 5.70 2.64
CA LEU A 55 7.48 4.60 1.71
C LEU A 55 6.18 4.15 1.05
N TYR A 56 5.12 4.07 1.84
CA TYR A 56 3.82 3.65 1.33
C TYR A 56 3.17 4.77 0.51
N ARG A 57 3.27 6.00 1.02
CA ARG A 57 2.70 7.15 0.33
C ARG A 57 3.22 7.25 -1.10
N ALA A 58 4.51 7.02 -1.27
CA ALA A 58 5.13 7.08 -2.59
C ALA A 58 4.61 5.97 -3.50
N LEU A 59 4.47 4.77 -2.95
CA LEU A 59 3.97 3.64 -3.70
C LEU A 59 2.61 3.93 -4.31
N ALA A 60 1.79 4.67 -3.56
CA ALA A 60 0.45 5.02 -4.02
C ALA A 60 0.51 5.99 -5.19
N GLU A 61 1.56 6.82 -5.22
CA GLU A 61 1.73 7.80 -6.29
C GLU A 61 2.26 7.13 -7.55
N GLN A 62 3.17 6.17 -7.37
CA GLN A 62 3.75 5.46 -8.50
C GLN A 62 2.79 4.40 -9.04
N LYS A 63 2.12 3.69 -8.13
CA LYS A 63 1.18 2.66 -8.51
C LYS A 63 -0.21 3.25 -8.73
N GLY A 64 -0.38 4.51 -8.34
CA GLY A 64 -1.66 5.17 -8.50
C GLY A 64 -2.73 4.61 -7.58
N LEU A 65 -2.31 4.17 -6.39
CA LEU A 65 -3.24 3.60 -5.42
C LEU A 65 -3.81 4.69 -4.52
N GLU A 66 -4.90 4.38 -3.84
CA GLU A 66 -5.55 5.32 -2.93
C GLU A 66 -5.12 5.08 -1.49
N PHE A 67 -4.32 5.99 -0.95
CA PHE A 67 -3.84 5.87 0.42
C PHE A 67 -4.90 6.34 1.41
N LEU A 68 -5.00 5.64 2.54
CA LEU A 68 -5.97 5.99 3.56
C LEU A 68 -5.34 6.87 4.65
N GLU A 69 -5.96 8.02 4.90
CA GLU A 69 -5.46 8.94 5.91
C GLU A 69 -5.50 8.31 7.29
N SER A 70 -6.38 7.33 7.46
CA SER A 70 -6.53 6.64 8.75
C SER A 70 -7.23 5.31 8.56
N THR A 71 -7.44 4.60 9.67
CA THR A 71 -8.10 3.30 9.64
C THR A 71 -9.29 3.27 10.60
N GLU A 72 -9.15 3.92 11.75
CA GLU A 72 -10.21 3.97 12.75
C GLU A 72 -11.50 4.51 12.13
N GLY A 73 -11.39 5.59 11.36
CA GLY A 73 -12.55 6.18 10.73
C GLY A 73 -13.30 5.19 9.86
N ILE A 74 -12.57 4.32 9.18
CA ILE A 74 -13.17 3.33 8.30
C ILE A 74 -14.26 2.55 9.03
N VAL A 75 -15.40 2.38 8.38
CA VAL A 75 -16.52 1.65 8.97
C VAL A 75 -16.66 0.27 8.33
N PRO A 76 -16.12 -0.75 9.01
CA PRO A 76 -16.18 -2.14 8.53
C PRO A 76 -17.59 -2.71 8.58
N ASP A 77 -17.80 -3.80 7.85
CA ASP A 77 -19.12 -4.45 7.81
C ASP A 77 -18.97 -5.96 7.70
N PRO A 78 -20.04 -6.69 8.07
CA PRO A 78 -20.04 -8.15 8.01
C PRO A 78 -20.05 -8.68 6.57
N SER A 79 -20.90 -8.08 5.74
CA SER A 79 -21.01 -8.50 4.35
C SER A 79 -19.64 -8.51 3.68
N ALA A 80 -18.86 -7.46 3.94
CA ALA A 80 -17.52 -7.35 3.36
C ALA A 80 -16.59 -8.44 3.89
N ALA A 81 -16.72 -8.74 5.17
CA ALA A 81 -15.89 -9.77 5.81
C ALA A 81 -16.05 -11.11 5.10
N LEU A 82 -17.14 -11.26 4.37
CA LEU A 82 -17.41 -12.50 3.64
C LEU A 82 -16.47 -12.65 2.45
N LEU A 83 -16.00 -11.51 1.93
CA LEU A 83 -15.09 -11.51 0.79
C LEU A 83 -13.81 -12.29 1.11
N LEU A 84 -13.14 -11.89 2.19
CA LEU A 84 -11.91 -12.54 2.61
C LEU A 84 -11.95 -12.88 4.10
N LEU A 85 -11.20 -13.90 4.48
CA LEU A 85 -11.15 -14.32 5.89
C LEU A 85 -9.94 -13.72 6.59
N ARG A 86 -9.81 -14.00 7.89
CA ARG A 86 -8.70 -13.48 8.67
C ARG A 86 -7.37 -13.98 8.13
N SER A 87 -7.27 -15.30 7.99
CA SER A 87 -6.04 -15.92 7.49
C SER A 87 -5.91 -15.72 5.98
N ASP A 88 -7.02 -15.86 5.27
CA ASP A 88 -7.03 -15.68 3.83
C ASP A 88 -6.60 -14.27 3.45
N ALA A 89 -6.96 -13.31 4.28
CA ALA A 89 -6.61 -11.90 4.03
C ALA A 89 -5.10 -11.72 4.01
N LEU A 90 -4.39 -12.53 4.78
CA LEU A 90 -2.93 -12.45 4.83
C LEU A 90 -2.30 -13.10 3.62
N ARG A 91 -3.02 -14.04 3.02
CA ARG A 91 -2.54 -14.75 1.84
C ARG A 91 -2.18 -13.76 0.73
N TYR A 92 -3.02 -12.75 0.54
CA TYR A 92 -2.79 -11.74 -0.49
C TYR A 92 -2.48 -10.38 0.14
N GLY A 93 -2.75 -10.27 1.44
CA GLY A 93 -2.50 -9.01 2.13
C GLY A 93 -3.58 -7.98 1.88
N ALA A 94 -4.83 -8.43 1.86
CA ALA A 94 -5.96 -7.54 1.61
C ALA A 94 -7.08 -7.80 2.61
N VAL A 95 -7.86 -6.75 2.91
CA VAL A 95 -8.97 -6.87 3.83
C VAL A 95 -10.13 -5.98 3.42
N PRO A 96 -11.32 -6.59 3.28
CA PRO A 96 -12.54 -5.86 2.87
C PRO A 96 -13.04 -4.93 3.97
N ILE A 97 -14.11 -4.20 3.67
CA ILE A 97 -14.68 -3.26 4.63
C ILE A 97 -16.12 -2.90 4.26
N GLY A 98 -16.33 -2.61 2.98
CA GLY A 98 -17.65 -2.26 2.51
C GLY A 98 -17.70 -2.00 1.02
N PHE A 99 -18.90 -1.85 0.47
CA PHE A 99 -19.08 -1.60 -0.95
C PHE A 99 -19.27 -0.12 -1.23
N GLN A 100 -18.74 0.35 -2.36
CA GLN A 100 -18.86 1.75 -2.74
C GLN A 100 -19.05 1.89 -4.24
N ASN A 101 -20.18 2.47 -4.65
CA ASN A 101 -20.48 2.66 -6.06
C ASN A 101 -20.64 1.32 -6.77
N GLY A 102 -21.09 0.32 -6.03
CA GLY A 102 -21.28 -1.00 -6.61
C GLY A 102 -20.01 -1.84 -6.56
N GLU A 103 -18.90 -1.21 -6.19
CA GLU A 103 -17.62 -1.90 -6.12
C GLU A 103 -17.33 -2.34 -4.69
N VAL A 104 -16.36 -3.25 -4.55
CA VAL A 104 -15.98 -3.76 -3.24
C VAL A 104 -14.70 -3.11 -2.74
N GLU A 105 -14.80 -2.41 -1.61
CA GLU A 105 -13.65 -1.72 -1.03
C GLU A 105 -12.78 -2.69 -0.24
N VAL A 106 -11.53 -2.84 -0.67
CA VAL A 106 -10.60 -3.74 0.00
C VAL A 106 -9.26 -3.07 0.25
N VAL A 107 -8.90 -2.91 1.52
CA VAL A 107 -7.65 -2.28 1.89
C VAL A 107 -6.53 -3.31 1.99
N LEU A 108 -5.49 -3.12 1.19
CA LEU A 108 -4.35 -4.04 1.18
C LEU A 108 -3.04 -3.28 1.43
N SER A 109 -2.10 -3.94 2.07
CA SER A 109 -0.81 -3.33 2.37
C SER A 109 0.23 -3.71 1.31
N ASP A 110 -0.22 -3.84 0.08
CA ASP A 110 0.66 -4.20 -1.03
C ASP A 110 0.10 -3.72 -2.36
N PRO A 111 0.43 -2.46 -2.72
CA PRO A 111 -0.04 -1.85 -3.97
C PRO A 111 0.61 -2.49 -5.20
N ARG A 112 1.77 -3.11 -5.01
CA ARG A 112 2.49 -3.74 -6.09
C ARG A 112 1.70 -4.93 -6.65
N HIS A 113 1.06 -5.67 -5.75
CA HIS A 113 0.26 -6.83 -6.14
C HIS A 113 -1.20 -6.45 -6.32
N LYS A 114 -1.50 -5.17 -6.16
CA LYS A 114 -2.87 -4.67 -6.30
C LYS A 114 -3.51 -5.19 -7.59
N GLU A 115 -2.72 -5.23 -8.66
CA GLU A 115 -3.22 -5.71 -9.95
C GLU A 115 -3.35 -7.23 -9.95
N ALA A 116 -2.47 -7.89 -9.20
CA ALA A 116 -2.50 -9.35 -9.11
C ALA A 116 -3.87 -9.85 -8.68
N VAL A 117 -4.39 -9.28 -7.59
CA VAL A 117 -5.69 -9.67 -7.07
C VAL A 117 -6.82 -9.04 -7.88
N ALA A 118 -6.66 -7.76 -8.21
CA ALA A 118 -7.66 -7.03 -8.98
C ALA A 118 -8.03 -7.81 -10.25
N GLN A 119 -7.02 -8.39 -10.89
CA GLN A 119 -7.25 -9.16 -12.12
C GLN A 119 -7.85 -10.52 -11.81
N LEU A 120 -7.52 -11.05 -10.62
CA LEU A 120 -8.02 -12.35 -10.21
C LEU A 120 -9.49 -12.27 -9.82
N LEU A 121 -9.87 -11.17 -9.18
CA LEU A 121 -11.26 -10.98 -8.76
C LEU A 121 -12.18 -10.85 -9.97
N ASN A 122 -11.72 -10.17 -11.01
CA ASN A 122 -12.50 -9.99 -12.22
C ASN A 122 -13.78 -9.20 -11.94
N ARG A 123 -13.68 -8.28 -10.98
CA ARG A 123 -14.83 -7.45 -10.62
C ARG A 123 -14.38 -6.07 -10.14
N PRO A 124 -15.30 -5.10 -10.18
CA PRO A 124 -15.02 -3.72 -9.76
C PRO A 124 -14.82 -3.60 -8.25
N ALA A 125 -13.62 -3.22 -7.85
CA ALA A 125 -13.29 -3.07 -6.44
C ALA A 125 -12.27 -1.96 -6.22
N ARG A 126 -12.44 -1.21 -5.14
CA ARG A 126 -11.54 -0.11 -4.82
C ARG A 126 -10.40 -0.59 -3.91
N PHE A 127 -9.18 -0.53 -4.42
CA PHE A 127 -8.01 -0.95 -3.65
C PHE A 127 -7.30 0.25 -3.04
N TYR A 128 -7.10 0.20 -1.73
CA TYR A 128 -6.43 1.29 -1.02
C TYR A 128 -5.10 0.83 -0.44
N LEU A 129 -4.25 1.78 -0.09
CA LEU A 129 -2.94 1.47 0.49
C LEU A 129 -2.78 2.10 1.86
N ALA A 130 -2.86 1.28 2.90
CA ALA A 130 -2.71 1.77 4.26
C ALA A 130 -1.47 1.18 4.93
N LEU A 131 -0.91 1.91 5.90
CA LEU A 131 0.28 1.46 6.60
C LEU A 131 0.09 0.04 7.14
N PRO A 132 1.20 -0.64 7.42
CA PRO A 132 1.19 -2.00 7.95
C PRO A 132 0.68 -2.07 9.38
N GLN A 133 0.89 -0.99 10.12
CA GLN A 133 0.45 -0.93 11.51
C GLN A 133 -1.05 -0.70 11.60
N ALA A 134 -1.57 0.14 10.72
CA ALA A 134 -3.00 0.44 10.69
C ALA A 134 -3.77 -0.64 9.94
N TRP A 135 -3.15 -1.20 8.91
CA TRP A 135 -3.79 -2.24 8.11
C TRP A 135 -3.92 -3.53 8.90
N GLU A 136 -2.92 -3.82 9.72
CA GLU A 136 -2.92 -5.03 10.54
C GLU A 136 -4.04 -4.98 11.57
N GLU A 137 -4.15 -3.84 12.26
CA GLU A 137 -5.18 -3.67 13.28
C GLU A 137 -6.58 -3.66 12.65
N LEU A 138 -6.65 -3.21 11.41
CA LEU A 138 -7.93 -3.15 10.70
C LEU A 138 -8.60 -4.52 10.67
N PHE A 139 -7.78 -5.58 10.72
CA PHE A 139 -8.30 -6.94 10.70
C PHE A 139 -9.35 -7.14 11.79
N ARG A 140 -9.12 -6.54 12.95
CA ARG A 140 -10.04 -6.65 14.07
C ARG A 140 -11.33 -5.87 13.79
N ARG A 141 -11.22 -4.84 12.95
CA ARG A 141 -12.38 -4.02 12.60
C ARG A 141 -13.26 -4.73 11.58
N ALA A 142 -12.65 -5.22 10.51
CA ALA A 142 -13.38 -5.92 9.47
C ALA A 142 -13.84 -7.30 9.94
N TYR A 143 -13.04 -7.93 10.79
CA TYR A 143 -13.36 -9.24 11.32
C TYR A 143 -13.64 -9.18 12.82
N PRO A 144 -14.81 -8.64 13.18
CA PRO A 144 -15.22 -8.50 14.59
C PRO A 144 -15.53 -9.85 15.23
N GLN A 145 -15.16 -10.00 16.50
CA GLN A 145 -15.40 -11.24 17.22
C GLN A 145 -16.87 -11.65 17.13
N LYS A 146 -17.13 -12.94 17.28
CA LYS A 146 -18.50 -13.46 17.21
C LYS A 146 -19.13 -13.15 15.86
P 5GP B . 10.14 1.52 -10.23
O1P 5GP B . 9.73 1.04 -11.57
O3P 5GP B . 10.22 2.97 -9.95
O5' 5GP B . 11.58 0.89 -9.94
C5' 5GP B . 12.23 0.10 -10.92
C4' 5GP B . 13.71 0.06 -10.63
O4' 5GP B . 14.29 1.25 -11.12
C3' 5GP B . 14.10 0.02 -9.16
O3' 5GP B . 14.09 -1.30 -8.64
C2' 5GP B . 15.53 0.56 -9.23
O2' 5GP B . 16.48 -0.39 -9.67
C1' 5GP B . 15.38 1.64 -10.29
N9 5GP B . 15.05 2.92 -9.64
C8 5GP B . 13.95 3.22 -8.87
N7 5GP B . 14.00 4.43 -8.38
C5 5GP B . 15.18 4.94 -8.86
C6 5GP B . 15.79 6.23 -8.66
O6 5GP B . 15.36 7.18 -8.00
N1 5GP B . 17.00 6.33 -9.33
C2 5GP B . 17.57 5.33 -10.10
N2 5GP B . 18.75 5.60 -10.65
N3 5GP B . 17.01 4.15 -10.30
C4 5GP B . 15.84 4.03 -9.65
H5'1 5GP B . 11.83 -0.91 -10.91
H5'2 5GP B . 12.08 0.54 -11.91
H4' 5GP B . 14.04 -0.86 -11.11
H3' 5GP B . 13.44 0.59 -8.51
H2' 5GP B . 15.89 0.87 -8.24
HO2' 5GP B . 16.54 -1.10 -9.03
H1' 5GP B . 16.30 1.77 -10.87
H8 5GP B . 13.13 2.53 -8.70
HN1 5GP B . 17.52 7.19 -9.24
HN21 5GP B . 19.19 6.50 -10.50
HN22 5GP B . 19.22 4.91 -11.22
P 5GP C . 12.86 -1.75 -7.69
O1P 5GP C . 12.73 -3.23 -7.78
O3P 5GP C . 12.97 -1.11 -6.36
O5' 5GP C . 11.57 -1.16 -8.42
C5' 5GP C . 10.52 -1.99 -8.86
C4' 5GP C . 9.19 -1.39 -8.51
O4' 5GP C . 8.78 -2.10 -7.34
C3' 5GP C . 9.22 0.05 -8.01
O3' 5GP C . 9.19 0.98 -9.07
C2' 5GP C . 7.94 0.11 -7.19
O2' 5GP C . 6.76 0.20 -7.97
C1' 5GP C . 7.97 -1.26 -6.51
N9 5GP C . 8.58 -1.14 -5.20
C8 5GP C . 9.83 -0.66 -4.89
N7 5GP C . 10.05 -0.62 -3.60
C5 5GP C . 8.88 -1.11 -3.03
C6 5GP C . 8.51 -1.29 -1.67
O6 5GP C . 9.18 -1.05 -0.66
N1 5GP C . 7.22 -1.79 -1.56
C2 5GP C . 6.40 -2.09 -2.62
N2 5GP C . 5.19 -2.56 -2.30
N3 5GP C . 6.73 -1.94 -3.88
C4 5GP C . 7.97 -1.44 -4.02
H5'1 5GP C . 10.59 -2.11 -9.95
H5'2 5GP C . 10.61 -2.98 -8.39
H4' 5GP C . 8.63 -1.43 -9.44
H3' 5GP C . 10.13 0.31 -7.45
H2' 5GP C . 7.90 0.98 -6.54
HO2' 5GP C . 6.66 1.11 -8.28
H1' 5GP C . 6.96 -1.68 -6.40
H8 5GP C . 10.57 -0.35 -5.63
HN1 5GP C . 6.87 -1.95 -0.62
HN21 5GP C . 4.91 -2.68 -1.33
HN22 5GP C . 4.53 -2.80 -3.04
N GLY A 1 0.89 13.00 -21.01
CA GLY A 1 -0.46 12.68 -20.57
C GLY A 1 -1.14 13.83 -19.87
N SER A 2 -0.76 14.06 -18.61
CA SER A 2 -1.34 15.14 -17.82
C SER A 2 -0.26 15.93 -17.10
N SER A 3 -0.59 17.16 -16.73
CA SER A 3 0.36 18.03 -16.03
C SER A 3 0.57 17.57 -14.59
N GLY A 4 1.81 17.29 -14.24
CA GLY A 4 2.12 16.84 -12.89
C GLY A 4 2.16 17.99 -11.90
N GLU A 5 3.23 18.06 -11.12
CA GLU A 5 3.38 19.12 -10.12
C GLU A 5 4.83 19.23 -9.66
N GLY A 6 5.75 19.15 -10.63
CA GLY A 6 7.17 19.24 -10.30
C GLY A 6 7.80 17.89 -10.05
N GLN A 7 7.07 17.00 -9.38
CA GLN A 7 7.56 15.66 -9.08
C GLN A 7 7.88 14.90 -10.36
N LYS A 8 8.56 13.78 -10.22
CA LYS A 8 8.93 12.94 -11.37
C LYS A 8 8.59 11.48 -11.12
N ASP A 9 7.77 10.91 -11.98
CA ASP A 9 7.37 9.51 -11.85
C ASP A 9 8.27 8.61 -12.69
N LEU A 10 9.45 9.12 -13.04
CA LEU A 10 10.41 8.36 -13.85
C LEU A 10 10.76 7.04 -13.17
N LYS A 11 11.00 7.10 -11.86
CA LYS A 11 11.35 5.91 -11.10
C LYS A 11 10.88 6.03 -9.65
N LEU A 12 10.73 4.89 -8.98
CA LEU A 12 10.28 4.88 -7.59
C LEU A 12 11.22 5.70 -6.71
N GLY A 13 12.51 5.39 -6.78
CA GLY A 13 13.49 6.11 -5.99
C GLY A 13 13.45 7.60 -6.22
N GLU A 14 13.36 7.99 -7.49
CA GLU A 14 13.32 9.40 -7.86
C GLU A 14 12.05 10.06 -7.32
N LEU A 15 10.93 9.35 -7.40
CA LEU A 15 9.66 9.86 -6.91
C LEU A 15 9.80 10.41 -5.49
N LEU A 16 10.54 9.69 -4.66
CA LEU A 16 10.74 10.10 -3.27
C LEU A 16 11.75 11.24 -3.19
N LEU A 17 12.78 11.18 -4.03
CA LEU A 17 13.81 12.21 -4.05
C LEU A 17 13.20 13.58 -4.33
N GLN A 18 12.32 13.65 -5.32
CA GLN A 18 11.66 14.90 -5.69
C GLN A 18 10.98 15.52 -4.47
N LYS A 19 10.38 14.69 -3.64
CA LYS A 19 9.69 15.15 -2.43
C LYS A 19 10.69 15.55 -1.36
N GLY A 20 11.87 14.93 -1.40
CA GLY A 20 12.90 15.24 -0.41
C GLY A 20 12.79 14.36 0.81
N TRP A 21 12.27 13.16 0.64
CA TRP A 21 12.12 12.22 1.74
C TRP A 21 13.45 11.55 2.08
N ILE A 22 14.20 11.18 1.04
CA ILE A 22 15.49 10.53 1.22
C ILE A 22 16.61 11.33 0.55
N SER A 23 17.82 11.22 1.10
CA SER A 23 18.97 11.93 0.57
C SER A 23 19.38 11.34 -0.79
N ARG A 24 19.99 12.17 -1.62
CA ARG A 24 20.44 11.75 -2.94
C ARG A 24 21.27 10.47 -2.85
N GLU A 25 22.12 10.40 -1.82
CA GLU A 25 22.97 9.24 -1.62
C GLU A 25 22.16 8.05 -1.14
N ALA A 26 21.12 8.31 -0.37
CA ALA A 26 20.26 7.26 0.16
C ALA A 26 19.70 6.39 -0.98
N LEU A 27 19.31 7.05 -2.07
CA LEU A 27 18.76 6.34 -3.22
C LEU A 27 19.79 5.38 -3.82
N GLU A 28 20.98 5.89 -4.10
CA GLU A 28 22.05 5.09 -4.67
C GLU A 28 22.43 3.95 -3.73
N GLU A 29 22.39 4.22 -2.43
CA GLU A 29 22.72 3.21 -1.43
C GLU A 29 21.73 2.06 -1.46
N ALA A 30 20.45 2.38 -1.41
CA ALA A 30 19.40 1.38 -1.44
C ALA A 30 19.43 0.59 -2.75
N LEU A 31 19.71 1.28 -3.85
CA LEU A 31 19.76 0.65 -5.16
C LEU A 31 20.89 -0.37 -5.22
N VAL A 32 22.09 0.05 -4.86
CA VAL A 32 23.26 -0.82 -4.87
C VAL A 32 23.05 -2.03 -3.97
N GLU A 33 22.33 -1.82 -2.87
CA GLU A 33 22.05 -2.90 -1.93
C GLU A 33 21.08 -3.92 -2.53
N GLN A 34 20.24 -3.46 -3.45
CA GLN A 34 19.27 -4.33 -4.10
C GLN A 34 19.96 -5.27 -5.07
N GLU A 35 21.12 -4.85 -5.58
CA GLU A 35 21.87 -5.65 -6.54
C GLU A 35 22.64 -6.77 -5.82
N LYS A 36 22.91 -6.55 -4.53
CA LYS A 36 23.64 -7.54 -3.73
C LYS A 36 22.68 -8.36 -2.89
N THR A 37 21.56 -7.75 -2.48
CA THR A 37 20.57 -8.42 -1.66
C THR A 37 19.44 -8.98 -2.53
N GLY A 38 19.09 -8.26 -3.58
CA GLY A 38 18.04 -8.70 -4.47
C GLY A 38 16.65 -8.45 -3.90
N ASP A 39 16.55 -7.47 -3.02
CA ASP A 39 15.28 -7.13 -2.39
C ASP A 39 14.62 -5.94 -3.09
N LEU A 40 13.50 -5.48 -2.54
CA LEU A 40 12.78 -4.35 -3.12
C LEU A 40 13.45 -3.04 -2.74
N LEU A 41 13.62 -2.16 -3.72
CA LEU A 41 14.24 -0.85 -3.50
C LEU A 41 13.55 -0.11 -2.36
N GLY A 42 12.24 -0.32 -2.24
CA GLY A 42 11.49 0.34 -1.19
C GLY A 42 11.80 -0.20 0.19
N ARG A 43 11.66 -1.51 0.35
CA ARG A 43 11.93 -2.16 1.63
C ARG A 43 13.40 -2.03 2.01
N ILE A 44 14.26 -2.05 1.00
CA ILE A 44 15.70 -1.94 1.22
C ILE A 44 16.09 -0.50 1.55
N LEU A 45 15.35 0.45 1.01
CA LEU A 45 15.62 1.87 1.26
C LEU A 45 15.25 2.25 2.69
N VAL A 46 14.23 1.58 3.24
CA VAL A 46 13.79 1.85 4.60
C VAL A 46 14.96 1.73 5.58
N ARG A 47 15.92 0.88 5.26
CA ARG A 47 17.08 0.69 6.12
C ARG A 47 17.80 2.00 6.37
N LYS A 48 17.72 2.92 5.42
CA LYS A 48 18.36 4.22 5.53
C LYS A 48 17.71 5.04 6.65
N GLY A 49 16.51 4.66 7.05
CA GLY A 49 15.81 5.37 8.10
C GLY A 49 14.53 6.01 7.62
N LEU A 50 14.00 5.51 6.51
CA LEU A 50 12.77 6.05 5.93
C LEU A 50 11.55 5.43 6.60
N PRO A 51 10.56 6.27 6.92
CA PRO A 51 9.31 5.83 7.57
C PRO A 51 8.44 5.01 6.63
N GLU A 52 7.77 4.00 7.17
CA GLU A 52 6.90 3.14 6.39
C GLU A 52 5.88 3.97 5.61
N GLU A 53 5.29 4.95 6.28
CA GLU A 53 4.30 5.81 5.65
C GLU A 53 4.83 6.40 4.35
N ALA A 54 6.09 6.80 4.36
CA ALA A 54 6.72 7.37 3.17
C ALA A 54 6.90 6.32 2.09
N LEU A 55 7.41 5.15 2.47
CA LEU A 55 7.63 4.06 1.53
C LEU A 55 6.32 3.64 0.87
N TYR A 56 5.26 3.56 1.66
CA TYR A 56 3.95 3.17 1.15
C TYR A 56 3.32 4.31 0.36
N ARG A 57 3.47 5.53 0.85
CA ARG A 57 2.92 6.70 0.19
C ARG A 57 3.41 6.79 -1.25
N ALA A 58 4.69 6.52 -1.45
CA ALA A 58 5.28 6.58 -2.79
C ALA A 58 4.69 5.49 -3.69
N LEU A 59 4.51 4.30 -3.14
CA LEU A 59 3.96 3.19 -3.89
C LEU A 59 2.58 3.54 -4.46
N ALA A 60 1.82 4.31 -3.70
CA ALA A 60 0.49 4.72 -4.12
C ALA A 60 0.56 5.72 -5.26
N GLU A 61 1.63 6.53 -5.28
CA GLU A 61 1.81 7.53 -6.31
C GLU A 61 2.28 6.88 -7.61
N GLN A 62 3.19 5.92 -7.50
CA GLN A 62 3.74 5.23 -8.66
C GLN A 62 2.74 4.19 -9.18
N LYS A 63 2.10 3.48 -8.26
CA LYS A 63 1.13 2.46 -8.62
C LYS A 63 -0.25 3.06 -8.82
N GLY A 64 -0.40 4.33 -8.43
CA GLY A 64 -1.68 5.00 -8.57
C GLY A 64 -2.74 4.44 -7.65
N LEU A 65 -2.32 3.98 -6.48
CA LEU A 65 -3.24 3.40 -5.50
C LEU A 65 -3.79 4.48 -4.58
N GLU A 66 -4.86 4.14 -3.85
CA GLU A 66 -5.47 5.08 -2.93
C GLU A 66 -5.04 4.80 -1.49
N PHE A 67 -4.21 5.69 -0.94
CA PHE A 67 -3.72 5.53 0.42
C PHE A 67 -4.77 5.99 1.43
N LEU A 68 -4.87 5.26 2.54
CA LEU A 68 -5.83 5.60 3.58
C LEU A 68 -5.18 6.45 4.67
N GLU A 69 -5.80 7.59 4.97
CA GLU A 69 -5.28 8.49 5.99
C GLU A 69 -5.30 7.83 7.37
N SER A 70 -6.18 6.85 7.53
CA SER A 70 -6.32 6.14 8.80
C SER A 70 -7.04 4.81 8.60
N THR A 71 -7.24 4.09 9.70
CA THR A 71 -7.91 2.80 9.65
C THR A 71 -9.08 2.75 10.62
N GLU A 72 -8.91 3.39 11.78
CA GLU A 72 -9.96 3.43 12.80
C GLU A 72 -11.26 3.99 12.22
N GLY A 73 -11.13 5.06 11.45
CA GLY A 73 -12.30 5.69 10.85
C GLY A 73 -13.09 4.73 9.96
N ILE A 74 -12.36 3.84 9.29
CA ILE A 74 -12.99 2.86 8.40
C ILE A 74 -14.10 2.11 9.12
N VAL A 75 -15.20 1.86 8.41
CA VAL A 75 -16.34 1.14 8.97
C VAL A 75 -16.47 -0.24 8.35
N PRO A 76 -15.97 -1.26 9.07
CA PRO A 76 -16.02 -2.65 8.61
C PRO A 76 -17.44 -3.21 8.63
N ASP A 77 -17.67 -4.27 7.87
CA ASP A 77 -18.97 -4.91 7.81
C ASP A 77 -18.84 -6.42 7.60
N PRO A 78 -19.91 -7.16 7.95
CA PRO A 78 -19.94 -8.61 7.81
C PRO A 78 -19.96 -9.06 6.35
N SER A 79 -20.81 -8.41 5.56
CA SER A 79 -20.93 -8.74 4.14
C SER A 79 -19.57 -8.73 3.46
N ALA A 80 -18.80 -7.69 3.72
CA ALA A 80 -17.46 -7.56 3.14
C ALA A 80 -16.54 -8.67 3.62
N ALA A 81 -16.65 -9.01 4.90
CA ALA A 81 -15.82 -10.06 5.48
C ALA A 81 -16.01 -11.38 4.75
N LEU A 82 -17.12 -11.50 4.03
CA LEU A 82 -17.41 -12.72 3.28
C LEU A 82 -16.51 -12.84 2.06
N LEU A 83 -16.04 -11.70 1.56
CA LEU A 83 -15.16 -11.69 0.39
C LEU A 83 -13.89 -12.49 0.66
N LEU A 84 -13.18 -12.13 1.72
CA LEU A 84 -11.95 -12.83 2.09
C LEU A 84 -11.97 -13.24 3.55
N LEU A 85 -11.25 -14.30 3.88
CA LEU A 85 -11.17 -14.79 5.25
C LEU A 85 -9.95 -14.23 5.97
N ARG A 86 -9.84 -14.54 7.26
CA ARG A 86 -8.72 -14.07 8.06
C ARG A 86 -7.40 -14.56 7.51
N SER A 87 -7.29 -15.87 7.32
CA SER A 87 -6.07 -16.48 6.79
C SER A 87 -5.92 -16.19 5.30
N ASP A 88 -7.04 -16.26 4.57
CA ASP A 88 -7.04 -16.01 3.14
C ASP A 88 -6.60 -14.58 2.84
N ALA A 89 -6.94 -13.66 3.74
CA ALA A 89 -6.58 -12.25 3.57
C ALA A 89 -5.06 -12.07 3.55
N LEU A 90 -4.36 -12.93 4.28
CA LEU A 90 -2.90 -12.85 4.34
C LEU A 90 -2.28 -13.48 3.09
N ARG A 91 -3.01 -14.40 2.48
CA ARG A 91 -2.53 -15.07 1.28
C ARG A 91 -2.18 -14.07 0.19
N TYR A 92 -3.01 -13.04 0.04
CA TYR A 92 -2.79 -12.01 -0.96
C TYR A 92 -2.47 -10.67 -0.31
N GLY A 93 -2.71 -10.58 1.00
CA GLY A 93 -2.45 -9.35 1.72
C GLY A 93 -3.54 -8.32 1.52
N ALA A 94 -4.78 -8.77 1.47
CA ALA A 94 -5.91 -7.86 1.28
C ALA A 94 -7.02 -8.15 2.28
N VAL A 95 -7.78 -7.11 2.63
CA VAL A 95 -8.88 -7.26 3.59
C VAL A 95 -10.05 -6.36 3.21
N PRO A 96 -11.24 -6.95 3.08
CA PRO A 96 -12.46 -6.23 2.72
C PRO A 96 -12.94 -5.31 3.85
N ILE A 97 -14.00 -4.56 3.59
CA ILE A 97 -14.56 -3.66 4.58
C ILE A 97 -16.00 -3.28 4.24
N GLY A 98 -16.23 -2.95 2.97
CA GLY A 98 -17.56 -2.57 2.53
C GLY A 98 -17.63 -2.28 1.05
N PHE A 99 -18.83 -2.09 0.54
CA PHE A 99 -19.03 -1.80 -0.88
C PHE A 99 -19.22 -0.30 -1.10
N GLN A 100 -18.70 0.19 -2.22
CA GLN A 100 -18.80 1.61 -2.57
C GLN A 100 -19.00 1.79 -4.07
N ASN A 101 -20.11 2.42 -4.43
CA ASN A 101 -20.42 2.66 -5.84
C ASN A 101 -20.62 1.35 -6.58
N GLY A 102 -21.08 0.33 -5.87
CA GLY A 102 -21.30 -0.97 -6.48
C GLY A 102 -20.05 -1.83 -6.49
N GLU A 103 -18.93 -1.23 -6.13
CA GLU A 103 -17.65 -1.95 -6.10
C GLU A 103 -17.33 -2.44 -4.69
N VAL A 104 -16.38 -3.36 -4.59
CA VAL A 104 -15.98 -3.90 -3.30
C VAL A 104 -14.70 -3.24 -2.80
N GLU A 105 -14.80 -2.59 -1.64
CA GLU A 105 -13.65 -1.91 -1.05
C GLU A 105 -12.77 -2.90 -0.29
N VAL A 106 -11.53 -3.08 -0.76
CA VAL A 106 -10.60 -4.00 -0.12
C VAL A 106 -9.25 -3.32 0.11
N VAL A 107 -8.85 -3.24 1.38
CA VAL A 107 -7.58 -2.62 1.73
C VAL A 107 -6.45 -3.66 1.79
N LEU A 108 -5.42 -3.45 0.98
CA LEU A 108 -4.28 -4.36 0.94
C LEU A 108 -2.98 -3.62 1.18
N SER A 109 -2.01 -4.31 1.78
CA SER A 109 -0.71 -3.71 2.07
C SER A 109 0.30 -4.07 0.99
N ASP A 110 -0.17 -4.17 -0.25
CA ASP A 110 0.69 -4.51 -1.37
C ASP A 110 0.11 -3.99 -2.68
N PRO A 111 0.43 -2.74 -3.02
CA PRO A 111 -0.05 -2.10 -4.25
C PRO A 111 0.57 -2.71 -5.50
N ARG A 112 1.75 -3.31 -5.34
CA ARG A 112 2.45 -3.92 -6.46
C ARG A 112 1.65 -5.09 -7.04
N HIS A 113 1.00 -5.83 -6.16
CA HIS A 113 0.19 -6.98 -6.56
C HIS A 113 -1.28 -6.59 -6.68
N LYS A 114 -1.57 -5.31 -6.47
CA LYS A 114 -2.94 -4.81 -6.55
C LYS A 114 -3.60 -5.28 -7.85
N GLU A 115 -2.86 -5.27 -8.94
CA GLU A 115 -3.38 -5.69 -10.23
C GLU A 115 -3.48 -7.21 -10.30
N ALA A 116 -2.58 -7.89 -9.62
CA ALA A 116 -2.57 -9.35 -9.60
C ALA A 116 -3.92 -9.90 -9.16
N VAL A 117 -4.42 -9.41 -8.03
CA VAL A 117 -5.70 -9.86 -7.51
C VAL A 117 -6.85 -9.21 -8.26
N ALA A 118 -6.73 -7.93 -8.55
CA ALA A 118 -7.76 -7.19 -9.27
C ALA A 118 -8.16 -7.92 -10.55
N GLN A 119 -7.17 -8.50 -11.23
CA GLN A 119 -7.42 -9.22 -12.47
C GLN A 119 -8.01 -10.60 -12.18
N LEU A 120 -7.70 -11.14 -11.01
CA LEU A 120 -8.20 -12.46 -10.61
C LEU A 120 -9.65 -12.36 -10.16
N LEU A 121 -9.99 -11.28 -9.49
CA LEU A 121 -11.35 -11.07 -9.00
C LEU A 121 -12.33 -10.92 -10.17
N ASN A 122 -11.87 -10.29 -11.24
CA ASN A 122 -12.70 -10.08 -12.42
C ASN A 122 -13.94 -9.28 -12.07
N ARG A 123 -13.81 -8.37 -11.12
CA ARG A 123 -14.92 -7.53 -10.69
C ARG A 123 -14.43 -6.17 -10.21
N PRO A 124 -15.32 -5.17 -10.26
CA PRO A 124 -14.99 -3.80 -9.82
C PRO A 124 -14.81 -3.69 -8.32
N ALA A 125 -13.60 -3.38 -7.89
CA ALA A 125 -13.30 -3.24 -6.47
C ALA A 125 -12.26 -2.15 -6.23
N ARG A 126 -12.45 -1.38 -5.16
CA ARG A 126 -11.54 -0.30 -4.82
C ARG A 126 -10.40 -0.80 -3.94
N PHE A 127 -9.19 -0.73 -4.47
CA PHE A 127 -8.01 -1.19 -3.73
C PHE A 127 -7.26 -0.02 -3.11
N TYR A 128 -7.09 -0.06 -1.80
CA TYR A 128 -6.40 1.01 -1.09
C TYR A 128 -5.06 0.52 -0.54
N LEU A 129 -4.19 1.46 -0.18
CA LEU A 129 -2.88 1.12 0.36
C LEU A 129 -2.69 1.71 1.75
N ALA A 130 -2.76 0.87 2.77
CA ALA A 130 -2.60 1.30 4.15
C ALA A 130 -1.35 0.69 4.78
N LEU A 131 -0.78 1.40 5.75
CA LEU A 131 0.43 0.92 6.43
C LEU A 131 0.22 -0.50 6.95
N PRO A 132 1.35 -1.20 7.19
CA PRO A 132 1.32 -2.57 7.70
C PRO A 132 0.83 -2.66 9.13
N GLN A 133 1.07 -1.60 9.90
CA GLN A 133 0.65 -1.55 11.29
C GLN A 133 -0.86 -1.33 11.41
N ALA A 134 -1.39 -0.47 10.54
CA ALA A 134 -2.82 -0.18 10.55
C ALA A 134 -3.60 -1.24 9.79
N TRP A 135 -2.99 -1.78 8.73
CA TRP A 135 -3.63 -2.80 7.92
C TRP A 135 -3.76 -4.10 8.69
N GLU A 136 -2.76 -4.40 9.52
CA GLU A 136 -2.77 -5.62 10.32
C GLU A 136 -3.87 -5.58 11.36
N GLU A 137 -3.99 -4.46 12.07
CA GLU A 137 -5.00 -4.29 13.10
C GLU A 137 -6.40 -4.27 12.48
N LEU A 138 -6.50 -3.79 11.25
CA LEU A 138 -7.77 -3.71 10.55
C LEU A 138 -8.44 -5.07 10.51
N PHE A 139 -7.65 -6.13 10.54
CA PHE A 139 -8.16 -7.49 10.50
C PHE A 139 -9.21 -7.70 11.59
N ARG A 140 -8.96 -7.13 12.77
CA ARG A 140 -9.89 -7.26 13.89
C ARG A 140 -11.17 -6.49 13.62
N ARG A 141 -11.08 -5.44 12.80
CA ARG A 141 -12.24 -4.63 12.47
C ARG A 141 -13.11 -5.32 11.42
N ALA A 142 -12.48 -5.79 10.34
CA ALA A 142 -13.20 -6.46 9.28
C ALA A 142 -13.65 -7.85 9.71
N TYR A 143 -12.84 -8.49 10.55
CA TYR A 143 -13.16 -9.83 11.04
C TYR A 143 -13.43 -9.81 12.54
N PRO A 144 -14.61 -9.28 12.92
CA PRO A 144 -15.00 -9.20 14.33
C PRO A 144 -15.31 -10.57 14.93
N GLN A 145 -14.34 -11.10 15.67
CA GLN A 145 -14.50 -12.40 16.31
C GLN A 145 -15.60 -12.36 17.36
N LYS A 146 -16.09 -13.54 17.74
CA LYS A 146 -17.15 -13.65 18.73
C LYS A 146 -18.38 -12.85 18.31
P 5GP B . 10.09 0.85 -10.37
O1P 5GP B . 9.61 0.32 -11.66
O3P 5GP B . 10.23 2.32 -10.19
O5' 5GP B . 11.50 0.18 -10.11
C5' 5GP B . 12.11 -0.64 -11.09
C4' 5GP B . 13.60 -0.73 -10.81
O4' 5GP B . 14.23 0.42 -11.32
C3' 5GP B . 14.01 -0.78 -9.35
O3' 5GP B . 13.95 -2.10 -8.82
C2' 5GP B . 15.45 -0.30 -9.42
O2' 5GP B . 16.36 -1.27 -9.88
C1' 5GP B . 15.32 0.79 -10.49
N9 5GP B . 15.01 2.07 -9.85
C8 5GP B . 13.92 2.41 -9.09
N7 5GP B . 13.99 3.61 -8.59
C5 5GP B . 15.20 4.10 -9.07
C6 5GP B . 15.82 5.36 -8.87
O6 5GP B . 15.42 6.33 -8.21
N1 5GP B . 17.05 5.43 -9.53
C2 5GP B . 17.59 4.43 -10.29
N2 5GP B . 18.78 4.67 -10.84
N3 5GP B . 17.00 3.26 -10.50
C4 5GP B . 15.83 3.17 -9.86
H5'1 5GP B . 11.68 -1.63 -11.05
H5'2 5GP B . 11.96 -0.20 -12.07
H4' 5GP B . 13.88 -1.67 -11.28
H3' 5GP B . 13.36 -0.19 -8.69
H2' 5GP B . 15.83 0.01 -8.45
HO2' 5GP B . 16.39 -1.98 -9.24
H1' 5GP B . 16.24 0.90 -11.07
H8 5GP B . 13.08 1.73 -8.91
HN1 5GP B . 17.57 6.29 -9.44
HN21 5GP B . 19.24 5.56 -10.68
HN22 5GP B . 19.24 3.97 -11.41
P 5GP C . 12.71 -2.52 -7.86
O1P 5GP C . 12.52 -3.99 -7.96
O3P 5GP C . 12.87 -1.89 -6.52
O5' 5GP C . 11.44 -1.86 -8.55
C5' 5GP C . 10.35 -2.65 -8.99
C4' 5GP C . 9.05 -1.98 -8.61
O4' 5GP C . 8.60 -2.69 -7.46
C3' 5GP C . 9.17 -0.55 -8.10
O3' 5GP C . 9.17 0.39 -9.16
C2' 5GP C . 7.89 -0.44 -7.28
O2' 5GP C . 6.72 -0.27 -8.04
C1' 5GP C . 7.85 -1.81 -6.62
N9 5GP C . 8.50 -1.74 -5.31
C8 5GP C . 9.78 -1.36 -5.01
N7 5GP C . 10.03 -1.33 -3.73
C5 5GP C . 8.82 -1.73 -3.15
C6 5GP C . 8.47 -1.88 -1.78
O6 5GP C . 9.17 -1.70 -0.78
N1 5GP C . 7.14 -2.28 -1.63
C2 5GP C . 6.28 -2.51 -2.68
N2 5GP C . 5.04 -2.88 -2.36
N3 5GP C . 6.62 -2.39 -3.96
C4 5GP C . 7.89 -1.99 -4.11
H5'1 5GP C . 10.40 -2.78 -10.07
H5'2 5GP C . 10.39 -3.63 -8.51
H4' 5GP C . 8.49 -1.98 -9.55
H3' 5GP C . 10.08 -0.35 -7.55
H2' 5GP C . 7.90 0.43 -6.61
HO2' 5GP C . 6.41 0.64 -7.97
H1' 5GP C . 6.83 -2.17 -6.49
H8 5GP C . 10.54 -1.11 -5.77
HN1 5GP C . 6.78 -2.40 -0.70
HN21 5GP C . 4.78 -2.98 -1.40
HN22 5GP C . 4.35 -3.07 -3.09
N GLY A 1 -2.38 11.96 -9.42
CA GLY A 1 -1.25 11.68 -10.28
C GLY A 1 -0.86 12.87 -11.14
N SER A 2 0.43 13.02 -11.38
CA SER A 2 0.93 14.12 -12.20
C SER A 2 0.47 15.47 -11.64
N SER A 3 0.79 15.72 -10.37
CA SER A 3 0.41 16.95 -9.72
C SER A 3 1.41 17.33 -8.63
N GLY A 4 2.18 18.39 -8.88
CA GLY A 4 3.16 18.83 -7.91
C GLY A 4 3.96 20.03 -8.40
N GLU A 5 5.28 19.89 -8.42
CA GLU A 5 6.15 20.98 -8.86
C GLU A 5 7.29 20.43 -9.72
N GLY A 6 8.24 19.77 -9.08
CA GLY A 6 9.38 19.21 -9.79
C GLY A 6 9.60 17.74 -9.48
N GLN A 7 8.51 16.98 -9.41
CA GLN A 7 8.59 15.56 -9.12
C GLN A 7 8.65 14.75 -10.41
N LYS A 8 9.29 13.58 -10.33
CA LYS A 8 9.43 12.70 -11.48
C LYS A 8 9.02 11.27 -11.13
N ASP A 9 8.05 10.74 -11.87
CA ASP A 9 7.58 9.39 -11.64
C ASP A 9 8.31 8.39 -12.54
N LEU A 10 9.48 8.79 -13.03
CA LEU A 10 10.28 7.94 -13.90
C LEU A 10 10.64 6.63 -13.21
N LYS A 11 11.06 6.72 -11.96
CA LYS A 11 11.44 5.55 -11.18
C LYS A 11 11.03 5.71 -9.72
N LEU A 12 11.12 4.63 -8.96
CA LEU A 12 10.77 4.65 -7.55
C LEU A 12 11.75 5.50 -6.75
N GLY A 13 13.04 5.25 -6.95
CA GLY A 13 14.06 6.00 -6.24
C GLY A 13 13.98 7.49 -6.52
N GLU A 14 13.83 7.85 -7.80
CA GLU A 14 13.75 9.25 -8.20
C GLU A 14 12.54 9.92 -7.55
N LEU A 15 11.41 9.22 -7.57
CA LEU A 15 10.18 9.75 -6.98
C LEU A 15 10.43 10.27 -5.56
N LEU A 16 11.19 9.51 -4.79
CA LEU A 16 11.50 9.90 -3.42
C LEU A 16 12.55 11.01 -3.39
N LEU A 17 13.52 10.92 -4.29
CA LEU A 17 14.58 11.92 -4.37
C LEU A 17 14.01 13.32 -4.54
N GLN A 18 13.09 13.46 -5.49
CA GLN A 18 12.45 14.75 -5.74
C GLN A 18 11.84 15.32 -4.47
N LYS A 19 11.30 14.45 -3.63
CA LYS A 19 10.68 14.86 -2.38
C LYS A 19 11.74 15.18 -1.33
N GLY A 20 12.91 14.56 -1.47
CA GLY A 20 13.98 14.79 -0.53
C GLY A 20 13.88 13.91 0.71
N TRP A 21 13.29 12.73 0.54
CA TRP A 21 13.12 11.80 1.64
C TRP A 21 14.43 11.03 1.91
N ILE A 22 15.14 10.70 0.83
CA ILE A 22 16.39 9.97 0.95
C ILE A 22 17.53 10.73 0.27
N SER A 23 18.72 10.64 0.85
CA SER A 23 19.89 11.32 0.31
C SER A 23 20.26 10.75 -1.06
N ARG A 24 20.89 11.58 -1.89
CA ARG A 24 21.28 11.17 -3.23
C ARG A 24 22.07 9.86 -3.18
N GLU A 25 22.94 9.73 -2.19
CA GLU A 25 23.75 8.54 -2.03
C GLU A 25 22.89 7.34 -1.59
N ALA A 26 21.86 7.63 -0.80
CA ALA A 26 20.97 6.59 -0.30
C ALA A 26 20.36 5.80 -1.46
N LEU A 27 19.99 6.50 -2.52
CA LEU A 27 19.40 5.85 -3.69
C LEU A 27 20.39 4.91 -4.35
N GLU A 28 21.60 5.41 -4.63
CA GLU A 28 22.63 4.61 -5.26
C GLU A 28 23.00 3.41 -4.38
N GLU A 29 22.99 3.62 -3.06
CA GLU A 29 23.32 2.56 -2.12
C GLU A 29 22.29 1.43 -2.17
N ALA A 30 21.01 1.81 -2.06
CA ALA A 30 19.93 0.84 -2.10
C ALA A 30 19.88 0.11 -3.44
N LEU A 31 20.17 0.85 -4.51
CA LEU A 31 20.18 0.26 -5.85
C LEU A 31 21.25 -0.80 -6.00
N VAL A 32 22.48 -0.44 -5.65
CA VAL A 32 23.60 -1.37 -5.73
C VAL A 32 23.36 -2.60 -4.88
N GLU A 33 22.69 -2.41 -3.74
CA GLU A 33 22.39 -3.51 -2.83
C GLU A 33 21.37 -4.46 -3.45
N GLN A 34 20.50 -3.93 -4.29
CA GLN A 34 19.48 -4.72 -4.95
C GLN A 34 20.10 -5.67 -5.98
N GLU A 35 21.26 -5.28 -6.50
CA GLU A 35 21.96 -6.09 -7.49
C GLU A 35 22.69 -7.26 -6.83
N LYS A 36 23.00 -7.10 -5.55
CA LYS A 36 23.69 -8.14 -4.80
C LYS A 36 22.72 -8.96 -3.97
N THR A 37 21.64 -8.32 -3.52
CA THR A 37 20.63 -8.99 -2.71
C THR A 37 19.47 -9.47 -3.58
N GLY A 38 19.13 -8.68 -4.60
CA GLY A 38 18.03 -9.04 -5.48
C GLY A 38 16.68 -8.76 -4.86
N ASP A 39 16.63 -7.81 -3.94
CA ASP A 39 15.38 -7.45 -3.27
C ASP A 39 14.77 -6.21 -3.90
N LEU A 40 13.68 -5.74 -3.31
CA LEU A 40 12.99 -4.55 -3.81
C LEU A 40 13.73 -3.28 -3.40
N LEU A 41 13.90 -2.36 -4.35
CA LEU A 41 14.60 -1.11 -4.09
C LEU A 41 13.96 -0.38 -2.91
N GLY A 42 12.65 -0.53 -2.76
CA GLY A 42 11.94 0.12 -1.67
C GLY A 42 12.28 -0.49 -0.32
N ARG A 43 12.11 -1.80 -0.20
CA ARG A 43 12.39 -2.50 1.04
C ARG A 43 13.88 -2.44 1.37
N ILE A 44 14.71 -2.45 0.33
CA ILE A 44 16.15 -2.41 0.51
C ILE A 44 16.61 -1.00 0.89
N LEU A 45 15.89 0.01 0.40
CA LEU A 45 16.22 1.39 0.69
C LEU A 45 15.91 1.73 2.15
N VAL A 46 14.88 1.10 2.70
CA VAL A 46 14.48 1.32 4.08
C VAL A 46 15.65 1.13 5.03
N ARG A 47 16.57 0.25 4.66
CA ARG A 47 17.74 -0.04 5.48
C ARG A 47 18.53 1.24 5.76
N LYS A 48 18.46 2.19 4.83
CA LYS A 48 19.17 3.45 4.96
C LYS A 48 18.61 4.26 6.13
N GLY A 49 17.40 3.92 6.55
CA GLY A 49 16.77 4.62 7.65
C GLY A 49 15.50 5.34 7.24
N LEU A 50 14.91 4.90 6.14
CA LEU A 50 13.68 5.51 5.64
C LEU A 50 12.46 4.90 6.33
N PRO A 51 11.51 5.78 6.73
CA PRO A 51 10.28 5.36 7.41
C PRO A 51 9.34 4.61 6.48
N GLU A 52 8.65 3.61 7.03
CA GLU A 52 7.72 2.81 6.24
C GLU A 52 6.69 3.70 5.55
N GLU A 53 6.16 4.67 6.28
CA GLU A 53 5.17 5.59 5.73
C GLU A 53 5.67 6.22 4.43
N ALA A 54 6.97 6.48 4.37
CA ALA A 54 7.57 7.07 3.18
C ALA A 54 7.66 6.05 2.04
N LEU A 55 8.17 4.87 2.35
CA LEU A 55 8.31 3.81 1.36
C LEU A 55 6.96 3.47 0.74
N TYR A 56 5.93 3.42 1.58
CA TYR A 56 4.58 3.10 1.11
C TYR A 56 3.97 4.28 0.35
N ARG A 57 4.18 5.48 0.88
CA ARG A 57 3.65 6.69 0.26
C ARG A 57 4.09 6.79 -1.20
N ALA A 58 5.36 6.47 -1.45
CA ALA A 58 5.91 6.53 -2.80
C ALA A 58 5.27 5.47 -3.69
N LEU A 59 5.08 4.28 -3.13
CA LEU A 59 4.48 3.18 -3.89
C LEU A 59 3.10 3.57 -4.41
N ALA A 60 2.38 4.37 -3.64
CA ALA A 60 1.05 4.82 -4.02
C ALA A 60 1.12 5.81 -5.18
N GLU A 61 2.20 6.58 -5.23
CA GLU A 61 2.39 7.57 -6.28
C GLU A 61 2.81 6.90 -7.58
N GLN A 62 3.70 5.92 -7.48
CA GLN A 62 4.19 5.20 -8.65
C GLN A 62 3.15 4.19 -9.14
N LYS A 63 2.51 3.51 -8.20
CA LYS A 63 1.50 2.50 -8.54
C LYS A 63 0.14 3.15 -8.70
N GLY A 64 0.04 4.43 -8.31
CA GLY A 64 -1.22 5.14 -8.42
C GLY A 64 -2.28 4.62 -7.46
N LEU A 65 -1.84 4.13 -6.31
CA LEU A 65 -2.75 3.59 -5.31
C LEU A 65 -3.23 4.70 -4.36
N GLU A 66 -4.26 4.39 -3.58
CA GLU A 66 -4.81 5.35 -2.63
C GLU A 66 -4.36 5.03 -1.21
N PHE A 67 -3.48 5.88 -0.67
CA PHE A 67 -2.96 5.69 0.68
C PHE A 67 -3.99 6.11 1.72
N LEU A 68 -3.99 5.43 2.87
CA LEU A 68 -4.92 5.74 3.94
C LEU A 68 -4.24 6.54 5.04
N GLU A 69 -4.79 7.70 5.38
CA GLU A 69 -4.24 8.54 6.41
C GLU A 69 -4.14 7.79 7.74
N SER A 70 -5.00 6.80 7.91
CA SER A 70 -5.02 5.99 9.13
C SER A 70 -5.96 4.81 8.99
N THR A 71 -6.11 4.05 10.08
CA THR A 71 -6.98 2.88 10.08
C THR A 71 -8.09 3.02 11.13
N GLU A 72 -7.76 3.65 12.24
CA GLU A 72 -8.73 3.85 13.32
C GLU A 72 -9.98 4.52 12.80
N GLY A 73 -9.82 5.43 11.84
CA GLY A 73 -10.95 6.13 11.27
C GLY A 73 -11.80 5.24 10.39
N ILE A 74 -11.16 4.32 9.69
CA ILE A 74 -11.87 3.39 8.81
C ILE A 74 -13.02 2.71 9.53
N VAL A 75 -14.14 2.54 8.83
CA VAL A 75 -15.31 1.90 9.41
C VAL A 75 -15.57 0.54 8.76
N PRO A 76 -15.12 -0.52 9.44
CA PRO A 76 -15.29 -1.90 8.95
C PRO A 76 -16.75 -2.35 8.99
N ASP A 77 -17.06 -3.39 8.23
CA ASP A 77 -18.42 -3.92 8.19
C ASP A 77 -18.40 -5.43 7.96
N PRO A 78 -19.51 -6.09 8.31
CA PRO A 78 -19.66 -7.55 8.16
C PRO A 78 -19.74 -7.97 6.70
N SER A 79 -20.56 -7.26 5.93
CA SER A 79 -20.74 -7.57 4.52
C SER A 79 -19.40 -7.63 3.79
N ALA A 80 -18.55 -6.64 4.06
CA ALA A 80 -17.23 -6.57 3.44
C ALA A 80 -16.35 -7.74 3.90
N ALA A 81 -16.46 -8.08 5.19
CA ALA A 81 -15.68 -9.18 5.75
C ALA A 81 -15.95 -10.49 5.02
N LEU A 82 -17.09 -10.53 4.32
CA LEU A 82 -17.48 -11.74 3.58
C LEU A 82 -16.61 -11.91 2.34
N LEU A 83 -16.07 -10.80 1.83
CA LEU A 83 -15.22 -10.83 0.66
C LEU A 83 -14.00 -11.72 0.88
N LEU A 84 -13.25 -11.43 1.93
CA LEU A 84 -12.06 -12.22 2.26
C LEU A 84 -12.08 -12.65 3.72
N LEU A 85 -11.39 -13.75 4.01
CA LEU A 85 -11.33 -14.27 5.37
C LEU A 85 -10.07 -13.81 6.08
N ARG A 86 -9.94 -14.16 7.35
CA ARG A 86 -8.77 -13.78 8.14
C ARG A 86 -7.50 -14.34 7.54
N SER A 87 -7.48 -15.65 7.31
CA SER A 87 -6.32 -16.33 6.74
C SER A 87 -6.19 -16.01 5.25
N ASP A 88 -7.33 -15.98 4.56
CA ASP A 88 -7.35 -15.69 3.13
C ASP A 88 -6.81 -14.28 2.85
N ALA A 89 -7.07 -13.37 3.78
CA ALA A 89 -6.62 -11.99 3.64
C ALA A 89 -5.09 -11.92 3.56
N LEU A 90 -4.43 -12.83 4.26
CA LEU A 90 -2.98 -12.87 4.29
C LEU A 90 -2.43 -13.51 3.01
N ARG A 91 -3.24 -14.38 2.41
CA ARG A 91 -2.84 -15.07 1.18
C ARG A 91 -2.45 -14.06 0.10
N TYR A 92 -3.22 -12.99 -0.01
CA TYR A 92 -2.95 -11.95 -1.01
C TYR A 92 -2.53 -10.65 -0.35
N GLY A 93 -2.73 -10.57 0.97
CA GLY A 93 -2.36 -9.37 1.71
C GLY A 93 -3.37 -8.26 1.55
N ALA A 94 -4.65 -8.62 1.52
CA ALA A 94 -5.72 -7.64 1.38
C ALA A 94 -6.82 -7.87 2.40
N VAL A 95 -7.50 -6.80 2.78
CA VAL A 95 -8.58 -6.89 3.76
C VAL A 95 -9.71 -5.92 3.42
N PRO A 96 -10.93 -6.45 3.30
CA PRO A 96 -12.11 -5.65 2.98
C PRO A 96 -12.53 -4.73 4.13
N ILE A 97 -13.52 -3.89 3.88
CA ILE A 97 -14.00 -2.95 4.89
C ILE A 97 -15.41 -2.48 4.57
N GLY A 98 -15.64 -2.12 3.30
CA GLY A 98 -16.94 -1.65 2.88
C GLY A 98 -17.05 -1.50 1.38
N PHE A 99 -18.13 -0.88 0.92
CA PHE A 99 -18.36 -0.68 -0.50
C PHE A 99 -18.68 0.79 -0.80
N GLN A 100 -18.12 1.30 -1.88
CA GLN A 100 -18.34 2.69 -2.28
C GLN A 100 -18.40 2.82 -3.79
N ASN A 101 -19.43 3.50 -4.29
CA ASN A 101 -19.60 3.71 -5.72
C ASN A 101 -19.82 2.37 -6.43
N GLY A 102 -20.51 1.45 -5.75
CA GLY A 102 -20.77 0.15 -6.34
C GLY A 102 -19.53 -0.70 -6.47
N GLU A 103 -18.49 -0.32 -5.73
CA GLU A 103 -17.22 -1.06 -5.76
C GLU A 103 -16.89 -1.61 -4.38
N VAL A 104 -16.01 -2.61 -4.35
CA VAL A 104 -15.60 -3.24 -3.11
C VAL A 104 -14.30 -2.64 -2.59
N GLU A 105 -14.36 -2.04 -1.40
CA GLU A 105 -13.18 -1.42 -0.80
C GLU A 105 -12.32 -2.47 -0.09
N VAL A 106 -11.09 -2.64 -0.56
CA VAL A 106 -10.18 -3.60 0.04
C VAL A 106 -8.80 -2.99 0.26
N VAL A 107 -8.39 -2.92 1.52
CA VAL A 107 -7.10 -2.34 1.88
C VAL A 107 -6.02 -3.43 1.92
N LEU A 108 -4.99 -3.27 1.09
CA LEU A 108 -3.89 -4.22 1.04
C LEU A 108 -2.56 -3.53 1.26
N SER A 109 -1.61 -4.26 1.86
CA SER A 109 -0.29 -3.71 2.11
C SER A 109 0.69 -4.09 1.01
N ASP A 110 0.19 -4.18 -0.22
CA ASP A 110 1.02 -4.54 -1.37
C ASP A 110 0.42 -4.00 -2.66
N PRO A 111 0.78 -2.76 -3.01
CA PRO A 111 0.29 -2.10 -4.22
C PRO A 111 0.86 -2.74 -5.49
N ARG A 112 2.00 -3.41 -5.36
CA ARG A 112 2.65 -4.06 -6.49
C ARG A 112 1.77 -5.19 -7.04
N HIS A 113 1.09 -5.89 -6.15
CA HIS A 113 0.22 -6.99 -6.54
C HIS A 113 -1.23 -6.52 -6.65
N LYS A 114 -1.45 -5.23 -6.44
CA LYS A 114 -2.78 -4.65 -6.51
C LYS A 114 -3.49 -5.08 -7.81
N GLU A 115 -2.74 -5.10 -8.91
CA GLU A 115 -3.30 -5.50 -10.19
C GLU A 115 -3.53 -7.01 -10.24
N ALA A 116 -2.68 -7.75 -9.56
CA ALA A 116 -2.79 -9.21 -9.53
C ALA A 116 -4.18 -9.64 -9.07
N VAL A 117 -4.62 -9.10 -7.94
CA VAL A 117 -5.94 -9.42 -7.39
C VAL A 117 -7.04 -8.68 -8.13
N ALA A 118 -6.82 -7.40 -8.38
CA ALA A 118 -7.81 -6.58 -9.09
C ALA A 118 -8.24 -7.24 -10.39
N GLN A 119 -7.28 -7.83 -11.09
CA GLN A 119 -7.56 -8.50 -12.36
C GLN A 119 -8.22 -9.86 -12.12
N LEU A 120 -7.90 -10.47 -10.99
CA LEU A 120 -8.45 -11.78 -10.64
C LEU A 120 -9.91 -11.66 -10.22
N LEU A 121 -10.23 -10.58 -9.51
CA LEU A 121 -11.59 -10.34 -9.05
C LEU A 121 -12.53 -10.10 -10.23
N ASN A 122 -12.02 -9.41 -11.25
CA ASN A 122 -12.82 -9.12 -12.43
C ASN A 122 -14.03 -8.24 -12.08
N ARG A 123 -13.84 -7.38 -11.09
CA ARG A 123 -14.92 -6.48 -10.65
C ARG A 123 -14.34 -5.18 -10.11
N PRO A 124 -15.19 -4.13 -10.09
CA PRO A 124 -14.79 -2.81 -9.59
C PRO A 124 -14.56 -2.80 -8.08
N ALA A 125 -13.31 -2.59 -7.68
CA ALA A 125 -12.97 -2.56 -6.26
C ALA A 125 -11.90 -1.50 -5.99
N ARG A 126 -12.06 -0.78 -4.88
CA ARG A 126 -11.12 0.28 -4.50
C ARG A 126 -9.98 -0.30 -3.67
N PHE A 127 -8.77 -0.24 -4.21
CA PHE A 127 -7.60 -0.75 -3.52
C PHE A 127 -6.80 0.38 -2.88
N TYR A 128 -6.58 0.28 -1.58
CA TYR A 128 -5.82 1.30 -0.85
C TYR A 128 -4.50 0.74 -0.34
N LEU A 129 -3.59 1.64 0.01
CA LEU A 129 -2.28 1.25 0.52
C LEU A 129 -2.04 1.81 1.91
N ALA A 130 -2.12 0.94 2.92
CA ALA A 130 -1.91 1.35 4.30
C ALA A 130 -0.66 0.67 4.89
N LEU A 131 -0.04 1.33 5.85
CA LEU A 131 1.15 0.79 6.50
C LEU A 131 0.90 -0.64 6.99
N PRO A 132 1.99 -1.38 7.20
CA PRO A 132 1.92 -2.78 7.67
C PRO A 132 1.47 -2.86 9.13
N GLN A 133 1.76 -1.82 9.90
CA GLN A 133 1.38 -1.78 11.31
C GLN A 133 -0.11 -1.50 11.46
N ALA A 134 -0.63 -0.60 10.64
CA ALA A 134 -2.04 -0.24 10.68
C ALA A 134 -2.89 -1.25 9.92
N TRP A 135 -2.33 -1.80 8.85
CA TRP A 135 -3.03 -2.77 8.03
C TRP A 135 -3.21 -4.09 8.78
N GLU A 136 -2.20 -4.44 9.57
CA GLU A 136 -2.24 -5.69 10.34
C GLU A 136 -3.32 -5.61 11.42
N GLU A 137 -3.34 -4.50 12.15
CA GLU A 137 -4.32 -4.30 13.21
C GLU A 137 -5.73 -4.20 12.64
N LEU A 138 -5.83 -3.68 11.42
CA LEU A 138 -7.12 -3.52 10.76
C LEU A 138 -7.88 -4.84 10.70
N PHE A 139 -7.13 -5.94 10.69
CA PHE A 139 -7.72 -7.27 10.65
C PHE A 139 -8.76 -7.44 11.76
N ARG A 140 -8.45 -6.90 12.92
CA ARG A 140 -9.35 -7.00 14.07
C ARG A 140 -10.60 -6.15 13.85
N ARG A 141 -10.46 -5.10 13.06
CA ARG A 141 -11.57 -4.20 12.77
C ARG A 141 -12.51 -4.82 11.73
N ALA A 142 -11.93 -5.28 10.62
CA ALA A 142 -12.71 -5.90 9.56
C ALA A 142 -13.25 -7.27 9.98
N TYR A 143 -12.46 -7.97 10.80
CA TYR A 143 -12.85 -9.30 11.26
C TYR A 143 -13.10 -9.28 12.76
N PRO A 144 -14.24 -8.71 13.17
CA PRO A 144 -14.63 -8.62 14.59
C PRO A 144 -15.00 -9.97 15.17
N GLN A 145 -14.57 -10.22 16.41
CA GLN A 145 -14.85 -11.48 17.08
C GLN A 145 -16.31 -11.55 17.50
N LYS A 146 -16.80 -12.77 17.69
CA LYS A 146 -18.19 -12.98 18.09
C LYS A 146 -19.12 -12.00 17.38
P 5GP B . 10.27 0.97 -10.75
O1P 5GP B . 9.77 0.59 -12.09
O3P 5GP B . 10.45 2.41 -10.43
O5' 5GP B . 11.67 0.25 -10.56
C5' 5GP B . 12.24 -0.53 -11.60
C4' 5GP B . 13.72 -0.67 -11.37
O4' 5GP B . 14.36 0.49 -11.85
C3' 5GP B . 14.18 -0.79 -9.92
O3' 5GP B . 14.09 -2.13 -9.45
C2' 5GP B . 15.63 -0.34 -10.03
O2' 5GP B . 16.50 -1.32 -10.55
C1' 5GP B . 15.50 0.79 -11.05
N9 5GP B . 15.27 2.05 -10.34
C8 5GP B . 14.22 2.39 -9.52
N7 5GP B . 14.36 3.57 -8.98
C5 5GP B . 15.56 4.05 -9.50
C6 5GP B . 16.24 5.27 -9.28
O6 5GP B . 15.92 6.22 -8.56
N1 5GP B . 17.45 5.33 -9.99
C2 5GP B . 17.91 4.34 -10.82
N2 5GP B . 19.08 4.55 -11.41
N3 5GP B . 17.28 3.20 -11.04
C4 5GP B . 16.13 3.11 -10.35
H5'1 5GP B . 11.78 -1.52 -11.60
H5'2 5GP B . 12.06 -0.05 -12.55
H4' 5GP B . 13.97 -1.60 -11.90
H3' 5GP B . 13.57 -0.22 -9.22
H2' 5GP B . 16.05 -0.09 -9.06
HO2' 5GP B . 16.55 -2.06 -9.95
H1' 5GP B . 16.39 0.89 -11.66
H8 5GP B . 13.37 1.74 -9.33
HN1 5GP B . 18.01 6.15 -9.90
HN21 5GP B . 19.58 5.42 -11.24
HN22 5GP B . 19.48 3.86 -12.02
P 5GP C . 12.89 -2.55 -8.47
O1P 5GP C . 12.68 -4.01 -8.60
O3P 5GP C . 13.10 -1.97 -7.12
O5' 5GP C . 11.61 -1.86 -9.10
C5' 5GP C . 10.49 -2.62 -9.53
C4' 5GP C . 9.22 -1.95 -9.10
O4' 5GP C . 8.81 -2.67 -7.93
C3' 5GP C . 9.35 -0.53 -8.56
O3' 5GP C . 9.33 0.43 -9.59
C2' 5GP C . 8.11 -0.43 -7.69
O2' 5GP C . 6.91 -0.24 -8.41
C1' 5GP C . 8.09 -1.82 -7.06
N9 5GP C . 8.77 -1.78 -5.76
C8 5GP C . 10.06 -1.39 -5.49
N7 5GP C . 10.35 -1.39 -4.23
C5 5GP C . 9.17 -1.82 -3.62
C6 5GP C . 8.85 -2.02 -2.24
O6 5GP C . 9.58 -1.86 -1.26
N1 5GP C . 7.54 -2.44 -2.08
C2 5GP C . 6.64 -2.66 -3.11
N2 5GP C . 5.42 -3.05 -2.76
N3 5GP C . 6.93 -2.49 -4.38
C4 5GP C . 8.20 -2.07 -4.56
H5'1 5GP C . 10.51 -2.69 -10.63
H5'2 5GP C . 10.54 -3.62 -9.10
H4' 5GP C . 8.62 -1.92 -10.01
H3' 5GP C . 10.29 -0.35 -8.04
H2' 5GP C . 8.16 0.43 -7.01
HO2' 5GP C . 6.86 0.68 -8.70
H1' 5GP C . 7.07 -2.17 -6.91
H8 5GP C . 10.78 -1.11 -6.27
HN1 5GP C . 7.21 -2.60 -1.14
HN21 5GP C . 5.18 -3.18 -1.78
HN22 5GP C . 4.72 -3.22 -3.47
N GLY A 1 -8.23 16.47 -5.06
CA GLY A 1 -6.91 16.94 -5.41
C GLY A 1 -6.29 16.12 -6.53
N SER A 2 -5.62 16.81 -7.46
CA SER A 2 -4.99 16.14 -8.58
C SER A 2 -3.50 15.97 -8.35
N SER A 3 -2.82 15.33 -9.30
CA SER A 3 -1.39 15.09 -9.19
C SER A 3 -0.72 15.18 -10.55
N GLY A 4 0.14 16.17 -10.73
CA GLY A 4 0.84 16.36 -11.99
C GLY A 4 1.26 17.79 -12.22
N GLU A 5 2.10 18.31 -11.33
CA GLU A 5 2.58 19.69 -11.44
C GLU A 5 4.10 19.74 -11.32
N GLY A 6 4.60 19.57 -10.10
CA GLY A 6 6.03 19.60 -9.87
C GLY A 6 6.62 18.21 -9.69
N GLN A 7 5.92 17.37 -8.94
CA GLN A 7 6.38 16.01 -8.69
C GLN A 7 6.64 15.27 -9.99
N LYS A 8 7.41 14.18 -9.92
CA LYS A 8 7.72 13.39 -11.10
C LYS A 8 7.55 11.90 -10.82
N ASP A 9 6.76 11.23 -11.65
CA ASP A 9 6.51 9.81 -11.49
C ASP A 9 7.48 8.98 -12.34
N LEU A 10 8.60 9.59 -12.71
CA LEU A 10 9.61 8.93 -13.52
C LEU A 10 10.09 7.65 -12.84
N LYS A 11 10.34 7.73 -11.53
CA LYS A 11 10.80 6.59 -10.76
C LYS A 11 10.33 6.68 -9.31
N LEU A 12 10.28 5.54 -8.64
CA LEU A 12 9.85 5.50 -7.24
C LEU A 12 10.66 6.48 -6.40
N GLY A 13 11.96 6.30 -6.37
CA GLY A 13 12.82 7.18 -5.60
C GLY A 13 12.59 8.65 -5.93
N GLU A 14 12.51 8.96 -7.22
CA GLU A 14 12.29 10.33 -7.66
C GLU A 14 11.02 10.90 -7.06
N LEU A 15 9.94 10.11 -7.08
CA LEU A 15 8.67 10.54 -6.53
C LEU A 15 8.83 11.07 -5.11
N LEU A 16 9.67 10.41 -4.32
CA LEU A 16 9.91 10.82 -2.94
C LEU A 16 10.84 12.03 -2.91
N LEU A 17 11.84 12.05 -3.79
CA LEU A 17 12.78 13.15 -3.85
C LEU A 17 12.07 14.47 -4.11
N GLN A 18 11.17 14.47 -5.09
CA GLN A 18 10.42 15.67 -5.45
C GLN A 18 9.70 16.24 -4.22
N LYS A 19 9.22 15.35 -3.36
CA LYS A 19 8.52 15.75 -2.15
C LYS A 19 9.49 16.24 -1.08
N GLY A 20 10.72 15.73 -1.15
CA GLY A 20 11.73 16.12 -0.18
C GLY A 20 11.70 15.26 1.07
N TRP A 21 11.26 14.02 0.92
CA TRP A 21 11.18 13.09 2.05
C TRP A 21 12.55 12.50 2.36
N ILE A 22 13.33 12.23 1.32
CA ILE A 22 14.66 11.66 1.48
C ILE A 22 15.71 12.51 0.78
N SER A 23 16.87 12.64 1.41
CA SER A 23 17.96 13.43 0.86
C SER A 23 18.40 12.87 -0.49
N ARG A 24 18.93 13.74 -1.35
CA ARG A 24 19.38 13.33 -2.68
C ARG A 24 20.33 12.13 -2.57
N GLU A 25 21.17 12.13 -1.55
CA GLU A 25 22.12 11.05 -1.34
C GLU A 25 21.42 9.79 -0.84
N ALA A 26 20.36 9.98 -0.07
CA ALA A 26 19.59 8.87 0.48
C ALA A 26 19.10 7.94 -0.63
N LEU A 27 18.66 8.53 -1.73
CA LEU A 27 18.15 7.77 -2.87
C LEU A 27 19.24 6.87 -3.43
N GLU A 28 20.39 7.45 -3.74
CA GLU A 28 21.52 6.69 -4.29
C GLU A 28 21.94 5.58 -3.33
N GLU A 29 21.98 5.90 -2.04
CA GLU A 29 22.36 4.93 -1.03
C GLU A 29 21.45 3.70 -1.07
N ALA A 30 20.15 3.95 -1.06
CA ALA A 30 19.16 2.87 -1.10
C ALA A 30 19.26 2.09 -2.39
N LEU A 31 19.50 2.79 -3.50
CA LEU A 31 19.62 2.16 -4.80
C LEU A 31 20.83 1.23 -4.85
N VAL A 32 21.99 1.77 -4.49
CA VAL A 32 23.23 0.99 -4.49
C VAL A 32 23.11 -0.23 -3.58
N GLU A 33 22.39 -0.06 -2.48
CA GLU A 33 22.19 -1.15 -1.52
C GLU A 33 21.31 -2.26 -2.11
N GLN A 34 20.44 -1.87 -3.03
CA GLN A 34 19.54 -2.83 -3.67
C GLN A 34 20.30 -3.71 -4.65
N GLU A 35 21.42 -3.20 -5.16
CA GLU A 35 22.23 -3.95 -6.11
C GLU A 35 23.09 -4.99 -5.38
N LYS A 36 23.35 -4.75 -4.10
CA LYS A 36 24.15 -5.67 -3.29
C LYS A 36 23.26 -6.55 -2.44
N THR A 37 22.10 -6.02 -2.04
CA THR A 37 21.16 -6.77 -1.22
C THR A 37 20.08 -7.44 -2.07
N GLY A 38 19.68 -6.76 -3.14
CA GLY A 38 18.66 -7.29 -4.03
C GLY A 38 17.27 -7.17 -3.45
N ASP A 39 17.08 -6.18 -2.58
CA ASP A 39 15.78 -5.96 -1.95
C ASP A 39 15.03 -4.82 -2.65
N LEU A 40 13.88 -4.46 -2.10
CA LEU A 40 13.06 -3.39 -2.68
C LEU A 40 13.62 -2.03 -2.31
N LEU A 41 13.71 -1.14 -3.30
CA LEU A 41 14.22 0.21 -3.08
C LEU A 41 13.47 0.90 -1.95
N GLY A 42 12.19 0.59 -1.82
CA GLY A 42 11.38 1.19 -0.78
C GLY A 42 11.74 0.68 0.61
N ARG A 43 11.71 -0.65 0.78
CA ARG A 43 12.04 -1.25 2.06
C ARG A 43 13.50 -1.00 2.43
N ILE A 44 14.36 -0.95 1.41
CA ILE A 44 15.79 -0.72 1.63
C ILE A 44 16.06 0.75 1.97
N LEU A 45 15.23 1.64 1.41
CA LEU A 45 15.37 3.07 1.65
C LEU A 45 14.97 3.43 3.08
N VAL A 46 14.01 2.69 3.62
CA VAL A 46 13.53 2.92 4.98
C VAL A 46 14.68 2.92 5.97
N ARG A 47 15.70 2.13 5.67
CA ARG A 47 16.87 2.02 6.54
C ARG A 47 17.48 3.40 6.79
N LYS A 48 17.34 4.29 5.82
CA LYS A 48 17.89 5.63 5.93
C LYS A 48 17.18 6.41 7.03
N GLY A 49 16.00 5.95 7.41
CA GLY A 49 15.24 6.62 8.45
C GLY A 49 13.91 7.16 7.95
N LEU A 50 13.44 6.61 6.84
CA LEU A 50 12.17 7.05 6.25
C LEU A 50 10.99 6.35 6.92
N PRO A 51 9.94 7.12 7.22
CA PRO A 51 8.73 6.60 7.85
C PRO A 51 7.93 5.69 6.93
N GLU A 52 7.33 4.65 7.49
CA GLU A 52 6.54 3.70 6.71
C GLU A 52 5.47 4.43 5.91
N GLU A 53 4.80 5.38 6.56
CA GLU A 53 3.75 6.15 5.91
C GLU A 53 4.23 6.76 4.59
N ALA A 54 5.46 7.25 4.60
CA ALA A 54 6.06 7.85 3.41
C ALA A 54 6.32 6.79 2.34
N LEU A 55 6.89 5.67 2.76
CA LEU A 55 7.20 4.58 1.84
C LEU A 55 5.94 4.09 1.12
N TYR A 56 4.87 3.91 1.88
CA TYR A 56 3.60 3.46 1.32
C TYR A 56 2.92 4.58 0.55
N ARG A 57 3.00 5.79 1.08
CA ARG A 57 2.38 6.96 0.44
C ARG A 57 2.88 7.11 -1.00
N ALA A 58 4.16 6.80 -1.21
CA ALA A 58 4.75 6.91 -2.53
C ALA A 58 4.25 5.79 -3.45
N LEU A 59 4.17 4.58 -2.92
CA LEU A 59 3.71 3.44 -3.68
C LEU A 59 2.32 3.70 -4.27
N ALA A 60 1.50 4.44 -3.53
CA ALA A 60 0.15 4.77 -3.98
C ALA A 60 0.18 5.74 -5.15
N GLU A 61 1.21 6.59 -5.19
CA GLU A 61 1.34 7.57 -6.26
C GLU A 61 1.86 6.91 -7.54
N GLN A 62 2.81 6.00 -7.38
CA GLN A 62 3.39 5.30 -8.52
C GLN A 62 2.47 4.19 -9.01
N LYS A 63 1.86 3.47 -8.06
CA LYS A 63 0.94 2.38 -8.39
C LYS A 63 -0.47 2.91 -8.61
N GLY A 64 -0.69 4.18 -8.27
CA GLY A 64 -1.99 4.78 -8.44
C GLY A 64 -3.02 4.20 -7.48
N LEU A 65 -2.57 3.80 -6.30
CA LEU A 65 -3.46 3.22 -5.30
C LEU A 65 -4.01 4.30 -4.38
N GLU A 66 -5.19 4.06 -3.82
CA GLU A 66 -5.82 5.01 -2.91
C GLU A 66 -5.36 4.79 -1.48
N PHE A 67 -4.56 5.72 -0.97
CA PHE A 67 -4.05 5.62 0.39
C PHE A 67 -5.13 5.97 1.41
N LEU A 68 -5.07 5.33 2.57
CA LEU A 68 -6.05 5.57 3.63
C LEU A 68 -5.45 6.42 4.75
N GLU A 69 -6.09 7.54 5.04
CA GLU A 69 -5.62 8.44 6.09
C GLU A 69 -5.55 7.71 7.43
N SER A 70 -6.35 6.66 7.58
CA SER A 70 -6.39 5.89 8.81
C SER A 70 -7.29 4.67 8.66
N THR A 71 -7.45 3.93 9.76
CA THR A 71 -8.29 2.74 9.74
C THR A 71 -9.46 2.87 10.73
N GLU A 72 -9.20 3.53 11.85
CA GLU A 72 -10.22 3.73 12.87
C GLU A 72 -11.48 4.36 12.26
N GLY A 73 -11.28 5.24 11.29
CA GLY A 73 -12.40 5.89 10.64
C GLY A 73 -13.20 4.95 9.78
N ILE A 74 -12.51 4.02 9.12
CA ILE A 74 -13.17 3.06 8.25
C ILE A 74 -14.30 2.34 8.97
N VAL A 75 -15.37 2.05 8.25
CA VAL A 75 -16.53 1.36 8.82
C VAL A 75 -16.69 -0.03 8.24
N PRO A 76 -16.19 -1.04 8.98
CA PRO A 76 -16.26 -2.44 8.56
C PRO A 76 -17.69 -2.99 8.59
N ASP A 77 -17.92 -4.07 7.87
CA ASP A 77 -19.24 -4.69 7.81
C ASP A 77 -19.13 -6.20 7.67
N PRO A 78 -20.21 -6.91 8.02
CA PRO A 78 -20.26 -8.38 7.94
C PRO A 78 -20.28 -8.87 6.50
N SER A 79 -21.11 -8.25 5.66
CA SER A 79 -21.23 -8.63 4.26
C SER A 79 -19.86 -8.65 3.59
N ALA A 80 -19.07 -7.61 3.83
CA ALA A 80 -17.74 -7.52 3.25
C ALA A 80 -16.83 -8.61 3.78
N ALA A 81 -16.95 -8.92 5.07
CA ALA A 81 -16.14 -9.95 5.70
C ALA A 81 -16.33 -11.29 5.00
N LEU A 82 -17.43 -11.43 4.27
CA LEU A 82 -17.73 -12.66 3.55
C LEU A 82 -16.81 -12.83 2.35
N LEU A 83 -16.33 -11.71 1.82
CA LEU A 83 -15.44 -11.73 0.67
C LEU A 83 -14.17 -12.53 0.97
N LEU A 84 -13.47 -12.15 2.02
CA LEU A 84 -12.25 -12.84 2.42
C LEU A 84 -12.29 -13.22 3.91
N LEU A 85 -11.56 -14.26 4.26
CA LEU A 85 -11.52 -14.73 5.65
C LEU A 85 -10.30 -14.15 6.37
N ARG A 86 -10.19 -14.43 7.67
CA ARG A 86 -9.08 -13.94 8.46
C ARG A 86 -7.76 -14.48 7.93
N SER A 87 -7.66 -15.79 7.77
CA SER A 87 -6.45 -16.42 7.27
C SER A 87 -6.28 -16.17 5.77
N ASP A 88 -7.40 -16.23 5.04
CA ASP A 88 -7.37 -16.01 3.60
C ASP A 88 -6.91 -14.59 3.27
N ALA A 89 -7.26 -13.65 4.15
CA ALA A 89 -6.89 -12.26 3.95
C ALA A 89 -5.36 -12.10 3.93
N LEU A 90 -4.68 -12.94 4.70
CA LEU A 90 -3.22 -12.89 4.77
C LEU A 90 -2.59 -13.56 3.56
N ARG A 91 -3.32 -14.49 2.95
CA ARG A 91 -2.84 -15.21 1.77
C ARG A 91 -2.47 -14.23 0.67
N TYR A 92 -3.29 -13.21 0.48
CA TYR A 92 -3.04 -12.21 -0.55
C TYR A 92 -2.71 -10.86 0.06
N GLY A 93 -2.98 -10.72 1.36
CA GLY A 93 -2.71 -9.48 2.06
C GLY A 93 -3.77 -8.43 1.81
N ALA A 94 -5.03 -8.87 1.77
CA ALA A 94 -6.14 -7.96 1.53
C ALA A 94 -7.28 -8.21 2.52
N VAL A 95 -8.03 -7.16 2.85
CA VAL A 95 -9.14 -7.28 3.78
C VAL A 95 -10.30 -6.38 3.36
N PRO A 96 -11.49 -6.97 3.23
CA PRO A 96 -12.70 -6.24 2.83
C PRO A 96 -13.19 -5.30 3.92
N ILE A 97 -14.24 -4.55 3.62
CA ILE A 97 -14.81 -3.60 4.58
C ILE A 97 -16.23 -3.23 4.20
N GLY A 98 -16.45 -2.93 2.93
CA GLY A 98 -17.78 -2.57 2.47
C GLY A 98 -17.82 -2.32 0.97
N PHE A 99 -19.02 -2.15 0.44
CA PHE A 99 -19.20 -1.91 -0.99
C PHE A 99 -19.38 -0.42 -1.28
N GLN A 100 -18.85 0.01 -2.42
CA GLN A 100 -18.95 1.42 -2.81
C GLN A 100 -19.12 1.55 -4.32
N ASN A 101 -20.23 2.16 -4.73
CA ASN A 101 -20.51 2.36 -6.14
C ASN A 101 -20.70 1.02 -6.84
N GLY A 102 -21.17 0.02 -6.10
CA GLY A 102 -21.39 -1.30 -6.66
C GLY A 102 -20.15 -2.16 -6.63
N GLU A 103 -19.03 -1.55 -6.26
CA GLU A 103 -17.75 -2.27 -6.18
C GLU A 103 -17.46 -2.71 -4.75
N VAL A 104 -16.52 -3.64 -4.61
CA VAL A 104 -16.14 -4.14 -3.30
C VAL A 104 -14.86 -3.48 -2.80
N GLU A 105 -14.96 -2.76 -1.68
CA GLU A 105 -13.82 -2.08 -1.10
C GLU A 105 -12.96 -3.04 -0.29
N VAL A 106 -11.70 -3.21 -0.70
CA VAL A 106 -10.78 -4.10 -0.02
C VAL A 106 -9.44 -3.42 0.23
N VAL A 107 -9.08 -3.27 1.49
CA VAL A 107 -7.83 -2.64 1.86
C VAL A 107 -6.71 -3.66 1.97
N LEU A 108 -5.66 -3.48 1.18
CA LEU A 108 -4.51 -4.39 1.20
C LEU A 108 -3.21 -3.63 1.40
N SER A 109 -2.24 -4.28 2.04
CA SER A 109 -0.94 -3.66 2.30
C SER A 109 0.06 -4.05 1.22
N ASP A 110 -0.42 -4.21 -0.01
CA ASP A 110 0.44 -4.58 -1.13
C ASP A 110 -0.10 -4.01 -2.44
N PRO A 111 0.34 -2.79 -2.79
CA PRO A 111 -0.09 -2.12 -4.01
C PRO A 111 0.47 -2.78 -5.26
N ARG A 112 1.62 -3.41 -5.12
CA ARG A 112 2.27 -4.09 -6.24
C ARG A 112 1.50 -5.35 -6.64
N HIS A 113 0.89 -6.00 -5.65
CA HIS A 113 0.13 -7.21 -5.89
C HIS A 113 -1.35 -6.89 -6.14
N LYS A 114 -1.70 -5.62 -5.93
CA LYS A 114 -3.08 -5.18 -6.15
C LYS A 114 -3.61 -5.68 -7.48
N GLU A 115 -2.82 -5.49 -8.54
CA GLU A 115 -3.22 -5.92 -9.88
C GLU A 115 -3.34 -7.45 -9.94
N ALA A 116 -2.47 -8.13 -9.20
CA ALA A 116 -2.49 -9.59 -9.17
C ALA A 116 -3.86 -10.13 -8.80
N VAL A 117 -4.40 -9.64 -7.69
CA VAL A 117 -5.72 -10.07 -7.23
C VAL A 117 -6.83 -9.39 -8.02
N ALA A 118 -6.66 -8.10 -8.27
CA ALA A 118 -7.66 -7.33 -9.02
C ALA A 118 -8.01 -8.03 -10.34
N GLN A 119 -6.99 -8.58 -10.99
CA GLN A 119 -7.19 -9.28 -12.26
C GLN A 119 -7.78 -10.67 -12.04
N LEU A 120 -7.48 -11.25 -10.88
CA LEU A 120 -7.97 -12.57 -10.54
C LEU A 120 -9.45 -12.54 -10.19
N LEU A 121 -9.86 -11.48 -9.48
CA LEU A 121 -11.25 -11.32 -9.09
C LEU A 121 -12.15 -11.18 -10.31
N ASN A 122 -11.67 -10.45 -11.31
CA ASN A 122 -12.43 -10.23 -12.53
C ASN A 122 -13.71 -9.46 -12.26
N ARG A 123 -13.65 -8.58 -11.27
CA ARG A 123 -14.82 -7.77 -10.90
C ARG A 123 -14.38 -6.41 -10.37
N PRO A 124 -15.31 -5.44 -10.39
CA PRO A 124 -15.05 -4.08 -9.92
C PRO A 124 -14.88 -4.02 -8.41
N ALA A 125 -13.67 -3.69 -7.96
CA ALA A 125 -13.38 -3.60 -6.53
C ALA A 125 -12.41 -2.45 -6.24
N ARG A 126 -12.67 -1.71 -5.18
CA ARG A 126 -11.81 -0.60 -4.80
C ARG A 126 -10.68 -1.07 -3.90
N PHE A 127 -9.44 -0.94 -4.38
CA PHE A 127 -8.28 -1.35 -3.62
C PHE A 127 -7.55 -0.15 -3.04
N TYR A 128 -7.35 -0.16 -1.72
CA TYR A 128 -6.67 0.93 -1.04
C TYR A 128 -5.33 0.48 -0.48
N LEU A 129 -4.48 1.45 -0.16
CA LEU A 129 -3.16 1.15 0.38
C LEU A 129 -2.98 1.78 1.76
N ALA A 130 -3.03 0.93 2.79
CA ALA A 130 -2.87 1.40 4.16
C ALA A 130 -1.63 0.79 4.82
N LEU A 131 -1.05 1.51 5.77
CA LEU A 131 0.14 1.04 6.47
C LEU A 131 -0.07 -0.37 7.00
N PRO A 132 1.05 -1.07 7.27
CA PRO A 132 1.02 -2.44 7.79
C PRO A 132 0.53 -2.50 9.23
N GLN A 133 0.75 -1.42 9.98
CA GLN A 133 0.32 -1.36 11.37
C GLN A 133 -1.18 -1.13 11.47
N ALA A 134 -1.70 -0.27 10.60
CA ALA A 134 -3.12 0.03 10.58
C ALA A 134 -3.91 -1.04 9.83
N TRP A 135 -3.27 -1.65 8.85
CA TRP A 135 -3.91 -2.69 8.05
C TRP A 135 -4.02 -3.99 8.83
N GLU A 136 -3.04 -4.24 9.70
CA GLU A 136 -3.04 -5.45 10.51
C GLU A 136 -4.15 -5.41 11.56
N GLU A 137 -4.26 -4.28 12.26
CA GLU A 137 -5.27 -4.12 13.29
C GLU A 137 -6.67 -4.08 12.66
N LEU A 138 -6.75 -3.59 11.43
CA LEU A 138 -8.03 -3.51 10.73
C LEU A 138 -8.71 -4.86 10.68
N PHE A 139 -7.93 -5.93 10.73
CA PHE A 139 -8.47 -7.28 10.70
C PHE A 139 -9.54 -7.47 11.77
N ARG A 140 -9.30 -6.88 12.94
CA ARG A 140 -10.25 -6.98 14.04
C ARG A 140 -11.53 -6.21 13.75
N ARG A 141 -11.41 -5.18 12.92
CA ARG A 141 -12.55 -4.35 12.55
C ARG A 141 -13.42 -5.06 11.52
N ALA A 142 -12.79 -5.56 10.46
CA ALA A 142 -13.51 -6.27 9.41
C ALA A 142 -13.97 -7.64 9.88
N TYR A 143 -13.18 -8.26 10.74
CA TYR A 143 -13.51 -9.59 11.27
C TYR A 143 -13.79 -9.52 12.76
N PRO A 144 -14.96 -8.98 13.12
CA PRO A 144 -15.38 -8.84 14.52
C PRO A 144 -15.69 -10.19 15.16
N GLN A 145 -15.89 -10.19 16.48
CA GLN A 145 -16.19 -11.41 17.22
C GLN A 145 -17.44 -12.08 16.65
N LYS A 146 -17.56 -13.39 16.90
CA LYS A 146 -18.71 -14.15 16.41
C LYS A 146 -18.85 -14.03 14.90
P 5GP B . 9.92 1.48 -9.99
O1P 5GP B . 9.48 0.84 -11.24
O3P 5GP B . 9.93 2.97 -9.89
O5' 5GP B . 11.40 0.96 -9.71
C5' 5GP B . 12.10 0.19 -10.68
C4' 5GP B . 13.58 0.24 -10.39
O4' 5GP B . 14.09 1.45 -10.90
C3' 5GP B . 13.99 0.24 -8.92
O3' 5GP B . 14.04 -1.07 -8.39
C2' 5GP B . 15.36 0.87 -9.00
O2' 5GP B . 16.37 -0.01 -9.44
C1' 5GP B . 15.14 1.93 -10.07
N9 5GP B . 14.72 3.18 -9.43
C8 5GP B . 13.60 3.41 -8.66
N7 5GP B . 13.57 4.62 -8.19
C5 5GP B . 14.71 5.23 -8.68
C6 5GP B . 15.23 6.53 -8.48
O6 5GP B . 14.74 7.48 -7.83
N1 5GP B . 16.43 6.72 -9.15
C2 5GP B . 17.07 5.76 -9.90
N2 5GP B . 18.23 6.11 -10.46
N3 5GP B . 16.59 4.54 -10.10
C4 5GP B . 15.43 4.35 -9.46
H5'1 5GP B . 11.75 -0.84 -10.64
H5'2 5GP B . 11.91 0.60 -11.67
H4' 5GP B . 13.96 -0.66 -10.86
H3' 5GP B . 13.28 0.78 -8.27
H2' 5GP B . 15.72 1.21 -8.02
HO2' 5GP B . 16.47 -0.73 -8.80
H1' 5GP B . 16.05 2.12 -10.65
H8 5GP B . 12.83 2.66 -8.48
HN1 5GP B . 16.89 7.62 -9.07
HN21 5GP B . 18.61 7.04 -10.31
HN22 5GP B . 18.75 5.44 -11.02
P 5GP C . 12.84 -1.60 -7.44
O1P 5GP C . 12.79 -3.07 -7.54
O3P 5GP C . 12.94 -0.96 -6.10
O5' 5GP C . 11.53 -1.05 -8.14
C5' 5GP C . 10.50 -1.93 -8.56
C4' 5GP C . 9.15 -1.36 -8.19
O4' 5GP C . 8.75 -2.10 -7.03
C3' 5GP C . 9.14 0.07 -7.68
O3' 5GP C . 9.08 1.00 -8.73
C2' 5GP C . 7.86 0.08 -6.85
O2' 5GP C . 6.69 0.15 -7.63
C1' 5GP C . 7.94 -1.29 -6.19
N9 5GP C . 8.57 -1.16 -4.88
C8 5GP C . 9.84 -0.69 -4.59
N7 5GP C . 10.07 -0.63 -3.31
C5 5GP C . 8.91 -1.12 -2.73
C6 5GP C . 8.56 -1.29 -1.36
O6 5GP C . 9.25 -1.05 -0.36
N1 5GP C . 7.27 -1.80 -1.22
C2 5GP C . 6.43 -2.10 -2.26
N2 5GP C . 5.21 -2.57 -1.93
N3 5GP C . 6.74 -1.96 -3.53
C4 5GP C . 7.98 -1.46 -3.69
H5'1 5GP C . 10.55 -2.05 -9.65
H5'2 5GP C . 10.63 -2.90 -8.08
H4' 5GP C . 8.59 -1.41 -9.12
H3' 5GP C . 10.05 0.35 -7.12
H2' 5GP C . 7.81 0.95 -6.19
HO2' 5GP C . 6.62 1.03 -8.02
H1' 5GP C . 6.95 -1.73 -6.06
H8 5GP C . 10.55 -0.38 -5.35
HN1 5GP C . 6.93 -1.94 -0.28
HN21 5GP C . 4.97 -2.67 -0.95
HN22 5GP C . 4.55 -2.81 -2.66
N GLY A 1 -3.07 11.25 -9.16
CA GLY A 1 -1.69 11.39 -8.73
C GLY A 1 -1.18 12.81 -8.90
N SER A 2 -1.89 13.76 -8.32
CA SER A 2 -1.50 15.17 -8.42
C SER A 2 -1.46 15.62 -9.87
N SER A 3 -1.07 16.88 -10.08
CA SER A 3 -0.98 17.43 -11.43
C SER A 3 0.25 16.90 -12.16
N GLY A 4 1.43 17.24 -11.65
CA GLY A 4 2.66 16.79 -12.27
C GLY A 4 3.45 17.93 -12.89
N GLU A 5 4.30 18.56 -12.09
CA GLU A 5 5.11 19.67 -12.57
C GLU A 5 6.59 19.42 -12.27
N GLY A 6 6.97 19.56 -11.01
CA GLY A 6 8.35 19.34 -10.62
C GLY A 6 8.66 17.89 -10.37
N GLN A 7 7.70 17.17 -9.81
CA GLN A 7 7.89 15.75 -9.50
C GLN A 7 8.21 14.96 -10.77
N LYS A 8 8.45 13.67 -10.61
CA LYS A 8 8.77 12.80 -11.75
C LYS A 8 8.51 11.34 -11.40
N ASP A 9 7.66 10.70 -12.19
CA ASP A 9 7.32 9.30 -11.98
C ASP A 9 8.20 8.39 -12.84
N LEU A 10 9.35 8.91 -13.26
CA LEU A 10 10.27 8.15 -14.09
C LEU A 10 10.62 6.82 -13.43
N LYS A 11 10.89 6.87 -12.12
CA LYS A 11 11.23 5.66 -11.37
C LYS A 11 10.83 5.80 -9.92
N LEU A 12 10.81 4.68 -9.20
CA LEU A 12 10.44 4.68 -7.79
C LEU A 12 11.43 5.49 -6.96
N GLY A 13 12.70 5.11 -7.04
CA GLY A 13 13.73 5.81 -6.30
C GLY A 13 13.76 7.29 -6.61
N GLU A 14 13.48 7.65 -7.85
CA GLU A 14 13.47 9.04 -8.28
C GLU A 14 12.24 9.75 -7.75
N LEU A 15 11.11 9.04 -7.72
CA LEU A 15 9.86 9.62 -7.24
C LEU A 15 10.02 10.18 -5.84
N LEU A 16 10.79 9.48 -5.01
CA LEU A 16 11.03 9.92 -3.63
C LEU A 16 12.02 11.08 -3.59
N LEU A 17 13.01 11.05 -4.49
CA LEU A 17 14.01 12.09 -4.57
C LEU A 17 13.38 13.45 -4.85
N GLN A 18 12.40 13.45 -5.75
CA GLN A 18 11.71 14.69 -6.11
C GLN A 18 11.07 15.33 -4.88
N LYS A 19 10.52 14.50 -4.01
CA LYS A 19 9.87 14.99 -2.79
C LYS A 19 10.91 15.41 -1.76
N GLY A 20 12.09 14.80 -1.83
CA GLY A 20 13.15 15.13 -0.89
C GLY A 20 13.08 14.29 0.37
N TRP A 21 12.56 13.08 0.24
CA TRP A 21 12.43 12.17 1.39
C TRP A 21 13.78 11.53 1.71
N ILE A 22 14.51 11.13 0.67
CA ILE A 22 15.81 10.50 0.84
C ILE A 22 16.90 11.30 0.15
N SER A 23 18.14 11.12 0.61
CA SER A 23 19.28 11.83 0.04
C SER A 23 19.67 11.22 -1.31
N ARG A 24 20.28 12.04 -2.17
CA ARG A 24 20.71 11.58 -3.48
C ARG A 24 21.55 10.31 -3.37
N GLU A 25 22.40 10.26 -2.35
CA GLU A 25 23.26 9.10 -2.14
C GLU A 25 22.46 7.93 -1.60
N ALA A 26 21.43 8.22 -0.81
CA ALA A 26 20.58 7.18 -0.23
C ALA A 26 19.99 6.28 -1.32
N LEU A 27 19.59 6.90 -2.43
CA LEU A 27 19.00 6.16 -3.54
C LEU A 27 20.01 5.18 -4.12
N GLU A 28 21.19 5.67 -4.46
CA GLU A 28 22.24 4.84 -5.02
C GLU A 28 22.61 3.71 -4.06
N GLU A 29 22.69 4.03 -2.78
CA GLU A 29 23.05 3.05 -1.76
C GLU A 29 22.04 1.90 -1.74
N ALA A 30 20.75 2.25 -1.69
CA ALA A 30 19.69 1.25 -1.66
C ALA A 30 19.70 0.42 -2.94
N LEU A 31 19.96 1.08 -4.07
CA LEU A 31 20.00 0.39 -5.36
C LEU A 31 21.12 -0.64 -5.41
N VAL A 32 22.33 -0.20 -5.08
CA VAL A 32 23.49 -1.08 -5.08
C VAL A 32 23.28 -2.26 -4.14
N GLU A 33 22.58 -2.01 -3.03
CA GLU A 33 22.30 -3.06 -2.05
C GLU A 33 21.33 -4.09 -2.61
N GLN A 34 20.47 -3.65 -3.53
CA GLN A 34 19.49 -4.54 -4.13
C GLN A 34 20.16 -5.51 -5.09
N GLU A 35 21.32 -5.11 -5.62
CA GLU A 35 22.05 -5.96 -6.56
C GLU A 35 22.81 -7.05 -5.82
N LYS A 36 23.11 -6.81 -4.55
CA LYS A 36 23.82 -7.77 -3.73
C LYS A 36 22.87 -8.55 -2.84
N THR A 37 21.77 -7.91 -2.45
CA THR A 37 20.78 -8.55 -1.59
C THR A 37 19.64 -9.13 -2.41
N GLY A 38 19.28 -8.44 -3.50
CA GLY A 38 18.21 -8.90 -4.36
C GLY A 38 16.84 -8.63 -3.77
N ASP A 39 16.75 -7.62 -2.92
CA ASP A 39 15.49 -7.25 -2.29
C ASP A 39 14.84 -6.07 -3.01
N LEU A 40 13.73 -5.60 -2.47
CA LEU A 40 13.00 -4.47 -3.07
C LEU A 40 13.69 -3.15 -2.74
N LEU A 41 13.84 -2.31 -3.75
CA LEU A 41 14.48 -1.00 -3.58
C LEU A 41 13.82 -0.22 -2.46
N GLY A 42 12.52 -0.41 -2.30
CA GLY A 42 11.77 0.28 -1.27
C GLY A 42 12.10 -0.23 0.12
N ARG A 43 11.95 -1.53 0.32
CA ARG A 43 12.24 -2.14 1.62
C ARG A 43 13.72 -2.02 1.96
N ILE A 44 14.57 -2.07 0.95
CA ILE A 44 16.00 -1.95 1.15
C ILE A 44 16.41 -0.51 1.44
N LEU A 45 15.66 0.43 0.89
CA LEU A 45 15.94 1.85 1.09
C LEU A 45 15.59 2.27 2.51
N VAL A 46 14.58 1.62 3.10
CA VAL A 46 14.16 1.92 4.45
C VAL A 46 15.32 1.85 5.43
N ARG A 47 16.29 0.99 5.12
CA ARG A 47 17.47 0.82 5.97
C ARG A 47 18.18 2.16 6.18
N LYS A 48 18.08 3.03 5.19
CA LYS A 48 18.72 4.34 5.26
C LYS A 48 18.09 5.19 6.35
N GLY A 49 16.88 4.82 6.76
CA GLY A 49 16.18 5.55 7.81
C GLY A 49 14.90 6.19 7.31
N LEU A 50 14.37 5.67 6.21
CA LEU A 50 13.14 6.20 5.63
C LEU A 50 11.91 5.59 6.31
N PRO A 51 10.93 6.45 6.64
CA PRO A 51 9.70 6.03 7.29
C PRO A 51 8.80 5.20 6.37
N GLU A 52 8.13 4.20 6.95
CA GLU A 52 7.25 3.34 6.18
C GLU A 52 6.20 4.16 5.43
N GLU A 53 5.62 5.14 6.11
CA GLU A 53 4.61 6.00 5.50
C GLU A 53 5.11 6.57 4.18
N ALA A 54 6.40 6.89 4.13
CA ALA A 54 7.00 7.45 2.93
C ALA A 54 7.16 6.39 1.84
N LEU A 55 7.72 5.25 2.23
CA LEU A 55 7.93 4.14 1.29
C LEU A 55 6.62 3.72 0.65
N TYR A 56 5.57 3.65 1.45
CA TYR A 56 4.25 3.25 0.96
C TYR A 56 3.60 4.38 0.16
N ARG A 57 3.77 5.61 0.65
CA ARG A 57 3.19 6.78 -0.02
C ARG A 57 3.70 6.87 -1.46
N ALA A 58 4.98 6.56 -1.66
CA ALA A 58 5.58 6.61 -2.97
C ALA A 58 5.02 5.53 -3.89
N LEU A 59 4.79 4.35 -3.32
CA LEU A 59 4.26 3.22 -4.08
C LEU A 59 2.88 3.55 -4.64
N ALA A 60 2.10 4.30 -3.87
CA ALA A 60 0.76 4.70 -4.30
C ALA A 60 0.82 5.65 -5.49
N GLU A 61 1.89 6.44 -5.55
CA GLU A 61 2.07 7.40 -6.64
C GLU A 61 2.53 6.70 -7.92
N GLN A 62 3.38 5.69 -7.76
CA GLN A 62 3.90 4.95 -8.90
C GLN A 62 2.88 3.94 -9.39
N LYS A 63 2.21 3.26 -8.46
CA LYS A 63 1.20 2.27 -8.80
C LYS A 63 -0.17 2.92 -8.97
N GLY A 64 -0.27 4.19 -8.58
CA GLY A 64 -1.52 4.90 -8.69
C GLY A 64 -2.57 4.41 -7.72
N LEU A 65 -2.12 3.92 -6.57
CA LEU A 65 -3.02 3.42 -5.55
C LEU A 65 -3.46 4.52 -4.60
N GLU A 66 -4.62 4.33 -3.96
CA GLU A 66 -5.14 5.32 -3.03
C GLU A 66 -4.69 5.02 -1.60
N PHE A 67 -3.84 5.89 -1.05
CA PHE A 67 -3.32 5.71 0.30
C PHE A 67 -4.35 6.18 1.32
N LEU A 68 -4.48 5.44 2.42
CA LEU A 68 -5.42 5.77 3.48
C LEU A 68 -4.75 6.61 4.55
N GLU A 69 -5.34 7.77 4.85
CA GLU A 69 -4.79 8.66 5.87
C GLU A 69 -4.81 8.00 7.25
N SER A 70 -5.72 7.04 7.42
CA SER A 70 -5.85 6.33 8.69
C SER A 70 -6.60 5.02 8.50
N THR A 71 -6.80 4.29 9.60
CA THR A 71 -7.51 3.02 9.56
C THR A 71 -8.67 2.99 10.54
N GLU A 72 -8.47 3.62 11.69
CA GLU A 72 -9.51 3.68 12.73
C GLU A 72 -10.80 4.26 12.16
N GLY A 73 -10.67 5.35 11.41
CA GLY A 73 -11.83 5.99 10.83
C GLY A 73 -12.63 5.05 9.96
N ILE A 74 -11.94 4.16 9.24
CA ILE A 74 -12.59 3.21 8.36
C ILE A 74 -13.69 2.44 9.10
N VAL A 75 -14.85 2.31 8.45
CA VAL A 75 -15.98 1.60 9.05
C VAL A 75 -16.15 0.23 8.41
N PRO A 76 -15.64 -0.81 9.09
CA PRO A 76 -15.73 -2.19 8.61
C PRO A 76 -17.14 -2.73 8.68
N ASP A 77 -17.39 -3.82 7.95
CA ASP A 77 -18.71 -4.43 7.92
C ASP A 77 -18.60 -5.95 7.75
N PRO A 78 -19.67 -6.67 8.12
CA PRO A 78 -19.71 -8.13 8.01
C PRO A 78 -19.78 -8.60 6.56
N SER A 79 -20.61 -7.95 5.76
CA SER A 79 -20.77 -8.30 4.36
C SER A 79 -19.42 -8.32 3.65
N ALA A 80 -18.60 -7.31 3.91
CA ALA A 80 -17.28 -7.22 3.30
C ALA A 80 -16.38 -8.35 3.78
N ALA A 81 -16.47 -8.67 5.06
CA ALA A 81 -15.66 -9.74 5.65
C ALA A 81 -15.88 -11.06 4.92
N LEU A 82 -17.00 -11.16 4.21
CA LEU A 82 -17.33 -12.37 3.47
C LEU A 82 -16.45 -12.51 2.24
N LEU A 83 -15.98 -11.38 1.73
CA LEU A 83 -15.11 -11.38 0.55
C LEU A 83 -13.85 -12.19 0.81
N LEU A 84 -13.12 -11.82 1.85
CA LEU A 84 -11.88 -12.52 2.21
C LEU A 84 -11.88 -12.92 3.68
N LEU A 85 -11.17 -13.99 4.00
CA LEU A 85 -11.08 -14.47 5.37
C LEU A 85 -9.85 -13.90 6.08
N ARG A 86 -9.71 -14.22 7.36
CA ARG A 86 -8.59 -13.74 8.15
C ARG A 86 -7.27 -14.25 7.57
N SER A 87 -7.18 -15.57 7.38
CA SER A 87 -5.97 -16.18 6.85
C SER A 87 -5.85 -15.92 5.35
N ASP A 88 -6.97 -16.00 4.65
CA ASP A 88 -6.99 -15.76 3.21
C ASP A 88 -6.53 -14.34 2.88
N ALA A 89 -6.85 -13.41 3.77
CA ALA A 89 -6.47 -12.02 3.58
C ALA A 89 -4.95 -11.86 3.53
N LEU A 90 -4.25 -12.72 4.26
CA LEU A 90 -2.79 -12.68 4.29
C LEU A 90 -2.20 -13.32 3.05
N ARG A 91 -2.95 -14.23 2.45
CA ARG A 91 -2.50 -14.92 1.24
C ARG A 91 -2.14 -13.92 0.14
N TYR A 92 -2.96 -12.89 0.00
CA TYR A 92 -2.74 -11.87 -1.01
C TYR A 92 -2.39 -10.52 -0.37
N GLY A 93 -2.62 -10.43 0.93
CA GLY A 93 -2.34 -9.20 1.66
C GLY A 93 -3.40 -8.14 1.45
N ALA A 94 -4.66 -8.57 1.44
CA ALA A 94 -5.78 -7.66 1.24
C ALA A 94 -6.89 -7.92 2.26
N VAL A 95 -7.62 -6.87 2.62
CA VAL A 95 -8.71 -7.01 3.59
C VAL A 95 -9.87 -6.09 3.22
N PRO A 96 -11.08 -6.67 3.10
CA PRO A 96 -12.29 -5.91 2.76
C PRO A 96 -12.73 -4.99 3.89
N ILE A 97 -13.78 -4.21 3.63
CA ILE A 97 -14.30 -3.29 4.63
C ILE A 97 -15.74 -2.89 4.30
N GLY A 98 -15.99 -2.57 3.04
CA GLY A 98 -17.32 -2.18 2.62
C GLY A 98 -17.41 -1.90 1.13
N PHE A 99 -18.62 -1.68 0.64
CA PHE A 99 -18.84 -1.40 -0.77
C PHE A 99 -19.01 0.10 -1.01
N GLN A 100 -18.52 0.57 -2.15
CA GLN A 100 -18.61 1.97 -2.50
C GLN A 100 -18.87 2.15 -4.00
N ASN A 101 -20.00 2.76 -4.34
CA ASN A 101 -20.35 2.98 -5.73
C ASN A 101 -20.56 1.67 -6.46
N GLY A 102 -20.99 0.65 -5.73
CA GLY A 102 -21.23 -0.65 -6.32
C GLY A 102 -19.97 -1.51 -6.35
N GLU A 103 -18.84 -0.91 -6.00
CA GLU A 103 -17.57 -1.63 -5.99
C GLU A 103 -17.23 -2.11 -4.58
N VAL A 104 -16.28 -3.04 -4.50
CA VAL A 104 -15.87 -3.58 -3.21
C VAL A 104 -14.55 -2.96 -2.74
N GLU A 105 -14.59 -2.30 -1.59
CA GLU A 105 -13.41 -1.65 -1.03
C GLU A 105 -12.55 -2.66 -0.29
N VAL A 106 -11.31 -2.83 -0.75
CA VAL A 106 -10.38 -3.77 -0.14
C VAL A 106 -9.01 -3.12 0.09
N VAL A 107 -8.61 -3.01 1.35
CA VAL A 107 -7.34 -2.41 1.69
C VAL A 107 -6.23 -3.47 1.73
N LEU A 108 -5.20 -3.26 0.91
CA LEU A 108 -4.08 -4.19 0.85
C LEU A 108 -2.76 -3.46 1.07
N SER A 109 -1.80 -4.16 1.67
CA SER A 109 -0.49 -3.58 1.93
C SER A 109 0.51 -3.96 0.85
N ASP A 110 0.02 -4.06 -0.38
CA ASP A 110 0.87 -4.43 -1.52
C ASP A 110 0.29 -3.89 -2.82
N PRO A 111 0.64 -2.64 -3.16
CA PRO A 111 0.17 -1.99 -4.38
C PRO A 111 0.77 -2.62 -5.64
N ARG A 112 1.92 -3.26 -5.50
CA ARG A 112 2.59 -3.89 -6.61
C ARG A 112 1.75 -5.05 -7.16
N HIS A 113 1.10 -5.78 -6.27
CA HIS A 113 0.27 -6.91 -6.66
C HIS A 113 -1.19 -6.49 -6.78
N LYS A 114 -1.45 -5.21 -6.58
CA LYS A 114 -2.81 -4.69 -6.66
C LYS A 114 -3.50 -5.15 -7.93
N GLU A 115 -2.75 -5.17 -9.04
CA GLU A 115 -3.29 -5.59 -10.33
C GLU A 115 -3.46 -7.11 -10.36
N ALA A 116 -2.57 -7.82 -9.68
CA ALA A 116 -2.62 -9.28 -9.63
C ALA A 116 -3.98 -9.77 -9.18
N VAL A 117 -4.45 -9.23 -8.05
CA VAL A 117 -5.75 -9.61 -7.51
C VAL A 117 -6.89 -8.93 -8.26
N ALA A 118 -6.70 -7.65 -8.56
CA ALA A 118 -7.72 -6.89 -9.29
C ALA A 118 -8.16 -7.61 -10.55
N GLN A 119 -7.20 -8.22 -11.25
CA GLN A 119 -7.49 -8.94 -12.47
C GLN A 119 -8.10 -10.30 -12.16
N LEU A 120 -7.74 -10.87 -11.03
CA LEU A 120 -8.26 -12.17 -10.61
C LEU A 120 -9.72 -12.07 -10.17
N LEU A 121 -10.05 -10.98 -9.49
CA LEU A 121 -11.41 -10.75 -9.02
C LEU A 121 -12.37 -10.60 -10.20
N ASN A 122 -11.92 -9.89 -11.23
CA ASN A 122 -12.75 -9.68 -12.41
C ASN A 122 -14.00 -8.87 -12.06
N ARG A 123 -13.87 -7.97 -11.10
CA ARG A 123 -14.98 -7.14 -10.68
C ARG A 123 -14.50 -5.78 -10.19
N PRO A 124 -15.41 -4.79 -10.18
CA PRO A 124 -15.09 -3.43 -9.74
C PRO A 124 -14.84 -3.35 -8.24
N ALA A 125 -13.61 -3.02 -7.86
CA ALA A 125 -13.25 -2.91 -6.46
C ALA A 125 -12.18 -1.82 -6.26
N ARG A 126 -12.31 -1.09 -5.16
CA ARG A 126 -11.37 -0.02 -4.84
C ARG A 126 -10.22 -0.54 -3.98
N PHE A 127 -9.01 -0.48 -4.52
CA PHE A 127 -7.84 -0.96 -3.80
C PHE A 127 -7.07 0.22 -3.18
N TYR A 128 -6.83 0.13 -1.88
CA TYR A 128 -6.12 1.18 -1.16
C TYR A 128 -4.79 0.67 -0.61
N LEU A 129 -3.91 1.60 -0.27
CA LEU A 129 -2.59 1.24 0.26
C LEU A 129 -2.38 1.86 1.64
N ALA A 130 -2.45 1.03 2.68
CA ALA A 130 -2.26 1.50 4.05
C ALA A 130 -1.02 0.88 4.67
N LEU A 131 -0.43 1.58 5.64
CA LEU A 131 0.77 1.10 6.31
C LEU A 131 0.56 -0.32 6.83
N PRO A 132 1.67 -1.03 7.07
CA PRO A 132 1.64 -2.41 7.57
C PRO A 132 1.16 -2.49 9.02
N GLN A 133 1.41 -1.43 9.78
CA GLN A 133 0.99 -1.39 11.18
C GLN A 133 -0.50 -1.14 11.29
N ALA A 134 -1.02 -0.27 10.44
CA ALA A 134 -2.45 0.05 10.44
C ALA A 134 -3.25 -1.01 9.69
N TRP A 135 -2.66 -1.55 8.63
CA TRP A 135 -3.33 -2.57 7.83
C TRP A 135 -3.46 -3.87 8.61
N GLU A 136 -2.46 -4.18 9.42
CA GLU A 136 -2.47 -5.39 10.22
C GLU A 136 -3.56 -5.34 11.29
N GLU A 137 -3.64 -4.21 11.99
CA GLU A 137 -4.63 -4.04 13.04
C GLU A 137 -6.04 -4.00 12.44
N LEU A 138 -6.14 -3.51 11.21
CA LEU A 138 -7.43 -3.42 10.53
C LEU A 138 -8.13 -4.76 10.50
N PHE A 139 -7.34 -5.84 10.52
CA PHE A 139 -7.89 -7.19 10.49
C PHE A 139 -8.92 -7.39 11.59
N ARG A 140 -8.66 -6.80 12.76
CA ARG A 140 -9.56 -6.91 13.90
C ARG A 140 -10.85 -6.12 13.64
N ARG A 141 -10.74 -5.09 12.81
CA ARG A 141 -11.89 -4.25 12.50
C ARG A 141 -12.79 -4.93 11.48
N ALA A 142 -12.20 -5.42 10.40
CA ALA A 142 -12.95 -6.10 9.35
C ALA A 142 -13.40 -7.48 9.81
N TYR A 143 -12.58 -8.12 10.63
CA TYR A 143 -12.88 -9.45 11.14
C TYR A 143 -13.13 -9.42 12.65
N PRO A 144 -14.30 -8.90 13.04
CA PRO A 144 -14.67 -8.79 14.46
C PRO A 144 -14.97 -10.16 15.08
N GLN A 145 -14.67 -10.28 16.36
CA GLN A 145 -14.90 -11.53 17.08
C GLN A 145 -16.36 -11.66 17.49
N LYS A 146 -16.83 -12.90 17.62
CA LYS A 146 -18.20 -13.17 18.00
C LYS A 146 -19.18 -12.47 17.07
P 5GP B . 10.27 0.56 -10.43
O1P 5GP B . 9.79 0.03 -11.72
O3P 5GP B . 10.44 2.02 -10.26
O5' 5GP B . 11.69 -0.12 -10.17
C5' 5GP B . 12.28 -0.98 -11.14
C4' 5GP B . 13.77 -1.09 -10.87
O4' 5GP B . 14.41 0.03 -11.43
C3' 5GP B . 14.19 -1.09 -9.41
O3' 5GP B . 14.13 -2.39 -8.84
C2' 5GP B . 15.63 -0.62 -9.52
O2' 5GP B . 16.54 -1.60 -9.95
C1' 5GP B . 15.50 0.43 -10.63
N9 5GP B . 15.20 1.73 -10.02
C8 5GP B . 14.11 2.09 -9.26
N7 5GP B . 14.18 3.32 -8.82
C5 5GP B . 15.38 3.78 -9.31
C6 5GP B . 16.01 5.06 -9.15
O6 5GP B . 15.61 6.05 -8.52
N1 5GP B . 17.24 5.10 -9.80
C2 5GP B . 17.78 4.06 -10.54
N2 5GP B . 18.98 4.30 -11.08
N3 5GP B . 17.20 2.90 -10.70
C4 5GP B . 16.01 2.83 -10.06
H5'1 5GP B . 11.84 -1.96 -11.08
H5'2 5GP B . 12.13 -0.55 -12.13
H4' 5GP B . 14.03 -2.04 -11.32
H3' 5GP B . 13.56 -0.49 -8.76
H2' 5GP B . 16.03 -0.27 -8.56
HO2' 5GP B . 16.57 -2.31 -9.28
H1' 5GP B . 16.42 0.52 -11.21
H8 5GP B . 13.26 1.43 -9.07
HN1 5GP B . 17.77 5.96 -9.74
HN21 5GP B . 19.43 5.18 -10.95
HN22 5GP B . 19.42 3.57 -11.63
P 5GP C . 12.90 -2.78 -7.87
O1P 5GP C . 12.71 -4.25 -7.93
O3P 5GP C . 13.07 -2.13 -6.55
O5' 5GP C . 11.63 -2.14 -8.58
C5' 5GP C . 10.52 -2.94 -8.98
C4' 5GP C . 9.24 -2.25 -8.61
O4' 5GP C . 8.79 -2.91 -7.43
C3' 5GP C . 9.36 -0.81 -8.13
O3' 5GP C . 9.36 0.11 -9.23
C2' 5GP C . 8.10 -0.66 -7.30
O2' 5GP C . 6.92 -0.51 -8.06
C1' 5GP C . 8.07 -2.02 -6.60
N9 5GP C . 8.73 -1.90 -5.31
C8 5GP C . 10.02 -1.53 -5.04
N7 5GP C . 10.28 -1.47 -3.76
C5 5GP C . 9.09 -1.82 -3.15
C6 5GP C . 8.74 -1.91 -1.78
O6 5GP C . 9.45 -1.71 -0.79
N1 5GP C . 7.41 -2.29 -1.61
C2 5GP C . 6.53 -2.56 -2.63
N2 5GP C . 5.29 -2.89 -2.28
N3 5GP C . 6.84 -2.49 -3.91
C4 5GP C . 8.13 -2.10 -4.10
H5'1 5GP C . 10.56 -3.08 -10.06
H5'2 5GP C . 10.57 -3.90 -8.48
H4' 5GP C . 8.66 -2.27 -9.53
H3' 5GP C . 10.29 -0.59 -7.61
H2' 5GP C . 8.12 0.22 -6.67
HO2' 5GP C . 6.90 0.36 -8.48
H1' 5GP C . 7.04 -2.36 -6.45
H8 5GP C . 10.76 -1.32 -5.81
HN1 5GP C . 7.07 -2.38 -0.66
HN21 5GP C . 5.03 -2.95 -1.30
HN22 5GP C . 4.60 -3.10 -2.99
#